data_4KLN
#
_entry.id   4KLN
#
_cell.length_a   91.147
_cell.length_b   104.514
_cell.length_c   109.528
_cell.angle_alpha   98.11
_cell.angle_beta   90.55
_cell.angle_gamma   92.72
#
_symmetry.space_group_name_H-M   'P 1'
#
loop_
_entity.id
_entity.type
_entity.pdbx_description
1 polymer 'Transitional endoplasmic reticulum ATPase'
2 non-polymer 'PHOSPHOTHIOPHOSPHORIC ACID-ADENYLATE ESTER'
3 non-polymer 'MAGNESIUM ION'
4 water water
#
_entity_poly.entity_id   1
_entity_poly.type   'polypeptide(L)'
_entity_poly.pdbx_seq_one_letter_code
;MASGADSKGDDLSTAILKQKNRPNRLIVDEAINEDNSVVSLSQPKMDELQLFRGDTVLLKGKKRREAVCIVLSDDTCSDE
KIRMNRVVRNNLRVRLGDVISIQPCPDVKYGKRIHVLPIDDTVEGITGNLFEVYLKPYFLEAYRPIRKGDIFLVRGGMRA
VEFKVVETDPSPYCIVAPDTVIHCEGEPIKREDEEESLNEVGYDDIGGCRKQLAQIKEMVELPLRHPALFKEIGVKPPRG
ILLYGPPGTGKTLIARAVANETGAFFFLINGPEIMSKLAGESESNLRKAFEEAEKNAPAIIFIDELDAIAPKREKTHGEV
ERRIVSQLLTLMDGLKQRAHVIVMAATNRPNSIDPALRRFGRFDREVDIGIPDATGRLEILQIHTKNMKLADDVDLEQVA
NETHGHVGADLAALCSEAALQAIRKKMDLIDLEDETIDAEVMNSLAVTMDDFRWALSQSNPSALRETVVEVPQVTWEDIG
GRSHHHHHH
;
_entity_poly.pdbx_strand_id   A,B,C,D,E,F
#
loop_
_chem_comp.id
_chem_comp.type
_chem_comp.name
_chem_comp.formula
AGS non-polymer 'PHOSPHOTHIOPHOSPHORIC ACID-ADENYLATE ESTER' 'C10 H16 N5 O12 P3 S'
MG non-polymer 'MAGNESIUM ION' 'Mg 2'
#
# COMPACT_ATOMS: atom_id res chain seq x y z
N LEU A 12 -13.82 -53.97 6.12
CA LEU A 12 -13.13 -54.40 4.87
C LEU A 12 -12.02 -53.43 4.47
N SER A 13 -12.27 -52.15 4.71
CA SER A 13 -11.33 -51.07 4.48
C SER A 13 -11.39 -50.22 5.73
N THR A 14 -12.30 -50.62 6.60
CA THR A 14 -12.44 -50.06 7.94
C THR A 14 -11.72 -50.98 8.92
N ALA A 15 -10.87 -51.85 8.36
CA ALA A 15 -10.19 -52.90 9.13
C ALA A 15 -9.36 -52.38 10.29
N ILE A 16 -8.66 -51.26 10.06
CA ILE A 16 -7.77 -50.67 11.06
C ILE A 16 -8.50 -50.26 12.35
N LEU A 17 -9.83 -50.26 12.29
CA LEU A 17 -10.64 -49.78 13.41
C LEU A 17 -11.09 -50.88 14.36
N LYS A 18 -11.54 -52.01 13.79
CA LYS A 18 -11.96 -53.14 14.61
C LYS A 18 -10.78 -53.65 15.42
N GLN A 19 -10.83 -53.42 16.72
CA GLN A 19 -9.75 -53.85 17.61
C GLN A 19 -9.83 -55.35 17.85
N LYS A 20 -8.71 -55.92 18.30
CA LYS A 20 -8.50 -57.36 18.26
C LYS A 20 -8.70 -58.03 19.60
N ASN A 21 -9.12 -59.29 19.55
CA ASN A 21 -9.09 -60.16 20.72
C ASN A 21 -7.63 -60.38 21.08
N ARG A 22 -7.26 -60.00 22.29
CA ARG A 22 -5.88 -60.14 22.75
C ARG A 22 -5.83 -60.61 24.20
N PRO A 23 -4.77 -61.37 24.57
CA PRO A 23 -4.53 -61.89 25.91
C PRO A 23 -4.99 -60.98 27.06
N ASN A 24 -4.72 -59.68 26.93
CA ASN A 24 -4.94 -58.74 28.03
C ASN A 24 -5.81 -57.53 27.68
N ARG A 25 -6.74 -57.73 26.77
CA ARG A 25 -7.84 -56.79 26.58
C ARG A 25 -9.05 -57.32 27.33
N LEU A 26 -9.35 -56.69 28.47
CA LEU A 26 -10.42 -57.16 29.35
C LEU A 26 -11.52 -56.11 29.52
N ILE A 27 -12.76 -56.60 29.56
CA ILE A 27 -13.93 -55.75 29.72
C ILE A 27 -14.08 -55.29 31.18
N VAL A 28 -14.44 -54.02 31.36
CA VAL A 28 -14.57 -53.44 32.70
C VAL A 28 -15.89 -53.79 33.39
N ASP A 29 -15.79 -54.65 34.40
CA ASP A 29 -16.91 -55.03 35.25
C ASP A 29 -16.82 -54.30 36.57
N GLU A 30 -17.99 -53.98 37.13
CA GLU A 30 -18.10 -53.35 38.45
C GLU A 30 -17.29 -54.11 39.49
N ALA A 31 -16.64 -53.37 40.39
CA ALA A 31 -15.78 -53.96 41.43
C ALA A 31 -16.57 -54.56 42.59
N ILE A 32 -16.08 -55.69 43.10
CA ILE A 32 -16.55 -56.23 44.37
C ILE A 32 -15.78 -55.60 45.53
N ASN A 33 -14.45 -55.77 45.51
CA ASN A 33 -13.58 -55.07 46.45
C ASN A 33 -13.60 -53.59 46.13
N GLU A 34 -13.89 -52.78 47.14
CA GLU A 34 -14.25 -51.39 46.93
C GLU A 34 -13.09 -50.40 46.93
N ASP A 35 -11.85 -50.92 46.98
CA ASP A 35 -10.68 -50.03 47.15
C ASP A 35 -10.06 -49.44 45.89
N ASN A 36 -9.76 -48.15 45.97
CA ASN A 36 -9.15 -47.38 44.89
C ASN A 36 -7.96 -48.05 44.21
N SER A 37 -7.08 -48.67 45.00
CA SER A 37 -5.86 -49.24 44.42
C SER A 37 -6.00 -50.70 44.01
N VAL A 38 -7.24 -51.20 43.95
CA VAL A 38 -7.45 -52.62 43.73
C VAL A 38 -8.11 -52.96 42.39
N VAL A 39 -7.64 -54.03 41.75
CA VAL A 39 -8.29 -54.55 40.55
C VAL A 39 -8.48 -56.06 40.57
N SER A 40 -9.71 -56.48 40.26
CA SER A 40 -10.10 -57.88 40.30
C SER A 40 -9.85 -58.60 38.98
N LEU A 41 -9.32 -59.81 39.08
CA LEU A 41 -9.11 -60.69 37.94
C LEU A 41 -9.42 -62.14 38.25
N SER A 42 -9.90 -62.87 37.25
CA SER A 42 -10.05 -64.32 37.39
C SER A 42 -8.67 -64.94 37.60
N GLN A 43 -8.61 -65.96 38.44
CA GLN A 43 -7.37 -66.70 38.63
C GLN A 43 -6.92 -67.33 37.29
N PRO A 44 -7.84 -68.00 36.56
CA PRO A 44 -7.43 -68.58 35.28
C PRO A 44 -6.74 -67.58 34.34
N LYS A 45 -7.11 -66.31 34.44
CA LYS A 45 -6.48 -65.26 33.65
C LYS A 45 -5.13 -64.83 34.22
N MET A 46 -5.10 -64.54 35.52
CA MET A 46 -3.88 -64.07 36.21
C MET A 46 -2.64 -64.89 35.87
N ASP A 47 -2.83 -66.20 35.71
CA ASP A 47 -1.75 -67.11 35.35
C ASP A 47 -1.35 -66.90 33.90
N GLU A 48 -2.33 -66.94 33.01
CA GLU A 48 -2.12 -66.73 31.57
C GLU A 48 -1.21 -65.54 31.30
N LEU A 49 -1.33 -64.52 32.15
CA LEU A 49 -0.55 -63.28 31.99
C LEU A 49 0.64 -63.23 32.96
N GLN A 50 0.90 -64.35 33.64
CA GLN A 50 2.04 -64.48 34.55
C GLN A 50 2.02 -63.39 35.62
N LEU A 51 0.86 -63.22 36.25
CA LEU A 51 0.66 -62.16 37.23
C LEU A 51 0.34 -62.70 38.62
N PHE A 52 1.29 -62.53 39.53
CA PHE A 52 1.15 -62.99 40.90
C PHE A 52 0.36 -61.96 41.70
N ARG A 53 -0.17 -62.39 42.84
CA ARG A 53 -1.01 -61.55 43.68
C ARG A 53 -0.20 -60.41 44.29
N GLY A 54 -0.82 -59.23 44.41
CA GLY A 54 -0.17 -58.06 45.00
C GLY A 54 0.89 -57.42 44.10
N ASP A 55 0.99 -57.89 42.86
CA ASP A 55 1.84 -57.25 41.87
C ASP A 55 1.20 -55.92 41.45
N THR A 56 2.04 -54.91 41.22
CA THR A 56 1.55 -53.59 40.83
C THR A 56 1.53 -53.47 39.31
N VAL A 57 0.35 -53.20 38.76
CA VAL A 57 0.14 -53.25 37.31
C VAL A 57 -0.14 -51.88 36.69
N LEU A 58 0.04 -51.81 35.37
CA LEU A 58 -0.24 -50.61 34.58
C LEU A 58 -1.46 -50.79 33.66
N LEU A 59 -2.37 -49.84 33.71
CA LEU A 59 -3.63 -49.92 32.98
C LEU A 59 -3.79 -48.79 31.98
N LYS A 60 -4.13 -49.14 30.75
CA LYS A 60 -4.31 -48.14 29.69
C LYS A 60 -5.78 -48.03 29.31
N GLY A 61 -6.29 -46.79 29.31
CA GLY A 61 -7.71 -46.54 29.07
C GLY A 61 -7.98 -45.90 27.72
N LYS A 62 -8.74 -44.81 27.75
CA LYS A 62 -9.07 -44.06 26.54
C LYS A 62 -8.37 -42.71 26.57
N LYS A 63 -8.24 -42.07 25.42
CA LYS A 63 -7.58 -40.78 25.33
C LYS A 63 -6.27 -40.79 26.12
N ARG A 64 -5.48 -41.85 25.92
CA ARG A 64 -4.14 -41.94 26.48
C ARG A 64 -4.09 -41.79 28.01
N ARG A 65 -5.19 -42.15 28.67
CA ARG A 65 -5.20 -42.12 30.13
C ARG A 65 -4.59 -43.40 30.67
N GLU A 66 -3.97 -43.28 31.86
CA GLU A 66 -3.25 -44.39 32.48
C GLU A 66 -3.58 -44.47 33.97
N ALA A 67 -3.70 -45.68 34.48
CA ALA A 67 -3.90 -45.89 35.93
C ALA A 67 -2.93 -46.94 36.46
N VAL A 68 -2.57 -46.81 37.74
CA VAL A 68 -1.68 -47.76 38.40
C VAL A 68 -2.34 -48.36 39.63
N CYS A 69 -2.36 -49.69 39.66
CA CYS A 69 -3.09 -50.44 40.68
C CYS A 69 -2.32 -51.66 41.18
N ILE A 70 -2.89 -52.31 42.18
CA ILE A 70 -2.41 -53.58 42.69
C ILE A 70 -3.45 -54.65 42.33
N VAL A 71 -2.99 -55.84 41.96
CA VAL A 71 -3.87 -56.88 41.42
C VAL A 71 -4.09 -58.08 42.34
N LEU A 72 -5.36 -58.49 42.45
CA LEU A 72 -5.77 -59.64 43.23
C LEU A 72 -6.73 -60.51 42.43
N SER A 73 -6.86 -61.77 42.85
CA SER A 73 -7.74 -62.73 42.20
C SER A 73 -9.16 -62.71 42.79
N ASP A 74 -10.15 -62.67 41.90
CA ASP A 74 -11.55 -62.76 42.28
C ASP A 74 -12.15 -64.04 41.72
N ASP A 75 -12.79 -64.79 42.62
CA ASP A 75 -13.47 -66.03 42.26
C ASP A 75 -14.68 -65.73 41.36
N THR A 76 -15.40 -64.67 41.70
CA THR A 76 -16.63 -64.29 41.00
C THR A 76 -16.42 -63.58 39.64
N CYS A 77 -15.15 -63.32 39.30
CA CYS A 77 -14.80 -62.55 38.09
C CYS A 77 -14.49 -63.42 36.88
N SER A 78 -15.19 -63.17 35.78
CA SER A 78 -14.97 -63.84 34.50
C SER A 78 -13.52 -63.72 34.03
N ASP A 79 -13.07 -64.68 33.23
CA ASP A 79 -11.68 -64.69 32.73
C ASP A 79 -11.30 -63.41 32.00
N GLU A 80 -12.06 -63.09 30.96
CA GLU A 80 -11.83 -61.94 30.09
C GLU A 80 -12.53 -60.66 30.56
N LYS A 81 -12.87 -60.60 31.85
CA LYS A 81 -13.38 -59.39 32.49
C LYS A 81 -12.46 -58.92 33.63
N ILE A 82 -12.60 -57.66 34.02
CA ILE A 82 -11.83 -57.07 35.13
C ILE A 82 -12.64 -56.10 35.98
N ARG A 83 -12.52 -56.19 37.29
CA ARG A 83 -13.25 -55.29 38.17
C ARG A 83 -12.41 -54.11 38.65
N MET A 84 -13.03 -52.94 38.67
CA MET A 84 -12.43 -51.72 39.16
C MET A 84 -13.56 -50.83 39.65
N ASN A 85 -13.29 -50.02 40.67
CA ASN A 85 -14.31 -49.11 41.18
C ASN A 85 -14.49 -47.90 40.26
N ARG A 86 -15.41 -47.01 40.62
CA ARG A 86 -15.69 -45.84 39.80
C ARG A 86 -14.52 -44.85 39.78
N VAL A 87 -13.79 -44.76 40.89
CA VAL A 87 -12.60 -43.91 40.95
C VAL A 87 -11.57 -44.33 39.90
N VAL A 88 -11.41 -45.64 39.73
CA VAL A 88 -10.47 -46.17 38.74
C VAL A 88 -11.05 -46.03 37.33
N ARG A 89 -12.36 -46.20 37.21
CA ARG A 89 -13.03 -46.06 35.92
C ARG A 89 -12.89 -44.63 35.42
N ASN A 90 -12.90 -43.70 36.37
CA ASN A 90 -12.69 -42.28 36.09
C ASN A 90 -11.28 -41.94 35.61
N ASN A 91 -10.25 -42.44 36.28
CA ASN A 91 -8.90 -42.08 35.86
C ASN A 91 -8.59 -42.69 34.50
N LEU A 92 -9.19 -43.86 34.23
CA LEU A 92 -9.02 -44.50 32.93
C LEU A 92 -9.97 -43.95 31.88
N ARG A 93 -10.92 -43.11 32.28
CA ARG A 93 -11.90 -42.51 31.38
C ARG A 93 -12.72 -43.56 30.63
N VAL A 94 -13.25 -44.54 31.36
CA VAL A 94 -14.05 -45.60 30.75
C VAL A 94 -15.37 -45.82 31.50
N ARG A 95 -16.41 -46.13 30.75
CA ARG A 95 -17.67 -46.57 31.33
C ARG A 95 -17.60 -48.08 31.48
N LEU A 96 -18.42 -48.64 32.39
CA LEU A 96 -18.51 -50.08 32.55
C LEU A 96 -18.91 -50.69 31.21
N GLY A 97 -18.22 -51.75 30.80
CA GLY A 97 -18.46 -52.37 29.50
C GLY A 97 -17.43 -52.06 28.44
N ASP A 98 -16.61 -51.04 28.68
CA ASP A 98 -15.45 -50.73 27.83
C ASP A 98 -14.32 -51.74 28.07
N VAL A 99 -13.20 -51.56 27.39
CA VAL A 99 -12.12 -52.54 27.41
C VAL A 99 -10.75 -51.87 27.65
N ILE A 100 -9.87 -52.53 28.39
CA ILE A 100 -8.57 -51.92 28.71
C ILE A 100 -7.34 -52.82 28.49
N SER A 101 -6.17 -52.19 28.50
CA SER A 101 -4.91 -52.91 28.47
C SER A 101 -4.42 -53.09 29.89
N ILE A 102 -4.06 -54.32 30.23
CA ILE A 102 -3.35 -54.56 31.48
C ILE A 102 -1.93 -55.03 31.16
N GLN A 103 -0.98 -54.51 31.93
CA GLN A 103 0.43 -54.63 31.62
C GLN A 103 1.20 -54.74 32.93
N PRO A 104 2.24 -55.58 32.98
CA PRO A 104 3.04 -55.67 34.21
C PRO A 104 3.89 -54.43 34.40
N CYS A 105 3.81 -53.83 35.58
CA CYS A 105 4.57 -52.63 35.89
C CYS A 105 5.58 -52.94 37.01
N PRO A 106 6.75 -53.52 36.64
CA PRO A 106 7.63 -54.14 37.63
C PRO A 106 8.63 -53.20 38.31
N ASP A 107 9.11 -52.20 37.59
CA ASP A 107 10.23 -51.36 38.01
C ASP A 107 9.79 -50.10 38.77
N VAL A 108 8.60 -50.16 39.36
CA VAL A 108 8.07 -49.03 40.11
C VAL A 108 8.99 -48.73 41.28
N LYS A 109 9.26 -47.44 41.50
CA LYS A 109 10.17 -47.02 42.53
C LYS A 109 9.42 -46.35 43.68
N TYR A 110 9.99 -46.40 44.87
CA TYR A 110 9.35 -45.82 46.04
C TYR A 110 9.26 -44.30 45.94
N GLY A 111 8.18 -43.75 46.47
CA GLY A 111 7.92 -42.31 46.38
C GLY A 111 8.79 -41.45 47.28
N LYS A 112 9.45 -40.47 46.66
CA LYS A 112 10.25 -39.48 47.38
C LYS A 112 9.34 -38.43 48.01
N ARG A 113 8.62 -37.68 47.17
CA ARG A 113 7.68 -36.65 47.61
C ARG A 113 6.50 -36.54 46.66
N ILE A 114 5.31 -36.33 47.22
CA ILE A 114 4.10 -36.13 46.43
C ILE A 114 3.32 -34.88 46.84
N HIS A 115 2.80 -34.15 45.86
CA HIS A 115 2.02 -32.96 46.10
C HIS A 115 0.58 -33.18 45.61
N VAL A 116 -0.37 -33.06 46.53
CA VAL A 116 -1.79 -33.32 46.21
C VAL A 116 -2.73 -32.24 46.74
N LEU A 117 -3.67 -31.82 45.92
CA LEU A 117 -4.65 -30.82 46.34
C LEU A 117 -6.07 -31.38 46.32
N PRO A 118 -6.94 -30.87 47.20
CA PRO A 118 -8.35 -31.26 47.20
C PRO A 118 -9.16 -30.45 46.20
N ILE A 119 -10.34 -30.96 45.82
CA ILE A 119 -11.23 -30.23 44.94
C ILE A 119 -12.13 -29.27 45.71
N ASP A 120 -12.21 -28.03 45.23
CA ASP A 120 -12.91 -26.92 45.89
C ASP A 120 -14.30 -27.24 46.45
N ASP A 121 -15.13 -27.91 45.66
CA ASP A 121 -16.51 -28.18 46.06
C ASP A 121 -16.63 -29.45 46.92
N THR A 122 -15.51 -29.88 47.48
CA THR A 122 -15.47 -31.04 48.36
C THR A 122 -14.79 -30.69 49.68
N VAL A 123 -14.60 -29.38 49.91
CA VAL A 123 -13.94 -28.90 51.12
C VAL A 123 -14.62 -27.68 51.76
N GLU A 124 -15.74 -27.26 51.18
CA GLU A 124 -16.56 -26.22 51.76
C GLU A 124 -16.97 -26.67 53.16
N GLY A 125 -16.46 -25.96 54.17
CA GLY A 125 -16.62 -26.38 55.56
C GLY A 125 -15.27 -26.50 56.25
N ILE A 126 -15.25 -27.28 57.34
CA ILE A 126 -14.05 -27.43 58.19
C ILE A 126 -12.77 -27.77 57.42
N THR A 127 -11.66 -27.17 57.85
CA THR A 127 -10.33 -27.55 57.40
C THR A 127 -9.73 -28.53 58.42
N GLY A 128 -9.66 -28.10 59.69
CA GLY A 128 -8.99 -28.87 60.74
C GLY A 128 -7.58 -29.22 60.31
N ASN A 129 -7.42 -30.44 59.81
CA ASN A 129 -6.20 -30.86 59.12
C ASN A 129 -6.52 -31.95 58.11
N LEU A 130 -6.33 -31.62 56.83
CA LEU A 130 -6.64 -32.54 55.73
C LEU A 130 -5.71 -33.74 55.71
N PHE A 131 -4.43 -33.51 55.97
CA PHE A 131 -3.46 -34.59 56.03
C PHE A 131 -3.82 -35.59 57.11
N GLU A 132 -4.11 -35.07 58.29
CA GLU A 132 -4.39 -35.90 59.45
C GLU A 132 -5.67 -36.72 59.25
N VAL A 133 -6.78 -36.02 59.07
CA VAL A 133 -8.09 -36.65 58.95
C VAL A 133 -8.18 -37.60 57.75
N TYR A 134 -7.59 -37.21 56.62
CA TYR A 134 -7.85 -37.88 55.36
C TYR A 134 -6.68 -38.66 54.77
N LEU A 135 -5.58 -37.97 54.51
CA LEU A 135 -4.47 -38.57 53.77
C LEU A 135 -3.68 -39.56 54.61
N LYS A 136 -3.23 -39.12 55.78
CA LYS A 136 -2.43 -39.96 56.68
C LYS A 136 -3.00 -41.38 56.81
N PRO A 137 -4.29 -41.51 57.18
CA PRO A 137 -4.87 -42.86 57.32
C PRO A 137 -4.97 -43.64 56.00
N TYR A 138 -5.51 -43.00 54.96
CA TYR A 138 -5.66 -43.61 53.63
C TYR A 138 -4.35 -44.19 53.10
N PHE A 139 -3.23 -43.58 53.46
CA PHE A 139 -1.92 -44.01 52.98
C PHE A 139 -1.14 -44.87 53.97
N LEU A 140 -1.41 -44.69 55.26
CA LEU A 140 -0.65 -45.34 56.33
C LEU A 140 -0.47 -46.85 56.13
N GLU A 141 0.79 -47.24 55.94
CA GLU A 141 1.18 -48.65 55.80
C GLU A 141 0.52 -49.36 54.60
N ALA A 142 0.04 -48.57 53.64
CA ALA A 142 -0.70 -49.11 52.50
C ALA A 142 0.18 -49.47 51.31
N TYR A 143 1.22 -48.65 51.07
CA TYR A 143 2.15 -48.86 49.95
C TYR A 143 1.42 -48.79 48.60
N ARG A 144 0.65 -47.71 48.41
CA ARG A 144 -0.22 -47.56 47.26
C ARG A 144 0.55 -47.10 46.02
N PRO A 145 0.18 -47.63 44.84
CA PRO A 145 0.65 -47.05 43.59
C PRO A 145 -0.24 -45.90 43.20
N ILE A 146 0.35 -44.80 42.76
CA ILE A 146 -0.40 -43.63 42.26
C ILE A 146 0.29 -43.00 41.06
N ARG A 147 -0.51 -42.39 40.19
CA ARG A 147 0.01 -41.70 39.01
C ARG A 147 -0.25 -40.22 39.12
N LYS A 148 0.58 -39.42 38.47
CA LYS A 148 0.33 -37.99 38.36
C LYS A 148 -1.00 -37.81 37.65
N GLY A 149 -1.83 -36.90 38.16
CA GLY A 149 -3.11 -36.60 37.55
C GLY A 149 -4.23 -37.58 37.89
N ASP A 150 -3.98 -38.45 38.88
CA ASP A 150 -5.03 -39.30 39.43
C ASP A 150 -5.96 -38.43 40.26
N ILE A 151 -7.27 -38.69 40.15
CA ILE A 151 -8.23 -38.15 41.09
C ILE A 151 -8.77 -39.33 41.86
N PHE A 152 -8.68 -39.25 43.19
CA PHE A 152 -9.12 -40.31 44.07
C PHE A 152 -9.91 -39.75 45.24
N LEU A 153 -10.78 -40.59 45.81
CA LEU A 153 -11.69 -40.19 46.89
C LEU A 153 -11.29 -40.80 48.22
N VAL A 154 -11.30 -39.98 49.27
CA VAL A 154 -11.02 -40.45 50.62
C VAL A 154 -12.15 -40.06 51.55
N ARG A 155 -12.69 -41.05 52.26
CA ARG A 155 -13.69 -40.84 53.30
C ARG A 155 -12.99 -40.73 54.65
N GLY A 156 -13.37 -39.71 55.41
CA GLY A 156 -12.81 -39.49 56.75
C GLY A 156 -13.91 -39.09 57.69
N GLY A 157 -14.43 -40.07 58.44
CA GLY A 157 -15.55 -39.85 59.34
C GLY A 157 -16.75 -39.29 58.58
N MET A 158 -17.08 -38.05 58.88
CA MET A 158 -18.30 -37.37 58.40
C MET A 158 -18.36 -37.11 56.90
N ARG A 159 -17.20 -36.89 56.27
CA ARG A 159 -17.15 -36.48 54.88
C ARG A 159 -16.27 -37.38 54.00
N ALA A 160 -16.51 -37.31 52.71
CA ALA A 160 -15.62 -37.90 51.71
C ALA A 160 -15.11 -36.78 50.81
N VAL A 161 -13.79 -36.75 50.60
CA VAL A 161 -13.14 -35.67 49.85
C VAL A 161 -12.33 -36.21 48.67
N GLU A 162 -12.39 -35.50 47.55
CA GLU A 162 -11.63 -35.86 46.36
C GLU A 162 -10.31 -35.09 46.28
N PHE A 163 -9.24 -35.82 45.96
CA PHE A 163 -7.91 -35.22 45.81
C PHE A 163 -7.36 -35.49 44.42
N LYS A 164 -6.59 -34.54 43.90
CA LYS A 164 -5.88 -34.70 42.64
C LYS A 164 -4.38 -34.73 42.87
N VAL A 165 -3.72 -35.71 42.26
CA VAL A 165 -2.27 -35.83 42.35
C VAL A 165 -1.63 -34.80 41.42
N VAL A 166 -1.17 -33.70 42.01
CA VAL A 166 -0.59 -32.59 41.25
C VAL A 166 0.82 -32.90 40.75
N GLU A 167 1.65 -33.47 41.62
CA GLU A 167 3.03 -33.79 41.26
C GLU A 167 3.52 -35.02 42.02
N THR A 168 4.37 -35.81 41.39
CA THR A 168 5.03 -36.92 42.06
C THR A 168 6.53 -36.89 41.77
N ASP A 169 7.31 -37.34 42.74
CA ASP A 169 8.73 -37.49 42.59
C ASP A 169 9.02 -38.92 43.02
N PRO A 170 9.34 -39.80 42.06
CA PRO A 170 9.54 -39.61 40.62
C PRO A 170 8.25 -39.59 39.79
N SER A 171 8.22 -38.69 38.81
CA SER A 171 7.14 -38.64 37.83
C SER A 171 7.34 -39.80 36.85
N PRO A 172 6.24 -40.36 36.30
CA PRO A 172 4.84 -40.04 36.57
C PRO A 172 4.22 -40.91 37.66
N TYR A 173 4.84 -42.06 37.94
CA TYR A 173 4.35 -42.96 38.99
C TYR A 173 5.38 -43.37 40.04
N CYS A 174 4.87 -43.64 41.25
CA CYS A 174 5.64 -44.06 42.40
C CYS A 174 4.74 -44.77 43.41
N ILE A 175 5.36 -45.57 44.28
CA ILE A 175 4.65 -46.24 45.39
C ILE A 175 4.73 -45.34 46.62
N VAL A 176 3.60 -45.18 47.31
CA VAL A 176 3.57 -44.37 48.53
C VAL A 176 3.92 -45.21 49.75
N ALA A 177 5.16 -45.09 50.18
CA ALA A 177 5.70 -45.81 51.34
C ALA A 177 5.69 -44.89 52.57
N PRO A 178 6.07 -45.43 53.74
CA PRO A 178 6.09 -44.59 54.95
C PRO A 178 7.07 -43.41 54.85
N ASP A 179 8.14 -43.58 54.07
CA ASP A 179 9.17 -42.54 53.92
C ASP A 179 8.70 -41.34 53.11
N THR A 180 7.64 -41.54 52.32
CA THR A 180 7.15 -40.54 51.37
C THR A 180 6.62 -39.29 52.07
N VAL A 181 7.26 -38.15 51.79
CA VAL A 181 6.83 -36.86 52.31
C VAL A 181 5.63 -36.38 51.48
N ILE A 182 4.53 -36.06 52.18
CA ILE A 182 3.28 -35.71 51.52
C ILE A 182 2.92 -34.23 51.73
N HIS A 183 2.91 -33.47 50.63
CA HIS A 183 2.57 -32.05 50.69
C HIS A 183 1.19 -31.81 50.10
N CYS A 184 0.33 -31.15 50.87
CA CYS A 184 -1.04 -30.87 50.42
C CYS A 184 -1.45 -29.40 50.54
N GLU A 185 -0.48 -28.53 50.83
CA GLU A 185 -0.71 -27.10 50.91
C GLU A 185 -0.92 -26.50 49.51
N GLY A 186 -1.78 -25.50 49.44
CA GLY A 186 -2.06 -24.81 48.17
C GLY A 186 -3.51 -24.43 47.99
N GLU A 187 -3.84 -23.87 46.82
CA GLU A 187 -5.20 -23.49 46.48
C GLU A 187 -5.97 -24.69 45.94
N PRO A 188 -7.19 -24.92 46.47
CA PRO A 188 -8.01 -26.05 46.02
C PRO A 188 -8.24 -26.04 44.51
N ILE A 189 -8.11 -27.20 43.89
CA ILE A 189 -8.41 -27.41 42.48
C ILE A 189 -9.86 -27.00 42.21
N LYS A 190 -10.10 -26.35 41.08
CA LYS A 190 -11.46 -25.96 40.74
C LYS A 190 -12.16 -27.08 39.97
N ARG A 191 -13.31 -27.50 40.50
CA ARG A 191 -14.14 -28.54 39.90
C ARG A 191 -14.26 -28.35 38.38
N GLU A 192 -14.70 -27.15 37.99
CA GLU A 192 -14.97 -26.82 36.59
C GLU A 192 -13.83 -27.23 35.65
N ASP A 193 -12.59 -26.92 36.02
CA ASP A 193 -11.42 -27.27 35.22
C ASP A 193 -11.34 -28.77 35.00
N GLU A 194 -11.59 -29.53 36.06
CA GLU A 194 -11.52 -30.99 36.02
C GLU A 194 -12.76 -31.60 35.38
N GLU A 195 -13.82 -30.81 35.26
CA GLU A 195 -14.98 -31.20 34.46
C GLU A 195 -14.56 -31.16 33.00
N GLU A 196 -14.08 -30.00 32.56
CA GLU A 196 -13.54 -29.79 31.21
C GLU A 196 -12.53 -30.86 30.82
N SER A 197 -11.78 -31.35 31.81
CA SER A 197 -10.72 -32.33 31.58
C SER A 197 -11.32 -33.69 31.22
N LEU A 198 -12.31 -34.12 31.99
CA LEU A 198 -13.07 -35.33 31.67
C LEU A 198 -13.69 -35.22 30.29
N ASN A 199 -14.23 -34.04 29.99
CA ASN A 199 -15.00 -33.80 28.79
C ASN A 199 -14.19 -33.66 27.49
N GLU A 200 -12.87 -33.50 27.62
CA GLU A 200 -12.00 -33.42 26.45
C GLU A 200 -12.28 -34.56 25.47
N VAL A 201 -12.16 -34.27 24.18
CA VAL A 201 -12.72 -35.11 23.13
C VAL A 201 -11.89 -36.34 22.77
N GLY A 202 -12.55 -37.49 22.69
CA GLY A 202 -11.93 -38.70 22.19
C GLY A 202 -12.39 -38.96 20.77
N TYR A 203 -12.00 -40.11 20.22
CA TYR A 203 -12.52 -40.53 18.93
C TYR A 203 -14.00 -40.85 19.04
N ASP A 204 -14.37 -41.52 20.13
CA ASP A 204 -15.76 -41.91 20.42
C ASP A 204 -16.72 -40.73 20.34
N ASP A 205 -16.20 -39.52 20.51
CA ASP A 205 -17.03 -38.32 20.57
C ASP A 205 -17.39 -37.76 19.19
N ILE A 206 -16.92 -38.39 18.13
CA ILE A 206 -17.24 -37.94 16.77
C ILE A 206 -18.11 -38.99 16.07
N GLY A 207 -19.18 -38.55 15.41
CA GLY A 207 -20.17 -39.48 14.88
C GLY A 207 -20.49 -39.35 13.41
N GLY A 208 -20.59 -40.50 12.75
CA GLY A 208 -20.95 -40.56 11.33
C GLY A 208 -19.77 -40.35 10.40
N CYS A 209 -18.57 -40.64 10.90
CA CYS A 209 -17.35 -40.47 10.12
C CYS A 209 -16.45 -41.70 10.07
N ARG A 210 -16.98 -42.85 10.50
CA ARG A 210 -16.20 -44.08 10.51
C ARG A 210 -15.27 -44.20 9.29
N LYS A 211 -15.85 -44.10 8.09
CA LYS A 211 -15.07 -44.18 6.84
C LYS A 211 -13.83 -43.28 6.85
N GLN A 212 -14.00 -42.04 7.30
CA GLN A 212 -12.93 -41.04 7.27
C GLN A 212 -11.97 -41.21 8.43
N LEU A 213 -12.55 -41.37 9.62
CA LEU A 213 -11.77 -41.72 10.79
C LEU A 213 -10.79 -42.80 10.40
N ALA A 214 -11.27 -43.78 9.63
CA ALA A 214 -10.42 -44.86 9.18
C ALA A 214 -9.23 -44.28 8.41
N GLN A 215 -9.51 -43.45 7.42
CA GLN A 215 -8.45 -42.93 6.55
C GLN A 215 -7.43 -42.17 7.37
N ILE A 216 -7.89 -41.42 8.36
CA ILE A 216 -7.01 -40.60 9.16
C ILE A 216 -6.00 -41.49 9.87
N LYS A 217 -6.49 -42.47 10.62
CA LYS A 217 -5.63 -43.44 11.27
C LYS A 217 -4.68 -44.12 10.28
N GLU A 218 -5.20 -44.35 9.07
CA GLU A 218 -4.46 -45.01 7.99
C GLU A 218 -3.34 -44.15 7.41
N MET A 219 -3.43 -42.85 7.58
CA MET A 219 -2.50 -41.95 6.93
C MET A 219 -1.63 -41.21 7.93
N VAL A 220 -2.09 -41.12 9.17
CA VAL A 220 -1.37 -40.40 10.19
C VAL A 220 -0.92 -41.35 11.28
N GLU A 221 -1.87 -41.95 11.97
CA GLU A 221 -1.56 -42.80 13.12
C GLU A 221 -0.70 -43.99 12.71
N LEU A 222 -1.05 -44.62 11.59
CA LEU A 222 -0.37 -45.83 11.15
C LEU A 222 1.08 -45.61 10.71
N PRO A 223 1.31 -44.68 9.76
CA PRO A 223 2.67 -44.39 9.30
C PRO A 223 3.64 -44.05 10.41
N LEU A 224 3.13 -43.52 11.52
CA LEU A 224 3.99 -43.12 12.62
C LEU A 224 4.20 -44.24 13.64
N ARG A 225 3.13 -44.94 13.98
CA ARG A 225 3.24 -46.06 14.92
C ARG A 225 4.04 -47.24 14.35
N HIS A 226 3.90 -47.51 13.05
CA HIS A 226 4.57 -48.66 12.44
C HIS A 226 5.23 -48.32 11.09
N PRO A 227 6.26 -47.47 11.10
CA PRO A 227 6.88 -46.98 9.86
C PRO A 227 7.46 -48.09 8.99
N ALA A 228 7.66 -49.27 9.58
CA ALA A 228 8.32 -50.39 8.91
C ALA A 228 7.47 -51.08 7.85
N LEU A 229 6.16 -51.08 8.04
CA LEU A 229 5.24 -51.68 7.07
C LEU A 229 5.44 -51.07 5.70
N PHE A 230 5.76 -49.78 5.71
CA PHE A 230 5.97 -49.03 4.48
C PHE A 230 7.40 -49.25 3.99
N LYS A 231 8.34 -49.27 4.94
CA LYS A 231 9.72 -49.63 4.64
C LYS A 231 9.77 -51.00 3.96
N GLU A 232 9.27 -52.02 4.65
CA GLU A 232 9.22 -53.37 4.11
C GLU A 232 8.64 -53.38 2.69
N ILE A 233 7.40 -52.90 2.54
CA ILE A 233 6.73 -52.90 1.24
C ILE A 233 7.38 -51.93 0.23
N GLY A 234 8.20 -51.01 0.72
CA GLY A 234 9.01 -50.13 -0.13
C GLY A 234 8.28 -48.95 -0.71
N VAL A 235 7.45 -48.29 0.10
CA VAL A 235 6.71 -47.11 -0.33
C VAL A 235 6.83 -46.01 0.73
N LYS A 236 6.73 -44.76 0.29
CA LYS A 236 6.83 -43.62 1.20
C LYS A 236 5.43 -43.15 1.58
N PRO A 237 5.14 -43.06 2.90
CA PRO A 237 3.85 -42.56 3.35
C PRO A 237 3.65 -41.11 2.93
N PRO A 238 2.41 -40.71 2.63
CA PRO A 238 2.17 -39.30 2.33
C PRO A 238 2.28 -38.46 3.60
N ARG A 239 2.66 -37.20 3.45
CA ARG A 239 2.98 -36.34 4.60
C ARG A 239 2.06 -35.12 4.75
N GLY A 240 1.12 -34.95 3.83
CA GLY A 240 0.16 -33.86 3.90
C GLY A 240 -1.25 -34.39 3.74
N ILE A 241 -2.08 -34.18 4.75
CA ILE A 241 -3.49 -34.57 4.66
C ILE A 241 -4.38 -33.36 4.85
N LEU A 242 -5.24 -33.13 3.87
CA LEU A 242 -6.16 -32.00 3.94
C LEU A 242 -7.60 -32.45 4.10
N LEU A 243 -8.17 -32.19 5.28
CA LEU A 243 -9.58 -32.43 5.50
C LEU A 243 -10.39 -31.25 4.98
N TYR A 244 -11.50 -31.55 4.33
CA TYR A 244 -12.39 -30.48 3.89
C TYR A 244 -13.84 -30.91 4.07
N GLY A 245 -14.74 -29.93 4.12
CA GLY A 245 -16.15 -30.25 4.29
C GLY A 245 -17.02 -29.02 4.41
N PRO A 246 -18.34 -29.17 4.13
CA PRO A 246 -19.23 -28.03 4.31
C PRO A 246 -19.14 -27.61 5.76
N PRO A 247 -19.25 -26.30 6.04
CA PRO A 247 -19.00 -25.76 7.36
C PRO A 247 -19.63 -26.56 8.51
N GLY A 248 -18.85 -26.79 9.57
CA GLY A 248 -19.37 -27.32 10.81
C GLY A 248 -19.54 -28.82 10.89
N THR A 249 -18.70 -29.56 10.17
CA THR A 249 -18.82 -31.03 10.18
C THR A 249 -17.76 -31.76 11.03
N GLY A 250 -17.26 -31.08 12.06
CA GLY A 250 -16.36 -31.71 13.02
C GLY A 250 -14.93 -31.86 12.54
N LYS A 251 -14.52 -30.97 11.63
CA LYS A 251 -13.14 -30.90 11.17
C LYS A 251 -12.25 -30.48 12.37
N THR A 252 -12.54 -29.33 12.96
CA THR A 252 -11.85 -28.90 14.18
C THR A 252 -12.08 -29.92 15.27
N LEU A 253 -13.24 -30.56 15.23
CA LEU A 253 -13.57 -31.49 16.30
C LEU A 253 -12.64 -32.68 16.26
N ILE A 254 -12.16 -33.00 15.06
CA ILE A 254 -11.33 -34.18 14.87
C ILE A 254 -9.93 -33.76 15.25
N ALA A 255 -9.56 -32.57 14.80
CA ALA A 255 -8.35 -31.90 15.25
C ALA A 255 -8.17 -32.12 16.75
N ARG A 256 -9.25 -31.97 17.49
CA ARG A 256 -9.21 -32.17 18.94
C ARG A 256 -8.92 -33.64 19.27
N ALA A 257 -9.83 -34.53 18.86
CA ALA A 257 -9.67 -35.97 19.12
C ALA A 257 -8.24 -36.42 18.92
N VAL A 258 -7.71 -36.19 17.72
CA VAL A 258 -6.37 -36.64 17.35
C VAL A 258 -5.34 -36.17 18.36
N ALA A 259 -5.39 -34.90 18.76
CA ALA A 259 -4.44 -34.35 19.74
C ALA A 259 -4.42 -35.19 21.02
N ASN A 260 -5.61 -35.42 21.57
CA ASN A 260 -5.79 -36.20 22.79
C ASN A 260 -5.46 -37.69 22.59
N GLU A 261 -5.87 -38.21 21.44
CA GLU A 261 -5.85 -39.64 21.15
C GLU A 261 -4.52 -40.15 20.59
N THR A 262 -3.75 -39.26 19.95
CA THR A 262 -2.52 -39.66 19.25
C THR A 262 -1.37 -40.10 20.12
N GLY A 263 -0.54 -40.96 19.53
CA GLY A 263 0.71 -41.32 20.17
C GLY A 263 1.77 -40.24 20.01
N ALA A 264 1.61 -39.38 19.01
CA ALA A 264 2.67 -38.46 18.60
C ALA A 264 2.71 -37.13 19.37
N PHE A 265 3.81 -36.40 19.21
CA PHE A 265 3.89 -35.03 19.67
C PHE A 265 3.04 -34.21 18.71
N PHE A 266 2.13 -33.42 19.27
CA PHE A 266 1.12 -32.73 18.48
C PHE A 266 1.29 -31.23 18.60
N PHE A 267 1.27 -30.54 17.46
CA PHE A 267 1.36 -29.07 17.44
C PHE A 267 0.24 -28.45 16.61
N LEU A 268 -0.52 -27.57 17.24
CA LEU A 268 -1.66 -26.95 16.59
C LEU A 268 -1.39 -25.55 16.09
N ILE A 269 -1.84 -25.27 14.87
CA ILE A 269 -1.73 -23.96 14.24
C ILE A 269 -3.11 -23.47 13.80
N ASN A 270 -3.52 -22.31 14.31
CA ASN A 270 -4.81 -21.71 13.95
C ASN A 270 -4.67 -20.54 12.98
N GLY A 271 -4.88 -20.81 11.69
CA GLY A 271 -4.86 -19.76 10.68
C GLY A 271 -5.24 -18.38 11.17
N PRO A 272 -6.51 -18.19 11.57
CA PRO A 272 -6.92 -16.87 12.06
C PRO A 272 -6.02 -16.34 13.18
N GLU A 273 -5.36 -17.23 13.91
CA GLU A 273 -4.52 -16.79 15.03
C GLU A 273 -3.13 -16.39 14.56
N ILE A 274 -2.62 -17.14 13.59
CA ILE A 274 -1.38 -16.80 12.92
C ILE A 274 -1.48 -15.40 12.32
N MET A 275 -2.60 -15.16 11.65
CA MET A 275 -2.79 -13.93 10.86
C MET A 275 -3.09 -12.72 11.74
N SER A 276 -3.29 -12.95 13.02
CA SER A 276 -3.47 -11.85 13.97
C SER A 276 -2.12 -11.25 14.40
N LYS A 277 -1.04 -11.95 14.10
CA LYS A 277 0.29 -11.50 14.50
C LYS A 277 0.84 -10.39 13.61
N LEU A 278 1.76 -9.59 14.16
CA LEU A 278 2.47 -8.57 13.39
C LEU A 278 3.16 -9.20 12.19
N ALA A 279 3.48 -8.41 11.18
CA ALA A 279 4.21 -8.89 10.01
C ALA A 279 5.57 -9.46 10.46
N GLY A 280 5.88 -10.67 9.99
CA GLY A 280 7.14 -11.33 10.35
C GLY A 280 7.06 -12.11 11.64
N GLU A 281 6.21 -11.63 12.54
CA GLU A 281 5.91 -12.29 13.81
C GLU A 281 5.17 -13.59 13.59
N SER A 282 4.53 -13.71 12.43
CA SER A 282 3.85 -14.93 12.03
C SER A 282 4.83 -15.92 11.42
N GLU A 283 5.70 -15.42 10.55
CA GLU A 283 6.76 -16.21 9.93
C GLU A 283 7.64 -16.90 10.98
N SER A 284 7.98 -16.19 12.05
CA SER A 284 8.69 -16.79 13.16
C SER A 284 7.92 -17.98 13.71
N ASN A 285 6.65 -17.76 14.03
CA ASN A 285 5.79 -18.78 14.61
C ASN A 285 5.63 -19.99 13.68
N LEU A 286 5.52 -19.72 12.39
CA LEU A 286 5.41 -20.78 11.40
C LEU A 286 6.62 -21.68 11.40
N ARG A 287 7.80 -21.07 11.37
CA ARG A 287 9.06 -21.81 11.47
C ARG A 287 9.11 -22.49 12.82
N LYS A 288 8.87 -21.71 13.87
CA LYS A 288 8.93 -22.19 15.24
C LYS A 288 8.14 -23.50 15.37
N ALA A 289 6.95 -23.53 14.79
CA ALA A 289 6.10 -24.72 14.82
C ALA A 289 6.77 -25.91 14.13
N PHE A 290 7.21 -25.70 12.90
CA PHE A 290 7.85 -26.77 12.12
C PHE A 290 9.14 -27.26 12.77
N GLU A 291 9.84 -26.34 13.44
CA GLU A 291 11.08 -26.69 14.14
C GLU A 291 10.76 -27.50 15.38
N GLU A 292 9.77 -27.06 16.13
CA GLU A 292 9.29 -27.78 17.31
C GLU A 292 8.92 -29.22 16.95
N ALA A 293 8.22 -29.36 15.83
CA ALA A 293 7.73 -30.67 15.39
C ALA A 293 8.86 -31.61 15.00
N GLU A 294 9.85 -31.08 14.28
CA GLU A 294 11.04 -31.86 13.95
C GLU A 294 11.79 -32.27 15.21
N LYS A 295 12.10 -31.28 16.04
CA LYS A 295 12.78 -31.52 17.31
C LYS A 295 12.14 -32.66 18.13
N ASN A 296 10.80 -32.73 18.15
CA ASN A 296 10.08 -33.74 18.94
C ASN A 296 9.48 -34.91 18.16
N ALA A 297 9.87 -35.09 16.90
CA ALA A 297 9.30 -36.15 16.07
C ALA A 297 9.36 -37.51 16.76
N PRO A 298 8.47 -38.45 16.38
CA PRO A 298 7.42 -38.30 15.39
C PRO A 298 6.39 -37.26 15.84
N ALA A 299 5.93 -36.45 14.90
CA ALA A 299 4.98 -35.38 15.22
C ALA A 299 3.81 -35.24 14.24
N ILE A 300 2.72 -34.64 14.69
CA ILE A 300 1.63 -34.19 13.82
C ILE A 300 1.46 -32.68 13.98
N ILE A 301 1.71 -31.95 12.90
CA ILE A 301 1.34 -30.54 12.87
C ILE A 301 -0.06 -30.42 12.29
N PHE A 302 -0.94 -29.70 13.00
CA PHE A 302 -2.30 -29.49 12.52
C PHE A 302 -2.58 -28.02 12.27
N ILE A 303 -3.02 -27.70 11.06
CA ILE A 303 -3.38 -26.35 10.70
C ILE A 303 -4.89 -26.23 10.54
N ASP A 304 -5.52 -25.49 11.44
CA ASP A 304 -6.97 -25.31 11.37
C ASP A 304 -7.29 -24.02 10.65
N GLU A 305 -8.32 -24.08 9.81
CA GLU A 305 -8.73 -22.97 8.95
C GLU A 305 -7.60 -22.56 8.00
N LEU A 306 -7.00 -23.57 7.38
CA LEU A 306 -5.86 -23.36 6.49
C LEU A 306 -6.08 -22.20 5.53
N ASP A 307 -7.27 -22.14 4.95
CA ASP A 307 -7.59 -21.14 3.95
C ASP A 307 -7.30 -19.73 4.46
N ALA A 308 -7.34 -19.56 5.77
CA ALA A 308 -7.01 -18.28 6.37
C ALA A 308 -5.56 -17.83 6.11
N ILE A 309 -4.64 -18.78 5.98
CA ILE A 309 -3.24 -18.40 5.72
C ILE A 309 -2.76 -18.78 4.31
N ALA A 310 -3.54 -19.56 3.58
CA ALA A 310 -3.12 -19.98 2.25
C ALA A 310 -4.14 -19.67 1.15
N PRO A 311 -4.45 -18.37 0.95
CA PRO A 311 -5.28 -18.06 -0.20
C PRO A 311 -4.44 -18.17 -1.47
N LYS A 312 -5.07 -18.11 -2.63
CA LYS A 312 -4.35 -18.12 -3.89
C LYS A 312 -3.45 -16.90 -4.00
N ARG A 313 -2.14 -17.12 -3.96
CA ARG A 313 -1.13 -16.05 -4.06
C ARG A 313 -1.45 -15.05 -5.16
N GLU A 314 -1.86 -15.58 -6.31
CA GLU A 314 -2.26 -14.80 -7.47
C GLU A 314 -3.43 -13.87 -7.13
N LYS A 315 -4.41 -14.41 -6.41
CA LYS A 315 -5.68 -13.73 -6.15
C LYS A 315 -5.70 -12.95 -4.82
N THR A 316 -4.58 -12.95 -4.10
CA THR A 316 -4.50 -12.31 -2.78
C THR A 316 -3.79 -10.95 -2.79
N HIS A 317 -4.29 -10.03 -1.98
CA HIS A 317 -3.92 -8.61 -2.10
C HIS A 317 -2.68 -8.12 -1.29
N GLY A 318 -2.61 -8.37 0.03
CA GLY A 318 -1.49 -7.90 0.91
C GLY A 318 -0.14 -8.54 0.62
N GLU A 319 0.95 -7.86 0.97
CA GLU A 319 2.32 -8.33 0.67
C GLU A 319 2.86 -9.34 1.68
N VAL A 320 2.79 -8.99 2.96
CA VAL A 320 3.13 -9.92 4.03
C VAL A 320 2.33 -11.19 3.79
N GLU A 321 1.12 -10.99 3.26
CA GLU A 321 0.17 -12.08 3.06
C GLU A 321 0.68 -13.17 2.11
N ARG A 322 1.22 -12.78 0.95
CA ARG A 322 1.85 -13.77 0.05
C ARG A 322 3.09 -14.39 0.67
N ARG A 323 3.84 -13.59 1.42
CA ARG A 323 5.09 -14.06 2.03
C ARG A 323 4.83 -15.32 2.85
N ILE A 324 3.74 -15.33 3.61
CA ILE A 324 3.32 -16.52 4.37
C ILE A 324 3.03 -17.75 3.50
N VAL A 325 2.26 -17.61 2.42
CA VAL A 325 2.03 -18.77 1.56
C VAL A 325 3.39 -19.31 1.13
N SER A 326 4.23 -18.42 0.61
CA SER A 326 5.60 -18.78 0.26
C SER A 326 6.34 -19.41 1.44
N GLN A 327 6.31 -18.74 2.58
CA GLN A 327 6.95 -19.23 3.79
C GLN A 327 6.57 -20.68 4.08
N LEU A 328 5.27 -20.96 4.10
CA LEU A 328 4.76 -22.31 4.35
C LEU A 328 5.26 -23.31 3.33
N LEU A 329 4.90 -23.07 2.06
CA LEU A 329 5.34 -23.93 0.96
C LEU A 329 6.76 -24.41 1.19
N THR A 330 7.69 -23.47 1.35
CA THR A 330 9.09 -23.76 1.69
C THR A 330 9.26 -24.83 2.76
N LEU A 331 8.54 -24.67 3.88
CA LEU A 331 8.65 -25.59 5.02
C LEU A 331 8.11 -26.97 4.66
N MET A 332 6.88 -27.02 4.15
CA MET A 332 6.31 -28.24 3.60
C MET A 332 7.36 -28.99 2.79
N ASP A 333 8.01 -28.28 1.88
CA ASP A 333 9.03 -28.88 1.03
C ASP A 333 10.32 -29.20 1.79
N GLY A 334 10.65 -28.36 2.78
CA GLY A 334 11.86 -28.54 3.57
C GLY A 334 11.87 -29.72 4.52
N LEU A 335 10.79 -30.51 4.52
CA LEU A 335 10.69 -31.69 5.37
C LEU A 335 11.48 -32.86 4.81
N LYS A 336 12.55 -33.24 5.50
CA LYS A 336 13.37 -34.38 5.09
C LYS A 336 12.58 -35.69 5.23
N GLN A 337 13.01 -36.71 4.50
CA GLN A 337 12.38 -38.02 4.56
C GLN A 337 12.42 -38.60 5.97
N ARG A 338 13.61 -38.55 6.58
CA ARG A 338 13.86 -39.07 7.93
C ARG A 338 13.12 -38.33 9.04
N ALA A 339 12.36 -37.29 8.68
CA ALA A 339 11.76 -36.39 9.66
C ALA A 339 10.63 -36.98 10.50
N HIS A 340 9.86 -37.90 9.92
CA HIS A 340 8.68 -38.50 10.56
C HIS A 340 7.67 -37.46 11.05
N VAL A 341 7.26 -36.57 10.16
CA VAL A 341 6.22 -35.57 10.46
C VAL A 341 5.12 -35.58 9.40
N ILE A 342 3.88 -35.69 9.85
CA ILE A 342 2.74 -35.63 8.95
C ILE A 342 1.99 -34.32 9.18
N VAL A 343 1.89 -33.49 8.15
CA VAL A 343 1.12 -32.27 8.28
C VAL A 343 -0.33 -32.49 7.85
N MET A 344 -1.22 -32.36 8.82
CA MET A 344 -2.66 -32.36 8.61
C MET A 344 -3.17 -30.93 8.61
N ALA A 345 -4.25 -30.69 7.87
CA ALA A 345 -4.91 -29.38 7.87
C ALA A 345 -6.35 -29.47 7.39
N ALA A 346 -7.11 -28.40 7.59
CA ALA A 346 -8.54 -28.43 7.35
C ALA A 346 -9.14 -27.08 6.95
N THR A 347 -10.07 -27.12 5.99
CA THR A 347 -10.80 -25.94 5.55
C THR A 347 -12.23 -26.32 5.19
N ASN A 348 -13.11 -25.32 5.13
CA ASN A 348 -14.45 -25.53 4.61
C ASN A 348 -14.59 -24.86 3.25
N ARG A 349 -13.47 -24.36 2.73
CA ARG A 349 -13.41 -23.73 1.43
C ARG A 349 -12.15 -24.21 0.71
N PRO A 350 -12.09 -25.49 0.31
CA PRO A 350 -10.86 -26.01 -0.29
C PRO A 350 -10.43 -25.25 -1.54
N ASN A 351 -11.39 -24.85 -2.36
CA ASN A 351 -11.07 -24.29 -3.67
C ASN A 351 -10.33 -22.95 -3.65
N SER A 352 -10.37 -22.25 -2.53
CA SER A 352 -9.72 -20.94 -2.42
C SER A 352 -8.27 -21.02 -1.92
N ILE A 353 -7.84 -22.24 -1.61
CA ILE A 353 -6.47 -22.46 -1.15
C ILE A 353 -5.56 -22.52 -2.37
N ASP A 354 -4.42 -21.84 -2.29
CA ASP A 354 -3.42 -21.84 -3.37
C ASP A 354 -3.06 -23.26 -3.80
N PRO A 355 -3.32 -23.59 -5.08
CA PRO A 355 -3.12 -24.92 -5.65
C PRO A 355 -1.72 -25.48 -5.49
N ALA A 356 -0.71 -24.60 -5.38
CA ALA A 356 0.68 -25.04 -5.20
C ALA A 356 0.82 -25.95 -3.99
N LEU A 357 -0.06 -25.74 -3.01
CA LEU A 357 -0.07 -26.53 -1.80
C LEU A 357 -0.77 -27.87 -1.95
N ARG A 358 -1.40 -28.12 -3.10
CA ARG A 358 -2.07 -29.39 -3.30
C ARG A 358 -1.36 -30.24 -4.33
N ARG A 359 -0.20 -29.74 -4.75
CA ARG A 359 0.70 -30.43 -5.63
C ARG A 359 1.24 -31.64 -4.91
N PHE A 360 1.70 -32.63 -5.67
CA PHE A 360 2.27 -33.87 -5.12
C PHE A 360 3.42 -33.61 -4.16
N GLY A 361 3.39 -34.26 -3.00
CA GLY A 361 4.44 -34.11 -2.01
C GLY A 361 4.15 -33.00 -1.01
N ARG A 362 3.02 -32.32 -1.19
CA ARG A 362 2.56 -31.33 -0.25
C ARG A 362 1.30 -31.86 0.40
N PHE A 363 0.18 -31.14 0.28
CA PHE A 363 -1.11 -31.66 0.70
C PHE A 363 -1.67 -32.38 -0.51
N ASP A 364 -1.33 -33.66 -0.63
CA ASP A 364 -1.62 -34.42 -1.82
C ASP A 364 -2.54 -35.59 -1.50
N ARG A 365 -3.19 -35.51 -0.33
CA ARG A 365 -4.28 -36.42 0.04
C ARG A 365 -5.41 -35.63 0.70
N GLU A 366 -6.62 -35.93 0.27
CA GLU A 366 -7.79 -35.25 0.79
C GLU A 366 -8.68 -36.21 1.54
N VAL A 367 -9.27 -35.74 2.63
CA VAL A 367 -10.33 -36.46 3.29
C VAL A 367 -11.53 -35.53 3.35
N ASP A 368 -12.53 -35.86 2.55
CA ASP A 368 -13.77 -35.11 2.51
C ASP A 368 -14.57 -35.51 3.72
N ILE A 369 -15.12 -34.52 4.42
CA ILE A 369 -15.82 -34.74 5.67
C ILE A 369 -17.23 -34.21 5.45
N GLY A 370 -18.03 -34.97 4.71
CA GLY A 370 -19.30 -34.47 4.20
C GLY A 370 -20.44 -34.47 5.19
N ILE A 371 -21.63 -34.08 4.70
CA ILE A 371 -22.88 -34.19 5.43
C ILE A 371 -23.03 -35.61 5.95
N PRO A 372 -23.63 -35.78 7.16
CA PRO A 372 -23.91 -37.14 7.58
C PRO A 372 -25.27 -37.62 7.08
N ASP A 373 -25.41 -38.93 6.87
CA ASP A 373 -26.66 -39.53 6.45
C ASP A 373 -27.51 -39.83 7.68
N ALA A 374 -28.68 -40.43 7.45
CA ALA A 374 -29.64 -40.72 8.52
C ALA A 374 -28.99 -41.32 9.77
N THR A 375 -28.25 -42.42 9.61
CA THR A 375 -27.65 -43.11 10.74
C THR A 375 -26.53 -42.32 11.42
N GLY A 376 -25.78 -41.56 10.62
CA GLY A 376 -24.77 -40.64 11.15
C GLY A 376 -25.40 -39.68 12.14
N ARG A 377 -26.46 -39.01 11.72
CA ARG A 377 -27.21 -38.11 12.59
C ARG A 377 -27.57 -38.81 13.90
N LEU A 378 -28.11 -40.03 13.78
CA LEU A 378 -28.45 -40.83 14.94
C LEU A 378 -27.23 -41.05 15.84
N GLU A 379 -26.08 -41.36 15.23
CA GLU A 379 -24.82 -41.53 15.95
C GLU A 379 -24.50 -40.30 16.78
N ILE A 380 -24.42 -39.16 16.10
CA ILE A 380 -24.14 -37.87 16.70
C ILE A 380 -25.11 -37.56 17.85
N LEU A 381 -26.40 -37.64 17.57
CA LEU A 381 -27.45 -37.36 18.55
C LEU A 381 -27.23 -38.14 19.84
N GLN A 382 -26.81 -39.39 19.70
CA GLN A 382 -26.44 -40.23 20.84
C GLN A 382 -25.25 -39.65 21.58
N ILE A 383 -24.19 -39.33 20.84
CA ILE A 383 -22.96 -38.80 21.45
C ILE A 383 -23.23 -37.51 22.22
N HIS A 384 -24.13 -36.67 21.71
CA HIS A 384 -24.44 -35.41 22.37
C HIS A 384 -25.24 -35.60 23.65
N THR A 385 -26.29 -36.40 23.55
CA THR A 385 -27.24 -36.53 24.65
C THR A 385 -26.69 -37.42 25.77
N LYS A 386 -25.50 -38.00 25.55
CA LYS A 386 -24.91 -38.95 26.51
C LYS A 386 -24.76 -38.40 27.94
N ASN A 387 -24.77 -37.08 28.09
CA ASN A 387 -24.71 -36.51 29.43
C ASN A 387 -25.85 -35.55 29.73
N MET A 388 -26.93 -35.69 28.97
CA MET A 388 -28.09 -34.85 29.15
C MET A 388 -29.20 -35.60 29.87
N LYS A 389 -30.08 -34.85 30.54
CA LYS A 389 -31.23 -35.44 31.22
C LYS A 389 -32.38 -35.55 30.23
N LEU A 390 -32.65 -36.77 29.75
CA LEU A 390 -33.71 -37.01 28.78
C LEU A 390 -34.85 -37.82 29.36
N ALA A 391 -36.08 -37.42 29.03
CA ALA A 391 -37.26 -38.19 29.36
C ALA A 391 -37.24 -39.52 28.61
N ASP A 392 -38.02 -40.49 29.09
CA ASP A 392 -38.12 -41.79 28.45
C ASP A 392 -38.82 -41.71 27.10
N ASP A 393 -39.72 -40.74 26.98
CA ASP A 393 -40.55 -40.59 25.79
C ASP A 393 -39.77 -40.03 24.58
N VAL A 394 -38.45 -39.92 24.73
CA VAL A 394 -37.59 -39.33 23.69
C VAL A 394 -37.00 -40.40 22.76
N ASP A 395 -37.35 -40.29 21.48
CA ASP A 395 -36.95 -41.23 20.44
C ASP A 395 -35.98 -40.53 19.51
N LEU A 396 -34.70 -40.88 19.58
CA LEU A 396 -33.68 -40.21 18.78
C LEU A 396 -33.72 -40.62 17.31
N GLU A 397 -34.11 -41.87 17.05
CA GLU A 397 -34.34 -42.37 15.68
C GLU A 397 -35.28 -41.46 14.90
N GLN A 398 -36.31 -40.98 15.61
CA GLN A 398 -37.26 -40.04 15.04
C GLN A 398 -36.55 -38.77 14.61
N VAL A 399 -35.95 -38.09 15.59
CA VAL A 399 -35.09 -36.93 15.38
C VAL A 399 -34.19 -37.17 14.17
N ALA A 400 -33.37 -38.21 14.26
CA ALA A 400 -32.46 -38.58 13.16
C ALA A 400 -33.14 -38.47 11.79
N ASN A 401 -34.29 -39.11 11.64
CA ASN A 401 -35.05 -39.08 10.38
C ASN A 401 -35.57 -37.71 9.97
N GLU A 402 -36.01 -36.93 10.96
CA GLU A 402 -36.59 -35.63 10.71
C GLU A 402 -35.56 -34.54 10.45
N THR A 403 -34.30 -34.82 10.78
CA THR A 403 -33.25 -33.80 10.67
C THR A 403 -32.49 -33.93 9.36
N HIS A 404 -33.17 -33.74 8.24
CA HIS A 404 -32.49 -33.84 6.94
C HIS A 404 -31.52 -32.68 6.70
N GLY A 405 -30.35 -33.01 6.19
CA GLY A 405 -29.39 -31.98 5.83
C GLY A 405 -28.77 -31.25 7.01
N HIS A 406 -29.00 -31.72 8.23
CA HIS A 406 -28.28 -31.18 9.37
C HIS A 406 -26.89 -31.75 9.36
N VAL A 407 -25.97 -31.01 9.96
CA VAL A 407 -24.65 -31.52 10.20
C VAL A 407 -24.43 -31.60 11.71
N GLY A 408 -23.24 -32.05 12.09
CA GLY A 408 -22.87 -32.14 13.49
C GLY A 408 -23.25 -30.91 14.29
N ALA A 409 -22.90 -29.74 13.78
CA ALA A 409 -23.11 -28.50 14.53
C ALA A 409 -24.59 -28.13 14.58
N ASP A 410 -25.31 -28.46 13.52
CA ASP A 410 -26.76 -28.25 13.47
C ASP A 410 -27.43 -29.05 14.55
N LEU A 411 -27.01 -30.30 14.69
CA LEU A 411 -27.58 -31.19 15.69
C LEU A 411 -27.30 -30.69 17.11
N ALA A 412 -26.03 -30.44 17.44
CA ALA A 412 -25.65 -29.83 18.71
C ALA A 412 -26.57 -28.66 19.04
N ALA A 413 -26.68 -27.72 18.11
CA ALA A 413 -27.56 -26.57 18.29
C ALA A 413 -28.96 -27.03 18.68
N LEU A 414 -29.51 -27.98 17.91
CA LEU A 414 -30.84 -28.52 18.17
C LEU A 414 -30.99 -28.94 19.63
N CYS A 415 -30.12 -29.85 20.08
CA CYS A 415 -30.10 -30.27 21.48
C CYS A 415 -30.06 -29.08 22.42
N SER A 416 -29.13 -28.16 22.23
CA SER A 416 -29.05 -26.97 23.07
C SER A 416 -30.39 -26.24 23.12
N GLU A 417 -31.02 -26.06 21.96
CA GLU A 417 -32.34 -25.43 21.88
C GLU A 417 -33.46 -26.12 22.66
N ALA A 418 -33.60 -27.44 22.54
CA ALA A 418 -34.66 -28.16 23.27
C ALA A 418 -34.44 -28.10 24.78
N ALA A 419 -33.17 -28.24 25.18
CA ALA A 419 -32.73 -28.09 26.56
C ALA A 419 -33.26 -26.78 27.16
N LEU A 420 -33.08 -25.69 26.42
CA LEU A 420 -33.59 -24.40 26.82
C LEU A 420 -35.11 -24.50 26.98
N GLN A 421 -35.81 -24.81 25.89
CA GLN A 421 -37.25 -25.05 25.90
C GLN A 421 -37.67 -25.81 27.15
N ALA A 422 -36.94 -26.88 27.46
CA ALA A 422 -37.17 -27.57 28.72
C ALA A 422 -37.02 -26.61 29.91
N ILE A 423 -35.86 -25.95 30.03
CA ILE A 423 -35.64 -24.96 31.10
C ILE A 423 -36.75 -23.92 31.09
N ARG A 424 -37.15 -23.52 29.88
CA ARG A 424 -38.24 -22.56 29.68
C ARG A 424 -39.54 -22.98 30.38
N LYS A 425 -39.86 -24.27 30.34
CA LYS A 425 -41.10 -24.79 30.96
C LYS A 425 -41.10 -24.70 32.48
N LYS A 426 -39.94 -24.36 33.06
CA LYS A 426 -39.82 -24.14 34.50
C LYS A 426 -39.78 -22.67 34.84
N MET A 427 -39.92 -21.82 33.82
CA MET A 427 -39.69 -20.39 33.97
C MET A 427 -40.77 -19.58 34.69
N ASP A 428 -41.97 -20.13 34.83
CA ASP A 428 -42.98 -19.48 35.66
C ASP A 428 -42.77 -19.89 37.12
N LEU A 429 -42.39 -21.15 37.32
CA LEU A 429 -41.99 -21.63 38.65
C LEU A 429 -40.80 -20.84 39.21
N ILE A 430 -39.91 -20.36 38.35
CA ILE A 430 -38.70 -19.65 38.78
C ILE A 430 -38.72 -18.19 38.39
N ASP A 431 -38.12 -17.34 39.24
CA ASP A 431 -37.85 -15.95 38.88
C ASP A 431 -36.34 -15.75 38.71
N LEU A 432 -35.97 -15.01 37.67
CA LEU A 432 -34.58 -14.70 37.37
C LEU A 432 -33.88 -14.11 38.60
N GLU A 433 -34.66 -13.48 39.46
CA GLU A 433 -34.15 -12.66 40.55
C GLU A 433 -33.57 -13.49 41.69
N ASP A 434 -34.17 -14.65 41.93
CA ASP A 434 -33.83 -15.50 43.08
C ASP A 434 -32.35 -15.76 43.21
N GLU A 435 -31.85 -15.76 44.45
CA GLU A 435 -30.45 -15.99 44.72
C GLU A 435 -30.05 -17.44 44.43
N THR A 436 -30.94 -18.37 44.80
CA THR A 436 -30.75 -19.79 44.52
C THR A 436 -32.04 -20.44 44.02
N ILE A 437 -31.92 -21.60 43.38
CA ILE A 437 -33.07 -22.29 42.77
C ILE A 437 -33.59 -23.41 43.65
N ASP A 438 -34.92 -23.49 43.77
CA ASP A 438 -35.61 -24.58 44.45
C ASP A 438 -35.03 -25.93 44.03
N ALA A 439 -34.41 -26.62 44.98
CA ALA A 439 -33.65 -27.84 44.71
C ALA A 439 -34.48 -29.02 44.17
N GLU A 440 -35.78 -29.02 44.46
CA GLU A 440 -36.68 -30.04 43.93
C GLU A 440 -36.80 -29.93 42.41
N VAL A 441 -37.22 -28.75 41.95
CA VAL A 441 -37.48 -28.51 40.53
C VAL A 441 -36.25 -28.89 39.71
N MET A 442 -35.09 -28.42 40.15
CA MET A 442 -33.80 -28.78 39.56
C MET A 442 -33.72 -30.26 39.19
N ASN A 443 -34.13 -31.13 40.10
CA ASN A 443 -34.08 -32.57 39.87
C ASN A 443 -35.15 -33.06 38.92
N SER A 444 -36.28 -32.35 38.89
CA SER A 444 -37.40 -32.68 38.01
C SER A 444 -37.10 -32.39 36.54
N LEU A 445 -36.09 -31.56 36.29
CA LEU A 445 -35.78 -31.04 34.95
C LEU A 445 -35.24 -32.11 34.00
N ALA A 446 -35.92 -32.25 32.86
CA ALA A 446 -35.49 -33.17 31.81
C ALA A 446 -36.04 -32.73 30.45
N VAL A 447 -35.35 -33.11 29.39
CA VAL A 447 -35.77 -32.79 28.04
C VAL A 447 -36.79 -33.80 27.55
N THR A 448 -38.04 -33.37 27.51
CA THR A 448 -39.13 -34.17 26.95
C THR A 448 -38.99 -34.22 25.44
N MET A 449 -39.53 -35.27 24.83
CA MET A 449 -39.64 -35.35 23.37
C MET A 449 -40.35 -34.13 22.78
N ASP A 450 -41.36 -33.62 23.48
CA ASP A 450 -42.02 -32.40 23.02
C ASP A 450 -41.00 -31.27 22.83
N ASP A 451 -40.17 -31.03 23.85
CA ASP A 451 -39.04 -30.08 23.75
C ASP A 451 -38.31 -30.23 22.42
N PHE A 452 -37.91 -31.45 22.08
CA PHE A 452 -37.29 -31.71 20.79
C PHE A 452 -38.15 -31.24 19.64
N ARG A 453 -39.42 -31.64 19.61
CA ARG A 453 -40.30 -31.20 18.51
C ARG A 453 -40.35 -29.68 18.36
N TRP A 454 -40.31 -28.96 19.48
CA TRP A 454 -40.17 -27.49 19.39
C TRP A 454 -38.85 -27.12 18.72
N ALA A 455 -37.74 -27.60 19.26
CA ALA A 455 -36.43 -27.28 18.70
C ALA A 455 -36.44 -27.58 17.20
N LEU A 456 -36.92 -28.78 16.84
CA LEU A 456 -37.11 -29.20 15.45
C LEU A 456 -37.89 -28.20 14.59
N SER A 457 -38.96 -27.63 15.15
CA SER A 457 -39.80 -26.69 14.40
C SER A 457 -39.07 -25.38 14.10
N GLN A 458 -37.91 -25.19 14.74
CA GLN A 458 -37.16 -23.94 14.67
C GLN A 458 -35.89 -24.05 13.83
N SER A 459 -35.53 -25.29 13.48
CA SER A 459 -34.24 -25.60 12.87
C SER A 459 -33.97 -24.89 11.55
N ASN A 460 -32.71 -24.95 11.10
CA ASN A 460 -32.24 -24.17 9.97
C ASN A 460 -31.23 -24.89 9.05
N PRO A 461 -31.08 -24.41 7.80
CA PRO A 461 -29.99 -24.90 6.94
C PRO A 461 -28.60 -24.77 7.58
N SER A 462 -27.64 -25.51 7.04
CA SER A 462 -26.28 -25.59 7.59
C SER A 462 -25.51 -24.26 7.58
N LEU B 12 -45.64 -17.53 27.72
CA LEU B 12 -45.48 -18.96 27.31
C LEU B 12 -44.02 -19.28 26.97
N SER B 13 -43.36 -18.31 26.36
CA SER B 13 -41.95 -18.37 26.01
C SER B 13 -41.35 -17.07 26.48
N THR B 14 -42.25 -16.22 26.98
CA THR B 14 -41.91 -14.96 27.62
C THR B 14 -41.94 -15.17 29.13
N ALA B 15 -41.92 -16.45 29.51
CA ALA B 15 -42.06 -16.86 30.91
C ALA B 15 -41.03 -16.23 31.84
N ILE B 16 -39.78 -16.17 31.38
CA ILE B 16 -38.66 -15.65 32.17
C ILE B 16 -38.88 -14.20 32.63
N LEU B 17 -39.86 -13.54 32.04
CA LEU B 17 -40.09 -12.13 32.28
C LEU B 17 -41.12 -11.85 33.38
N LYS B 18 -42.22 -12.59 33.37
CA LYS B 18 -43.24 -12.43 34.39
C LYS B 18 -42.64 -12.78 35.74
N GLN B 19 -42.48 -11.77 36.58
CA GLN B 19 -41.91 -11.97 37.91
C GLN B 19 -42.95 -12.57 38.86
N LYS B 20 -42.46 -13.16 39.94
CA LYS B 20 -43.26 -14.07 40.76
C LYS B 20 -43.78 -13.43 42.03
N ASN B 21 -44.94 -13.92 42.48
CA ASN B 21 -45.43 -13.62 43.80
C ASN B 21 -44.47 -14.27 44.80
N ARG B 22 -43.87 -13.46 45.65
CA ARG B 22 -42.91 -13.94 46.64
C ARG B 22 -43.12 -13.25 47.99
N PRO B 23 -42.81 -13.97 49.10
CA PRO B 23 -42.90 -13.48 50.47
C PRO B 23 -42.57 -11.99 50.66
N ASN B 24 -41.52 -11.52 49.99
CA ASN B 24 -41.01 -10.17 50.23
C ASN B 24 -40.87 -9.30 48.98
N ARG B 25 -41.74 -9.53 48.01
CA ARG B 25 -41.94 -8.58 46.93
C ARG B 25 -43.16 -7.74 47.28
N LEU B 26 -42.91 -6.49 47.67
CA LEU B 26 -43.97 -5.59 48.13
C LEU B 26 -44.09 -4.34 47.27
N ILE B 27 -45.33 -3.93 47.03
CA ILE B 27 -45.64 -2.75 46.21
C ILE B 27 -45.36 -1.46 47.00
N VAL B 28 -44.79 -0.47 46.32
CA VAL B 28 -44.42 0.79 46.97
C VAL B 28 -45.59 1.76 47.13
N ASP B 29 -46.05 1.90 48.37
CA ASP B 29 -47.09 2.84 48.74
C ASP B 29 -46.46 4.07 49.40
N GLU B 30 -47.07 5.23 49.15
CA GLU B 30 -46.66 6.51 49.75
C GLU B 30 -46.51 6.37 51.26
N ALA B 31 -45.51 7.03 51.82
CA ALA B 31 -45.21 6.95 53.25
C ALA B 31 -46.14 7.80 54.10
N ILE B 32 -46.48 7.28 55.28
CA ILE B 32 -47.13 8.08 56.32
C ILE B 32 -46.07 8.78 57.17
N ASN B 33 -45.20 7.99 57.80
CA ASN B 33 -44.03 8.53 58.48
C ASN B 33 -43.08 9.12 57.46
N GLU B 34 -42.69 10.36 57.68
CA GLU B 34 -42.06 11.17 56.64
C GLU B 34 -40.54 11.08 56.60
N ASP B 35 -39.95 10.21 57.42
CA ASP B 35 -38.50 10.18 57.57
C ASP B 35 -37.71 9.33 56.57
N ASN B 36 -36.64 9.92 56.07
CA ASN B 36 -35.71 9.30 55.12
C ASN B 36 -35.28 7.86 55.44
N SER B 37 -35.02 7.59 56.71
CA SER B 37 -34.51 6.27 57.09
C SER B 37 -35.61 5.28 57.49
N VAL B 38 -36.86 5.63 57.20
CA VAL B 38 -37.98 4.84 57.70
C VAL B 38 -38.77 4.11 56.60
N VAL B 39 -39.15 2.87 56.87
CA VAL B 39 -40.04 2.12 55.98
C VAL B 39 -41.19 1.43 56.71
N SER B 40 -42.40 1.66 56.20
CA SER B 40 -43.62 1.12 56.79
C SER B 40 -43.97 -0.27 56.29
N LEU B 41 -44.38 -1.13 57.22
CA LEU B 41 -44.86 -2.46 56.92
C LEU B 41 -46.05 -2.87 57.79
N SER B 42 -46.95 -3.67 57.23
CA SER B 42 -48.01 -4.27 58.03
C SER B 42 -47.37 -5.17 59.07
N GLN B 43 -47.96 -5.20 60.26
CA GLN B 43 -47.53 -6.13 61.30
C GLN B 43 -47.67 -7.59 60.83
N PRO B 44 -48.84 -7.96 60.25
CA PRO B 44 -49.00 -9.33 59.75
C PRO B 44 -47.87 -9.78 58.82
N LYS B 45 -47.30 -8.84 58.07
CA LYS B 45 -46.16 -9.14 57.19
C LYS B 45 -44.83 -9.22 57.96
N MET B 46 -44.54 -8.21 58.79
CA MET B 46 -43.29 -8.15 59.55
C MET B 46 -42.93 -9.46 60.25
N ASP B 47 -43.95 -10.17 60.72
CA ASP B 47 -43.77 -11.46 61.37
C ASP B 47 -43.41 -12.52 60.35
N GLU B 48 -44.22 -12.62 59.30
CA GLU B 48 -44.00 -13.57 58.21
C GLU B 48 -42.53 -13.59 57.77
N LEU B 49 -41.90 -12.42 57.80
CA LEU B 49 -40.52 -12.26 57.38
C LEU B 49 -39.55 -12.21 58.56
N GLN B 50 -40.06 -12.50 59.75
CA GLN B 50 -39.25 -12.56 60.97
C GLN B 50 -38.48 -11.26 61.19
N LEU B 51 -39.20 -10.14 61.09
CA LEU B 51 -38.59 -8.83 61.19
C LEU B 51 -39.13 -8.04 62.37
N PHE B 52 -38.24 -7.83 63.34
CA PHE B 52 -38.57 -7.09 64.55
C PHE B 52 -38.44 -5.58 64.29
N ARG B 53 -39.06 -4.79 65.15
CA ARG B 53 -39.08 -3.34 64.98
C ARG B 53 -37.69 -2.74 65.19
N GLY B 54 -37.38 -1.71 64.40
CA GLY B 54 -36.08 -1.05 64.49
C GLY B 54 -34.91 -1.83 63.93
N ASP B 55 -35.21 -2.96 63.28
CA ASP B 55 -34.21 -3.73 62.55
C ASP B 55 -33.83 -2.97 61.28
N THR B 56 -32.55 -3.01 60.94
CA THR B 56 -32.05 -2.31 59.75
C THR B 56 -32.06 -3.25 58.54
N VAL B 57 -32.81 -2.86 57.52
CA VAL B 57 -33.07 -3.73 56.36
C VAL B 57 -32.39 -3.28 55.07
N LEU B 58 -32.27 -4.20 54.13
CA LEU B 58 -31.74 -3.92 52.79
C LEU B 58 -32.82 -4.03 51.70
N LEU B 59 -32.86 -3.01 50.85
CA LEU B 59 -33.91 -2.86 49.85
C LEU B 59 -33.32 -2.83 48.44
N LYS B 60 -33.86 -3.66 47.57
CA LYS B 60 -33.39 -3.73 46.17
C LYS B 60 -34.44 -3.14 45.24
N GLY B 61 -34.01 -2.22 44.38
CA GLY B 61 -34.92 -1.52 43.48
C GLY B 61 -34.78 -1.92 42.01
N LYS B 62 -34.64 -0.92 41.15
CA LYS B 62 -34.42 -1.15 39.73
C LYS B 62 -33.00 -0.77 39.33
N LYS B 63 -32.54 -1.28 38.19
CA LYS B 63 -31.19 -0.99 37.72
C LYS B 63 -30.20 -1.15 38.86
N ARG B 64 -30.31 -2.27 39.58
CA ARG B 64 -29.33 -2.65 40.60
C ARG B 64 -29.12 -1.57 41.67
N ARG B 65 -30.14 -0.74 41.91
CA ARG B 65 -30.07 0.24 42.97
C ARG B 65 -30.44 -0.40 44.30
N GLU B 66 -29.83 0.11 45.38
CA GLU B 66 -29.97 -0.43 46.73
C GLU B 66 -30.19 0.68 47.74
N ALA B 67 -31.07 0.44 48.72
CA ALA B 67 -31.29 1.39 49.80
C ALA B 67 -31.24 0.69 51.17
N VAL B 68 -30.83 1.42 52.18
CA VAL B 68 -30.75 0.90 53.55
C VAL B 68 -31.57 1.73 54.52
N CYS B 69 -32.45 1.04 55.23
CA CYS B 69 -33.43 1.70 56.08
C CYS B 69 -33.63 0.99 57.41
N ILE B 70 -34.45 1.61 58.26
CA ILE B 70 -34.90 1.00 59.50
C ILE B 70 -36.41 0.73 59.35
N VAL B 71 -36.87 -0.39 59.91
CA VAL B 71 -38.25 -0.85 59.67
C VAL B 71 -39.16 -0.76 60.90
N LEU B 72 -40.37 -0.25 60.68
CA LEU B 72 -41.39 -0.13 61.70
C LEU B 72 -42.74 -0.62 61.17
N SER B 73 -43.63 -0.96 62.09
CA SER B 73 -44.98 -1.43 61.73
C SER B 73 -45.99 -0.28 61.57
N ASP B 74 -46.73 -0.33 60.47
CA ASP B 74 -47.84 0.60 60.21
C ASP B 74 -49.17 -0.14 60.24
N ASP B 75 -50.09 0.36 61.05
CA ASP B 75 -51.44 -0.18 61.14
C ASP B 75 -52.19 0.02 59.82
N THR B 76 -52.00 1.20 59.22
CA THR B 76 -52.70 1.58 57.99
C THR B 76 -52.14 0.95 56.70
N CYS B 77 -51.03 0.21 56.84
CA CYS B 77 -50.32 -0.39 55.69
C CYS B 77 -50.75 -1.83 55.35
N SER B 78 -51.17 -2.04 54.10
CA SER B 78 -51.53 -3.37 53.59
C SER B 78 -50.39 -4.37 53.77
N ASP B 79 -50.71 -5.65 53.88
CA ASP B 79 -49.71 -6.70 54.09
C ASP B 79 -48.62 -6.71 53.02
N GLU B 80 -49.03 -6.84 51.76
CA GLU B 80 -48.14 -6.94 50.61
C GLU B 80 -47.84 -5.57 49.99
N LYS B 81 -48.01 -4.51 50.79
CA LYS B 81 -47.54 -3.16 50.44
C LYS B 81 -46.47 -2.64 51.42
N ILE B 82 -45.68 -1.64 50.97
CA ILE B 82 -44.66 -0.98 51.81
C ILE B 82 -44.61 0.54 51.58
N ARG B 83 -44.47 1.29 52.66
CA ARG B 83 -44.35 2.75 52.55
C ARG B 83 -42.91 3.26 52.67
N MET B 84 -42.58 4.18 51.76
CA MET B 84 -41.31 4.89 51.76
C MET B 84 -41.56 6.28 51.18
N ASN B 85 -40.74 7.24 51.60
CA ASN B 85 -40.90 8.61 51.12
C ASN B 85 -40.35 8.68 49.71
N ARG B 86 -40.41 9.86 49.11
CA ARG B 86 -39.85 10.08 47.79
C ARG B 86 -38.28 9.97 47.78
N VAL B 87 -37.66 10.42 48.88
CA VAL B 87 -36.20 10.35 48.97
C VAL B 87 -35.76 8.91 48.80
N VAL B 88 -36.56 8.01 49.37
CA VAL B 88 -36.30 6.57 49.33
C VAL B 88 -36.71 6.00 48.00
N ARG B 89 -37.73 6.60 47.44
CA ARG B 89 -38.25 6.14 46.18
C ARG B 89 -37.23 6.49 45.12
N ASN B 90 -36.54 7.61 45.36
CA ASN B 90 -35.45 8.04 44.50
C ASN B 90 -34.19 7.19 44.52
N ASN B 91 -33.75 6.74 45.69
CA ASN B 91 -32.50 5.97 45.70
C ASN B 91 -32.73 4.57 45.14
N LEU B 92 -33.95 4.10 45.30
CA LEU B 92 -34.34 2.81 44.74
C LEU B 92 -34.74 2.88 43.27
N ARG B 93 -34.83 4.11 42.73
CA ARG B 93 -35.24 4.35 41.34
C ARG B 93 -36.59 3.72 40.98
N VAL B 94 -37.60 3.96 41.84
CA VAL B 94 -38.95 3.43 41.62
C VAL B 94 -40.05 4.47 41.77
N ARG B 95 -41.05 4.37 40.91
CA ARG B 95 -42.26 5.16 41.06
C ARG B 95 -43.19 4.42 42.03
N LEU B 96 -44.08 5.17 42.68
CA LEU B 96 -45.12 4.54 43.49
C LEU B 96 -45.90 3.54 42.63
N GLY B 97 -46.13 2.35 43.16
CA GLY B 97 -46.79 1.28 42.42
C GLY B 97 -45.87 0.18 41.89
N ASP B 98 -44.57 0.47 41.86
CA ASP B 98 -43.54 -0.54 41.55
C ASP B 98 -43.37 -1.51 42.73
N VAL B 99 -42.45 -2.47 42.58
CA VAL B 99 -42.30 -3.54 43.56
C VAL B 99 -40.81 -3.73 43.95
N ILE B 100 -40.53 -4.04 45.21
CA ILE B 100 -39.14 -4.19 45.67
C ILE B 100 -38.84 -5.46 46.48
N SER B 101 -37.55 -5.73 46.63
CA SER B 101 -37.09 -6.78 47.51
C SER B 101 -36.76 -6.18 48.87
N ILE B 102 -37.28 -6.81 49.92
CA ILE B 102 -36.84 -6.47 51.27
C ILE B 102 -36.12 -7.67 51.87
N GLN B 103 -35.02 -7.39 52.55
CA GLN B 103 -34.08 -8.40 52.96
C GLN B 103 -33.50 -7.98 54.31
N PRO B 104 -33.28 -8.95 55.22
CA PRO B 104 -32.68 -8.60 56.50
C PRO B 104 -31.20 -8.25 56.36
N CYS B 105 -30.82 -7.10 56.89
CA CYS B 105 -29.43 -6.66 56.81
C CYS B 105 -28.81 -6.62 58.22
N PRO B 106 -28.33 -7.78 58.71
CA PRO B 106 -28.05 -7.90 60.13
C PRO B 106 -26.65 -7.47 60.57
N ASP B 107 -25.66 -7.68 59.70
CA ASP B 107 -24.25 -7.54 60.04
C ASP B 107 -23.69 -6.13 59.80
N VAL B 108 -24.57 -5.14 59.74
CA VAL B 108 -24.17 -3.75 59.50
C VAL B 108 -23.22 -3.27 60.60
N LYS B 109 -22.12 -2.65 60.17
CA LYS B 109 -21.09 -2.17 61.09
C LYS B 109 -21.29 -0.68 61.32
N TYR B 110 -20.77 -0.20 62.44
CA TYR B 110 -20.81 1.22 62.77
C TYR B 110 -19.87 2.02 61.87
N GLY B 111 -20.26 3.25 61.54
CA GLY B 111 -19.51 4.08 60.60
C GLY B 111 -18.25 4.68 61.18
N LYS B 112 -17.14 4.46 60.47
CA LYS B 112 -15.84 5.05 60.82
C LYS B 112 -15.78 6.50 60.36
N ARG B 113 -15.90 6.71 59.06
CA ARG B 113 -15.88 8.05 58.46
C ARG B 113 -16.75 8.10 57.21
N ILE B 114 -17.46 9.21 57.03
CA ILE B 114 -18.27 9.43 55.83
C ILE B 114 -17.97 10.77 55.17
N HIS B 115 -17.96 10.77 53.84
CA HIS B 115 -17.74 11.99 53.06
C HIS B 115 -18.99 12.28 52.23
N VAL B 116 -19.57 13.45 52.44
CA VAL B 116 -20.81 13.84 51.76
C VAL B 116 -20.77 15.26 51.21
N LEU B 117 -21.25 15.44 49.99
CA LEU B 117 -21.29 16.76 49.38
C LEU B 117 -22.73 17.19 49.06
N PRO B 118 -23.00 18.50 49.10
CA PRO B 118 -24.31 19.03 48.73
C PRO B 118 -24.43 19.23 47.23
N ILE B 119 -25.66 19.32 46.73
CA ILE B 119 -25.89 19.59 45.30
C ILE B 119 -25.88 21.09 45.03
N ASP B 120 -25.14 21.47 43.99
CA ASP B 120 -24.89 22.86 43.60
C ASP B 120 -26.12 23.79 43.61
N ASP B 121 -27.22 23.34 43.02
CA ASP B 121 -28.41 24.18 42.90
C ASP B 121 -29.29 24.14 44.15
N THR B 122 -28.71 23.69 45.26
CA THR B 122 -29.41 23.63 46.53
C THR B 122 -28.59 24.34 47.61
N VAL B 123 -27.58 25.08 47.18
CA VAL B 123 -26.69 25.81 48.10
C VAL B 123 -26.37 27.24 47.66
N GLU B 124 -26.96 27.67 46.54
CA GLU B 124 -26.84 29.06 46.09
C GLU B 124 -27.36 29.94 47.21
N GLY B 125 -26.47 30.73 47.80
CA GLY B 125 -26.80 31.50 48.99
C GLY B 125 -25.83 31.19 50.13
N ILE B 126 -26.26 31.49 51.36
CA ILE B 126 -25.42 31.35 52.56
C ILE B 126 -24.74 29.99 52.69
N THR B 127 -23.49 30.02 53.16
CA THR B 127 -22.76 28.82 53.58
C THR B 127 -22.92 28.66 55.09
N GLY B 128 -22.51 29.70 55.84
CA GLY B 128 -22.47 29.64 57.30
C GLY B 128 -21.67 28.43 57.74
N ASN B 129 -22.39 27.36 58.07
CA ASN B 129 -21.80 26.04 58.28
C ASN B 129 -22.81 24.95 57.97
N LEU B 130 -22.52 24.18 56.92
CA LEU B 130 -23.41 23.12 56.45
C LEU B 130 -23.51 21.97 57.45
N PHE B 131 -22.38 21.61 58.06
CA PHE B 131 -22.38 20.56 59.06
C PHE B 131 -23.25 20.93 60.24
N GLU B 132 -23.07 22.16 60.72
CA GLU B 132 -23.77 22.63 61.92
C GLU B 132 -25.28 22.72 61.67
N VAL B 133 -25.66 23.55 60.70
CA VAL B 133 -27.06 23.81 60.40
C VAL B 133 -27.82 22.56 59.96
N TYR B 134 -27.18 21.72 59.16
CA TYR B 134 -27.88 20.65 58.47
C TYR B 134 -27.56 19.23 58.93
N LEU B 135 -26.30 18.85 58.82
CA LEU B 135 -25.90 17.47 59.05
C LEU B 135 -25.93 17.08 60.53
N LYS B 136 -25.21 17.86 61.34
CA LYS B 136 -25.14 17.58 62.79
C LYS B 136 -26.49 17.21 63.40
N PRO B 137 -27.54 18.05 63.20
CA PRO B 137 -28.85 17.73 63.77
C PRO B 137 -29.51 16.49 63.16
N TYR B 138 -29.54 16.41 61.82
CA TYR B 138 -30.13 15.28 61.10
C TYR B 138 -29.57 13.93 61.54
N PHE B 139 -28.31 13.91 61.95
CA PHE B 139 -27.64 12.68 62.36
C PHE B 139 -27.59 12.47 63.87
N LEU B 140 -27.62 13.57 64.62
CA LEU B 140 -27.41 13.54 66.08
C LEU B 140 -28.27 12.51 66.79
N GLU B 141 -27.61 11.52 67.37
CA GLU B 141 -28.26 10.46 68.17
C GLU B 141 -29.28 9.64 67.37
N ALA B 142 -29.15 9.66 66.05
CA ALA B 142 -30.10 9.01 65.16
C ALA B 142 -29.75 7.56 64.83
N TYR B 143 -28.45 7.29 64.65
CA TYR B 143 -27.97 5.95 64.31
C TYR B 143 -28.56 5.48 62.98
N ARG B 144 -28.45 6.34 61.96
CA ARG B 144 -29.05 6.10 60.65
C ARG B 144 -28.24 5.13 59.80
N PRO B 145 -28.93 4.24 59.04
CA PRO B 145 -28.26 3.48 58.01
C PRO B 145 -28.18 4.31 56.73
N ILE B 146 -27.02 4.30 56.07
CA ILE B 146 -26.84 4.99 54.79
C ILE B 146 -25.97 4.16 53.86
N ARG B 147 -26.19 4.32 52.56
CA ARG B 147 -25.42 3.64 51.53
C ARG B 147 -24.62 4.65 50.73
N LYS B 148 -23.50 4.21 50.17
CA LYS B 148 -22.74 5.04 49.23
C LYS B 148 -23.66 5.35 48.05
N GLY B 149 -23.65 6.61 47.62
CA GLY B 149 -24.45 7.03 46.48
C GLY B 149 -25.91 7.31 46.79
N ASP B 150 -26.25 7.38 48.08
CA ASP B 150 -27.58 7.83 48.49
C ASP B 150 -27.65 9.33 48.29
N ILE B 151 -28.79 9.80 47.80
CA ILE B 151 -29.11 11.21 47.82
C ILE B 151 -30.27 11.39 48.80
N PHE B 152 -30.06 12.27 49.78
CA PHE B 152 -31.06 12.51 50.82
C PHE B 152 -31.21 14.00 51.07
N LEU B 153 -32.37 14.39 51.57
CA LEU B 153 -32.72 15.80 51.79
C LEU B 153 -32.75 16.15 53.27
N VAL B 154 -32.17 17.30 53.61
CA VAL B 154 -32.20 17.78 54.99
C VAL B 154 -32.74 19.21 55.02
N ARG B 155 -33.76 19.42 55.83
CA ARG B 155 -34.30 20.74 56.09
C ARG B 155 -33.64 21.33 57.33
N GLY B 156 -33.22 22.59 57.21
CA GLY B 156 -32.59 23.30 58.31
C GLY B 156 -33.09 24.72 58.37
N GLY B 157 -34.07 24.96 59.22
CA GLY B 157 -34.73 26.26 59.31
C GLY B 157 -35.28 26.68 57.96
N MET B 158 -34.68 27.72 57.39
CA MET B 158 -35.17 28.39 56.18
C MET B 158 -35.11 27.57 54.89
N ARG B 159 -34.13 26.67 54.80
CA ARG B 159 -33.91 25.93 53.56
C ARG B 159 -33.90 24.43 53.74
N ALA B 160 -34.10 23.72 52.63
CA ALA B 160 -33.88 22.28 52.56
C ALA B 160 -32.80 22.00 51.52
N VAL B 161 -31.81 21.19 51.89
CA VAL B 161 -30.66 20.94 51.04
C VAL B 161 -30.48 19.45 50.78
N GLU B 162 -30.10 19.11 49.55
CA GLU B 162 -29.83 17.73 49.16
C GLU B 162 -28.35 17.40 49.24
N PHE B 163 -28.04 16.23 49.80
CA PHE B 163 -26.67 15.76 49.94
C PHE B 163 -26.49 14.42 49.27
N LYS B 164 -25.31 14.18 48.71
CA LYS B 164 -24.96 12.88 48.13
C LYS B 164 -23.85 12.24 48.95
N VAL B 165 -24.04 10.96 49.26
CA VAL B 165 -23.05 10.18 49.99
C VAL B 165 -21.93 9.78 49.02
N VAL B 166 -20.83 10.52 49.08
CA VAL B 166 -19.70 10.31 48.17
C VAL B 166 -18.89 9.07 48.53
N GLU B 167 -18.59 8.92 49.82
CA GLU B 167 -17.80 7.79 50.30
C GLU B 167 -18.21 7.39 51.71
N THR B 168 -18.12 6.09 51.99
CA THR B 168 -18.34 5.58 53.35
C THR B 168 -17.20 4.63 53.73
N ASP B 169 -16.89 4.62 55.02
CA ASP B 169 -15.93 3.70 55.58
C ASP B 169 -16.63 3.07 56.77
N PRO B 170 -17.05 1.80 56.66
CA PRO B 170 -16.84 0.85 55.56
C PRO B 170 -17.84 0.97 54.40
N SER B 171 -17.32 0.84 53.18
CA SER B 171 -18.13 0.77 51.98
C SER B 171 -18.80 -0.60 51.95
N PRO B 172 -20.01 -0.69 51.37
CA PRO B 172 -20.83 0.40 50.83
C PRO B 172 -21.81 0.96 51.84
N TYR B 173 -22.10 0.20 52.90
CA TYR B 173 -23.00 0.67 53.97
C TYR B 173 -22.45 0.60 55.39
N CYS B 174 -22.94 1.52 56.21
CA CYS B 174 -22.58 1.68 57.62
C CYS B 174 -23.68 2.44 58.36
N ILE B 175 -23.71 2.27 59.69
CA ILE B 175 -24.61 3.03 60.57
C ILE B 175 -23.90 4.27 61.06
N VAL B 176 -24.59 5.41 61.03
CA VAL B 176 -24.02 6.68 61.49
C VAL B 176 -24.25 6.86 62.99
N ALA B 177 -23.21 6.55 63.77
CA ALA B 177 -23.24 6.65 65.21
C ALA B 177 -22.58 7.96 65.64
N PRO B 178 -22.57 8.26 66.96
CA PRO B 178 -21.93 9.50 67.43
C PRO B 178 -20.42 9.55 67.16
N ASP B 179 -19.78 8.39 67.10
CA ASP B 179 -18.33 8.30 66.86
C ASP B 179 -17.94 8.65 65.43
N THR B 180 -18.91 8.59 64.51
CA THR B 180 -18.66 8.74 63.07
C THR B 180 -18.18 10.15 62.71
N VAL B 181 -16.97 10.23 62.17
CA VAL B 181 -16.42 11.50 61.71
C VAL B 181 -17.03 11.83 60.36
N ILE B 182 -17.60 13.04 60.25
CA ILE B 182 -18.34 13.45 59.05
C ILE B 182 -17.62 14.56 58.29
N HIS B 183 -17.18 14.24 57.08
CA HIS B 183 -16.49 15.20 56.23
C HIS B 183 -17.41 15.67 55.11
N CYS B 184 -17.54 16.98 54.97
CA CYS B 184 -18.41 17.55 53.92
C CYS B 184 -17.74 18.64 53.09
N GLU B 185 -16.42 18.78 53.24
CA GLU B 185 -15.63 19.72 52.44
C GLU B 185 -15.48 19.23 51.00
N GLY B 186 -15.45 20.16 50.06
CA GLY B 186 -15.27 19.83 48.64
C GLY B 186 -16.13 20.67 47.72
N GLU B 187 -16.04 20.37 46.43
CA GLU B 187 -16.83 21.06 45.41
C GLU B 187 -18.24 20.46 45.32
N PRO B 188 -19.26 21.33 45.35
CA PRO B 188 -20.65 20.86 45.25
C PRO B 188 -20.89 19.97 44.03
N ILE B 189 -21.60 18.86 44.24
CA ILE B 189 -22.03 17.99 43.15
C ILE B 189 -22.87 18.78 42.16
N LYS B 190 -22.67 18.51 40.87
CA LYS B 190 -23.45 19.20 39.84
C LYS B 190 -24.75 18.46 39.56
N ARG B 191 -25.87 19.18 39.71
CA ARG B 191 -27.21 18.65 39.47
C ARG B 191 -27.26 17.82 38.19
N GLU B 192 -26.82 18.43 37.08
CA GLU B 192 -26.86 17.81 35.76
C GLU B 192 -26.34 16.39 35.74
N ASP B 193 -25.19 16.15 36.37
CA ASP B 193 -24.59 14.81 36.43
C ASP B 193 -25.55 13.82 37.07
N GLU B 194 -26.16 14.25 38.17
CA GLU B 194 -27.09 13.41 38.92
C GLU B 194 -28.45 13.29 38.24
N GLU B 195 -28.74 14.20 37.32
CA GLU B 195 -29.89 14.08 36.45
C GLU B 195 -29.65 12.93 35.50
N GLU B 196 -28.49 12.96 34.84
CA GLU B 196 -28.04 11.91 33.92
C GLU B 196 -28.04 10.54 34.60
N SER B 197 -27.69 10.53 35.88
CA SER B 197 -27.60 9.30 36.67
C SER B 197 -28.98 8.66 36.87
N LEU B 198 -29.97 9.48 37.23
CA LEU B 198 -31.35 9.00 37.33
C LEU B 198 -31.82 8.46 35.98
N ASN B 199 -31.45 9.18 34.92
CA ASN B 199 -31.92 8.91 33.57
C ASN B 199 -31.30 7.72 32.87
N GLU B 200 -30.19 7.19 33.41
CA GLU B 200 -29.58 5.99 32.82
C GLU B 200 -30.65 4.94 32.50
N VAL B 201 -30.67 4.45 31.25
CA VAL B 201 -31.71 3.57 30.65
C VAL B 201 -31.90 2.24 31.37
N GLY B 202 -33.16 1.90 31.64
CA GLY B 202 -33.51 0.59 32.18
C GLY B 202 -34.07 -0.29 31.10
N TYR B 203 -34.54 -1.47 31.48
CA TYR B 203 -35.27 -2.34 30.56
C TYR B 203 -36.60 -1.68 30.20
N ASP B 204 -37.27 -1.15 31.21
CA ASP B 204 -38.55 -0.47 31.05
C ASP B 204 -38.52 0.57 29.93
N ASP B 205 -37.32 1.08 29.63
CA ASP B 205 -37.18 2.18 28.69
C ASP B 205 -37.15 1.73 27.22
N ILE B 206 -37.25 0.41 26.99
CA ILE B 206 -37.27 -0.10 25.63
C ILE B 206 -38.64 -0.72 25.32
N GLY B 207 -39.18 -0.41 24.15
CA GLY B 207 -40.57 -0.77 23.84
C GLY B 207 -40.81 -1.55 22.56
N GLY B 208 -41.63 -2.59 22.66
CA GLY B 208 -42.01 -3.40 21.51
C GLY B 208 -41.01 -4.50 21.22
N CYS B 209 -40.27 -4.91 22.24
CA CYS B 209 -39.25 -5.95 22.09
C CYS B 209 -39.38 -7.08 23.11
N ARG B 210 -40.50 -7.14 23.81
CA ARG B 210 -40.70 -8.19 24.82
C ARG B 210 -40.14 -9.55 24.38
N LYS B 211 -40.55 -10.03 23.21
CA LYS B 211 -40.06 -11.31 22.68
C LYS B 211 -38.54 -11.44 22.70
N GLN B 212 -37.84 -10.39 22.30
CA GLN B 212 -36.39 -10.39 22.17
C GLN B 212 -35.71 -10.15 23.51
N LEU B 213 -36.20 -9.13 24.23
CA LEU B 213 -35.80 -8.91 25.61
C LEU B 213 -35.77 -10.25 26.32
N ALA B 214 -36.80 -11.07 26.08
CA ALA B 214 -36.87 -12.38 26.70
C ALA B 214 -35.65 -13.19 26.35
N GLN B 215 -35.31 -13.25 25.05
CA GLN B 215 -34.21 -14.10 24.57
C GLN B 215 -32.89 -13.65 25.17
N ILE B 216 -32.72 -12.34 25.29
CA ILE B 216 -31.49 -11.78 25.82
C ILE B 216 -31.26 -12.26 27.25
N LYS B 217 -32.27 -12.05 28.11
CA LYS B 217 -32.21 -12.54 29.48
C LYS B 217 -31.99 -14.05 29.52
N GLU B 218 -32.56 -14.75 28.54
CA GLU B 218 -32.47 -16.21 28.42
C GLU B 218 -31.10 -16.71 28.00
N MET B 219 -30.31 -15.84 27.38
CA MET B 219 -29.03 -16.26 26.82
C MET B 219 -27.85 -15.61 27.50
N VAL B 220 -28.11 -14.49 28.17
CA VAL B 220 -27.05 -13.75 28.82
C VAL B 220 -27.26 -13.74 30.32
N GLU B 221 -28.35 -13.11 30.76
CA GLU B 221 -28.62 -12.94 32.17
C GLU B 221 -28.76 -14.28 32.89
N LEU B 222 -29.49 -15.22 32.27
CA LEU B 222 -29.76 -16.50 32.89
C LEU B 222 -28.53 -17.39 33.06
N PRO B 223 -27.80 -17.66 31.96
CA PRO B 223 -26.60 -18.51 32.04
C PRO B 223 -25.59 -18.03 33.06
N LEU B 224 -25.59 -16.73 33.37
CA LEU B 224 -24.62 -16.20 34.32
C LEU B 224 -25.14 -16.20 35.76
N ARG B 225 -26.41 -15.82 35.94
CA ARG B 225 -27.00 -15.83 37.27
C ARG B 225 -27.17 -17.25 37.83
N HIS B 226 -27.53 -18.20 36.97
CA HIS B 226 -27.77 -19.58 37.42
C HIS B 226 -27.12 -20.64 36.55
N PRO B 227 -25.77 -20.69 36.54
CA PRO B 227 -25.03 -21.57 35.62
C PRO B 227 -25.32 -23.06 35.85
N ALA B 228 -25.92 -23.38 36.99
CA ALA B 228 -26.18 -24.77 37.39
C ALA B 228 -27.31 -25.44 36.63
N LEU B 229 -28.32 -24.67 36.22
CA LEU B 229 -29.44 -25.21 35.45
C LEU B 229 -28.95 -25.91 34.19
N PHE B 230 -27.86 -25.38 33.64
CA PHE B 230 -27.27 -25.92 32.42
C PHE B 230 -26.37 -27.08 32.80
N LYS B 231 -25.61 -26.90 33.88
CA LYS B 231 -24.81 -27.97 34.44
C LYS B 231 -25.68 -29.20 34.69
N GLU B 232 -26.68 -29.03 35.56
CA GLU B 232 -27.62 -30.10 35.87
C GLU B 232 -28.12 -30.78 34.60
N ILE B 233 -28.75 -30.02 33.70
CA ILE B 233 -29.32 -30.59 32.48
C ILE B 233 -28.24 -31.06 31.49
N GLY B 234 -27.00 -30.65 31.72
CA GLY B 234 -25.86 -31.15 30.97
C GLY B 234 -25.68 -30.55 29.58
N VAL B 235 -25.87 -29.24 29.47
CA VAL B 235 -25.68 -28.53 28.21
C VAL B 235 -24.82 -27.28 28.43
N LYS B 236 -24.10 -26.86 27.39
CA LYS B 236 -23.26 -25.68 27.47
C LYS B 236 -23.99 -24.46 26.90
N PRO B 237 -24.11 -23.38 27.70
CA PRO B 237 -24.76 -22.16 27.21
C PRO B 237 -23.98 -21.57 26.03
N PRO B 238 -24.69 -20.95 25.08
CA PRO B 238 -23.98 -20.28 24.00
C PRO B 238 -23.29 -19.03 24.52
N ARG B 239 -22.18 -18.63 23.88
CA ARG B 239 -21.34 -17.54 24.40
C ARG B 239 -21.24 -16.34 23.46
N GLY B 240 -21.89 -16.42 22.31
CA GLY B 240 -21.91 -15.29 21.38
C GLY B 240 -23.32 -15.00 20.92
N ILE B 241 -23.78 -13.78 21.20
CA ILE B 241 -25.10 -13.34 20.77
C ILE B 241 -25.00 -12.11 19.87
N LEU B 242 -25.54 -12.23 18.66
CA LEU B 242 -25.50 -11.14 17.71
C LEU B 242 -26.89 -10.57 17.48
N LEU B 243 -27.11 -9.35 17.93
CA LEU B 243 -28.34 -8.62 17.64
C LEU B 243 -28.20 -7.95 16.30
N TYR B 244 -29.26 -8.00 15.51
CA TYR B 244 -29.27 -7.29 14.23
C TYR B 244 -30.64 -6.68 13.97
N GLY B 245 -30.70 -5.65 13.13
CA GLY B 245 -31.95 -4.99 12.85
C GLY B 245 -31.83 -3.87 11.84
N PRO B 246 -32.96 -3.51 11.19
CA PRO B 246 -32.90 -2.33 10.33
C PRO B 246 -32.48 -1.16 11.21
N PRO B 247 -31.74 -0.21 10.64
CA PRO B 247 -31.15 0.89 11.41
C PRO B 247 -32.10 1.54 12.40
N GLY B 248 -31.64 1.75 13.62
CA GLY B 248 -32.35 2.59 14.58
C GLY B 248 -33.43 1.91 15.39
N THR B 249 -33.26 0.63 15.66
CA THR B 249 -34.28 -0.13 16.41
C THR B 249 -33.91 -0.45 17.86
N GLY B 250 -33.03 0.37 18.44
CA GLY B 250 -32.71 0.25 19.86
C GLY B 250 -31.76 -0.86 20.19
N LYS B 251 -30.94 -1.24 19.21
CA LYS B 251 -29.83 -2.17 19.42
C LYS B 251 -28.85 -1.56 20.45
N THR B 252 -28.31 -0.37 20.16
CA THR B 252 -27.43 0.34 21.10
C THR B 252 -28.19 0.68 22.36
N LEU B 253 -29.51 0.83 22.20
CA LEU B 253 -30.33 1.22 23.32
C LEU B 253 -30.39 0.09 24.33
N ILE B 254 -30.32 -1.13 23.83
CA ILE B 254 -30.41 -2.32 24.67
C ILE B 254 -29.06 -2.53 25.32
N ALA B 255 -28.01 -2.37 24.50
CA ALA B 255 -26.64 -2.31 25.00
C ALA B 255 -26.58 -1.46 26.28
N ARG B 256 -27.27 -0.31 26.26
CA ARG B 256 -27.33 0.54 27.44
C ARG B 256 -28.05 -0.17 28.59
N ALA B 257 -29.32 -0.48 28.41
CA ALA B 257 -30.12 -1.15 29.43
C ALA B 257 -29.32 -2.25 30.13
N VAL B 258 -28.84 -3.20 29.35
CA VAL B 258 -28.11 -4.36 29.89
C VAL B 258 -26.99 -3.94 30.83
N ALA B 259 -26.19 -2.96 30.40
CA ALA B 259 -25.10 -2.42 31.21
C ALA B 259 -25.58 -2.03 32.60
N ASN B 260 -26.59 -1.17 32.62
CA ASN B 260 -27.19 -0.69 33.85
C ASN B 260 -27.90 -1.79 34.64
N GLU B 261 -28.60 -2.65 33.91
CA GLU B 261 -29.51 -3.63 34.50
C GLU B 261 -28.83 -4.94 34.93
N THR B 262 -27.70 -5.28 34.31
CA THR B 262 -27.07 -6.58 34.52
C THR B 262 -26.46 -6.80 35.89
N GLY B 263 -26.38 -8.07 36.27
CA GLY B 263 -25.64 -8.44 37.45
C GLY B 263 -24.15 -8.49 37.21
N ALA B 264 -23.75 -8.63 35.95
CA ALA B 264 -22.36 -8.94 35.59
C ALA B 264 -21.45 -7.72 35.46
N PHE B 265 -20.14 -7.99 35.41
CA PHE B 265 -19.18 -6.97 35.01
C PHE B 265 -19.34 -6.78 33.53
N PHE B 266 -19.50 -5.52 33.11
CA PHE B 266 -19.84 -5.20 31.74
C PHE B 266 -18.76 -4.38 31.06
N PHE B 267 -18.35 -4.80 29.87
CA PHE B 267 -17.34 -4.06 29.11
C PHE B 267 -17.84 -3.74 27.71
N LEU B 268 -17.83 -2.46 27.36
CA LEU B 268 -18.32 -2.00 26.07
C LEU B 268 -17.20 -1.72 25.07
N ILE B 269 -17.41 -2.17 23.83
CA ILE B 269 -16.49 -1.96 22.73
C ILE B 269 -17.25 -1.32 21.57
N ASN B 270 -16.79 -0.14 21.12
CA ASN B 270 -17.42 0.55 20.00
C ASN B 270 -16.60 0.46 18.72
N GLY B 271 -17.01 -0.43 17.82
CA GLY B 271 -16.34 -0.60 16.53
C GLY B 271 -15.73 0.67 15.96
N PRO B 272 -16.57 1.66 15.63
CA PRO B 272 -15.99 2.91 15.11
C PRO B 272 -14.90 3.52 16.02
N GLU B 273 -14.95 3.22 17.32
CA GLU B 273 -13.97 3.80 18.24
C GLU B 273 -12.68 3.00 18.28
N ILE B 274 -12.81 1.68 18.20
CA ILE B 274 -11.66 0.80 18.03
C ILE B 274 -10.85 1.18 16.79
N MET B 275 -11.57 1.39 15.69
CA MET B 275 -10.97 1.62 14.38
C MET B 275 -10.36 3.02 14.24
N SER B 276 -10.61 3.87 15.22
CA SER B 276 -10.02 5.20 15.23
C SER B 276 -8.59 5.15 15.79
N LYS B 277 -8.23 4.04 16.44
CA LYS B 277 -6.90 3.89 17.04
C LYS B 277 -5.82 3.60 16.00
N LEU B 278 -4.58 3.95 16.34
CA LEU B 278 -3.40 3.62 15.52
C LEU B 278 -3.32 2.12 15.30
N ALA B 279 -2.65 1.71 14.23
CA ALA B 279 -2.43 0.29 13.96
C ALA B 279 -1.75 -0.37 15.16
N GLY B 280 -2.30 -1.49 15.61
CA GLY B 280 -1.76 -2.23 16.75
C GLY B 280 -2.24 -1.70 18.09
N GLU B 281 -2.58 -0.42 18.11
CA GLU B 281 -3.15 0.23 19.28
C GLU B 281 -4.54 -0.33 19.51
N SER B 282 -5.19 -0.79 18.45
CA SER B 282 -6.52 -1.39 18.53
C SER B 282 -6.44 -2.82 19.07
N GLU B 283 -5.47 -3.57 18.56
CA GLU B 283 -5.22 -4.95 18.96
C GLU B 283 -4.96 -5.05 20.45
N SER B 284 -4.23 -4.07 21.00
CA SER B 284 -4.01 -4.00 22.44
C SER B 284 -5.32 -3.83 23.20
N ASN B 285 -6.15 -2.88 22.73
CA ASN B 285 -7.45 -2.59 23.31
C ASN B 285 -8.37 -3.81 23.25
N LEU B 286 -8.34 -4.52 22.12
CA LEU B 286 -9.15 -5.72 21.94
C LEU B 286 -8.82 -6.83 22.91
N ARG B 287 -7.52 -7.09 23.08
CA ARG B 287 -7.05 -8.05 24.07
C ARG B 287 -7.40 -7.51 25.43
N LYS B 288 -7.04 -6.24 25.65
CA LYS B 288 -7.22 -5.59 26.94
C LYS B 288 -8.65 -5.79 27.42
N ALA B 289 -9.61 -5.64 26.52
CA ALA B 289 -11.01 -5.84 26.84
C ALA B 289 -11.32 -7.27 27.26
N PHE B 290 -10.87 -8.24 26.45
CA PHE B 290 -11.11 -9.64 26.72
C PHE B 290 -10.41 -10.12 27.99
N GLU B 291 -9.27 -9.51 28.30
CA GLU B 291 -8.53 -9.84 29.51
C GLU B 291 -9.25 -9.27 30.73
N GLU B 292 -9.68 -8.02 30.63
CA GLU B 292 -10.46 -7.37 31.68
C GLU B 292 -11.68 -8.21 32.04
N ALA B 293 -12.41 -8.64 31.02
CA ALA B 293 -13.62 -9.44 31.17
C ALA B 293 -13.38 -10.78 31.86
N GLU B 294 -12.29 -11.45 31.49
CA GLU B 294 -11.92 -12.70 32.14
C GLU B 294 -11.57 -12.43 33.60
N LYS B 295 -10.66 -11.48 33.81
CA LYS B 295 -10.24 -11.08 35.14
C LYS B 295 -11.43 -10.81 36.09
N ASN B 296 -12.48 -10.15 35.58
CA ASN B 296 -13.65 -9.82 36.41
C ASN B 296 -14.89 -10.69 36.21
N ALA B 297 -14.76 -11.85 35.58
CA ALA B 297 -15.92 -12.71 35.30
C ALA B 297 -16.73 -13.00 36.57
N PRO B 298 -18.03 -13.33 36.41
CA PRO B 298 -18.77 -13.41 35.15
C PRO B 298 -18.86 -12.04 34.49
N ALA B 299 -18.78 -12.00 33.16
CA ALA B 299 -18.79 -10.73 32.44
C ALA B 299 -19.56 -10.77 31.12
N ILE B 300 -20.02 -9.59 30.69
CA ILE B 300 -20.60 -9.40 29.37
C ILE B 300 -19.76 -8.40 28.61
N ILE B 301 -19.12 -8.86 27.53
CA ILE B 301 -18.49 -7.96 26.57
C ILE B 301 -19.50 -7.60 25.50
N PHE B 302 -19.69 -6.30 25.28
CA PHE B 302 -20.60 -5.82 24.24
C PHE B 302 -19.87 -5.09 23.13
N ILE B 303 -20.08 -5.54 21.90
CA ILE B 303 -19.49 -4.89 20.74
C ILE B 303 -20.57 -4.17 19.91
N ASP B 304 -20.52 -2.84 19.89
CA ASP B 304 -21.51 -2.08 19.13
C ASP B 304 -20.95 -1.72 17.77
N GLU B 305 -21.82 -1.83 16.76
CA GLU B 305 -21.44 -1.61 15.36
C GLU B 305 -20.35 -2.60 14.93
N LEU B 306 -20.56 -3.86 15.30
CA LEU B 306 -19.60 -4.91 15.01
C LEU B 306 -19.05 -4.84 13.60
N ASP B 307 -19.96 -4.65 12.64
CA ASP B 307 -19.59 -4.63 11.23
C ASP B 307 -18.46 -3.66 10.96
N ALA B 308 -18.29 -2.67 11.83
CA ALA B 308 -17.18 -1.71 11.68
C ALA B 308 -15.80 -2.35 11.88
N ILE B 309 -15.73 -3.42 12.66
CA ILE B 309 -14.43 -4.09 12.86
C ILE B 309 -14.36 -5.48 12.25
N ALA B 310 -15.51 -6.03 11.83
CA ALA B 310 -15.51 -7.36 11.26
C ALA B 310 -16.13 -7.44 9.85
N PRO B 311 -15.53 -6.73 8.88
CA PRO B 311 -16.01 -6.94 7.52
C PRO B 311 -15.47 -8.27 7.01
N LYS B 312 -15.97 -8.72 5.86
CA LYS B 312 -15.48 -9.95 5.26
C LYS B 312 -14.01 -9.81 4.89
N ARG B 313 -13.16 -10.56 5.59
CA ARG B 313 -11.71 -10.55 5.37
C ARG B 313 -11.36 -10.61 3.88
N GLU B 314 -12.06 -11.46 3.16
CA GLU B 314 -11.90 -11.64 1.73
C GLU B 314 -12.18 -10.33 0.98
N LYS B 315 -13.25 -9.65 1.38
CA LYS B 315 -13.76 -8.48 0.67
C LYS B 315 -13.20 -7.15 1.21
N THR B 316 -12.33 -7.22 2.20
CA THR B 316 -11.79 -6.01 2.85
C THR B 316 -10.38 -5.64 2.41
N HIS B 317 -10.13 -4.34 2.27
CA HIS B 317 -8.95 -3.87 1.53
C HIS B 317 -7.67 -3.69 2.35
N GLY B 318 -7.74 -2.98 3.47
CA GLY B 318 -6.55 -2.70 4.28
C GLY B 318 -5.96 -3.95 4.93
N GLU B 319 -4.66 -3.90 5.25
CA GLU B 319 -3.96 -5.04 5.86
C GLU B 319 -4.12 -5.14 7.37
N VAL B 320 -3.92 -4.01 8.06
CA VAL B 320 -4.19 -3.93 9.49
C VAL B 320 -5.65 -4.37 9.69
N GLU B 321 -6.47 -4.02 8.71
CA GLU B 321 -7.91 -4.29 8.76
C GLU B 321 -8.26 -5.77 8.88
N ARG B 322 -7.65 -6.63 8.07
CA ARG B 322 -7.84 -8.09 8.22
C ARG B 322 -7.27 -8.58 9.54
N ARG B 323 -6.13 -8.02 9.95
CA ARG B 323 -5.46 -8.45 11.17
C ARG B 323 -6.41 -8.42 12.37
N ILE B 324 -7.23 -7.36 12.46
CA ILE B 324 -8.28 -7.27 13.49
C ILE B 324 -9.32 -8.39 13.43
N VAL B 325 -9.89 -8.67 12.25
CA VAL B 325 -10.85 -9.77 12.17
C VAL B 325 -10.18 -11.03 12.72
N SER B 326 -8.97 -11.31 12.25
CA SER B 326 -8.18 -12.43 12.74
C SER B 326 -7.96 -12.31 14.26
N GLN B 327 -7.53 -11.14 14.69
CA GLN B 327 -7.28 -10.86 16.10
C GLN B 327 -8.48 -11.23 16.96
N LEU B 328 -9.66 -10.73 16.58
CA LEU B 328 -10.90 -11.01 17.29
C LEU B 328 -11.20 -12.50 17.31
N LEU B 329 -11.41 -13.09 16.13
CA LEU B 329 -11.66 -14.53 16.00
C LEU B 329 -10.89 -15.36 17.01
N THR B 330 -9.57 -15.18 17.01
CA THR B 330 -8.66 -15.78 18.00
C THR B 330 -9.17 -15.67 19.44
N LEU B 331 -9.60 -14.48 19.83
CA LEU B 331 -10.00 -14.20 21.22
C LEU B 331 -11.33 -14.89 21.53
N MET B 332 -12.33 -14.68 20.67
CA MET B 332 -13.57 -15.45 20.71
C MET B 332 -13.26 -16.91 21.00
N ASP B 333 -12.39 -17.50 20.19
CA ASP B 333 -12.02 -18.90 20.34
C ASP B 333 -11.23 -19.17 21.61
N GLY B 334 -10.38 -18.22 21.99
CA GLY B 334 -9.52 -18.34 23.17
C GLY B 334 -10.24 -18.31 24.51
N LEU B 335 -11.56 -18.20 24.48
CA LEU B 335 -12.35 -18.18 25.70
C LEU B 335 -12.53 -19.58 26.29
N LYS B 336 -11.91 -19.81 27.44
CA LYS B 336 -12.05 -21.10 28.13
C LYS B 336 -13.47 -21.30 28.64
N GLN B 337 -13.84 -22.56 28.85
CA GLN B 337 -15.17 -22.90 29.36
C GLN B 337 -15.44 -22.25 30.71
N ARG B 338 -14.47 -22.39 31.62
CA ARG B 338 -14.54 -21.85 32.98
C ARG B 338 -14.58 -20.31 33.06
N ALA B 339 -14.51 -19.65 31.90
CA ALA B 339 -14.34 -18.20 31.84
C ALA B 339 -15.55 -17.37 32.30
N HIS B 340 -16.75 -17.89 32.07
CA HIS B 340 -18.01 -17.18 32.38
C HIS B 340 -18.09 -15.80 31.74
N VAL B 341 -17.87 -15.74 30.43
CA VAL B 341 -18.01 -14.51 29.65
C VAL B 341 -18.91 -14.71 28.44
N ILE B 342 -19.90 -13.84 28.28
CA ILE B 342 -20.77 -13.88 27.13
C ILE B 342 -20.49 -12.67 26.25
N VAL B 343 -20.09 -12.90 25.01
CA VAL B 343 -19.90 -11.78 24.10
C VAL B 343 -21.17 -11.49 23.29
N MET B 344 -21.71 -10.31 23.55
CA MET B 344 -22.82 -9.75 22.80
C MET B 344 -22.29 -8.75 21.80
N ALA B 345 -22.99 -8.60 20.68
CA ALA B 345 -22.66 -7.59 19.68
C ALA B 345 -23.85 -7.27 18.77
N ALA B 346 -23.73 -6.19 18.00
CA ALA B 346 -24.86 -5.67 17.25
C ALA B 346 -24.45 -4.96 15.97
N THR B 347 -25.24 -5.19 14.92
CA THR B 347 -25.07 -4.52 13.62
C THR B 347 -26.43 -4.29 12.96
N ASN B 348 -26.47 -3.34 12.02
CA ASN B 348 -27.65 -3.17 11.18
C ASN B 348 -27.40 -3.70 9.78
N ARG B 349 -26.24 -4.31 9.59
CA ARG B 349 -25.85 -4.92 8.32
C ARG B 349 -25.22 -6.30 8.59
N PRO B 350 -26.02 -7.26 9.06
CA PRO B 350 -25.45 -8.56 9.44
C PRO B 350 -24.69 -9.25 8.30
N ASN B 351 -25.21 -9.15 7.08
CA ASN B 351 -24.67 -9.92 5.97
C ASN B 351 -23.25 -9.56 5.55
N SER B 352 -22.76 -8.39 5.96
CA SER B 352 -21.42 -7.94 5.59
C SER B 352 -20.35 -8.34 6.60
N ILE B 353 -20.77 -8.98 7.68
CA ILE B 353 -19.84 -9.44 8.70
C ILE B 353 -19.24 -10.77 8.26
N ASP B 354 -17.93 -10.92 8.42
CA ASP B 354 -17.22 -12.15 8.06
C ASP B 354 -17.89 -13.38 8.67
N PRO B 355 -18.35 -14.31 7.81
CA PRO B 355 -19.11 -15.49 8.23
C PRO B 355 -18.39 -16.38 9.24
N ALA B 356 -17.06 -16.34 9.29
CA ALA B 356 -16.27 -17.15 10.22
C ALA B 356 -16.69 -16.86 11.64
N LEU B 357 -17.14 -15.63 11.87
CA LEU B 357 -17.61 -15.17 13.18
C LEU B 357 -19.01 -15.66 13.55
N ARG B 358 -19.72 -16.24 12.58
CA ARG B 358 -21.05 -16.78 12.86
C ARG B 358 -21.06 -18.29 12.88
N ARG B 359 -19.86 -18.85 12.83
CA ARG B 359 -19.68 -20.27 12.95
C ARG B 359 -20.04 -20.68 14.36
N PHE B 360 -20.42 -21.95 14.52
CA PHE B 360 -20.73 -22.48 15.84
C PHE B 360 -19.62 -22.22 16.84
N GLY B 361 -20.00 -21.79 18.05
CA GLY B 361 -19.04 -21.53 19.11
C GLY B 361 -18.49 -20.11 19.08
N ARG B 362 -18.97 -19.31 18.14
CA ARG B 362 -18.62 -17.90 18.11
C ARG B 362 -19.92 -17.13 18.28
N PHE B 363 -20.25 -16.24 17.34
CA PHE B 363 -21.57 -15.62 17.37
C PHE B 363 -22.57 -16.55 16.72
N ASP B 364 -23.01 -17.56 17.47
CA ASP B 364 -23.84 -18.62 16.91
C ASP B 364 -25.30 -18.53 17.35
N ARG B 365 -25.68 -17.37 17.91
CA ARG B 365 -27.07 -17.07 18.22
C ARG B 365 -27.41 -15.66 17.79
N GLU B 366 -28.55 -15.50 17.13
CA GLU B 366 -28.99 -14.20 16.65
C GLU B 366 -30.26 -13.75 17.34
N VAL B 367 -30.34 -12.47 17.61
CA VAL B 367 -31.58 -11.87 18.05
C VAL B 367 -31.91 -10.75 17.08
N ASP B 368 -32.92 -10.99 16.24
CA ASP B 368 -33.38 -10.01 15.27
C ASP B 368 -34.19 -8.99 16.01
N ILE B 369 -33.93 -7.72 15.76
CA ILE B 369 -34.56 -6.62 16.47
C ILE B 369 -35.30 -5.81 15.44
N GLY B 370 -36.45 -6.32 15.01
CA GLY B 370 -37.12 -5.82 13.81
C GLY B 370 -37.93 -4.57 14.04
N ILE B 371 -38.61 -4.12 12.98
CA ILE B 371 -39.61 -3.06 13.03
C ILE B 371 -40.63 -3.36 14.12
N PRO B 372 -41.13 -2.33 14.83
CA PRO B 372 -42.20 -2.60 15.79
C PRO B 372 -43.58 -2.53 15.12
N ASP B 373 -44.51 -3.33 15.63
CA ASP B 373 -45.88 -3.31 15.13
C ASP B 373 -46.66 -2.20 15.82
N ALA B 374 -47.95 -2.10 15.50
CA ALA B 374 -48.82 -1.04 16.03
C ALA B 374 -48.67 -0.80 17.53
N THR B 375 -48.79 -1.86 18.34
CA THR B 375 -48.72 -1.74 19.80
C THR B 375 -47.32 -1.37 20.30
N GLY B 376 -46.31 -1.91 19.64
CA GLY B 376 -44.91 -1.55 19.91
C GLY B 376 -44.72 -0.04 19.83
N ARG B 377 -45.11 0.53 18.70
CA ARG B 377 -45.08 1.99 18.53
C ARG B 377 -45.74 2.68 19.72
N LEU B 378 -46.94 2.23 20.08
CA LEU B 378 -47.66 2.78 21.21
C LEU B 378 -46.84 2.69 22.49
N GLU B 379 -46.16 1.55 22.69
CA GLU B 379 -45.30 1.34 23.84
C GLU B 379 -44.23 2.41 23.89
N ILE B 380 -43.48 2.50 22.79
CA ILE B 380 -42.39 3.46 22.64
C ILE B 380 -42.87 4.89 22.88
N LEU B 381 -43.93 5.28 22.17
CA LEU B 381 -44.49 6.63 22.29
C LEU B 381 -44.74 7.00 23.74
N GLN B 382 -45.23 6.02 24.50
CA GLN B 382 -45.45 6.19 25.92
C GLN B 382 -44.13 6.43 26.64
N ILE B 383 -43.14 5.57 26.38
CA ILE B 383 -41.84 5.69 27.06
C ILE B 383 -41.18 7.04 26.77
N HIS B 384 -41.37 7.56 25.57
CA HIS B 384 -40.75 8.83 25.22
C HIS B 384 -41.42 10.03 25.87
N THR B 385 -42.74 10.05 25.82
CA THR B 385 -43.50 11.20 26.29
C THR B 385 -43.60 11.25 27.81
N LYS B 386 -43.07 10.21 28.48
CA LYS B 386 -43.19 10.08 29.94
C LYS B 386 -42.67 11.29 30.73
N ASN B 387 -41.80 12.09 30.11
CA ASN B 387 -41.31 13.29 30.78
C ASN B 387 -41.55 14.56 29.97
N MET B 388 -42.50 14.49 29.04
CA MET B 388 -42.84 15.63 28.21
C MET B 388 -44.13 16.28 28.69
N LYS B 389 -44.29 17.56 28.40
CA LYS B 389 -45.52 18.29 28.72
C LYS B 389 -46.52 18.11 27.58
N LEU B 390 -47.52 17.27 27.81
CA LEU B 390 -48.55 16.99 26.80
C LEU B 390 -49.92 17.52 27.18
N ALA B 391 -50.61 18.10 26.21
CA ALA B 391 -52.00 18.50 26.39
C ALA B 391 -52.87 17.26 26.59
N ASP B 392 -54.07 17.47 27.14
CA ASP B 392 -55.01 16.38 27.37
C ASP B 392 -55.55 15.84 26.05
N ASP B 393 -55.62 16.69 25.05
CA ASP B 393 -56.21 16.34 23.76
C ASP B 393 -55.32 15.42 22.92
N VAL B 394 -54.25 14.94 23.52
CA VAL B 394 -53.26 14.11 22.81
C VAL B 394 -53.53 12.61 22.97
N ASP B 395 -53.82 11.96 21.84
CA ASP B 395 -54.16 10.56 21.79
C ASP B 395 -52.98 9.85 21.14
N LEU B 396 -52.30 9.00 21.92
CA LEU B 396 -51.10 8.31 21.41
C LEU B 396 -51.45 7.09 20.56
N GLU B 397 -52.59 6.47 20.87
CA GLU B 397 -53.11 5.35 20.08
C GLU B 397 -53.29 5.73 18.61
N GLN B 398 -53.75 6.95 18.39
CA GLN B 398 -53.88 7.55 17.07
C GLN B 398 -52.51 7.55 16.42
N VAL B 399 -51.59 8.34 16.99
CA VAL B 399 -50.20 8.39 16.55
C VAL B 399 -49.72 6.99 16.21
N ALA B 400 -49.77 6.10 17.19
CA ALA B 400 -49.38 4.70 16.98
C ALA B 400 -49.89 4.14 15.65
N ASN B 401 -51.20 4.27 15.42
CA ASN B 401 -51.82 3.76 14.19
C ASN B 401 -51.36 4.45 12.92
N GLU B 402 -51.12 5.75 13.01
CA GLU B 402 -50.74 6.55 11.84
C GLU B 402 -49.26 6.46 11.49
N THR B 403 -48.47 5.85 12.36
CA THR B 403 -47.02 5.85 12.22
C THR B 403 -46.45 4.56 11.63
N HIS B 404 -47.24 3.84 10.84
CA HIS B 404 -46.78 2.55 10.30
C HIS B 404 -45.44 2.64 9.58
N GLY B 405 -44.56 1.70 9.89
CA GLY B 405 -43.22 1.66 9.31
C GLY B 405 -42.18 2.50 10.04
N HIS B 406 -42.60 3.19 11.10
CA HIS B 406 -41.65 3.90 11.94
C HIS B 406 -40.94 2.91 12.83
N VAL B 407 -39.72 3.27 13.22
CA VAL B 407 -39.01 2.52 14.23
C VAL B 407 -38.82 3.42 15.44
N GLY B 408 -38.18 2.88 16.47
CA GLY B 408 -37.88 3.63 17.67
C GLY B 408 -37.33 5.01 17.40
N ALA B 409 -36.30 5.11 16.57
CA ALA B 409 -35.64 6.38 16.31
C ALA B 409 -36.54 7.34 15.53
N ASP B 410 -37.38 6.78 14.67
CA ASP B 410 -38.34 7.56 13.89
C ASP B 410 -39.33 8.23 14.83
N LEU B 411 -39.81 7.47 15.79
CA LEU B 411 -40.77 7.97 16.76
C LEU B 411 -40.17 9.08 17.62
N ALA B 412 -39.01 8.81 18.22
CA ALA B 412 -38.26 9.84 18.96
C ALA B 412 -38.17 11.13 18.18
N ALA B 413 -37.72 11.03 16.93
CA ALA B 413 -37.66 12.20 16.05
C ALA B 413 -39.01 12.91 16.01
N LEU B 414 -40.07 12.14 15.76
CA LEU B 414 -41.42 12.69 15.67
C LEU B 414 -41.77 13.57 16.88
N CYS B 415 -41.62 13.00 18.07
CA CYS B 415 -41.82 13.72 19.32
C CYS B 415 -41.00 15.00 19.36
N SER B 416 -39.70 14.89 19.12
CA SER B 416 -38.83 16.07 19.09
C SER B 416 -39.40 17.13 18.15
N GLU B 417 -39.79 16.72 16.95
CA GLU B 417 -40.37 17.63 15.96
C GLU B 417 -41.64 18.33 16.40
N ALA B 418 -42.55 17.60 17.05
CA ALA B 418 -43.79 18.20 17.54
C ALA B 418 -43.52 19.17 18.67
N ALA B 419 -42.62 18.77 19.56
CA ALA B 419 -42.13 19.63 20.65
C ALA B 419 -41.65 20.99 20.14
N LEU B 420 -40.89 20.96 19.05
CA LEU B 420 -40.43 22.18 18.41
C LEU B 420 -41.60 23.00 17.90
N GLN B 421 -42.49 22.37 17.13
CA GLN B 421 -43.71 23.00 16.61
C GLN B 421 -44.51 23.68 17.73
N ALA B 422 -44.61 23.02 18.89
CA ALA B 422 -45.16 23.63 20.08
C ALA B 422 -44.37 24.88 20.52
N ILE B 423 -43.04 24.76 20.67
CA ILE B 423 -42.16 25.91 20.97
C ILE B 423 -42.34 26.99 19.90
N ARG B 424 -42.48 26.56 18.65
CA ARG B 424 -42.69 27.45 17.51
C ARG B 424 -43.91 28.37 17.69
N LYS B 425 -44.99 27.81 18.23
CA LYS B 425 -46.24 28.57 18.45
C LYS B 425 -46.10 29.68 19.50
N LYS B 426 -44.96 29.69 20.21
CA LYS B 426 -44.67 30.73 21.18
C LYS B 426 -43.68 31.74 20.61
N MET B 427 -43.28 31.53 19.36
CA MET B 427 -42.17 32.28 18.77
C MET B 427 -42.45 33.73 18.38
N ASP B 428 -43.72 34.13 18.29
CA ASP B 428 -44.02 35.53 18.10
C ASP B 428 -44.06 36.23 19.46
N LEU B 429 -44.55 35.52 20.47
CA LEU B 429 -44.49 35.99 21.85
C LEU B 429 -43.05 36.22 22.33
N ILE B 430 -42.11 35.44 21.80
CA ILE B 430 -40.71 35.53 22.22
C ILE B 430 -39.80 36.06 21.13
N ASP B 431 -38.76 36.79 21.51
CA ASP B 431 -37.69 37.13 20.60
C ASP B 431 -36.42 36.37 21.01
N LEU B 432 -35.71 35.87 20.01
CA LEU B 432 -34.45 35.15 20.21
C LEU B 432 -33.46 35.96 21.04
N GLU B 433 -33.61 37.29 21.00
CA GLU B 433 -32.63 38.23 21.54
C GLU B 433 -32.66 38.32 23.06
N ASP B 434 -33.85 38.14 23.63
CA ASP B 434 -34.09 38.34 25.07
C ASP B 434 -33.14 37.55 25.94
N GLU B 435 -32.68 38.18 27.02
CA GLU B 435 -31.74 37.56 27.95
C GLU B 435 -32.39 36.40 28.69
N THR B 436 -33.65 36.59 29.10
CA THR B 436 -34.43 35.55 29.77
C THR B 436 -35.86 35.50 29.23
N ILE B 437 -36.55 34.38 29.47
CA ILE B 437 -37.90 34.15 28.94
C ILE B 437 -38.98 34.43 29.97
N ASP B 438 -40.04 35.12 29.54
CA ASP B 438 -41.23 35.36 30.34
C ASP B 438 -41.68 34.07 31.03
N ALA B 439 -41.59 34.06 32.36
CA ALA B 439 -41.82 32.85 33.17
C ALA B 439 -43.24 32.26 33.09
N GLU B 440 -44.22 33.10 32.75
CA GLU B 440 -45.59 32.64 32.55
C GLU B 440 -45.68 31.70 31.34
N VAL B 441 -45.25 32.20 30.19
CA VAL B 441 -45.38 31.47 28.93
C VAL B 441 -44.73 30.09 29.06
N MET B 442 -43.51 30.08 29.60
CA MET B 442 -42.79 28.85 29.93
C MET B 442 -43.70 27.77 30.51
N ASN B 443 -44.52 28.14 31.49
CA ASN B 443 -45.42 27.20 32.14
C ASN B 443 -46.61 26.81 31.28
N SER B 444 -47.01 27.71 30.39
CA SER B 444 -48.12 27.48 29.46
C SER B 444 -47.77 26.46 28.38
N LEU B 445 -46.48 26.24 28.15
CA LEU B 445 -45.99 25.43 27.04
C LEU B 445 -46.29 23.95 27.17
N ALA B 446 -46.96 23.41 26.15
CA ALA B 446 -47.30 21.99 26.08
C ALA B 446 -47.50 21.55 24.64
N VAL B 447 -47.27 20.26 24.39
CA VAL B 447 -47.44 19.71 23.05
C VAL B 447 -48.90 19.33 22.83
N THR B 448 -49.58 20.14 22.04
CA THR B 448 -50.95 19.87 21.62
C THR B 448 -50.95 18.73 20.62
N MET B 449 -52.07 18.01 20.54
CA MET B 449 -52.27 16.99 19.50
C MET B 449 -52.06 17.58 18.11
N ASP B 450 -52.44 18.83 17.91
CA ASP B 450 -52.21 19.48 16.63
C ASP B 450 -50.72 19.46 16.29
N ASP B 451 -49.88 19.85 17.26
CA ASP B 451 -48.42 19.76 17.11
C ASP B 451 -48.04 18.39 16.53
N PHE B 452 -48.50 17.31 17.16
CA PHE B 452 -48.26 15.97 16.62
C PHE B 452 -48.67 15.84 15.15
N ARG B 453 -49.91 16.21 14.83
CA ARG B 453 -50.35 16.12 13.44
C ARG B 453 -49.44 16.84 12.46
N TRP B 454 -48.85 17.96 12.89
CA TRP B 454 -47.83 18.61 12.06
C TRP B 454 -46.60 17.72 11.91
N ALA B 455 -46.04 17.30 13.05
CA ALA B 455 -44.86 16.43 13.02
C ALA B 455 -45.14 15.25 12.11
N LEU B 456 -46.30 14.61 12.32
CA LEU B 456 -46.79 13.51 11.47
C LEU B 456 -46.78 13.82 9.97
N SER B 457 -47.17 15.03 9.62
CA SER B 457 -47.24 15.45 8.22
C SER B 457 -45.87 15.54 7.56
N GLN B 458 -44.84 15.51 8.38
CA GLN B 458 -43.47 15.76 7.95
C GLN B 458 -42.62 14.50 7.97
N SER B 459 -43.16 13.43 8.53
CA SER B 459 -42.41 12.21 8.82
C SER B 459 -41.80 11.51 7.59
N ASN B 460 -40.91 10.56 7.84
CA ASN B 460 -40.10 9.96 6.78
C ASN B 460 -39.84 8.45 6.95
N PRO B 461 -39.47 7.76 5.86
CA PRO B 461 -38.99 6.37 5.97
C PRO B 461 -37.82 6.22 6.94
N SER B 462 -37.59 4.98 7.37
CA SER B 462 -36.57 4.65 8.38
C SER B 462 -35.13 4.97 7.96
N LEU C 12 -46.01 32.89 8.64
CA LEU C 12 -46.85 31.78 9.17
C LEU C 12 -46.00 30.62 9.70
N SER C 13 -44.90 30.36 9.01
CA SER C 13 -43.91 29.36 9.40
C SER C 13 -42.56 30.05 9.27
N THR C 14 -42.63 31.29 8.77
CA THR C 14 -41.52 32.20 8.69
C THR C 14 -41.58 33.13 9.90
N ALA C 15 -42.37 32.73 10.89
CA ALA C 15 -42.67 33.54 12.07
C ALA C 15 -41.43 33.98 12.84
N ILE C 16 -40.48 33.06 13.00
CA ILE C 16 -39.24 33.30 13.75
C ILE C 16 -38.40 34.46 13.20
N LEU C 17 -38.74 34.91 12.00
CA LEU C 17 -37.96 35.94 11.30
C LEU C 17 -38.47 37.35 11.51
N LYS C 18 -39.78 37.53 11.44
CA LYS C 18 -40.38 38.84 11.66
C LYS C 18 -40.08 39.27 13.09
N GLN C 19 -39.22 40.28 13.21
CA GLN C 19 -38.85 40.80 14.52
C GLN C 19 -39.96 41.67 15.10
N LYS C 20 -39.91 41.87 16.41
CA LYS C 20 -41.06 42.37 17.16
C LYS C 20 -40.95 43.85 17.53
N ASN C 21 -42.10 44.49 17.62
CA ASN C 21 -42.19 45.81 18.22
C ASN C 21 -41.83 45.67 19.68
N ARG C 22 -40.78 46.37 20.11
CA ARG C 22 -40.33 46.30 21.50
C ARG C 22 -39.92 47.68 22.02
N PRO C 23 -40.10 47.91 23.34
CA PRO C 23 -39.76 49.15 24.03
C PRO C 23 -38.54 49.88 23.47
N ASN C 24 -37.47 49.12 23.20
CA ASN C 24 -36.18 49.72 22.85
C ASN C 24 -35.59 49.23 21.53
N ARG C 25 -36.46 48.90 20.58
CA ARG C 25 -36.05 48.76 19.19
C ARG C 25 -36.37 50.05 18.47
N LEU C 26 -35.33 50.83 18.17
CA LEU C 26 -35.49 52.15 17.57
C LEU C 26 -34.82 52.27 16.21
N ILE C 27 -35.49 52.95 15.30
CA ILE C 27 -35.00 53.16 13.93
C ILE C 27 -33.89 54.21 13.91
N VAL C 28 -32.84 53.96 13.12
CA VAL C 28 -31.69 54.87 13.05
C VAL C 28 -31.93 56.08 12.15
N ASP C 29 -32.07 57.24 12.78
CA ASP C 29 -32.21 58.50 12.08
C ASP C 29 -30.88 59.25 12.14
N GLU C 30 -30.61 60.02 11.09
CA GLU C 30 -29.42 60.87 11.00
C GLU C 30 -29.30 61.77 12.22
N ALA C 31 -28.06 61.96 12.70
CA ALA C 31 -27.80 62.73 13.90
C ALA C 31 -27.87 64.24 13.66
N ILE C 32 -28.40 64.96 14.65
CA ILE C 32 -28.28 66.43 14.69
C ILE C 32 -26.97 66.82 15.37
N ASN C 33 -26.80 66.39 16.63
CA ASN C 33 -25.52 66.53 17.32
C ASN C 33 -24.48 65.65 16.66
N GLU C 34 -23.36 66.24 16.29
CA GLU C 34 -22.42 65.61 15.36
C GLU C 34 -21.34 64.77 16.03
N ASP C 35 -21.44 64.57 17.35
CA ASP C 35 -20.35 63.91 18.08
C ASP C 35 -20.39 62.38 18.16
N ASN C 36 -19.23 61.78 17.91
CA ASN C 36 -19.01 60.34 17.96
C ASN C 36 -19.63 59.61 19.16
N SER C 37 -19.53 60.21 20.35
CA SER C 37 -19.99 59.53 21.55
C SER C 37 -21.44 59.86 21.92
N VAL C 38 -22.16 60.48 21.00
CA VAL C 38 -23.50 61.00 21.31
C VAL C 38 -24.64 60.28 20.58
N VAL C 39 -25.73 60.02 21.29
CA VAL C 39 -26.95 59.48 20.68
C VAL C 39 -28.21 60.21 21.10
N SER C 40 -29.01 60.60 20.10
CA SER C 40 -30.22 61.38 20.32
C SER C 40 -31.44 60.50 20.57
N LEU C 41 -32.25 60.92 21.53
CA LEU C 41 -33.52 60.26 21.84
C LEU C 41 -34.62 61.25 22.20
N SER C 42 -35.86 60.92 21.86
CA SER C 42 -37.00 61.70 22.31
C SER C 42 -37.06 61.63 23.83
N GLN C 43 -37.42 62.74 24.47
CA GLN C 43 -37.65 62.76 25.91
C GLN C 43 -38.75 61.76 26.30
N PRO C 44 -39.90 61.77 25.59
CA PRO C 44 -40.97 60.81 25.92
C PRO C 44 -40.48 59.35 25.96
N LYS C 45 -39.47 59.03 25.15
CA LYS C 45 -38.88 57.69 25.15
C LYS C 45 -37.91 57.49 26.31
N MET C 46 -36.97 58.42 26.47
CA MET C 46 -35.94 58.34 27.52
C MET C 46 -36.48 57.94 28.90
N ASP C 47 -37.68 58.43 29.20
CA ASP C 47 -38.37 58.14 30.46
C ASP C 47 -38.87 56.69 30.45
N GLU C 48 -39.60 56.34 29.40
CA GLU C 48 -40.14 55.00 29.22
C GLU C 48 -39.09 53.93 29.52
N LEU C 49 -37.84 54.23 29.18
CA LEU C 49 -36.73 53.29 29.36
C LEU C 49 -35.90 53.63 30.59
N GLN C 50 -36.38 54.56 31.41
CA GLN C 50 -35.73 54.96 32.67
C GLN C 50 -34.29 55.38 32.44
N LEU C 51 -34.10 56.26 31.45
CA LEU C 51 -32.76 56.69 31.06
C LEU C 51 -32.56 58.18 31.26
N PHE C 52 -31.71 58.50 32.22
CA PHE C 52 -31.37 59.88 32.55
C PHE C 52 -30.31 60.41 31.59
N ARG C 53 -30.18 61.72 31.52
CA ARG C 53 -29.25 62.36 30.59
C ARG C 53 -27.80 62.09 31.00
N GLY C 54 -26.93 61.92 30.01
CA GLY C 54 -25.52 61.66 30.26
C GLY C 54 -25.21 60.26 30.76
N ASP C 55 -26.23 59.39 30.79
CA ASP C 55 -26.03 57.98 31.10
C ASP C 55 -25.32 57.31 29.92
N THR C 56 -24.43 56.38 30.23
CA THR C 56 -23.67 55.67 29.20
C THR C 56 -24.38 54.37 28.83
N VAL C 57 -24.73 54.24 27.56
CA VAL C 57 -25.59 53.14 27.09
C VAL C 57 -24.87 52.13 26.18
N LEU C 58 -25.47 50.96 26.05
CA LEU C 58 -24.96 49.91 25.17
C LEU C 58 -25.90 49.66 23.98
N LEU C 59 -25.32 49.64 22.79
CA LEU C 59 -26.07 49.54 21.55
C LEU C 59 -25.70 48.29 20.76
N LYS C 60 -26.72 47.55 20.34
CA LYS C 60 -26.51 46.33 19.58
C LYS C 60 -26.96 46.50 18.13
N GLY C 61 -26.08 46.17 17.20
CA GLY C 61 -26.34 46.37 15.77
C GLY C 61 -26.59 45.09 15.01
N LYS C 62 -25.87 44.93 13.90
CA LYS C 62 -25.97 43.74 13.08
C LYS C 62 -24.68 42.93 13.18
N LYS C 63 -24.76 41.64 12.87
CA LYS C 63 -23.58 40.81 12.93
C LYS C 63 -22.88 41.03 14.26
N ARG C 64 -23.71 41.06 15.29
CA ARG C 64 -23.20 41.03 16.63
C ARG C 64 -22.19 42.12 16.89
N ARG C 65 -22.39 43.25 16.22
CA ARG C 65 -21.60 44.44 16.48
C ARG C 65 -22.21 45.24 17.65
N GLU C 66 -21.35 45.93 18.40
CA GLU C 66 -21.73 46.64 19.61
C GLU C 66 -21.09 48.02 19.64
N ALA C 67 -21.84 49.01 20.12
CA ALA C 67 -21.29 50.36 20.31
C ALA C 67 -21.63 50.90 21.70
N VAL C 68 -20.75 51.75 22.22
CA VAL C 68 -20.96 52.38 23.52
C VAL C 68 -20.97 53.90 23.42
N CYS C 69 -22.05 54.50 23.93
CA CYS C 69 -22.29 55.92 23.76
C CYS C 69 -22.82 56.58 25.04
N ILE C 70 -22.97 57.90 24.97
CA ILE C 70 -23.63 58.67 26.02
C ILE C 70 -24.93 59.21 25.43
N VAL C 71 -25.99 59.24 26.24
CA VAL C 71 -27.33 59.56 25.74
C VAL C 71 -27.87 60.92 26.20
N LEU C 72 -28.44 61.66 25.25
CA LEU C 72 -29.07 62.95 25.50
C LEU C 72 -30.44 63.01 24.82
N SER C 73 -31.28 63.94 25.29
CA SER C 73 -32.61 64.15 24.73
C SER C 73 -32.62 65.14 23.57
N ASP C 74 -33.29 64.75 22.48
CA ASP C 74 -33.49 65.63 21.34
C ASP C 74 -34.97 65.94 21.18
N ASP C 75 -35.28 67.23 21.08
CA ASP C 75 -36.64 67.71 20.89
C ASP C 75 -37.15 67.30 19.51
N THR C 76 -36.28 67.38 18.51
CA THR C 76 -36.64 67.10 17.12
C THR C 76 -36.71 65.60 16.75
N CYS C 77 -36.38 64.74 17.72
CA CYS C 77 -36.31 63.29 17.49
C CYS C 77 -37.59 62.54 17.88
N SER C 78 -38.14 61.78 16.92
CA SER C 78 -39.32 60.95 17.14
C SER C 78 -39.11 59.97 18.29
N ASP C 79 -40.21 59.55 18.93
CA ASP C 79 -40.14 58.63 20.06
C ASP C 79 -39.40 57.33 19.76
N GLU C 80 -39.89 56.62 18.75
CA GLU C 80 -39.35 55.32 18.32
C GLU C 80 -38.23 55.43 17.27
N LYS C 81 -37.57 56.59 17.22
CA LYS C 81 -36.37 56.79 16.42
C LYS C 81 -35.17 57.20 17.27
N ILE C 82 -33.96 57.02 16.74
CA ILE C 82 -32.71 57.40 17.42
C ILE C 82 -31.67 58.00 16.46
N ARG C 83 -31.01 59.07 16.88
CA ARG C 83 -29.99 59.68 16.05
C ARG C 83 -28.58 59.28 16.45
N MET C 84 -27.76 59.02 15.43
CA MET C 84 -26.36 58.67 15.59
C MET C 84 -25.65 59.10 14.31
N ASN C 85 -24.40 59.51 14.43
CA ASN C 85 -23.63 59.92 13.26
C ASN C 85 -23.17 58.72 12.45
N ARG C 86 -22.47 58.99 11.34
CA ARG C 86 -22.01 57.91 10.48
C ARG C 86 -20.94 57.04 11.13
N VAL C 87 -20.10 57.65 11.98
CA VAL C 87 -19.10 56.89 12.72
C VAL C 87 -19.75 55.82 13.59
N VAL C 88 -20.86 56.18 14.22
CA VAL C 88 -21.61 55.24 15.06
C VAL C 88 -22.37 54.23 14.22
N ARG C 89 -22.89 54.67 13.07
CA ARG C 89 -23.62 53.79 12.17
C ARG C 89 -22.69 52.72 11.63
N ASN C 90 -21.42 53.10 11.46
CA ASN C 90 -20.35 52.20 11.03
C ASN C 90 -19.99 51.14 12.06
N ASN C 91 -19.80 51.52 13.32
CA ASN C 91 -19.42 50.52 14.30
C ASN C 91 -20.58 49.55 14.55
N LEU C 92 -21.79 50.05 14.42
CA LEU C 92 -22.97 49.19 14.56
C LEU C 92 -23.30 48.43 13.28
N ARG C 93 -22.62 48.77 12.19
CA ARG C 93 -22.85 48.13 10.88
C ARG C 93 -24.30 48.26 10.42
N VAL C 94 -24.83 49.47 10.48
CA VAL C 94 -26.20 49.73 10.04
C VAL C 94 -26.30 50.94 9.11
N ARG C 95 -27.20 50.82 8.14
CA ARG C 95 -27.57 51.95 7.28
C ARG C 95 -28.70 52.71 7.97
N LEU C 96 -28.87 53.98 7.64
CA LEU C 96 -29.99 54.76 8.16
C LEU C 96 -31.29 54.06 7.77
N GLY C 97 -32.21 53.93 8.72
CA GLY C 97 -33.45 53.21 8.48
C GLY C 97 -33.51 51.82 9.09
N ASP C 98 -32.35 51.29 9.48
CA ASP C 98 -32.27 50.03 10.23
C ASP C 98 -32.69 50.23 11.69
N VAL C 99 -32.64 49.17 12.48
CA VAL C 99 -33.17 49.20 13.84
C VAL C 99 -32.19 48.60 14.84
N ILE C 100 -32.10 49.18 16.05
CA ILE C 100 -31.12 48.70 17.04
C ILE C 100 -31.68 48.44 18.44
N SER C 101 -30.88 47.76 19.26
CA SER C 101 -31.18 47.58 20.66
C SER C 101 -30.45 48.64 21.46
N ILE C 102 -31.20 49.32 22.33
CA ILE C 102 -30.57 50.18 23.32
C ILE C 102 -30.78 49.60 24.71
N GLN C 103 -29.72 49.66 25.51
CA GLN C 103 -29.64 48.93 26.76
C GLN C 103 -28.86 49.79 27.75
N PRO C 104 -29.26 49.80 29.03
CA PRO C 104 -28.51 50.54 30.03
C PRO C 104 -27.19 49.85 30.35
N CYS C 105 -26.09 50.61 30.27
CA CYS C 105 -24.77 50.07 30.55
C CYS C 105 -24.19 50.74 31.81
N PRO C 106 -24.58 50.24 33.00
CA PRO C 106 -24.35 51.01 34.23
C PRO C 106 -22.99 50.81 34.89
N ASP C 107 -22.44 49.59 34.78
CA ASP C 107 -21.27 49.17 35.55
C ASP C 107 -19.93 49.44 34.84
N VAL C 108 -19.95 50.36 33.87
CA VAL C 108 -18.75 50.70 33.12
C VAL C 108 -17.65 51.20 34.05
N LYS C 109 -16.45 50.67 33.86
CA LYS C 109 -15.30 51.02 34.69
C LYS C 109 -14.44 52.04 33.97
N TYR C 110 -13.66 52.79 34.74
CA TYR C 110 -12.72 53.77 34.18
C TYR C 110 -11.56 53.07 33.49
N GLY C 111 -11.05 53.69 32.43
CA GLY C 111 -10.01 53.08 31.59
C GLY C 111 -8.63 53.13 32.19
N LYS C 112 -8.00 51.96 32.29
CA LYS C 112 -6.63 51.84 32.77
C LYS C 112 -5.65 52.25 31.66
N ARG C 113 -5.67 51.50 30.55
CA ARG C 113 -4.83 51.78 29.39
C ARG C 113 -5.52 51.38 28.10
N ILE C 114 -5.32 52.20 27.06
CA ILE C 114 -5.87 51.90 25.74
C ILE C 114 -4.80 51.99 24.64
N HIS C 115 -4.87 51.07 23.68
CA HIS C 115 -3.96 51.05 22.55
C HIS C 115 -4.74 51.27 21.27
N VAL C 116 -4.39 52.32 20.53
CA VAL C 116 -5.11 52.69 19.31
C VAL C 116 -4.18 53.02 18.15
N LEU C 117 -4.50 52.51 16.96
CA LEU C 117 -3.70 52.80 15.79
C LEU C 117 -4.51 53.54 14.72
N PRO C 118 -3.83 54.39 13.92
CA PRO C 118 -4.48 55.08 12.82
C PRO C 118 -4.55 54.21 11.56
N ILE C 119 -5.44 54.55 10.63
CA ILE C 119 -5.53 53.83 9.36
C ILE C 119 -4.53 54.40 8.34
N ASP C 120 -3.81 53.50 7.69
CA ASP C 120 -2.73 53.82 6.75
C ASP C 120 -3.02 54.93 5.74
N ASP C 121 -4.19 54.87 5.10
CA ASP C 121 -4.53 55.83 4.04
C ASP C 121 -5.13 57.13 4.60
N THR C 122 -4.92 57.36 5.89
CA THR C 122 -5.40 58.56 6.56
C THR C 122 -4.24 59.25 7.30
N VAL C 123 -3.02 58.82 7.00
CA VAL C 123 -1.82 59.36 7.64
C VAL C 123 -0.66 59.62 6.68
N GLU C 124 -0.89 59.38 5.39
CA GLU C 124 0.08 59.72 4.36
C GLU C 124 0.34 61.21 4.46
N GLY C 125 1.57 61.56 4.83
CA GLY C 125 1.93 62.94 5.13
C GLY C 125 2.52 63.07 6.53
N ILE C 126 2.47 64.28 7.08
CA ILE C 126 3.09 64.60 8.38
C ILE C 126 2.71 63.64 9.51
N THR C 127 3.69 63.34 10.35
CA THR C 127 3.46 62.64 11.62
C THR C 127 3.35 63.67 12.73
N GLY C 128 4.39 64.50 12.89
CA GLY C 128 4.47 65.46 13.98
C GLY C 128 4.30 64.73 15.30
N ASN C 129 3.08 64.78 15.83
CA ASN C 129 2.66 63.94 16.95
C ASN C 129 1.16 63.69 16.89
N LEU C 130 0.80 62.42 16.69
CA LEU C 130 -0.60 62.02 16.55
C LEU C 130 -1.38 62.16 17.85
N PHE C 131 -0.74 61.81 18.96
CA PHE C 131 -1.36 61.96 20.27
C PHE C 131 -1.69 63.41 20.55
N GLU C 132 -0.71 64.29 20.34
CA GLU C 132 -0.84 65.70 20.63
C GLU C 132 -1.92 66.35 19.77
N VAL C 133 -1.71 66.32 18.46
CA VAL C 133 -2.60 66.96 17.49
C VAL C 133 -4.03 66.40 17.55
N TYR C 134 -4.15 65.09 17.70
CA TYR C 134 -5.44 64.44 17.48
C TYR C 134 -6.10 63.86 18.73
N LEU C 135 -5.41 62.93 19.39
CA LEU C 135 -6.02 62.16 20.47
C LEU C 135 -6.20 62.99 21.75
N LYS C 136 -5.11 63.60 22.21
CA LYS C 136 -5.14 64.41 23.43
C LYS C 136 -6.36 65.34 23.51
N PRO C 137 -6.59 66.17 22.47
CA PRO C 137 -7.75 67.07 22.51
C PRO C 137 -9.10 66.35 22.46
N TYR C 138 -9.25 65.41 21.53
CA TYR C 138 -10.50 64.64 21.37
C TYR C 138 -10.95 63.96 22.66
N PHE C 139 -9.99 63.59 23.50
CA PHE C 139 -10.27 62.89 24.75
C PHE C 139 -10.26 63.79 25.98
N LEU C 140 -9.50 64.88 25.91
CA LEU C 140 -9.28 65.76 27.07
C LEU C 140 -10.56 66.17 27.78
N GLU C 141 -10.70 65.71 29.03
CA GLU C 141 -11.83 66.05 29.91
C GLU C 141 -13.19 65.61 29.36
N ALA C 142 -13.17 64.66 28.43
CA ALA C 142 -14.39 64.22 27.75
C ALA C 142 -15.10 63.07 28.44
N TYR C 143 -14.32 62.14 29.01
CA TYR C 143 -14.85 60.96 29.70
C TYR C 143 -15.68 60.08 28.74
N ARG C 144 -15.10 59.77 27.60
CA ARG C 144 -15.79 59.05 26.52
C ARG C 144 -15.88 57.55 26.77
N PRO C 145 -17.03 56.94 26.42
CA PRO C 145 -17.10 55.49 26.38
C PRO C 145 -16.58 55.00 25.03
N ILE C 146 -15.77 53.95 25.05
CA ILE C 146 -15.27 53.33 23.82
C ILE C 146 -15.22 51.82 23.96
N ARG C 147 -15.37 51.13 22.83
CA ARG C 147 -15.30 49.67 22.78
C ARG C 147 -14.07 49.24 22.00
N LYS C 148 -13.60 48.03 22.29
CA LYS C 148 -12.55 47.42 21.48
C LYS C 148 -13.10 47.26 20.07
N GLY C 149 -12.29 47.60 19.07
CA GLY C 149 -12.68 47.44 17.67
C GLY C 149 -13.56 48.56 17.13
N ASP C 150 -13.68 49.64 17.89
CA ASP C 150 -14.33 50.85 17.39
C ASP C 150 -13.41 51.52 16.39
N ILE C 151 -13.97 52.00 15.30
CA ILE C 151 -13.27 52.92 14.41
C ILE C 151 -13.97 54.27 14.54
N PHE C 152 -13.17 55.29 14.84
CA PHE C 152 -13.70 56.63 15.05
C PHE C 152 -12.80 57.66 14.37
N LEU C 153 -13.39 58.80 14.01
CA LEU C 153 -12.71 59.85 13.26
C LEU C 153 -12.40 61.07 14.13
N VAL C 154 -11.19 61.59 14.00
CA VAL C 154 -10.79 62.80 14.71
C VAL C 154 -10.24 63.84 13.73
N ARG C 155 -10.83 65.02 13.77
CA ARG C 155 -10.34 66.16 13.00
C ARG C 155 -9.37 66.96 13.85
N GLY C 156 -8.22 67.30 13.27
CA GLY C 156 -7.21 68.11 13.94
C GLY C 156 -6.63 69.13 12.98
N GLY C 157 -7.17 70.35 13.07
CA GLY C 157 -6.78 71.41 12.13
C GLY C 157 -7.01 70.99 10.70
N MET C 158 -5.92 70.83 9.97
CA MET C 158 -5.93 70.60 8.51
C MET C 158 -6.52 69.27 8.06
N ARG C 159 -6.38 68.24 8.89
CA ARG C 159 -6.78 66.88 8.50
C ARG C 159 -7.75 66.22 9.46
N ALA C 160 -8.44 65.21 8.95
CA ALA C 160 -9.24 64.30 9.79
C ALA C 160 -8.68 62.90 9.64
N VAL C 161 -8.46 62.23 10.76
CA VAL C 161 -7.81 60.91 10.77
C VAL C 161 -8.69 59.88 11.47
N GLU C 162 -8.70 58.66 10.92
CA GLU C 162 -9.44 57.54 11.50
C GLU C 162 -8.54 56.65 12.36
N PHE C 163 -9.05 56.30 13.54
CA PHE C 163 -8.33 55.45 14.47
C PHE C 163 -9.15 54.21 14.80
N LYS C 164 -8.45 53.09 15.02
CA LYS C 164 -9.09 51.85 15.46
C LYS C 164 -8.64 51.50 16.87
N VAL C 165 -9.61 51.17 17.72
CA VAL C 165 -9.32 50.76 19.08
C VAL C 165 -8.82 49.32 19.07
N VAL C 166 -7.50 49.16 19.15
CA VAL C 166 -6.85 47.85 19.09
C VAL C 166 -7.05 47.04 20.38
N GLU C 167 -6.84 47.69 21.53
CA GLU C 167 -6.96 47.03 22.83
C GLU C 167 -7.45 48.01 23.89
N THR C 168 -8.22 47.48 24.84
CA THR C 168 -8.63 48.26 26.02
C THR C 168 -8.40 47.45 27.28
N ASP C 169 -8.05 48.17 28.35
CA ASP C 169 -7.92 47.59 29.67
C ASP C 169 -8.77 48.46 30.58
N PRO C 170 -9.94 47.94 31.03
CA PRO C 170 -10.48 46.59 30.84
C PRO C 170 -11.20 46.36 29.51
N SER C 171 -10.99 45.19 28.93
CA SER C 171 -11.73 44.75 27.75
C SER C 171 -13.15 44.35 28.18
N PRO C 172 -14.15 44.54 27.30
CA PRO C 172 -14.09 45.15 25.98
C PRO C 172 -14.38 46.65 25.99
N TYR C 173 -15.02 47.14 27.05
CA TYR C 173 -15.31 48.57 27.18
C TYR C 173 -14.86 49.23 28.49
N CYS C 174 -14.56 50.52 28.37
CA CYS C 174 -14.09 51.38 29.46
C CYS C 174 -14.37 52.85 29.13
N ILE C 175 -14.40 53.69 30.16
CA ILE C 175 -14.53 55.14 30.01
C ILE C 175 -13.13 55.75 29.98
N VAL C 176 -12.90 56.66 29.03
CA VAL C 176 -11.61 57.33 28.93
C VAL C 176 -11.57 58.59 29.82
N ALA C 177 -10.94 58.43 30.97
CA ALA C 177 -10.79 59.48 31.96
C ALA C 177 -9.40 60.11 31.84
N PRO C 178 -9.10 61.17 32.62
CA PRO C 178 -7.78 61.80 32.55
C PRO C 178 -6.63 60.86 32.95
N ASP C 179 -6.93 59.89 33.83
CA ASP C 179 -5.93 58.94 34.32
C ASP C 179 -5.49 57.93 33.25
N THR C 180 -6.32 57.76 32.22
CA THR C 180 -6.13 56.73 31.20
C THR C 180 -4.87 56.95 30.36
N VAL C 181 -3.94 56.00 30.43
CA VAL C 181 -2.72 56.05 29.64
C VAL C 181 -3.05 55.61 28.22
N ILE C 182 -2.68 56.45 27.25
CA ILE C 182 -3.05 56.22 25.85
C ILE C 182 -1.82 55.90 24.99
N HIS C 183 -1.78 54.67 24.47
CA HIS C 183 -0.68 54.23 23.62
C HIS C 183 -1.12 54.16 22.16
N CYS C 184 -0.38 54.82 21.28
CA CYS C 184 -0.72 54.85 19.86
C CYS C 184 0.45 54.48 18.92
N GLU C 185 1.54 53.98 19.52
CA GLU C 185 2.69 53.51 18.76
C GLU C 185 2.39 52.18 18.06
N GLY C 186 2.96 52.01 16.87
CA GLY C 186 2.78 50.78 16.11
C GLY C 186 2.65 51.01 14.62
N GLU C 187 2.42 49.92 13.89
CA GLU C 187 2.23 49.99 12.44
C GLU C 187 0.78 50.34 12.10
N PRO C 188 0.57 51.33 11.21
CA PRO C 188 -0.78 51.74 10.82
C PRO C 188 -1.61 50.57 10.32
N ILE C 189 -2.86 50.51 10.78
CA ILE C 189 -3.84 49.53 10.30
C ILE C 189 -4.00 49.69 8.79
N LYS C 190 -4.11 48.58 8.08
CA LYS C 190 -4.31 48.62 6.64
C LYS C 190 -5.78 48.74 6.31
N ARG C 191 -6.13 49.76 5.53
CA ARG C 191 -7.50 50.02 5.08
C ARG C 191 -8.18 48.74 4.59
N GLU C 192 -7.53 48.07 3.65
CA GLU C 192 -8.05 46.86 3.00
C GLU C 192 -8.62 45.84 3.99
N ASP C 193 -7.87 45.55 5.05
CA ASP C 193 -8.30 44.61 6.08
C ASP C 193 -9.63 45.03 6.68
N GLU C 194 -9.73 46.33 6.99
CA GLU C 194 -10.92 46.90 7.61
C GLU C 194 -12.07 47.07 6.62
N GLU C 195 -11.74 47.06 5.33
CA GLU C 195 -12.74 46.99 4.28
C GLU C 195 -13.38 45.61 4.32
N GLU C 196 -12.54 44.59 4.31
CA GLU C 196 -12.96 43.18 4.40
C GLU C 196 -13.82 42.94 5.65
N SER C 197 -13.49 43.63 6.73
CA SER C 197 -14.18 43.50 8.00
C SER C 197 -15.61 44.02 7.93
N LEU C 198 -15.80 45.19 7.32
CA LEU C 198 -17.13 45.72 7.08
C LEU C 198 -17.92 44.77 6.19
N ASN C 199 -17.24 44.23 5.19
CA ASN C 199 -17.87 43.41 4.16
C ASN C 199 -18.23 42.00 4.58
N GLU C 200 -17.72 41.55 5.73
CA GLU C 200 -18.04 40.22 6.23
C GLU C 200 -19.53 39.94 6.20
N VAL C 201 -19.85 38.72 5.83
CA VAL C 201 -21.21 38.34 5.51
C VAL C 201 -22.12 38.30 6.72
N GLY C 202 -23.31 38.89 6.57
CA GLY C 202 -24.37 38.73 7.54
C GLY C 202 -25.41 37.77 7.04
N TYR C 203 -26.52 37.66 7.76
CA TYR C 203 -27.66 36.89 7.30
C TYR C 203 -28.29 37.56 6.09
N ASP C 204 -28.41 38.90 6.18
CA ASP C 204 -28.97 39.72 5.11
C ASP C 204 -28.31 39.48 3.76
N ASP C 205 -27.09 38.97 3.77
CA ASP C 205 -26.31 38.78 2.54
C ASP C 205 -26.62 37.48 1.80
N ILE C 206 -27.53 36.68 2.35
CA ILE C 206 -27.92 35.43 1.70
C ILE C 206 -29.38 35.52 1.23
N GLY C 207 -29.65 35.10 0.00
CA GLY C 207 -30.96 35.33 -0.61
C GLY C 207 -31.67 34.11 -1.15
N GLY C 208 -32.98 34.05 -0.88
CA GLY C 208 -33.82 32.97 -1.38
C GLY C 208 -33.75 31.72 -0.52
N CYS C 209 -33.40 31.89 0.74
CA CYS C 209 -33.30 30.78 1.68
C CYS C 209 -34.06 30.97 2.98
N ARG C 210 -34.97 31.96 3.02
CA ARG C 210 -35.75 32.23 4.22
C ARG C 210 -36.20 30.94 4.94
N LYS C 211 -36.87 30.05 4.22
CA LYS C 211 -37.33 28.77 4.78
C LYS C 211 -36.24 28.01 5.54
N GLN C 212 -35.03 27.96 4.98
CA GLN C 212 -33.91 27.18 5.53
C GLN C 212 -33.18 27.97 6.61
N LEU C 213 -32.92 29.24 6.32
CA LEU C 213 -32.42 30.16 7.33
C LEU C 213 -33.22 29.96 8.61
N ALA C 214 -34.55 29.85 8.46
CA ALA C 214 -35.42 29.62 9.60
C ALA C 214 -34.97 28.36 10.33
N GLN C 215 -34.87 27.24 9.62
CA GLN C 215 -34.55 25.96 10.25
C GLN C 215 -33.24 26.04 10.99
N ILE C 216 -32.25 26.72 10.41
CA ILE C 216 -30.93 26.82 11.00
C ILE C 216 -31.01 27.48 12.37
N LYS C 217 -31.58 28.69 12.42
CA LYS C 217 -31.82 29.37 13.68
C LYS C 217 -32.62 28.49 14.64
N GLU C 218 -33.56 27.72 14.10
CA GLU C 218 -34.41 26.82 14.89
C GLU C 218 -33.67 25.63 15.48
N MET C 219 -32.52 25.29 14.91
CA MET C 219 -31.84 24.06 15.32
C MET C 219 -30.50 24.34 15.93
N VAL C 220 -29.97 25.52 15.66
CA VAL C 220 -28.66 25.88 16.17
C VAL C 220 -28.77 27.07 17.11
N GLU C 221 -29.18 28.20 16.57
CA GLU C 221 -29.24 29.44 17.34
C GLU C 221 -30.17 29.30 18.54
N LEU C 222 -31.34 28.72 18.32
CA LEU C 222 -32.36 28.62 19.37
C LEU C 222 -31.97 27.70 20.52
N PRO C 223 -31.61 26.43 20.23
CA PRO C 223 -31.21 25.50 21.29
C PRO C 223 -30.09 26.01 22.19
N LEU C 224 -29.27 26.90 21.67
CA LEU C 224 -28.15 27.43 22.45
C LEU C 224 -28.52 28.70 23.23
N ARG C 225 -29.23 29.61 22.58
CA ARG C 225 -29.67 30.84 23.25
C ARG C 225 -30.68 30.57 24.37
N HIS C 226 -31.59 29.61 24.16
CA HIS C 226 -32.63 29.35 25.14
C HIS C 226 -32.83 27.85 25.42
N PRO C 227 -31.83 27.19 26.03
CA PRO C 227 -31.87 25.74 26.22
C PRO C 227 -33.03 25.25 27.08
N ALA C 228 -33.65 26.18 27.81
CA ALA C 228 -34.72 25.87 28.76
C ALA C 228 -36.05 25.49 28.12
N LEU C 229 -36.34 26.07 26.96
CA LEU C 229 -37.58 25.77 26.22
C LEU C 229 -37.68 24.27 25.97
N PHE C 230 -36.52 23.65 25.75
CA PHE C 230 -36.46 22.22 25.48
C PHE C 230 -36.47 21.45 26.79
N LYS C 231 -35.76 21.98 27.78
CA LYS C 231 -35.81 21.45 29.13
C LYS C 231 -37.25 21.40 29.63
N GLU C 232 -37.89 22.56 29.70
CA GLU C 232 -39.29 22.66 30.11
C GLU C 232 -40.15 21.63 29.37
N ILE C 233 -40.16 21.68 28.04
CA ILE C 233 -41.01 20.77 27.26
C ILE C 233 -40.52 19.31 27.33
N GLY C 234 -39.29 19.12 27.78
CA GLY C 234 -38.75 17.79 28.04
C GLY C 234 -38.28 17.02 26.82
N VAL C 235 -37.58 17.72 25.93
CA VAL C 235 -37.04 17.09 24.73
C VAL C 235 -35.57 17.51 24.54
N LYS C 236 -34.78 16.66 23.89
CA LYS C 236 -33.37 16.93 23.65
C LYS C 236 -33.19 17.50 22.25
N PRO C 237 -32.56 18.69 22.14
CA PRO C 237 -32.31 19.27 20.83
C PRO C 237 -31.38 18.38 20.01
N PRO C 238 -31.55 18.35 18.67
CA PRO C 238 -30.61 17.59 17.86
C PRO C 238 -29.26 18.31 17.82
N ARG C 239 -28.17 17.55 17.63
CA ARG C 239 -26.82 18.10 17.74
C ARG C 239 -26.00 18.01 16.45
N GLY C 240 -26.58 17.45 15.40
CA GLY C 240 -25.91 17.37 14.10
C GLY C 240 -26.82 17.85 13.01
N ILE C 241 -26.40 18.90 12.30
CA ILE C 241 -27.16 19.42 11.18
C ILE C 241 -26.32 19.38 9.92
N LEU C 242 -26.86 18.71 8.90
CA LEU C 242 -26.17 18.57 7.62
C LEU C 242 -26.89 19.34 6.51
N LEU C 243 -26.26 20.42 6.06
CA LEU C 243 -26.75 21.14 4.90
C LEU C 243 -26.25 20.47 3.65
N TYR C 244 -27.13 20.35 2.65
CA TYR C 244 -26.73 19.83 1.36
C TYR C 244 -27.41 20.61 0.24
N GLY C 245 -26.85 20.53 -0.96
CA GLY C 245 -27.40 21.23 -2.10
C GLY C 245 -26.61 21.08 -3.38
N PRO C 246 -27.25 21.32 -4.54
CA PRO C 246 -26.49 21.27 -5.78
C PRO C 246 -25.42 22.33 -5.67
N PRO C 247 -24.22 22.07 -6.23
CA PRO C 247 -23.05 22.90 -5.98
C PRO C 247 -23.33 24.37 -6.15
N GLY C 248 -22.85 25.17 -5.21
CA GLY C 248 -22.81 26.62 -5.39
C GLY C 248 -23.98 27.39 -4.83
N THR C 249 -24.69 26.81 -3.86
CA THR C 249 -25.95 27.41 -3.39
C THR C 249 -25.84 28.24 -2.10
N GLY C 250 -24.62 28.52 -1.66
CA GLY C 250 -24.42 29.37 -0.47
C GLY C 250 -24.40 28.61 0.84
N LYS C 251 -24.02 27.33 0.73
CA LYS C 251 -23.74 26.48 1.87
C LYS C 251 -22.55 27.09 2.67
N THR C 252 -21.38 27.20 2.03
CA THR C 252 -20.21 27.85 2.64
C THR C 252 -20.55 29.29 3.00
N LEU C 253 -21.45 29.87 2.21
CA LEU C 253 -21.79 31.27 2.40
C LEU C 253 -22.53 31.40 3.70
N ILE C 254 -23.24 30.34 4.08
CA ILE C 254 -24.08 30.40 5.26
C ILE C 254 -23.17 30.12 6.43
N ALA C 255 -22.26 29.19 6.21
CA ALA C 255 -21.15 28.94 7.13
C ALA C 255 -20.56 30.28 7.60
N ARG C 256 -20.31 31.18 6.66
CA ARG C 256 -19.80 32.50 6.98
C ARG C 256 -20.76 33.28 7.88
N ALA C 257 -21.95 33.57 7.36
CA ALA C 257 -22.98 34.32 8.11
C ALA C 257 -23.05 33.90 9.57
N VAL C 258 -23.29 32.61 9.79
CA VAL C 258 -23.46 32.05 11.13
C VAL C 258 -22.28 32.42 12.03
N ALA C 259 -21.07 32.26 11.52
CA ALA C 259 -19.85 32.57 12.27
C ALA C 259 -19.93 34.00 12.79
N ASN C 260 -20.19 34.94 11.89
CA ASN C 260 -20.28 36.36 12.20
C ASN C 260 -21.50 36.71 13.06
N GLU C 261 -22.61 36.04 12.76
CA GLU C 261 -23.92 36.36 13.30
C GLU C 261 -24.25 35.68 14.64
N THR C 262 -23.67 34.49 14.87
CA THR C 262 -24.07 33.61 15.99
C THR C 262 -23.65 34.12 17.31
N GLY C 263 -24.36 33.89 18.41
CA GLY C 263 -23.83 34.23 19.73
C GLY C 263 -22.78 33.29 20.31
N ALA C 264 -22.62 32.13 19.68
CA ALA C 264 -21.76 31.07 20.22
C ALA C 264 -20.28 31.19 19.82
N PHE C 265 -19.44 30.44 20.53
CA PHE C 265 -18.06 30.24 20.09
C PHE C 265 -18.11 29.35 18.87
N PHE C 266 -17.46 29.79 17.80
CA PHE C 266 -17.55 29.12 16.51
C PHE C 266 -16.22 28.56 16.06
N PHE C 267 -16.21 27.29 15.66
CA PHE C 267 -15.00 26.66 15.14
C PHE C 267 -15.22 26.04 13.77
N LEU C 268 -14.41 26.45 12.80
CA LEU C 268 -14.53 25.99 11.43
C LEU C 268 -13.53 24.90 11.06
N ILE C 269 -14.03 23.89 10.35
CA ILE C 269 -13.23 22.77 9.87
C ILE C 269 -13.45 22.63 8.36
N ASN C 270 -12.37 22.72 7.59
CA ASN C 270 -12.43 22.56 6.13
C ASN C 270 -11.91 21.23 5.64
N GLY C 271 -12.82 20.29 5.37
CA GLY C 271 -12.46 18.97 4.84
C GLY C 271 -11.17 18.92 4.02
N PRO C 272 -11.16 19.60 2.86
CA PRO C 272 -9.96 19.61 2.04
C PRO C 272 -8.70 20.09 2.79
N GLU C 273 -8.89 20.88 3.83
CA GLU C 273 -7.75 21.41 4.57
C GLU C 273 -7.26 20.41 5.62
N ILE C 274 -8.21 19.73 6.26
CA ILE C 274 -7.88 18.63 7.15
C ILE C 274 -7.06 17.58 6.40
N MET C 275 -7.56 17.19 5.24
CA MET C 275 -6.98 16.11 4.45
C MET C 275 -5.62 16.46 3.84
N SER C 276 -5.23 17.73 3.93
CA SER C 276 -3.92 18.14 3.47
C SER C 276 -2.83 17.86 4.51
N LYS C 277 -3.22 17.58 5.76
CA LYS C 277 -2.25 17.33 6.84
C LYS C 277 -1.62 15.94 6.77
N LEU C 278 -0.48 15.80 7.44
CA LEU C 278 0.21 14.52 7.51
C LEU C 278 -0.68 13.54 8.23
N ALA C 279 -0.49 12.24 7.96
CA ALA C 279 -1.23 11.20 8.68
C ALA C 279 -1.10 11.38 10.19
N GLY C 280 -2.23 11.36 10.89
CA GLY C 280 -2.23 11.57 12.34
C GLY C 280 -2.25 13.03 12.74
N GLU C 281 -1.65 13.90 11.91
CA GLU C 281 -1.72 15.36 12.06
C GLU C 281 -3.16 15.84 12.00
N SER C 282 -3.96 15.12 11.23
CA SER C 282 -5.36 15.47 11.02
C SER C 282 -6.18 15.05 12.23
N GLU C 283 -5.90 13.84 12.74
CA GLU C 283 -6.58 13.31 13.93
C GLU C 283 -6.37 14.18 15.17
N SER C 284 -5.20 14.80 15.26
CA SER C 284 -4.90 15.75 16.32
C SER C 284 -5.80 16.98 16.17
N ASN C 285 -5.85 17.51 14.95
CA ASN C 285 -6.64 18.69 14.65
C ASN C 285 -8.13 18.43 14.84
N LEU C 286 -8.57 17.23 14.47
CA LEU C 286 -9.96 16.84 14.65
C LEU C 286 -10.39 16.80 16.12
N ARG C 287 -9.54 16.21 16.96
CA ARG C 287 -9.75 16.20 18.40
C ARG C 287 -9.65 17.62 18.90
N LYS C 288 -8.54 18.26 18.54
CA LYS C 288 -8.25 19.63 18.97
C LYS C 288 -9.45 20.55 18.79
N ALA C 289 -10.13 20.41 17.65
CA ALA C 289 -11.34 21.18 17.35
C ALA C 289 -12.48 20.87 18.32
N PHE C 290 -12.78 19.58 18.49
CA PHE C 290 -13.84 19.15 19.39
C PHE C 290 -13.56 19.50 20.84
N GLU C 291 -12.29 19.49 21.23
CA GLU C 291 -11.87 19.86 22.58
C GLU C 291 -12.04 21.36 22.78
N GLU C 292 -11.55 22.14 21.81
CA GLU C 292 -11.71 23.59 21.83
C GLU C 292 -13.17 23.96 22.04
N ALA C 293 -14.05 23.33 21.25
CA ALA C 293 -15.48 23.59 21.26
C ALA C 293 -16.12 23.28 22.61
N GLU C 294 -15.73 22.16 23.21
CA GLU C 294 -16.22 21.81 24.54
C GLU C 294 -15.74 22.83 25.54
N LYS C 295 -14.42 23.07 25.55
CA LYS C 295 -13.79 24.04 26.43
C LYS C 295 -14.50 25.42 26.41
N ASN C 296 -14.92 25.88 25.24
CA ASN C 296 -15.59 27.17 25.12
C ASN C 296 -17.11 27.16 24.92
N ALA C 297 -17.76 26.03 25.19
CA ALA C 297 -19.21 25.91 24.99
C ALA C 297 -19.97 27.05 25.67
N PRO C 298 -21.17 27.39 25.17
CA PRO C 298 -21.85 26.79 24.01
C PRO C 298 -21.08 27.07 22.73
N ALA C 299 -21.02 26.09 21.83
CA ALA C 299 -20.24 26.23 20.61
C ALA C 299 -20.93 25.67 19.36
N ILE C 300 -20.51 26.15 18.20
CA ILE C 300 -20.90 25.55 16.92
C ILE C 300 -19.63 25.12 16.19
N ILE C 301 -19.48 23.82 15.96
CA ILE C 301 -18.44 23.34 15.08
C ILE C 301 -19.01 23.21 13.68
N PHE C 302 -18.34 23.83 12.70
CA PHE C 302 -18.78 23.74 11.31
C PHE C 302 -17.77 23.02 10.42
N ILE C 303 -18.25 21.98 9.74
CA ILE C 303 -17.42 21.22 8.82
C ILE C 303 -17.80 21.48 7.37
N ASP C 304 -16.98 22.24 6.66
CA ASP C 304 -17.26 22.51 5.26
C ASP C 304 -16.67 21.43 4.38
N GLU C 305 -17.41 21.08 3.33
CA GLU C 305 -17.03 20.01 2.41
C GLU C 305 -16.81 18.71 3.16
N LEU C 306 -17.80 18.35 3.97
CA LEU C 306 -17.74 17.15 4.81
C LEU C 306 -17.31 15.93 4.01
N ASP C 307 -17.93 15.73 2.84
CA ASP C 307 -17.67 14.57 2.01
C ASP C 307 -16.17 14.35 1.79
N ALA C 308 -15.39 15.43 1.86
CA ALA C 308 -13.94 15.32 1.72
C ALA C 308 -13.29 14.48 2.82
N ILE C 309 -13.87 14.46 4.02
CA ILE C 309 -13.30 13.65 5.10
C ILE C 309 -14.16 12.44 5.51
N ALA C 310 -15.39 12.38 5.03
CA ALA C 310 -16.27 11.28 5.38
C ALA C 310 -16.85 10.52 4.18
N PRO C 311 -15.97 9.92 3.35
CA PRO C 311 -16.51 9.06 2.31
C PRO C 311 -16.98 7.76 2.95
N LYS C 312 -17.67 6.92 2.19
CA LYS C 312 -18.09 5.62 2.67
C LYS C 312 -16.87 4.75 2.99
N ARG C 313 -16.67 4.47 4.28
CA ARG C 313 -15.56 3.64 4.76
C ARG C 313 -15.37 2.39 3.91
N GLU C 314 -16.50 1.75 3.59
CA GLU C 314 -16.54 0.55 2.76
C GLU C 314 -15.94 0.83 1.37
N LYS C 315 -16.32 1.97 0.80
CA LYS C 315 -15.98 2.30 -0.59
C LYS C 315 -14.68 3.13 -0.73
N THR C 316 -14.03 3.41 0.39
CA THR C 316 -12.83 4.26 0.39
C THR C 316 -11.51 3.47 0.48
N HIS C 317 -10.50 3.93 -0.23
CA HIS C 317 -9.31 3.11 -0.49
C HIS C 317 -8.18 3.20 0.55
N GLY C 318 -7.76 4.40 0.91
CA GLY C 318 -6.64 4.58 1.85
C GLY C 318 -6.96 4.14 3.27
N GLU C 319 -5.93 3.80 4.04
CA GLU C 319 -6.09 3.32 5.42
C GLU C 319 -6.25 4.45 6.43
N VAL C 320 -5.34 5.41 6.39
CA VAL C 320 -5.46 6.62 7.20
C VAL C 320 -6.84 7.20 6.95
N GLU C 321 -7.30 7.05 5.72
CA GLU C 321 -8.56 7.61 5.27
C GLU C 321 -9.76 7.09 6.06
N ARG C 322 -9.88 5.77 6.21
CA ARG C 322 -10.96 5.21 7.07
C ARG C 322 -10.79 5.65 8.51
N ARG C 323 -9.55 5.72 8.98
CA ARG C 323 -9.28 6.04 10.37
C ARG C 323 -9.97 7.36 10.75
N ILE C 324 -9.93 8.34 9.84
CA ILE C 324 -10.61 9.62 10.06
C ILE C 324 -12.13 9.47 10.19
N VAL C 325 -12.79 8.75 9.28
CA VAL C 325 -14.24 8.56 9.43
C VAL C 325 -14.50 8.00 10.82
N SER C 326 -13.76 6.95 11.18
CA SER C 326 -13.86 6.36 12.51
C SER C 326 -13.57 7.41 13.58
N GLN C 327 -12.45 8.11 13.44
CA GLN C 327 -12.05 9.17 14.36
C GLN C 327 -13.20 10.15 14.63
N LEU C 328 -13.79 10.68 13.56
CA LEU C 328 -14.91 11.61 13.66
C LEU C 328 -16.10 11.00 14.38
N LEU C 329 -16.66 9.94 13.81
CA LEU C 329 -17.78 9.20 14.41
C LEU C 329 -17.66 9.15 15.93
N THR C 330 -16.54 8.63 16.42
CA THR C 330 -16.20 8.61 17.85
C THR C 330 -16.49 9.93 18.55
N LEU C 331 -16.01 11.04 17.98
CA LEU C 331 -16.14 12.36 18.59
C LEU C 331 -17.59 12.82 18.62
N MET C 332 -18.24 12.77 17.46
CA MET C 332 -19.69 12.98 17.35
C MET C 332 -20.40 12.29 18.52
N ASP C 333 -20.12 10.99 18.69
CA ASP C 333 -20.72 10.21 19.75
C ASP C 333 -20.23 10.62 21.14
N GLY C 334 -18.97 11.01 21.24
CA GLY C 334 -18.36 11.39 22.52
C GLY C 334 -18.84 12.70 23.11
N LEU C 335 -19.79 13.35 22.44
CA LEU C 335 -20.34 14.61 22.92
C LEU C 335 -21.36 14.38 24.04
N LYS C 336 -21.02 14.80 25.25
CA LYS C 336 -21.91 14.69 26.39
C LYS C 336 -23.12 15.61 26.23
N GLN C 337 -24.20 15.26 26.92
CA GLN C 337 -25.44 16.06 26.89
C GLN C 337 -25.18 17.50 27.34
N ARG C 338 -24.49 17.64 28.47
CA ARG C 338 -24.17 18.93 29.08
C ARG C 338 -23.22 19.79 28.24
N ALA C 339 -22.77 19.26 27.10
CA ALA C 339 -21.71 19.91 26.32
C ALA C 339 -22.11 21.22 25.63
N HIS C 340 -23.37 21.34 25.23
CA HIS C 340 -23.88 22.51 24.48
C HIS C 340 -23.08 22.80 23.20
N VAL C 341 -22.91 21.78 22.36
CA VAL C 341 -22.24 21.94 21.07
C VAL C 341 -23.11 21.37 19.95
N ILE C 342 -23.32 22.17 18.91
CA ILE C 342 -24.05 21.72 17.73
C ILE C 342 -23.09 21.60 16.57
N VAL C 343 -22.98 20.41 15.99
CA VAL C 343 -22.14 20.24 14.81
C VAL C 343 -22.95 20.39 13.53
N MET C 344 -22.62 21.45 12.79
CA MET C 344 -23.15 21.71 11.47
C MET C 344 -22.11 21.27 10.45
N ALA C 345 -22.59 20.88 9.28
CA ALA C 345 -21.71 20.53 8.15
C ALA C 345 -22.45 20.58 6.81
N ALA C 346 -21.70 20.53 5.73
CA ALA C 346 -22.27 20.76 4.41
C ALA C 346 -21.53 20.03 3.29
N THR C 347 -22.30 19.53 2.34
CA THR C 347 -21.76 18.88 1.15
C THR C 347 -22.68 19.16 -0.04
N ASN C 348 -22.15 18.97 -1.25
CA ASN C 348 -22.96 19.00 -2.46
C ASN C 348 -23.15 17.60 -3.02
N ARG C 349 -22.65 16.62 -2.29
CA ARG C 349 -22.79 15.21 -2.65
C ARG C 349 -23.17 14.40 -1.40
N PRO C 350 -24.40 14.60 -0.89
CA PRO C 350 -24.78 13.93 0.36
C PRO C 350 -24.65 12.41 0.29
N ASN C 351 -25.02 11.83 -0.83
CA ASN C 351 -25.13 10.38 -0.94
C ASN C 351 -23.83 9.61 -0.80
N SER C 352 -22.69 10.29 -0.96
CA SER C 352 -21.39 9.65 -0.88
C SER C 352 -20.78 9.66 0.53
N ILE C 353 -21.48 10.30 1.46
CA ILE C 353 -21.03 10.36 2.84
C ILE C 353 -21.43 9.07 3.55
N ASP C 354 -20.51 8.51 4.33
CA ASP C 354 -20.77 7.28 5.07
C ASP C 354 -22.03 7.40 5.91
N PRO C 355 -23.02 6.52 5.64
CA PRO C 355 -24.34 6.52 6.28
C PRO C 355 -24.33 6.44 7.80
N ALA C 356 -23.25 5.93 8.40
CA ALA C 356 -23.14 5.82 9.85
C ALA C 356 -23.22 7.19 10.50
N LEU C 357 -22.82 8.20 9.74
CA LEU C 357 -22.84 9.58 10.18
C LEU C 357 -24.21 10.23 10.09
N ARG C 358 -25.16 9.55 9.46
CA ARG C 358 -26.50 10.10 9.33
C ARG C 358 -27.50 9.33 10.17
N ARG C 359 -26.95 8.44 10.99
CA ARG C 359 -27.71 7.72 11.99
C ARG C 359 -28.18 8.67 13.06
N PHE C 360 -29.28 8.31 13.74
CA PHE C 360 -29.85 9.12 14.81
C PHE C 360 -28.79 9.49 15.85
N GLY C 361 -28.77 10.77 16.22
CA GLY C 361 -27.85 11.24 17.25
C GLY C 361 -26.52 11.67 16.69
N ARG C 362 -26.37 11.60 15.37
CA ARG C 362 -25.23 12.15 14.69
C ARG C 362 -25.73 13.28 13.80
N PHE C 363 -25.45 13.23 12.51
CA PHE C 363 -26.06 14.18 11.59
C PHE C 363 -27.44 13.67 11.21
N ASP C 364 -28.39 13.88 12.11
CA ASP C 364 -29.72 13.30 11.96
C ASP C 364 -30.78 14.35 11.60
N ARG C 365 -30.31 15.48 11.08
CA ARG C 365 -31.16 16.55 10.57
C ARG C 365 -30.56 17.15 9.31
N GLU C 366 -31.36 17.27 8.26
CA GLU C 366 -30.88 17.79 6.99
C GLU C 366 -31.56 19.11 6.65
N VAL C 367 -30.78 20.02 6.08
CA VAL C 367 -31.33 21.22 5.48
C VAL C 367 -30.89 21.25 4.03
N ASP C 368 -31.85 20.97 3.15
CA ASP C 368 -31.62 20.99 1.73
C ASP C 368 -31.52 22.46 1.35
N ILE C 369 -30.60 22.78 0.45
CA ILE C 369 -30.35 24.16 0.08
C ILE C 369 -30.43 24.24 -1.44
N GLY C 370 -31.66 24.18 -1.93
CA GLY C 370 -31.90 23.91 -3.34
C GLY C 370 -31.74 25.09 -4.27
N ILE C 371 -31.94 24.84 -5.56
CA ILE C 371 -32.03 25.89 -6.56
C ILE C 371 -32.96 26.99 -6.05
N PRO C 372 -32.68 28.27 -6.37
CA PRO C 372 -33.66 29.29 -6.04
C PRO C 372 -34.70 29.49 -7.14
N ASP C 373 -35.91 29.87 -6.77
CA ASP C 373 -36.97 30.16 -7.72
C ASP C 373 -36.84 31.59 -8.22
N ALA C 374 -37.79 32.00 -9.07
CA ALA C 374 -37.76 33.32 -9.69
C ALA C 374 -37.44 34.46 -8.70
N THR C 375 -38.21 34.56 -7.63
CA THR C 375 -38.03 35.63 -6.64
C THR C 375 -36.70 35.54 -5.88
N GLY C 376 -36.26 34.31 -5.60
CA GLY C 376 -34.96 34.07 -4.98
C GLY C 376 -33.85 34.70 -5.80
N ARG C 377 -33.82 34.38 -7.09
CA ARG C 377 -32.87 34.99 -8.02
C ARG C 377 -32.91 36.51 -7.89
N LEU C 378 -34.12 37.08 -7.89
CA LEU C 378 -34.28 38.52 -7.75
C LEU C 378 -33.65 39.01 -6.44
N GLU C 379 -33.88 38.26 -5.37
CA GLU C 379 -33.31 38.58 -4.06
C GLU C 379 -31.79 38.67 -4.15
N ILE C 380 -31.19 37.59 -4.64
CA ILE C 380 -29.75 37.47 -4.79
C ILE C 380 -29.18 38.61 -5.66
N LEU C 381 -29.77 38.80 -6.84
CA LEU C 381 -29.34 39.85 -7.77
C LEU C 381 -29.27 41.20 -7.09
N GLN C 382 -30.25 41.47 -6.22
CA GLN C 382 -30.26 42.68 -5.43
C GLN C 382 -29.07 42.71 -4.47
N ILE C 383 -28.86 41.62 -3.73
CA ILE C 383 -27.76 41.56 -2.76
C ILE C 383 -26.40 41.75 -3.43
N HIS C 384 -26.25 41.23 -4.64
CA HIS C 384 -24.97 41.38 -5.33
C HIS C 384 -24.72 42.79 -5.84
N THR C 385 -25.71 43.36 -6.48
CA THR C 385 -25.56 44.64 -7.15
C THR C 385 -25.57 45.80 -6.15
N LYS C 386 -25.78 45.49 -4.87
CA LYS C 386 -25.92 46.52 -3.84
C LYS C 386 -24.74 47.50 -3.76
N ASN C 387 -23.57 47.09 -4.25
CA ASN C 387 -22.41 47.96 -4.24
C ASN C 387 -21.79 48.16 -5.62
N MET C 388 -22.59 47.89 -6.65
CA MET C 388 -22.15 48.04 -8.03
C MET C 388 -22.72 49.32 -8.64
N LYS C 389 -22.03 49.84 -9.66
CA LYS C 389 -22.52 51.01 -10.37
C LYS C 389 -23.44 50.57 -11.51
N LEU C 390 -24.73 50.75 -11.32
CA LEU C 390 -25.73 50.34 -12.31
C LEU C 390 -26.43 51.52 -12.96
N ALA C 391 -26.62 51.44 -14.26
CA ALA C 391 -27.44 52.42 -14.99
C ALA C 391 -28.89 52.32 -14.54
N ASP C 392 -29.66 53.38 -14.79
CA ASP C 392 -31.07 53.41 -14.43
C ASP C 392 -31.88 52.44 -15.28
N ASP C 393 -31.40 52.19 -16.50
CA ASP C 393 -32.13 51.35 -17.46
C ASP C 393 -32.05 49.86 -17.14
N VAL C 394 -31.52 49.53 -15.96
CA VAL C 394 -31.31 48.14 -15.55
C VAL C 394 -32.47 47.61 -14.71
N ASP C 395 -33.12 46.58 -15.23
CA ASP C 395 -34.30 45.96 -14.62
C ASP C 395 -33.92 44.57 -14.14
N LEU C 396 -33.80 44.41 -12.82
CA LEU C 396 -33.36 43.13 -12.26
C LEU C 396 -34.44 42.06 -12.34
N GLU C 397 -35.71 42.47 -12.23
CA GLU C 397 -36.86 41.57 -12.39
C GLU C 397 -36.79 40.81 -13.71
N GLN C 398 -36.35 41.52 -14.75
CA GLN C 398 -36.13 40.93 -16.06
C GLN C 398 -35.09 39.82 -15.92
N VAL C 399 -33.87 40.20 -15.56
CA VAL C 399 -32.78 39.27 -15.30
C VAL C 399 -33.31 38.07 -14.55
N ALA C 400 -33.86 38.31 -13.36
CA ALA C 400 -34.46 37.27 -12.55
C ALA C 400 -35.25 36.27 -13.39
N ASN C 401 -36.21 36.76 -14.18
CA ASN C 401 -37.05 35.90 -15.02
C ASN C 401 -36.29 35.12 -16.10
N GLU C 402 -35.27 35.76 -16.66
CA GLU C 402 -34.51 35.16 -17.76
C GLU C 402 -33.43 34.18 -17.31
N THR C 403 -33.21 34.10 -16.00
CA THR C 403 -32.06 33.36 -15.45
C THR C 403 -32.42 31.98 -14.91
N HIS C 404 -33.45 31.36 -15.46
CA HIS C 404 -33.95 30.13 -14.91
C HIS C 404 -32.85 29.11 -14.76
N GLY C 405 -32.86 28.40 -13.63
CA GLY C 405 -31.91 27.34 -13.39
C GLY C 405 -30.56 27.83 -12.91
N HIS C 406 -30.40 29.13 -12.76
CA HIS C 406 -29.20 29.67 -12.16
C HIS C 406 -29.25 29.47 -10.67
N VAL C 407 -28.08 29.39 -10.06
CA VAL C 407 -27.99 29.40 -8.62
C VAL C 407 -27.24 30.65 -8.20
N GLY C 408 -27.06 30.80 -6.89
CA GLY C 408 -26.29 31.90 -6.33
C GLY C 408 -25.01 32.19 -7.09
N ALA C 409 -24.18 31.18 -7.25
CA ALA C 409 -22.86 31.37 -7.87
C ALA C 409 -22.97 31.70 -9.35
N ASP C 410 -24.00 31.17 -10.01
CA ASP C 410 -24.27 31.47 -11.41
C ASP C 410 -24.57 32.94 -11.57
N LEU C 411 -25.42 33.45 -10.69
CA LEU C 411 -25.80 34.85 -10.74
C LEU C 411 -24.59 35.75 -10.50
N ALA C 412 -23.86 35.54 -9.40
CA ALA C 412 -22.62 36.26 -9.13
C ALA C 412 -21.75 36.33 -10.39
N ALA C 413 -21.49 35.18 -11.00
CA ALA C 413 -20.71 35.12 -12.23
C ALA C 413 -21.30 36.09 -13.25
N LEU C 414 -22.62 35.99 -13.47
CA LEU C 414 -23.31 36.83 -14.43
C LEU C 414 -22.98 38.31 -14.22
N CYS C 415 -23.22 38.80 -13.01
CA CYS C 415 -22.86 40.16 -12.65
C CYS C 415 -21.41 40.47 -12.96
N SER C 416 -20.49 39.62 -12.51
CA SER C 416 -19.07 39.82 -12.81
C SER C 416 -18.85 39.98 -14.31
N GLU C 417 -19.47 39.11 -15.10
CA GLU C 417 -19.35 39.16 -16.56
C GLU C 417 -19.85 40.47 -17.20
N ALA C 418 -21.04 40.94 -16.82
CA ALA C 418 -21.57 42.18 -17.38
C ALA C 418 -20.69 43.37 -17.01
N ALA C 419 -20.27 43.41 -15.75
CA ALA C 419 -19.30 44.39 -15.26
C ALA C 419 -18.09 44.49 -16.19
N LEU C 420 -17.53 43.35 -16.55
CA LEU C 420 -16.41 43.30 -17.49
C LEU C 420 -16.83 43.94 -18.80
N GLN C 421 -17.86 43.39 -19.43
CA GLN C 421 -18.45 43.93 -20.65
C GLN C 421 -18.60 45.45 -20.61
N ALA C 422 -19.06 45.97 -19.47
CA ALA C 422 -19.06 47.41 -19.23
C ALA C 422 -17.63 47.96 -19.33
N ILE C 423 -16.71 47.45 -18.51
CA ILE C 423 -15.29 47.86 -18.58
C ILE C 423 -14.77 47.75 -20.00
N ARG C 424 -15.20 46.70 -20.69
CA ARG C 424 -14.81 46.43 -22.08
C ARG C 424 -15.16 47.61 -23.00
N LYS C 425 -16.33 48.21 -22.80
CA LYS C 425 -16.80 49.31 -23.63
C LYS C 425 -15.96 50.59 -23.47
N LYS C 426 -15.06 50.59 -22.49
CA LYS C 426 -14.15 51.70 -22.28
C LYS C 426 -12.76 51.36 -22.81
N MET C 427 -12.63 50.16 -23.39
CA MET C 427 -11.31 49.62 -23.72
C MET C 427 -10.60 50.21 -24.92
N ASP C 428 -11.33 50.93 -25.77
CA ASP C 428 -10.66 51.69 -26.84
C ASP C 428 -10.22 53.05 -26.31
N LEU C 429 -11.02 53.63 -25.42
CA LEU C 429 -10.62 54.84 -24.72
C LEU C 429 -9.36 54.65 -23.88
N ILE C 430 -9.15 53.41 -23.39
CA ILE C 430 -8.00 53.13 -22.52
C ILE C 430 -6.99 52.18 -23.17
N ASP C 431 -5.72 52.38 -22.86
CA ASP C 431 -4.69 51.40 -23.21
C ASP C 431 -4.18 50.73 -21.94
N LEU C 432 -3.99 49.40 -22.02
CA LEU C 432 -3.49 48.61 -20.92
C LEU C 432 -2.18 49.17 -20.36
N GLU C 433 -1.46 49.89 -21.22
CA GLU C 433 -0.09 50.33 -20.94
C GLU C 433 -0.03 51.47 -19.94
N ASP C 434 -1.03 52.35 -19.98
CA ASP C 434 -1.05 53.58 -19.20
C ASP C 434 -0.77 53.35 -17.72
N GLU C 435 0.00 54.25 -17.13
CA GLU C 435 0.36 54.17 -15.71
C GLU C 435 -0.86 54.40 -14.82
N THR C 436 -1.69 55.38 -15.20
CA THR C 436 -2.94 55.67 -14.49
C THR C 436 -4.08 55.92 -15.48
N ILE C 437 -5.32 55.82 -14.99
CA ILE C 437 -6.52 55.93 -15.83
C ILE C 437 -7.15 57.33 -15.75
N ASP C 438 -7.52 57.86 -16.92
CA ASP C 438 -8.27 59.11 -17.01
C ASP C 438 -9.42 59.13 -16.00
N ALA C 439 -9.33 60.05 -15.04
CA ALA C 439 -10.25 60.11 -13.89
C ALA C 439 -11.71 60.38 -14.26
N GLU C 440 -11.94 61.05 -15.38
CA GLU C 440 -13.30 61.28 -15.88
C GLU C 440 -14.01 59.98 -16.23
N VAL C 441 -13.39 59.21 -17.12
CA VAL C 441 -13.99 57.97 -17.64
C VAL C 441 -14.36 57.05 -16.48
N MET C 442 -13.42 56.88 -15.55
CA MET C 442 -13.63 56.14 -14.30
C MET C 442 -15.01 56.41 -13.69
N ASN C 443 -15.37 57.69 -13.58
CA ASN C 443 -16.65 58.08 -13.00
C ASN C 443 -17.85 57.79 -13.90
N SER C 444 -17.61 57.82 -15.22
CA SER C 444 -18.63 57.53 -16.21
C SER C 444 -19.05 56.06 -16.24
N LEU C 445 -18.20 55.20 -15.70
CA LEU C 445 -18.37 53.75 -15.79
C LEU C 445 -19.55 53.21 -15.00
N ALA C 446 -20.44 52.51 -15.69
CA ALA C 446 -21.59 51.86 -15.08
C ALA C 446 -22.07 50.68 -15.93
N VAL C 447 -22.72 49.72 -15.27
CA VAL C 447 -23.25 48.55 -15.96
C VAL C 447 -24.62 48.88 -16.55
N THR C 448 -24.65 49.04 -17.86
CA THR C 448 -25.90 49.23 -18.60
C THR C 448 -26.65 47.91 -18.67
N MET C 449 -27.97 48.01 -18.80
CA MET C 449 -28.81 46.83 -19.03
C MET C 449 -28.33 46.02 -20.24
N ASP C 450 -27.80 46.70 -21.25
CA ASP C 450 -27.25 45.99 -22.40
C ASP C 450 -26.12 45.07 -21.96
N ASP C 451 -25.21 45.58 -21.14
CA ASP C 451 -24.16 44.77 -20.54
C ASP C 451 -24.71 43.46 -19.99
N PHE C 452 -25.78 43.56 -19.20
CA PHE C 452 -26.45 42.36 -18.69
C PHE C 452 -26.92 41.43 -19.79
N ARG C 453 -27.60 41.96 -20.79
CA ARG C 453 -28.06 41.11 -21.90
C ARG C 453 -26.92 40.37 -22.60
N TRP C 454 -25.74 40.99 -22.67
CA TRP C 454 -24.55 40.27 -23.16
C TRP C 454 -24.21 39.13 -22.21
N ALA C 455 -23.97 39.47 -20.94
CA ALA C 455 -23.64 38.45 -19.94
C ALA C 455 -24.64 37.30 -20.02
N LEU C 456 -25.93 37.65 -20.04
CA LEU C 456 -27.03 36.70 -20.22
C LEU C 456 -26.88 35.78 -21.42
N SER C 457 -26.45 36.33 -22.55
CA SER C 457 -26.30 35.56 -23.77
C SER C 457 -25.17 34.53 -23.68
N GLN C 458 -24.36 34.63 -22.61
CA GLN C 458 -23.17 33.82 -22.45
C GLN C 458 -23.30 32.79 -21.34
N SER C 459 -24.39 32.88 -20.58
CA SER C 459 -24.57 32.10 -19.35
C SER C 459 -24.59 30.58 -19.56
N ASN C 460 -24.50 29.85 -18.45
CA ASN C 460 -24.29 28.41 -18.48
C ASN C 460 -25.05 27.64 -17.39
N PRO C 461 -25.24 26.30 -17.60
CA PRO C 461 -25.76 25.45 -16.53
C PRO C 461 -24.93 25.53 -15.24
N SER C 462 -25.52 25.09 -14.14
CA SER C 462 -24.92 25.17 -12.81
C SER C 462 -23.63 24.36 -12.64
N LEU D 12 -14.66 43.96 -31.47
CA LEU D 12 -15.97 44.13 -30.78
C LEU D 12 -15.93 43.59 -29.35
N SER D 13 -15.20 42.49 -29.18
CA SER D 13 -14.98 41.85 -27.89
C SER D 13 -13.49 41.56 -27.84
N THR D 14 -12.85 41.86 -28.97
CA THR D 14 -11.41 41.82 -29.13
C THR D 14 -10.88 43.24 -28.95
N ALA D 15 -11.72 44.09 -28.36
CA ALA D 15 -11.43 45.53 -28.23
C ALA D 15 -10.14 45.82 -27.47
N ILE D 16 -9.90 45.07 -26.40
CA ILE D 16 -8.73 45.26 -25.54
C ILE D 16 -7.40 45.11 -26.27
N LEU D 17 -7.46 44.59 -27.49
CA LEU D 17 -6.25 44.27 -28.26
C LEU D 17 -5.83 45.36 -29.22
N LYS D 18 -6.80 45.95 -29.92
CA LYS D 18 -6.51 47.05 -30.84
C LYS D 18 -5.96 48.22 -30.05
N GLN D 19 -4.68 48.49 -30.24
CA GLN D 19 -4.02 49.59 -29.53
C GLN D 19 -4.38 50.92 -30.17
N LYS D 20 -4.18 51.99 -29.41
CA LYS D 20 -4.79 53.28 -29.70
C LYS D 20 -3.83 54.28 -30.34
N ASN D 21 -4.39 55.16 -31.16
CA ASN D 21 -3.67 56.33 -31.62
C ASN D 21 -3.41 57.21 -30.41
N ARG D 22 -2.14 57.46 -30.12
CA ARG D 22 -1.76 58.28 -28.98
C ARG D 22 -0.61 59.23 -29.33
N PRO D 23 -0.56 60.41 -28.68
CA PRO D 23 0.46 61.44 -28.85
C PRO D 23 1.86 60.90 -29.15
N ASN D 24 2.28 59.86 -28.43
CA ASN D 24 3.66 59.38 -28.49
C ASN D 24 3.81 57.89 -28.81
N ARG D 25 2.87 57.36 -29.59
CA ARG D 25 3.06 56.08 -30.25
C ARG D 25 3.53 56.35 -31.67
N LEU D 26 4.81 56.12 -31.91
CA LEU D 26 5.43 56.41 -33.21
C LEU D 26 5.98 55.17 -33.89
N ILE D 27 5.82 55.12 -35.21
CA ILE D 27 6.29 54.00 -36.04
C ILE D 27 7.81 54.08 -36.24
N VAL D 28 8.47 52.93 -36.17
CA VAL D 28 9.93 52.89 -36.29
C VAL D 28 10.41 52.93 -37.74
N ASP D 29 10.99 54.07 -38.11
CA ASP D 29 11.59 54.26 -39.42
C ASP D 29 13.10 54.15 -39.31
N GLU D 30 13.74 53.64 -40.36
CA GLU D 30 15.20 53.54 -40.46
C GLU D 30 15.87 54.87 -40.16
N ALA D 31 16.99 54.82 -39.44
CA ALA D 31 17.71 56.02 -39.03
C ALA D 31 18.53 56.65 -40.15
N ILE D 32 18.55 57.98 -40.17
CA ILE D 32 19.50 58.73 -41.00
C ILE D 32 20.82 58.92 -40.26
N ASN D 33 20.76 59.56 -39.09
CA ASN D 33 21.90 59.64 -38.19
C ASN D 33 22.20 58.25 -37.63
N GLU D 34 23.44 57.82 -37.78
CA GLU D 34 23.80 56.42 -37.60
C GLU D 34 24.20 56.04 -36.18
N ASP D 35 24.07 56.97 -35.24
CA ASP D 35 24.58 56.74 -33.88
C ASP D 35 23.66 56.01 -32.90
N ASN D 36 24.26 55.05 -32.20
CA ASN D 36 23.60 54.24 -31.18
C ASN D 36 22.72 55.01 -30.19
N SER D 37 23.18 56.17 -29.73
CA SER D 37 22.46 56.91 -28.71
C SER D 37 21.49 57.94 -29.27
N VAL D 38 21.22 57.88 -30.57
CA VAL D 38 20.46 58.93 -31.24
C VAL D 38 19.09 58.46 -31.76
N VAL D 39 18.08 59.30 -31.58
CA VAL D 39 16.75 59.07 -32.16
C VAL D 39 16.18 60.28 -32.87
N SER D 40 15.72 60.06 -34.10
CA SER D 40 15.19 61.12 -34.95
C SER D 40 13.70 61.34 -34.74
N LEU D 41 13.31 62.62 -34.71
CA LEU D 41 11.92 63.03 -34.61
C LEU D 41 11.62 64.27 -35.46
N SER D 42 10.41 64.33 -36.01
CA SER D 42 9.96 65.55 -36.67
C SER D 42 9.93 66.67 -35.64
N GLN D 43 10.29 67.88 -36.07
CA GLN D 43 10.17 69.05 -35.22
C GLN D 43 8.71 69.28 -34.80
N PRO D 44 7.75 69.24 -35.75
CA PRO D 44 6.34 69.41 -35.37
C PRO D 44 5.89 68.48 -34.24
N LYS D 45 6.49 67.30 -34.14
CA LYS D 45 6.18 66.36 -33.08
C LYS D 45 6.91 66.73 -31.77
N MET D 46 8.21 66.95 -31.85
CA MET D 46 9.05 67.28 -30.68
C MET D 46 8.43 68.33 -29.75
N ASP D 47 7.75 69.29 -30.36
CA ASP D 47 7.07 70.36 -29.62
C ASP D 47 5.83 69.81 -28.94
N GLU D 48 4.98 69.14 -29.72
CA GLU D 48 3.75 68.52 -29.22
C GLU D 48 3.99 67.76 -27.92
N LEU D 49 5.17 67.15 -27.82
CA LEU D 49 5.53 66.36 -26.65
C LEU D 49 6.45 67.11 -25.69
N GLN D 50 6.62 68.41 -25.94
CA GLN D 50 7.43 69.29 -25.10
C GLN D 50 8.85 68.74 -24.91
N LEU D 51 9.48 68.39 -26.03
CA LEU D 51 10.80 67.77 -25.99
C LEU D 51 11.85 68.61 -26.70
N PHE D 52 12.76 69.15 -25.91
CA PHE D 52 13.84 69.98 -26.42
C PHE D 52 14.97 69.10 -26.93
N ARG D 53 15.84 69.69 -27.75
CA ARG D 53 16.93 68.95 -28.37
C ARG D 53 17.97 68.51 -27.33
N GLY D 54 18.53 67.32 -27.51
CA GLY D 54 19.55 66.79 -26.60
C GLY D 54 19.00 66.32 -25.27
N ASP D 55 17.67 66.32 -25.13
CA ASP D 55 17.03 65.73 -23.95
C ASP D 55 17.16 64.21 -24.01
N THR D 56 17.36 63.59 -22.85
CA THR D 56 17.52 62.14 -22.78
C THR D 56 16.17 61.48 -22.51
N VAL D 57 15.76 60.61 -23.43
CA VAL D 57 14.41 60.02 -23.40
C VAL D 57 14.37 58.53 -23.07
N LEU D 58 13.19 58.06 -22.67
CA LEU D 58 12.96 56.65 -22.39
C LEU D 58 12.01 56.01 -23.42
N LEU D 59 12.44 54.86 -23.94
CA LEU D 59 11.73 54.18 -25.02
C LEU D 59 11.26 52.80 -24.60
N LYS D 60 9.99 52.51 -24.85
CA LYS D 60 9.41 51.22 -24.49
C LYS D 60 9.09 50.41 -25.75
N GLY D 61 9.58 49.17 -25.80
CA GLY D 61 9.43 48.32 -26.98
C GLY D 61 8.45 47.19 -26.79
N LYS D 62 8.89 45.98 -27.13
CA LYS D 62 8.09 44.78 -26.96
C LYS D 62 8.67 43.91 -25.86
N LYS D 63 7.86 43.01 -25.32
CA LYS D 63 8.29 42.13 -24.25
C LYS D 63 9.04 42.92 -23.18
N ARG D 64 8.44 44.04 -22.77
CA ARG D 64 8.93 44.84 -21.65
C ARG D 64 10.39 45.30 -21.81
N ARG D 65 10.85 45.41 -23.05
CA ARG D 65 12.19 45.91 -23.30
C ARG D 65 12.19 47.42 -23.27
N GLU D 66 13.32 48.00 -22.84
CA GLU D 66 13.47 49.44 -22.67
C GLU D 66 14.79 49.92 -23.24
N ALA D 67 14.78 51.10 -23.86
CA ALA D 67 16.00 51.73 -24.35
C ALA D 67 16.09 53.20 -23.92
N VAL D 68 17.33 53.67 -23.73
CA VAL D 68 17.58 55.06 -23.35
C VAL D 68 18.46 55.78 -24.38
N CYS D 69 17.96 56.91 -24.86
CA CYS D 69 18.59 57.63 -25.95
C CYS D 69 18.59 59.13 -25.75
N ILE D 70 19.22 59.84 -26.68
CA ILE D 70 19.18 61.29 -26.74
C ILE D 70 18.41 61.66 -28.01
N VAL D 71 17.60 62.72 -27.94
CA VAL D 71 16.69 63.07 -29.02
C VAL D 71 17.06 64.35 -29.80
N LEU D 72 16.98 64.24 -31.12
CA LEU D 72 17.24 65.36 -32.03
C LEU D 72 16.13 65.44 -33.08
N SER D 73 16.01 66.61 -33.70
CA SER D 73 15.03 66.84 -34.76
C SER D 73 15.55 66.49 -36.15
N ASP D 74 14.75 65.75 -36.90
CA ASP D 74 15.05 65.43 -38.30
C ASP D 74 14.02 66.09 -39.20
N ASP D 75 14.52 66.80 -40.21
CA ASP D 75 13.69 67.46 -41.20
C ASP D 75 12.98 66.43 -42.07
N THR D 76 13.70 65.36 -42.43
CA THR D 76 13.19 64.32 -43.32
C THR D 76 12.25 63.30 -42.66
N CYS D 77 12.05 63.43 -41.35
CA CYS D 77 11.25 62.48 -40.56
C CYS D 77 9.80 62.90 -40.36
N SER D 78 8.87 62.01 -40.73
CA SER D 78 7.43 62.22 -40.57
C SER D 78 7.07 62.49 -39.11
N ASP D 79 5.96 63.19 -38.89
CA ASP D 79 5.53 63.55 -37.54
C ASP D 79 5.35 62.35 -36.62
N GLU D 80 4.52 61.41 -37.06
CA GLU D 80 4.18 60.20 -36.30
C GLU D 80 5.11 59.02 -36.59
N LYS D 81 6.31 59.31 -37.08
CA LYS D 81 7.38 58.32 -37.24
C LYS D 81 8.62 58.69 -36.41
N ILE D 82 9.48 57.69 -36.15
CA ILE D 82 10.74 57.89 -35.43
C ILE D 82 11.88 57.05 -36.00
N ARG D 83 13.06 57.65 -36.10
CA ARG D 83 14.22 56.94 -36.60
C ARG D 83 15.15 56.46 -35.50
N MET D 84 15.63 55.23 -35.67
CA MET D 84 16.58 54.59 -34.77
C MET D 84 17.36 53.57 -35.58
N ASN D 85 18.61 53.36 -35.24
CA ASN D 85 19.43 52.39 -35.95
C ASN D 85 19.06 50.96 -35.57
N ARG D 86 19.75 49.98 -36.14
CA ARG D 86 19.46 48.58 -35.86
C ARG D 86 19.85 48.19 -34.43
N VAL D 87 20.91 48.79 -33.91
CA VAL D 87 21.32 48.53 -32.52
C VAL D 87 20.20 48.90 -31.54
N VAL D 88 19.52 50.01 -31.81
CA VAL D 88 18.42 50.47 -30.98
C VAL D 88 17.18 49.61 -31.23
N ARG D 89 16.98 49.20 -32.48
CA ARG D 89 15.84 48.36 -32.85
C ARG D 89 15.95 47.02 -32.15
N ASN D 90 17.20 46.59 -31.96
CA ASN D 90 17.51 45.36 -31.24
C ASN D 90 17.23 45.44 -29.74
N ASN D 91 17.63 46.51 -29.08
CA ASN D 91 17.42 46.56 -27.65
C ASN D 91 15.93 46.72 -27.34
N LEU D 92 15.21 47.37 -28.25
CA LEU D 92 13.77 47.50 -28.12
C LEU D 92 13.00 46.28 -28.62
N ARG D 93 13.71 45.35 -29.27
CA ARG D 93 13.10 44.14 -29.83
C ARG D 93 11.98 44.44 -30.82
N VAL D 94 12.26 45.34 -31.77
CA VAL D 94 11.28 45.71 -32.79
C VAL D 94 11.86 45.68 -34.20
N ARG D 95 11.03 45.26 -35.14
CA ARG D 95 11.36 45.36 -36.56
C ARG D 95 10.89 46.72 -37.05
N LEU D 96 11.50 47.21 -38.13
CA LEU D 96 11.07 48.46 -38.75
C LEU D 96 9.59 48.33 -39.11
N GLY D 97 8.81 49.35 -38.79
CA GLY D 97 7.37 49.32 -39.01
C GLY D 97 6.53 49.07 -37.77
N ASP D 98 7.18 48.60 -36.70
CA ASP D 98 6.54 48.48 -35.38
C ASP D 98 6.38 49.86 -34.73
N VAL D 99 5.82 49.88 -33.52
CA VAL D 99 5.46 51.14 -32.87
C VAL D 99 5.96 51.17 -31.41
N ILE D 100 6.40 52.34 -30.94
CA ILE D 100 6.95 52.43 -29.58
C ILE D 100 6.40 53.58 -28.73
N SER D 101 6.67 53.50 -27.43
CA SER D 101 6.37 54.58 -26.51
C SER D 101 7.62 55.44 -26.34
N ILE D 102 7.45 56.75 -26.50
CA ILE D 102 8.50 57.68 -26.13
C ILE D 102 8.05 58.51 -24.92
N GLN D 103 8.97 58.70 -23.99
CA GLN D 103 8.65 59.24 -22.68
C GLN D 103 9.82 60.10 -22.22
N PRO D 104 9.54 61.24 -21.56
CA PRO D 104 10.64 62.06 -21.06
C PRO D 104 11.32 61.41 -19.86
N CYS D 105 12.64 61.29 -19.93
CA CYS D 105 13.41 60.68 -18.85
C CYS D 105 14.31 61.75 -18.21
N PRO D 106 13.75 62.54 -17.27
CA PRO D 106 14.43 63.76 -16.84
C PRO D 106 15.44 63.60 -15.71
N ASP D 107 15.18 62.66 -14.80
CA ASP D 107 15.92 62.54 -13.53
C ASP D 107 17.12 61.60 -13.62
N VAL D 108 17.61 61.37 -14.83
CA VAL D 108 18.77 60.49 -15.04
C VAL D 108 20.00 61.00 -14.28
N LYS D 109 20.65 60.09 -13.56
CA LYS D 109 21.81 60.42 -12.74
C LYS D 109 23.07 60.07 -13.50
N TYR D 110 24.18 60.71 -13.15
CA TYR D 110 25.48 60.41 -13.74
C TYR D 110 25.98 59.06 -13.27
N GLY D 111 26.72 58.39 -14.14
CA GLY D 111 27.19 57.02 -13.88
C GLY D 111 28.37 56.92 -12.93
N LYS D 112 28.20 56.13 -11.88
CA LYS D 112 29.25 55.86 -10.91
C LYS D 112 30.25 54.85 -11.50
N ARG D 113 29.75 53.64 -11.77
CA ARG D 113 30.55 52.56 -12.37
C ARG D 113 29.72 51.68 -13.27
N ILE D 114 30.31 51.24 -14.37
CA ILE D 114 29.64 50.31 -15.29
C ILE D 114 30.52 49.11 -15.62
N HIS D 115 29.89 47.94 -15.70
CA HIS D 115 30.58 46.70 -16.06
C HIS D 115 30.01 46.17 -17.38
N VAL D 116 30.89 46.02 -18.37
CA VAL D 116 30.48 45.60 -19.71
C VAL D 116 31.39 44.51 -20.29
N LEU D 117 30.79 43.50 -20.89
CA LEU D 117 31.56 42.43 -21.51
C LEU D 117 31.29 42.33 -23.02
N PRO D 118 32.31 41.91 -23.79
CA PRO D 118 32.14 41.70 -25.23
C PRO D 118 31.52 40.34 -25.53
N ILE D 119 30.98 40.18 -26.73
CA ILE D 119 30.43 38.89 -27.16
C ILE D 119 31.52 38.01 -27.79
N ASP D 120 31.57 36.77 -27.35
CA ASP D 120 32.60 35.78 -27.72
C ASP D 120 32.98 35.73 -29.21
N ASP D 121 31.97 35.69 -30.07
CA ASP D 121 32.22 35.54 -31.51
C ASP D 121 32.49 36.88 -32.19
N THR D 122 32.84 37.89 -31.40
CA THR D 122 33.19 39.20 -31.91
C THR D 122 34.56 39.65 -31.37
N VAL D 123 35.30 38.69 -30.79
CA VAL D 123 36.61 38.97 -30.20
C VAL D 123 37.66 37.92 -30.52
N GLU D 124 37.29 36.92 -31.31
CA GLU D 124 38.23 35.92 -31.80
C GLU D 124 39.32 36.67 -32.55
N GLY D 125 40.54 36.63 -32.01
CA GLY D 125 41.64 37.43 -32.52
C GLY D 125 42.24 38.30 -31.44
N ILE D 126 42.92 39.36 -31.86
CA ILE D 126 43.66 40.25 -30.95
C ILE D 126 42.83 40.76 -29.76
N THR D 127 43.49 40.83 -28.59
CA THR D 127 42.94 41.50 -27.42
C THR D 127 43.49 42.93 -27.37
N GLY D 128 44.82 43.05 -27.37
CA GLY D 128 45.49 44.34 -27.19
C GLY D 128 44.98 45.02 -25.94
N ASN D 129 44.04 45.95 -26.13
CA ASN D 129 43.25 46.51 -25.04
C ASN D 129 41.89 46.94 -25.56
N LEU D 130 40.85 46.28 -25.05
CA LEU D 130 39.47 46.54 -25.47
C LEU D 130 38.97 47.91 -25.02
N PHE D 131 39.33 48.29 -23.79
CA PHE D 131 38.96 49.61 -23.29
C PHE D 131 39.54 50.70 -24.16
N GLU D 132 40.85 50.60 -24.43
CA GLU D 132 41.58 51.62 -25.17
C GLU D 132 41.05 51.75 -26.60
N VAL D 133 41.16 50.66 -27.36
CA VAL D 133 40.76 50.65 -28.77
C VAL D 133 39.28 50.98 -28.98
N TYR D 134 38.42 50.46 -28.12
CA TYR D 134 36.99 50.48 -28.38
C TYR D 134 36.16 51.37 -27.48
N LEU D 135 36.22 51.11 -26.18
CA LEU D 135 35.31 51.77 -25.24
C LEU D 135 35.69 53.23 -24.99
N LYS D 136 36.94 53.46 -24.60
CA LYS D 136 37.44 54.80 -24.31
C LYS D 136 36.99 55.84 -25.35
N PRO D 137 37.26 55.59 -26.66
CA PRO D 137 36.84 56.56 -27.68
C PRO D 137 35.32 56.71 -27.82
N TYR D 138 34.61 55.58 -27.92
CA TYR D 138 33.15 55.55 -28.05
C TYR D 138 32.44 56.36 -26.97
N PHE D 139 33.03 56.39 -25.77
CA PHE D 139 32.43 57.09 -24.63
C PHE D 139 33.01 58.48 -24.38
N LEU D 140 34.26 58.69 -24.80
CA LEU D 140 35.00 59.92 -24.48
C LEU D 140 34.23 61.20 -24.81
N GLU D 141 33.90 61.94 -23.75
CA GLU D 141 33.21 63.25 -23.85
C GLU D 141 31.81 63.15 -24.51
N ALA D 142 31.24 61.96 -24.52
CA ALA D 142 29.98 61.71 -25.20
C ALA D 142 28.76 61.92 -24.32
N TYR D 143 28.87 61.54 -23.05
CA TYR D 143 27.78 61.66 -22.07
C TYR D 143 26.55 60.83 -22.50
N ARG D 144 26.80 59.56 -22.82
CA ARG D 144 25.79 58.67 -23.37
C ARG D 144 24.85 58.13 -22.31
N PRO D 145 23.55 58.02 -22.64
CA PRO D 145 22.64 57.25 -21.79
C PRO D 145 22.72 55.77 -22.17
N ILE D 146 22.77 54.90 -21.16
CA ILE D 146 22.77 53.46 -21.37
C ILE D 146 21.93 52.74 -20.31
N ARG D 147 21.37 51.60 -20.69
CA ARG D 147 20.56 50.79 -19.78
C ARG D 147 21.28 49.48 -19.52
N LYS D 148 20.99 48.87 -18.38
CA LYS D 148 21.46 47.52 -18.09
C LYS D 148 20.85 46.59 -19.15
N GLY D 149 21.67 45.69 -19.68
CA GLY D 149 21.21 44.73 -20.68
C GLY D 149 21.13 45.26 -22.10
N ASP D 150 21.69 46.44 -22.33
CA ASP D 150 21.84 46.97 -23.68
C ASP D 150 22.93 46.18 -24.38
N ILE D 151 22.71 45.86 -25.64
CA ILE D 151 23.79 45.37 -26.51
C ILE D 151 24.01 46.46 -27.54
N PHE D 152 25.26 46.90 -27.65
CA PHE D 152 25.64 47.96 -28.57
C PHE D 152 26.93 47.61 -29.30
N LEU D 153 27.12 48.19 -30.48
CA LEU D 153 28.25 47.88 -31.35
C LEU D 153 29.25 49.05 -31.41
N VAL D 154 30.53 48.72 -31.31
CA VAL D 154 31.58 49.73 -31.43
C VAL D 154 32.59 49.31 -32.50
N ARG D 155 32.82 50.19 -33.45
CA ARG D 155 33.85 50.01 -34.46
C ARG D 155 35.13 50.67 -34.00
N GLY D 156 36.24 49.95 -34.13
CA GLY D 156 37.56 50.46 -33.76
C GLY D 156 38.58 50.04 -34.79
N GLY D 157 38.86 50.94 -35.72
CA GLY D 157 39.76 50.64 -36.84
C GLY D 157 39.28 49.44 -37.62
N MET D 158 40.05 48.36 -37.54
CA MET D 158 39.86 47.16 -38.36
C MET D 158 38.58 46.36 -38.07
N ARG D 159 38.11 46.39 -36.83
CA ARG D 159 36.98 45.55 -36.42
C ARG D 159 35.85 46.33 -35.77
N ALA D 160 34.67 45.70 -35.75
CA ALA D 160 33.53 46.18 -34.97
C ALA D 160 33.17 45.11 -33.96
N VAL D 161 33.01 45.51 -32.71
CA VAL D 161 32.75 44.57 -31.61
C VAL D 161 31.46 44.91 -30.86
N GLU D 162 30.73 43.87 -30.48
CA GLU D 162 29.50 44.04 -29.70
C GLU D 162 29.74 43.86 -28.22
N PHE D 163 29.17 44.76 -27.42
CA PHE D 163 29.29 44.73 -25.97
C PHE D 163 27.92 44.64 -25.31
N LYS D 164 27.84 43.95 -24.18
CA LYS D 164 26.62 43.89 -23.39
C LYS D 164 26.83 44.59 -22.05
N VAL D 165 25.88 45.44 -21.68
CA VAL D 165 25.92 46.13 -20.41
C VAL D 165 25.49 45.17 -19.30
N VAL D 166 26.48 44.62 -18.59
CA VAL D 166 26.24 43.62 -17.55
C VAL D 166 25.66 44.25 -16.27
N GLU D 167 26.25 45.36 -15.85
CA GLU D 167 25.83 46.04 -14.63
C GLU D 167 26.04 47.55 -14.73
N THR D 168 25.14 48.31 -14.11
CA THR D 168 25.31 49.75 -13.99
C THR D 168 25.08 50.18 -12.55
N ASP D 169 25.80 51.22 -12.15
CA ASP D 169 25.63 51.85 -10.85
C ASP D 169 25.46 53.35 -11.15
N PRO D 170 24.22 53.88 -11.01
CA PRO D 170 22.99 53.26 -10.53
C PRO D 170 22.22 52.44 -11.57
N SER D 171 21.68 51.30 -11.13
CA SER D 171 20.79 50.49 -11.95
C SER D 171 19.44 51.20 -12.00
N PRO D 172 18.69 51.04 -13.12
CA PRO D 172 19.05 50.34 -14.34
C PRO D 172 19.70 51.24 -15.39
N TYR D 173 19.49 52.55 -15.27
CA TYR D 173 20.10 53.52 -16.19
C TYR D 173 20.88 54.66 -15.56
N CYS D 174 21.89 55.11 -16.31
CA CYS D 174 22.81 56.19 -15.94
C CYS D 174 23.43 56.82 -17.19
N ILE D 175 23.92 58.05 -17.05
CA ILE D 175 24.66 58.74 -18.11
C ILE D 175 26.15 58.45 -17.92
N VAL D 176 26.84 58.13 -19.02
CA VAL D 176 28.28 57.88 -18.97
C VAL D 176 29.07 59.17 -19.15
N ALA D 177 29.53 59.71 -18.02
CA ALA D 177 30.30 60.93 -17.96
C ALA D 177 31.79 60.59 -17.85
N PRO D 178 32.67 61.62 -17.88
CA PRO D 178 34.12 61.36 -17.76
C PRO D 178 34.51 60.71 -16.43
N ASP D 179 33.74 60.97 -15.37
CA ASP D 179 34.02 60.43 -14.05
C ASP D 179 33.74 58.93 -13.93
N THR D 180 32.93 58.41 -14.84
CA THR D 180 32.46 57.03 -14.80
C THR D 180 33.58 56.01 -14.97
N VAL D 181 33.78 55.19 -13.94
CA VAL D 181 34.77 54.11 -13.98
C VAL D 181 34.19 52.95 -14.78
N ILE D 182 34.93 52.52 -15.80
CA ILE D 182 34.46 51.49 -16.73
C ILE D 182 35.23 50.17 -16.58
N HIS D 183 34.53 49.14 -16.14
CA HIS D 183 35.14 47.82 -15.98
C HIS D 183 34.67 46.86 -17.08
N CYS D 184 35.63 46.27 -17.77
CA CYS D 184 35.32 45.33 -18.86
C CYS D 184 36.01 43.96 -18.75
N GLU D 185 36.64 43.72 -17.61
CA GLU D 185 37.28 42.43 -17.32
C GLU D 185 36.23 41.34 -17.09
N GLY D 186 36.54 40.12 -17.52
CA GLY D 186 35.66 38.98 -17.34
C GLY D 186 35.63 38.04 -18.52
N GLU D 187 34.77 37.02 -18.42
CA GLU D 187 34.60 36.05 -19.50
C GLU D 187 33.63 36.57 -20.54
N PRO D 188 34.00 36.49 -21.83
CA PRO D 188 33.13 36.97 -22.92
C PRO D 188 31.75 36.33 -22.87
N ILE D 189 30.71 37.15 -23.06
CA ILE D 189 29.33 36.68 -23.18
C ILE D 189 29.23 35.70 -24.34
N LYS D 190 28.47 34.63 -24.15
CA LYS D 190 28.28 33.64 -25.21
C LYS D 190 27.14 34.05 -26.12
N ARG D 191 27.44 34.17 -27.41
CA ARG D 191 26.45 34.52 -28.44
C ARG D 191 25.14 33.75 -28.25
N GLU D 192 25.25 32.42 -28.17
CA GLU D 192 24.09 31.54 -28.08
C GLU D 192 23.07 31.98 -27.03
N ASP D 193 23.55 32.32 -25.83
CA ASP D 193 22.70 32.78 -24.73
C ASP D 193 21.89 34.00 -25.16
N GLU D 194 22.57 34.94 -25.79
CA GLU D 194 21.94 36.19 -26.24
C GLU D 194 21.07 36.00 -27.48
N GLU D 195 21.28 34.87 -28.18
CA GLU D 195 20.39 34.47 -29.25
C GLU D 195 19.07 34.06 -28.62
N GLU D 196 19.14 33.11 -27.69
CA GLU D 196 18.00 32.64 -26.90
C GLU D 196 17.22 33.80 -26.28
N SER D 197 17.95 34.86 -25.91
CA SER D 197 17.36 36.02 -25.25
C SER D 197 16.47 36.80 -26.21
N LEU D 198 17.00 37.08 -27.40
CA LEU D 198 16.22 37.70 -28.46
C LEU D 198 14.98 36.87 -28.78
N ASN D 199 15.17 35.55 -28.83
CA ASN D 199 14.14 34.60 -29.26
C ASN D 199 13.04 34.34 -28.24
N GLU D 200 13.26 34.75 -26.99
CA GLU D 200 12.25 34.56 -25.96
C GLU D 200 10.88 34.97 -26.47
N VAL D 201 9.92 34.10 -26.18
CA VAL D 201 8.59 34.19 -26.76
C VAL D 201 7.86 35.44 -26.29
N GLY D 202 7.35 36.20 -27.24
CA GLY D 202 6.46 37.30 -26.96
C GLY D 202 5.03 36.88 -27.26
N TYR D 203 4.11 37.84 -27.20
CA TYR D 203 2.75 37.60 -27.59
C TYR D 203 2.67 37.40 -29.11
N ASP D 204 3.43 38.21 -29.83
CA ASP D 204 3.50 38.14 -31.28
C ASP D 204 3.83 36.75 -31.80
N ASP D 205 4.45 35.93 -30.96
CA ASP D 205 4.92 34.62 -31.36
C ASP D 205 3.85 33.53 -31.31
N ILE D 206 2.64 33.89 -30.90
CA ILE D 206 1.53 32.94 -30.85
C ILE D 206 0.46 33.32 -31.87
N GLY D 207 -0.03 32.34 -32.62
CA GLY D 207 -0.90 32.63 -33.76
C GLY D 207 -2.24 31.91 -33.80
N GLY D 208 -3.28 32.67 -34.16
CA GLY D 208 -4.62 32.12 -34.30
C GLY D 208 -5.36 32.03 -32.97
N CYS D 209 -4.95 32.87 -32.02
CA CYS D 209 -5.58 32.90 -30.70
C CYS D 209 -6.03 34.28 -30.25
N ARG D 210 -6.10 35.23 -31.17
CA ARG D 210 -6.52 36.59 -30.84
C ARG D 210 -7.67 36.62 -29.83
N LYS D 211 -8.76 35.92 -30.12
CA LYS D 211 -9.93 35.87 -29.23
C LYS D 211 -9.55 35.52 -27.78
N GLN D 212 -8.70 34.51 -27.62
CA GLN D 212 -8.32 34.01 -26.30
C GLN D 212 -7.27 34.89 -25.65
N LEU D 213 -6.23 35.22 -26.42
CA LEU D 213 -5.24 36.19 -25.99
C LEU D 213 -5.95 37.37 -25.37
N ALA D 214 -7.07 37.76 -25.97
CA ALA D 214 -7.86 38.87 -25.46
C ALA D 214 -8.35 38.55 -24.04
N GLN D 215 -8.93 37.36 -23.86
CA GLN D 215 -9.53 37.01 -22.57
C GLN D 215 -8.46 36.96 -21.48
N ILE D 216 -7.29 36.45 -21.84
CA ILE D 216 -6.19 36.34 -20.90
C ILE D 216 -5.83 37.72 -20.35
N LYS D 217 -5.49 38.65 -21.25
CA LYS D 217 -5.21 40.02 -20.84
C LYS D 217 -6.36 40.61 -20.01
N GLU D 218 -7.57 40.27 -20.44
CA GLU D 218 -8.80 40.73 -19.85
C GLU D 218 -8.97 40.20 -18.47
N MET D 219 -8.49 38.98 -18.25
CA MET D 219 -8.65 38.36 -16.94
C MET D 219 -7.42 38.44 -16.05
N VAL D 220 -6.24 38.57 -16.64
CA VAL D 220 -5.02 38.54 -15.84
C VAL D 220 -4.29 39.87 -15.84
N GLU D 221 -3.84 40.30 -17.01
CA GLU D 221 -3.11 41.55 -17.13
C GLU D 221 -3.93 42.72 -16.62
N LEU D 222 -5.20 42.77 -17.00
CA LEU D 222 -6.05 43.93 -16.68
C LEU D 222 -6.36 44.08 -15.20
N PRO D 223 -6.87 43.02 -14.55
CA PRO D 223 -7.15 43.12 -13.11
C PRO D 223 -5.95 43.57 -12.27
N LEU D 224 -4.75 43.23 -12.72
CA LEU D 224 -3.54 43.58 -11.98
C LEU D 224 -3.02 44.99 -12.29
N ARG D 225 -2.97 45.34 -13.57
CA ARG D 225 -2.53 46.67 -13.98
C ARG D 225 -3.45 47.79 -13.51
N HIS D 226 -4.76 47.54 -13.53
CA HIS D 226 -5.74 48.57 -13.17
C HIS D 226 -6.85 48.06 -12.24
N PRO D 227 -6.49 47.67 -11.01
CA PRO D 227 -7.44 47.06 -10.08
C PRO D 227 -8.64 47.97 -9.74
N ALA D 228 -8.51 49.26 -10.03
CA ALA D 228 -9.51 50.25 -9.66
C ALA D 228 -10.79 50.19 -10.50
N LEU D 229 -10.65 49.79 -11.76
CA LEU D 229 -11.80 49.67 -12.66
C LEU D 229 -12.85 48.75 -12.07
N PHE D 230 -12.36 47.73 -11.35
CA PHE D 230 -13.23 46.74 -10.72
C PHE D 230 -13.72 47.28 -9.39
N LYS D 231 -12.82 47.95 -8.67
CA LYS D 231 -13.18 48.66 -7.44
C LYS D 231 -14.31 49.63 -7.72
N GLU D 232 -14.06 50.59 -8.62
CA GLU D 232 -15.06 51.57 -9.01
C GLU D 232 -16.39 50.90 -9.34
N ILE D 233 -16.39 49.98 -10.30
CA ILE D 233 -17.63 49.32 -10.72
C ILE D 233 -18.18 48.37 -9.66
N GLY D 234 -17.36 48.02 -8.67
CA GLY D 234 -17.80 47.26 -7.51
C GLY D 234 -17.94 45.77 -7.73
N VAL D 235 -16.96 45.18 -8.43
CA VAL D 235 -16.95 43.74 -8.67
C VAL D 235 -15.56 43.17 -8.38
N LYS D 236 -15.52 41.89 -8.00
CA LYS D 236 -14.26 41.23 -7.69
C LYS D 236 -13.77 40.44 -8.90
N PRO D 237 -12.53 40.72 -9.36
CA PRO D 237 -11.98 39.97 -10.49
C PRO D 237 -11.85 38.50 -10.14
N PRO D 238 -12.01 37.61 -11.13
CA PRO D 238 -11.77 36.19 -10.86
C PRO D 238 -10.27 35.92 -10.68
N ARG D 239 -9.94 34.89 -9.90
CA ARG D 239 -8.55 34.64 -9.52
C ARG D 239 -7.99 33.31 -10.00
N GLY D 240 -8.81 32.52 -10.70
CA GLY D 240 -8.36 31.25 -11.25
C GLY D 240 -8.76 31.14 -12.71
N ILE D 241 -7.77 31.00 -13.58
CA ILE D 241 -8.04 30.82 -15.00
C ILE D 241 -7.44 29.52 -15.48
N LEU D 242 -8.29 28.68 -16.05
CA LEU D 242 -7.87 27.39 -16.57
C LEU D 242 -7.92 27.34 -18.09
N LEU D 243 -6.75 27.25 -18.72
CA LEU D 243 -6.67 27.06 -20.16
C LEU D 243 -6.70 25.57 -20.46
N TYR D 244 -7.48 25.22 -21.48
CA TYR D 244 -7.54 23.84 -21.92
C TYR D 244 -7.56 23.76 -23.44
N GLY D 245 -7.14 22.64 -23.98
CA GLY D 245 -7.12 22.46 -25.43
C GLY D 245 -6.66 21.10 -25.88
N PRO D 246 -7.07 20.69 -27.10
CA PRO D 246 -6.50 19.45 -27.58
C PRO D 246 -4.98 19.60 -27.59
N PRO D 247 -4.26 18.51 -27.32
CA PRO D 247 -2.81 18.54 -27.13
C PRO D 247 -2.11 19.36 -28.18
N GLY D 248 -1.20 20.23 -27.75
CA GLY D 248 -0.26 20.88 -28.66
C GLY D 248 -0.73 22.20 -29.23
N THR D 249 -1.56 22.92 -28.49
CA THR D 249 -2.12 24.16 -29.06
C THR D 249 -1.59 25.46 -28.45
N GLY D 250 -0.36 25.40 -27.94
CA GLY D 250 0.34 26.59 -27.47
C GLY D 250 -0.12 27.04 -26.10
N LYS D 251 -0.61 26.10 -25.30
CA LYS D 251 -0.95 26.36 -23.91
C LYS D 251 0.35 26.70 -23.14
N THR D 252 1.30 25.78 -23.11
CA THR D 252 2.62 26.07 -22.51
C THR D 252 3.25 27.25 -23.22
N LEU D 253 2.92 27.39 -24.51
CA LEU D 253 3.55 28.44 -25.29
C LEU D 253 3.12 29.80 -24.79
N ILE D 254 1.89 29.87 -24.30
CA ILE D 254 1.31 31.11 -23.83
C ILE D 254 1.87 31.38 -22.44
N ALA D 255 1.95 30.31 -21.65
CA ALA D 255 2.66 30.30 -20.38
C ALA D 255 3.97 31.06 -20.50
N ARG D 256 4.71 30.76 -21.56
CA ARG D 256 5.94 31.46 -21.85
C ARG D 256 5.69 32.95 -22.09
N ALA D 257 4.98 33.27 -23.16
CA ALA D 257 4.67 34.68 -23.51
C ALA D 257 4.37 35.52 -22.28
N VAL D 258 3.34 35.11 -21.53
CA VAL D 258 2.89 35.84 -20.35
C VAL D 258 4.04 36.15 -19.41
N ALA D 259 4.87 35.15 -19.12
CA ALA D 259 6.02 35.31 -18.22
C ALA D 259 6.90 36.47 -18.66
N ASN D 260 7.28 36.44 -19.93
CA ASN D 260 8.12 37.46 -20.55
C ASN D 260 7.39 38.80 -20.68
N GLU D 261 6.12 38.73 -21.06
CA GLU D 261 5.32 39.90 -21.44
C GLU D 261 4.69 40.63 -20.25
N THR D 262 4.42 39.91 -19.16
CA THR D 262 3.66 40.48 -18.02
C THR D 262 4.37 41.57 -17.24
N GLY D 263 3.55 42.42 -16.63
CA GLY D 263 4.03 43.39 -15.67
C GLY D 263 4.31 42.76 -14.32
N ALA D 264 3.69 41.61 -14.05
CA ALA D 264 3.68 41.04 -12.69
C ALA D 264 4.88 40.15 -12.35
N PHE D 265 5.04 39.86 -11.07
CA PHE D 265 5.96 38.82 -10.64
C PHE D 265 5.35 37.49 -11.02
N PHE D 266 6.13 36.66 -11.70
CA PHE D 266 5.61 35.44 -12.29
C PHE D 266 6.28 34.21 -11.70
N PHE D 267 5.47 33.24 -11.29
CA PHE D 267 5.99 31.99 -10.75
C PHE D 267 5.40 30.77 -11.46
N LEU D 268 6.28 29.94 -12.00
CA LEU D 268 5.88 28.76 -12.77
C LEU D 268 5.95 27.48 -11.96
N ILE D 269 4.92 26.66 -12.12
CA ILE D 269 4.81 25.34 -11.48
C ILE D 269 4.53 24.30 -12.56
N ASN D 270 5.41 23.31 -12.66
CA ASN D 270 5.25 22.22 -13.63
C ASN D 270 4.78 20.91 -12.99
N GLY D 271 3.48 20.65 -13.09
CA GLY D 271 2.89 19.40 -12.57
C GLY D 271 3.83 18.20 -12.53
N PRO D 272 4.30 17.73 -13.70
CA PRO D 272 5.22 16.60 -13.74
C PRO D 272 6.48 16.82 -12.92
N GLU D 273 6.87 18.07 -12.70
CA GLU D 273 8.10 18.36 -11.96
C GLU D 273 7.84 18.38 -10.46
N ILE D 274 6.68 18.87 -10.06
CA ILE D 274 6.24 18.77 -8.68
C ILE D 274 6.18 17.31 -8.24
N MET D 275 5.55 16.49 -9.08
CA MET D 275 5.30 15.08 -8.77
C MET D 275 6.54 14.21 -8.79
N SER D 276 7.66 14.77 -9.25
CA SER D 276 8.93 14.06 -9.23
C SER D 276 9.59 14.15 -7.85
N LYS D 277 9.10 15.07 -7.02
CA LYS D 277 9.68 15.28 -5.69
C LYS D 277 9.27 14.19 -4.69
N LEU D 278 10.11 13.99 -3.67
CA LEU D 278 9.79 13.11 -2.55
C LEU D 278 8.46 13.51 -1.90
N ALA D 279 7.82 12.57 -1.22
CA ALA D 279 6.58 12.87 -0.49
C ALA D 279 6.83 14.00 0.51
N GLY D 280 5.97 15.01 0.51
CA GLY D 280 6.09 16.15 1.42
C GLY D 280 7.01 17.24 0.88
N GLU D 281 8.00 16.82 0.09
CA GLU D 281 8.93 17.71 -0.58
C GLU D 281 8.22 18.50 -1.66
N SER D 282 7.07 18.00 -2.10
CA SER D 282 6.24 18.69 -3.07
C SER D 282 5.36 19.71 -2.35
N GLU D 283 4.76 19.27 -1.24
CA GLU D 283 3.92 20.14 -0.42
C GLU D 283 4.66 21.41 -0.01
N SER D 284 5.92 21.26 0.37
CA SER D 284 6.75 22.41 0.68
C SER D 284 6.80 23.36 -0.50
N ASN D 285 7.15 22.82 -1.67
CA ASN D 285 7.28 23.61 -2.88
C ASN D 285 5.98 24.31 -3.25
N LEU D 286 4.87 23.61 -3.06
CA LEU D 286 3.56 24.16 -3.38
C LEU D 286 3.26 25.38 -2.53
N ARG D 287 3.51 25.25 -1.22
CA ARG D 287 3.35 26.36 -0.31
C ARG D 287 4.35 27.41 -0.71
N LYS D 288 5.61 26.99 -0.83
CA LYS D 288 6.71 27.90 -1.13
C LYS D 288 6.36 28.81 -2.31
N ALA D 289 5.75 28.22 -3.34
CA ALA D 289 5.31 28.98 -4.51
C ALA D 289 4.25 30.02 -4.16
N PHE D 290 3.19 29.59 -3.49
CA PHE D 290 2.11 30.48 -3.09
C PHE D 290 2.57 31.58 -2.15
N GLU D 291 3.54 31.26 -1.29
CA GLU D 291 4.11 32.24 -0.37
C GLU D 291 4.94 33.26 -1.14
N GLU D 292 5.80 32.76 -2.03
CA GLU D 292 6.61 33.63 -2.88
C GLU D 292 5.71 34.64 -3.59
N ALA D 293 4.64 34.12 -4.19
CA ALA D 293 3.71 34.94 -4.98
C ALA D 293 3.04 36.03 -4.14
N GLU D 294 2.62 35.68 -2.93
CA GLU D 294 2.04 36.67 -2.02
C GLU D 294 3.08 37.72 -1.66
N LYS D 295 4.25 37.25 -1.21
CA LYS D 295 5.36 38.11 -0.84
C LYS D 295 5.69 39.14 -1.92
N ASN D 296 5.66 38.73 -3.19
CA ASN D 296 5.98 39.65 -4.30
C ASN D 296 4.80 40.19 -5.12
N ALA D 297 3.57 40.07 -4.60
CA ALA D 297 2.38 40.52 -5.34
C ALA D 297 2.53 41.97 -5.82
N PRO D 298 1.82 42.34 -6.91
CA PRO D 298 0.91 41.49 -7.69
C PRO D 298 1.67 40.38 -8.38
N ALA D 299 1.07 39.20 -8.46
CA ALA D 299 1.75 38.04 -9.03
C ALA D 299 0.84 37.16 -9.90
N ILE D 300 1.45 36.40 -10.80
CA ILE D 300 0.76 35.35 -11.53
C ILE D 300 1.46 34.03 -11.25
N ILE D 301 0.73 33.11 -10.62
CA ILE D 301 1.23 31.74 -10.50
C ILE D 301 0.69 30.94 -11.68
N PHE D 302 1.58 30.25 -12.38
CA PHE D 302 1.17 29.41 -13.51
C PHE D 302 1.47 27.94 -13.28
N ILE D 303 0.44 27.12 -13.40
CA ILE D 303 0.59 25.69 -13.23
C ILE D 303 0.44 24.96 -14.57
N ASP D 304 1.56 24.47 -15.11
CA ASP D 304 1.50 23.75 -16.37
C ASP D 304 1.28 22.27 -16.14
N GLU D 305 0.46 21.68 -17.01
CA GLU D 305 0.04 20.29 -16.90
C GLU D 305 -0.61 20.04 -15.55
N LEU D 306 -1.62 20.85 -15.23
CA LEU D 306 -2.32 20.78 -13.96
C LEU D 306 -2.80 19.37 -13.64
N ASP D 307 -3.42 18.72 -14.63
CA ASP D 307 -3.95 17.38 -14.46
C ASP D 307 -2.93 16.42 -13.82
N ALA D 308 -1.65 16.70 -13.99
CA ALA D 308 -0.62 15.88 -13.38
C ALA D 308 -0.63 15.93 -11.85
N ILE D 309 -1.10 17.04 -11.28
CA ILE D 309 -1.15 17.13 -9.81
C ILE D 309 -2.58 17.15 -9.26
N ALA D 310 -3.57 17.34 -10.11
CA ALA D 310 -4.95 17.41 -9.63
C ALA D 310 -5.88 16.40 -10.31
N PRO D 311 -5.59 15.09 -10.17
CA PRO D 311 -6.57 14.13 -10.66
C PRO D 311 -7.76 14.11 -9.71
N LYS D 312 -8.84 13.45 -10.11
CA LYS D 312 -10.00 13.29 -9.23
C LYS D 312 -9.62 12.51 -7.98
N ARG D 313 -9.63 13.18 -6.83
CA ARG D 313 -9.29 12.57 -5.54
C ARG D 313 -9.95 11.21 -5.35
N GLU D 314 -11.23 11.15 -5.72
CA GLU D 314 -12.04 9.93 -5.67
C GLU D 314 -11.41 8.82 -6.52
N LYS D 315 -10.97 9.19 -7.72
CA LYS D 315 -10.53 8.22 -8.72
C LYS D 315 -9.01 7.99 -8.70
N THR D 316 -8.31 8.63 -7.77
CA THR D 316 -6.85 8.53 -7.71
C THR D 316 -6.34 7.59 -6.61
N HIS D 317 -5.26 6.86 -6.91
CA HIS D 317 -4.87 5.71 -6.09
C HIS D 317 -3.93 5.98 -4.90
N GLY D 318 -2.81 6.68 -5.11
CA GLY D 318 -1.82 6.93 -4.04
C GLY D 318 -2.32 7.86 -2.94
N GLU D 319 -1.72 7.75 -1.75
CA GLU D 319 -2.14 8.56 -0.59
C GLU D 319 -1.55 9.97 -0.58
N VAL D 320 -0.23 10.05 -0.72
CA VAL D 320 0.45 11.33 -0.87
C VAL D 320 -0.24 12.09 -1.99
N GLU D 321 -0.71 11.32 -2.98
CA GLU D 321 -1.32 11.86 -4.18
C GLU D 321 -2.58 12.69 -3.89
N ARG D 322 -3.50 12.16 -3.07
CA ARG D 322 -4.68 12.95 -2.67
C ARG D 322 -4.27 14.14 -1.82
N ARG D 323 -3.27 13.95 -0.95
CA ARG D 323 -2.83 15.01 -0.05
C ARG D 323 -2.52 16.29 -0.81
N ILE D 324 -1.85 16.16 -1.97
CA ILE D 324 -1.57 17.30 -2.85
C ILE D 324 -2.85 18.00 -3.35
N VAL D 325 -3.81 17.25 -3.90
CA VAL D 325 -5.06 17.90 -4.34
C VAL D 325 -5.63 18.70 -3.18
N SER D 326 -5.72 18.07 -2.01
CA SER D 326 -6.17 18.75 -0.80
C SER D 326 -5.27 19.95 -0.50
N GLN D 327 -3.96 19.73 -0.51
CA GLN D 327 -2.97 20.77 -0.25
C GLN D 327 -3.19 22.02 -1.11
N LEU D 328 -3.33 21.81 -2.41
CA LEU D 328 -3.60 22.89 -3.37
C LEU D 328 -4.91 23.61 -3.06
N LEU D 329 -6.02 22.88 -3.12
CA LEU D 329 -7.35 23.42 -2.80
C LEU D 329 -7.30 24.41 -1.66
N THR D 330 -6.74 23.98 -0.53
CA THR D 330 -6.49 24.83 0.63
C THR D 330 -5.86 26.18 0.27
N LEU D 331 -4.79 26.14 -0.52
CA LEU D 331 -4.04 27.34 -0.88
C LEU D 331 -4.87 28.25 -1.77
N MET D 332 -5.41 27.70 -2.85
CA MET D 332 -6.39 28.39 -3.68
C MET D 332 -7.39 29.16 -2.82
N ASP D 333 -7.98 28.46 -1.86
CA ASP D 333 -8.93 29.07 -0.95
C ASP D 333 -8.29 30.07 0.01
N GLY D 334 -7.07 29.77 0.44
CA GLY D 334 -6.35 30.61 1.40
C GLY D 334 -5.89 31.96 0.88
N LEU D 335 -6.22 32.26 -0.38
CA LEU D 335 -5.84 33.53 -0.97
C LEU D 335 -6.76 34.66 -0.52
N LYS D 336 -6.21 35.60 0.24
CA LYS D 336 -6.97 36.76 0.70
C LYS D 336 -7.33 37.68 -0.47
N GLN D 337 -8.36 38.49 -0.28
CA GLN D 337 -8.80 39.43 -1.30
C GLN D 337 -7.69 40.41 -1.67
N ARG D 338 -7.07 40.98 -0.64
CA ARG D 338 -5.99 41.96 -0.77
C ARG D 338 -4.71 41.41 -1.41
N ALA D 339 -4.70 40.11 -1.73
CA ALA D 339 -3.48 39.42 -2.15
C ALA D 339 -2.95 39.81 -3.54
N HIS D 340 -3.85 40.16 -4.45
CA HIS D 340 -3.51 40.48 -5.84
C HIS D 340 -2.70 39.37 -6.54
N VAL D 341 -3.22 38.15 -6.49
CA VAL D 341 -2.61 37.01 -7.18
C VAL D 341 -3.65 36.29 -8.04
N ILE D 342 -3.31 36.08 -9.31
CA ILE D 342 -4.18 35.33 -10.23
C ILE D 342 -3.50 34.00 -10.54
N VAL D 343 -4.18 32.91 -10.23
CA VAL D 343 -3.65 31.60 -10.59
C VAL D 343 -4.19 31.12 -11.93
N MET D 344 -3.26 31.01 -12.88
CA MET D 344 -3.50 30.44 -14.20
C MET D 344 -2.99 29.01 -14.19
N ALA D 345 -3.60 28.17 -15.02
CA ALA D 345 -3.17 26.80 -15.22
C ALA D 345 -3.73 26.20 -16.52
N ALA D 346 -3.20 25.07 -16.92
CA ALA D 346 -3.50 24.51 -18.24
C ALA D 346 -3.39 22.99 -18.29
N THR D 347 -4.33 22.39 -19.01
CA THR D 347 -4.33 20.95 -19.24
C THR D 347 -4.85 20.65 -20.65
N ASN D 348 -4.56 19.46 -21.15
CA ASN D 348 -5.17 18.98 -22.38
C ASN D 348 -6.20 17.90 -22.09
N ARG D 349 -6.44 17.67 -20.80
CA ARG D 349 -7.44 16.74 -20.34
C ARG D 349 -8.22 17.38 -19.19
N PRO D 350 -9.07 18.39 -19.50
CA PRO D 350 -9.78 19.08 -18.43
C PRO D 350 -10.66 18.15 -17.58
N ASN D 351 -11.34 17.22 -18.22
CA ASN D 351 -12.34 16.40 -17.55
C ASN D 351 -11.83 15.49 -16.43
N SER D 352 -10.52 15.23 -16.41
CA SER D 352 -9.93 14.36 -15.40
C SER D 352 -9.44 15.10 -14.16
N ILE D 353 -9.56 16.42 -14.18
CA ILE D 353 -9.17 17.24 -13.04
C ILE D 353 -10.29 17.23 -12.01
N ASP D 354 -9.92 17.06 -10.74
CA ASP D 354 -10.91 17.06 -9.65
C ASP D 354 -11.82 18.30 -9.71
N PRO D 355 -13.14 18.07 -9.85
CA PRO D 355 -14.16 19.13 -10.00
C PRO D 355 -14.19 20.17 -8.88
N ALA D 356 -13.72 19.82 -7.69
CA ALA D 356 -13.67 20.75 -6.56
C ALA D 356 -12.84 21.97 -6.90
N LEU D 357 -11.88 21.79 -7.80
CA LEU D 357 -11.02 22.86 -8.27
C LEU D 357 -11.67 23.75 -9.32
N ARG D 358 -12.85 23.36 -9.80
CA ARG D 358 -13.54 24.17 -10.80
C ARG D 358 -14.78 24.83 -10.23
N ARG D 359 -14.95 24.67 -8.93
CA ARG D 359 -15.98 25.35 -8.18
C ARG D 359 -15.71 26.84 -8.17
N PHE D 360 -16.77 27.62 -8.00
CA PHE D 360 -16.67 29.08 -7.95
C PHE D 360 -15.64 29.54 -6.93
N GLY D 361 -14.84 30.53 -7.31
CA GLY D 361 -13.79 31.06 -6.44
C GLY D 361 -12.47 30.29 -6.49
N ARG D 362 -12.41 29.28 -7.34
CA ARG D 362 -11.18 28.56 -7.60
C ARG D 362 -10.86 28.75 -9.08
N PHE D 363 -10.68 27.67 -9.83
CA PHE D 363 -10.56 27.79 -11.28
C PHE D 363 -11.96 27.88 -11.89
N ASP D 364 -12.54 29.07 -11.81
CA ASP D 364 -13.93 29.26 -12.20
C ASP D 364 -14.07 30.00 -13.53
N ARG D 365 -12.98 30.11 -14.28
CA ARG D 365 -12.99 30.66 -15.63
C ARG D 365 -12.14 29.79 -16.54
N GLU D 366 -12.68 29.46 -17.71
CA GLU D 366 -11.99 28.62 -18.67
C GLU D 366 -11.67 29.40 -19.94
N VAL D 367 -10.50 29.13 -20.50
CA VAL D 367 -10.17 29.61 -21.82
C VAL D 367 -9.83 28.40 -22.65
N ASP D 368 -10.71 28.08 -23.60
CA ASP D 368 -10.50 26.96 -24.49
C ASP D 368 -9.54 27.39 -25.58
N ILE D 369 -8.48 26.62 -25.77
CA ILE D 369 -7.48 26.93 -26.76
C ILE D 369 -7.68 25.84 -27.79
N GLY D 370 -8.44 26.11 -28.86
CA GLY D 370 -8.86 25.04 -29.76
C GLY D 370 -8.04 24.92 -31.02
N ILE D 371 -8.38 23.95 -31.85
CA ILE D 371 -7.78 23.83 -33.17
C ILE D 371 -7.82 25.19 -33.83
N PRO D 372 -6.78 25.54 -34.62
CA PRO D 372 -6.88 26.77 -35.40
C PRO D 372 -7.55 26.55 -36.75
N ASP D 373 -8.22 27.58 -37.25
CA ASP D 373 -8.87 27.52 -38.56
C ASP D 373 -7.86 27.89 -39.64
N ALA D 374 -8.33 27.93 -40.89
CA ALA D 374 -7.46 28.19 -42.05
C ALA D 374 -6.48 29.35 -41.84
N THR D 375 -7.01 30.52 -41.47
CA THR D 375 -6.17 31.71 -41.30
C THR D 375 -5.22 31.60 -40.12
N GLY D 376 -5.68 30.97 -39.04
CA GLY D 376 -4.82 30.68 -37.89
C GLY D 376 -3.57 29.95 -38.32
N ARG D 377 -3.76 28.84 -39.04
CA ARG D 377 -2.64 28.07 -39.58
C ARG D 377 -1.70 29.00 -40.34
N LEU D 378 -2.25 29.84 -41.20
CA LEU D 378 -1.46 30.79 -41.97
C LEU D 378 -0.66 31.70 -41.04
N GLU D 379 -1.31 32.15 -39.96
CA GLU D 379 -0.65 33.01 -38.97
C GLU D 379 0.58 32.31 -38.41
N ILE D 380 0.34 31.11 -37.87
CA ILE D 380 1.38 30.29 -37.28
C ILE D 380 2.53 30.05 -38.25
N LEU D 381 2.19 29.58 -39.45
CA LEU D 381 3.18 29.26 -40.49
C LEU D 381 4.11 30.45 -40.73
N GLN D 382 3.55 31.65 -40.71
CA GLN D 382 4.32 32.87 -40.82
C GLN D 382 5.25 33.02 -39.64
N ILE D 383 4.71 32.89 -38.43
CA ILE D 383 5.51 33.06 -37.21
C ILE D 383 6.68 32.08 -37.17
N HIS D 384 6.48 30.86 -37.66
CA HIS D 384 7.54 29.87 -37.64
C HIS D 384 8.63 30.14 -38.65
N THR D 385 8.22 30.47 -39.87
CA THR D 385 9.15 30.60 -40.98
C THR D 385 9.90 31.93 -40.93
N LYS D 386 9.55 32.77 -39.95
CA LYS D 386 10.10 34.13 -39.87
C LYS D 386 11.64 34.17 -39.80
N ASN D 387 12.26 33.08 -39.38
CA ASN D 387 13.72 33.02 -39.34
C ASN D 387 14.31 31.86 -40.15
N MET D 388 13.52 31.35 -41.08
CA MET D 388 13.94 30.25 -41.94
C MET D 388 14.32 30.76 -43.33
N LYS D 389 15.18 30.01 -44.02
CA LYS D 389 15.55 30.34 -45.38
C LYS D 389 14.56 29.70 -46.34
N LEU D 390 13.67 30.52 -46.90
CA LEU D 390 12.64 30.03 -47.82
C LEU D 390 12.86 30.53 -49.25
N ALA D 391 12.65 29.65 -50.20
CA ALA D 391 12.65 30.02 -51.61
C ALA D 391 11.46 30.94 -51.90
N ASP D 392 11.55 31.67 -53.01
CA ASP D 392 10.47 32.58 -53.42
C ASP D 392 9.23 31.82 -53.84
N ASP D 393 9.43 30.60 -54.34
CA ASP D 393 8.33 29.79 -54.87
C ASP D 393 7.44 29.18 -53.80
N VAL D 394 7.64 29.60 -52.56
CA VAL D 394 6.93 29.05 -51.39
C VAL D 394 5.70 29.90 -51.03
N ASP D 395 4.52 29.26 -51.14
CA ASP D 395 3.23 29.90 -50.91
C ASP D 395 2.64 29.33 -49.63
N LEU D 396 2.65 30.12 -48.56
CA LEU D 396 2.17 29.63 -47.26
C LEU D 396 0.65 29.50 -47.21
N GLU D 397 -0.06 30.34 -47.96
CA GLU D 397 -1.52 30.28 -48.08
C GLU D 397 -1.97 28.91 -48.56
N GLN D 398 -1.17 28.33 -49.47
CA GLN D 398 -1.39 26.99 -49.96
C GLN D 398 -1.30 26.02 -48.80
N VAL D 399 -0.11 25.93 -48.20
CA VAL D 399 0.13 25.13 -47.00
C VAL D 399 -1.05 25.27 -46.07
N ALA D 400 -1.32 26.50 -45.62
CA ALA D 400 -2.44 26.79 -44.73
C ALA D 400 -3.69 26.01 -45.12
N ASN D 401 -4.10 26.12 -46.39
CA ASN D 401 -5.31 25.44 -46.87
C ASN D 401 -5.23 23.92 -46.85
N GLU D 402 -4.04 23.41 -47.12
CA GLU D 402 -3.82 21.96 -47.24
C GLU D 402 -3.60 21.26 -45.90
N THR D 403 -3.51 22.02 -44.82
CA THR D 403 -3.07 21.50 -43.54
C THR D 403 -4.21 21.30 -42.56
N HIS D 404 -5.40 21.06 -43.08
CA HIS D 404 -6.58 21.04 -42.25
C HIS D 404 -6.38 20.10 -41.08
N GLY D 405 -6.81 20.54 -39.90
CA GLY D 405 -6.80 19.69 -38.72
C GLY D 405 -5.45 19.69 -38.02
N HIS D 406 -4.50 20.45 -38.55
CA HIS D 406 -3.22 20.61 -37.88
C HIS D 406 -3.38 21.58 -36.75
N VAL D 407 -2.53 21.44 -35.74
CA VAL D 407 -2.44 22.44 -34.70
C VAL D 407 -1.06 23.05 -34.75
N GLY D 408 -0.82 24.01 -33.85
CA GLY D 408 0.47 24.66 -33.73
C GLY D 408 1.64 23.70 -33.83
N ALA D 409 1.65 22.66 -32.99
CA ALA D 409 2.77 21.73 -32.95
C ALA D 409 2.88 20.90 -34.23
N ASP D 410 1.75 20.62 -34.85
CA ASP D 410 1.72 19.88 -36.12
C ASP D 410 2.43 20.69 -37.19
N LEU D 411 2.12 21.97 -37.23
CA LEU D 411 2.72 22.86 -38.21
C LEU D 411 4.23 23.00 -38.00
N ALA D 412 4.65 23.31 -36.77
CA ALA D 412 6.07 23.33 -36.42
C ALA D 412 6.78 22.09 -36.96
N ALA D 413 6.25 20.92 -36.61
CA ALA D 413 6.79 19.66 -37.11
C ALA D 413 6.95 19.71 -38.62
N LEU D 414 5.87 20.10 -39.31
CA LEU D 414 5.87 20.17 -40.77
C LEU D 414 7.08 20.96 -41.27
N CYS D 415 7.22 22.19 -40.79
CA CYS D 415 8.36 23.04 -41.14
C CYS D 415 9.68 22.33 -40.89
N SER D 416 9.86 21.80 -39.68
CA SER D 416 11.07 21.05 -39.37
C SER D 416 11.33 19.95 -40.40
N GLU D 417 10.27 19.21 -40.76
CA GLU D 417 10.40 18.14 -41.76
C GLU D 417 10.82 18.58 -43.16
N ALA D 418 10.23 19.66 -43.67
CA ALA D 418 10.62 20.17 -44.99
C ALA D 418 12.06 20.66 -44.98
N ALA D 419 12.41 21.40 -43.94
CA ALA D 419 13.79 21.85 -43.70
C ALA D 419 14.78 20.70 -43.87
N LEU D 420 14.50 19.58 -43.21
CA LEU D 420 15.32 18.38 -43.36
C LEU D 420 15.38 17.99 -44.83
N GLN D 421 14.21 17.71 -45.41
CA GLN D 421 14.10 17.37 -46.83
C GLN D 421 14.99 18.27 -47.69
N ALA D 422 14.99 19.56 -47.36
CA ALA D 422 15.88 20.51 -48.02
C ALA D 422 17.34 20.13 -47.77
N ILE D 423 17.71 20.00 -46.50
CA ILE D 423 19.07 19.55 -46.13
C ILE D 423 19.38 18.23 -46.83
N ARG D 424 18.37 17.37 -46.93
CA ARG D 424 18.50 16.06 -47.57
C ARG D 424 18.97 16.18 -49.02
N LYS D 425 18.46 17.18 -49.74
CA LYS D 425 18.80 17.40 -51.15
C LYS D 425 20.27 17.82 -51.37
N LYS D 426 20.96 18.12 -50.27
CA LYS D 426 22.37 18.45 -50.31
C LYS D 426 23.22 17.27 -49.86
N MET D 427 22.56 16.15 -49.56
CA MET D 427 23.22 15.04 -48.90
C MET D 427 24.14 14.16 -49.75
N ASP D 428 24.05 14.28 -51.08
CA ASP D 428 25.03 13.62 -51.94
C ASP D 428 26.24 14.53 -52.10
N LEU D 429 26.00 15.83 -52.16
CA LEU D 429 27.08 16.82 -52.17
C LEU D 429 27.94 16.73 -50.89
N ILE D 430 27.33 16.34 -49.78
CA ILE D 430 28.03 16.29 -48.49
C ILE D 430 28.19 14.87 -47.97
N ASP D 431 29.30 14.61 -47.28
CA ASP D 431 29.47 13.38 -46.52
C ASP D 431 29.42 13.69 -45.04
N LEU D 432 28.73 12.84 -44.29
CA LEU D 432 28.63 12.95 -42.83
C LEU D 432 30.02 13.07 -42.19
N GLU D 433 31.00 12.49 -42.86
CA GLU D 433 32.33 12.33 -42.28
C GLU D 433 33.10 13.64 -42.17
N ASP D 434 32.89 14.53 -43.13
CA ASP D 434 33.68 15.75 -43.27
C ASP D 434 33.75 16.56 -41.99
N GLU D 435 34.93 17.13 -41.73
CA GLU D 435 35.15 17.93 -40.52
C GLU D 435 34.37 19.24 -40.58
N THR D 436 34.36 19.87 -41.76
CA THR D 436 33.58 21.10 -42.00
C THR D 436 32.85 21.04 -43.34
N ILE D 437 31.84 21.90 -43.49
CA ILE D 437 30.99 21.89 -44.68
C ILE D 437 31.39 22.98 -45.67
N ASP D 438 31.43 22.61 -46.95
CA ASP D 438 31.65 23.55 -48.05
C ASP D 438 30.78 24.80 -47.89
N ALA D 439 31.44 25.94 -47.67
CA ALA D 439 30.79 27.19 -47.31
C ALA D 439 29.84 27.75 -48.38
N GLU D 440 30.07 27.39 -49.64
CA GLU D 440 29.17 27.78 -50.73
C GLU D 440 27.79 27.15 -50.57
N VAL D 441 27.76 25.83 -50.50
CA VAL D 441 26.52 25.07 -50.45
C VAL D 441 25.65 25.57 -49.30
N MET D 442 26.27 25.71 -48.13
CA MET D 442 25.65 26.29 -46.94
C MET D 442 24.76 27.49 -47.30
N ASN D 443 25.29 28.41 -48.09
CA ASN D 443 24.57 29.62 -48.48
C ASN D 443 23.46 29.35 -49.49
N SER D 444 23.66 28.33 -50.30
CA SER D 444 22.68 27.92 -51.32
C SER D 444 21.42 27.30 -50.71
N LEU D 445 21.52 26.86 -49.47
CA LEU D 445 20.47 26.07 -48.81
C LEU D 445 19.22 26.89 -48.50
N ALA D 446 18.08 26.41 -49.00
CA ALA D 446 16.79 27.03 -48.74
C ALA D 446 15.66 26.01 -48.89
N VAL D 447 14.55 26.25 -48.20
CA VAL D 447 13.40 25.37 -48.28
C VAL D 447 12.55 25.73 -49.47
N THR D 448 12.62 24.91 -50.51
CA THR D 448 11.77 25.05 -51.69
C THR D 448 10.35 24.65 -51.34
N MET D 449 9.39 25.16 -52.11
CA MET D 449 8.01 24.74 -51.98
C MET D 449 7.85 23.23 -52.15
N ASP D 450 8.67 22.65 -53.02
CA ASP D 450 8.64 21.20 -53.19
C ASP D 450 8.91 20.50 -51.86
N ASP D 451 9.96 20.93 -51.15
CA ASP D 451 10.26 20.45 -49.81
C ASP D 451 9.00 20.41 -48.95
N PHE D 452 8.23 21.50 -48.95
CA PHE D 452 6.97 21.53 -48.23
C PHE D 452 6.01 20.46 -48.70
N ARG D 453 5.82 20.33 -50.01
CA ARG D 453 4.91 19.29 -50.51
C ARG D 453 5.31 17.89 -50.07
N TRP D 454 6.61 17.64 -49.93
CA TRP D 454 7.06 16.37 -49.34
C TRP D 454 6.63 16.26 -47.88
N ALA D 455 7.04 17.23 -47.07
CA ALA D 455 6.62 17.26 -45.66
C ALA D 455 5.12 17.05 -45.55
N LEU D 456 4.35 17.80 -46.34
CA LEU D 456 2.91 17.65 -46.42
C LEU D 456 2.42 16.24 -46.69
N SER D 457 3.11 15.53 -47.59
CA SER D 457 2.72 14.17 -47.95
C SER D 457 2.93 13.19 -46.81
N GLN D 458 3.63 13.63 -45.78
CA GLN D 458 4.04 12.78 -44.67
C GLN D 458 3.27 13.06 -43.38
N SER D 459 2.49 14.15 -43.40
CA SER D 459 1.86 14.69 -42.19
C SER D 459 0.89 13.74 -41.48
N ASN D 460 0.49 14.10 -40.27
CA ASN D 460 -0.27 13.21 -39.40
C ASN D 460 -1.35 13.90 -38.55
N PRO D 461 -2.35 13.13 -38.06
CA PRO D 461 -3.28 13.66 -37.07
C PRO D 461 -2.59 14.26 -35.84
N SER D 462 -3.32 15.08 -35.08
CA SER D 462 -2.79 15.81 -33.92
C SER D 462 -2.31 14.91 -32.77
N LEU E 12 17.53 8.81 -52.49
CA LEU E 12 16.67 10.04 -52.64
C LEU E 12 16.34 10.65 -51.27
N SER E 13 16.14 9.77 -50.29
CA SER E 13 15.88 10.16 -48.91
C SER E 13 16.80 9.29 -48.08
N THR E 14 17.48 8.40 -48.79
CA THR E 14 18.53 7.55 -48.25
C THR E 14 19.87 8.20 -48.58
N ALA E 15 19.81 9.48 -48.95
CA ALA E 15 20.97 10.23 -49.42
C ALA E 15 22.14 10.26 -48.43
N ILE E 16 21.82 10.43 -47.15
CA ILE E 16 22.81 10.52 -46.08
C ILE E 16 23.71 9.29 -45.97
N LEU E 17 23.33 8.21 -46.65
CA LEU E 17 24.01 6.93 -46.54
C LEU E 17 25.06 6.71 -47.61
N LYS E 18 24.71 7.05 -48.86
CA LYS E 18 25.65 6.91 -49.96
C LYS E 18 26.84 7.82 -49.70
N GLN E 19 27.98 7.21 -49.41
CA GLN E 19 29.19 7.96 -49.15
C GLN E 19 29.81 8.48 -50.44
N LYS E 20 30.68 9.48 -50.31
CA LYS E 20 31.09 10.31 -51.43
C LYS E 20 32.47 9.96 -51.97
N ASN E 21 32.64 10.18 -53.26
CA ASN E 21 33.96 10.17 -53.87
C ASN E 21 34.74 11.33 -53.28
N ARG E 22 35.87 11.03 -52.64
CA ARG E 22 36.69 12.06 -52.03
C ARG E 22 38.17 11.79 -52.25
N PRO E 23 38.99 12.86 -52.33
CA PRO E 23 40.44 12.81 -52.51
C PRO E 23 41.13 11.61 -51.86
N ASN E 24 40.74 11.30 -50.63
CA ASN E 24 41.44 10.30 -49.82
C ASN E 24 40.56 9.18 -49.26
N ARG E 25 39.49 8.83 -49.97
CA ARG E 25 38.81 7.55 -49.75
C ARG E 25 39.35 6.56 -50.75
N LEU E 26 40.12 5.60 -50.24
CA LEU E 26 40.80 4.63 -51.09
C LEU E 26 40.37 3.21 -50.74
N ILE E 27 40.26 2.39 -51.77
CA ILE E 27 39.85 1.00 -51.65
C ILE E 27 41.02 0.14 -51.18
N VAL E 28 40.76 -0.79 -50.27
CA VAL E 28 41.82 -1.63 -49.69
C VAL E 28 42.20 -2.81 -50.60
N ASP E 29 43.39 -2.71 -51.18
CA ASP E 29 43.98 -3.76 -52.00
C ASP E 29 45.04 -4.51 -51.18
N GLU E 30 45.16 -5.80 -51.44
CA GLU E 30 46.18 -6.65 -50.83
C GLU E 30 47.58 -6.03 -50.96
N ALA E 31 48.38 -6.14 -49.91
CA ALA E 31 49.72 -5.56 -49.87
C ALA E 31 50.75 -6.35 -50.67
N ILE E 32 51.66 -5.64 -51.33
CA ILE E 32 52.86 -6.24 -51.91
C ILE E 32 53.97 -6.30 -50.86
N ASN E 33 54.34 -5.13 -50.33
CA ASN E 33 55.25 -5.06 -49.19
C ASN E 33 54.54 -5.63 -47.97
N GLU E 34 55.19 -6.58 -47.30
CA GLU E 34 54.51 -7.42 -46.33
C GLU E 34 54.57 -6.90 -44.89
N ASP E 35 55.09 -5.70 -44.68
CA ASP E 35 55.32 -5.20 -43.34
C ASP E 35 54.16 -4.51 -42.63
N ASN E 36 53.97 -4.87 -41.37
CA ASN E 36 52.93 -4.30 -40.52
C ASN E 36 52.78 -2.78 -40.54
N SER E 37 53.91 -2.07 -40.56
CA SER E 37 53.86 -0.61 -40.48
C SER E 37 53.82 0.08 -41.84
N VAL E 38 53.58 -0.69 -42.89
CA VAL E 38 53.70 -0.16 -44.25
C VAL E 38 52.36 -0.08 -45.01
N VAL E 39 52.18 1.01 -45.76
CA VAL E 39 51.03 1.16 -46.65
C VAL E 39 51.40 1.66 -48.04
N SER E 40 50.91 0.95 -49.05
CA SER E 40 51.22 1.24 -50.45
C SER E 40 50.26 2.26 -51.06
N LEU E 41 50.82 3.19 -51.84
CA LEU E 41 50.04 4.17 -52.58
C LEU E 41 50.65 4.45 -53.95
N SER E 42 49.80 4.73 -54.93
CA SER E 42 50.27 5.19 -56.23
C SER E 42 50.99 6.52 -56.03
N GLN E 43 52.06 6.73 -56.79
CA GLN E 43 52.75 8.01 -56.78
C GLN E 43 51.82 9.15 -57.22
N PRO E 44 51.06 8.97 -58.33
CA PRO E 44 50.13 10.02 -58.75
C PRO E 44 49.18 10.47 -57.64
N LYS E 45 48.84 9.57 -56.73
CA LYS E 45 47.99 9.91 -55.59
C LYS E 45 48.77 10.62 -54.47
N MET E 46 49.90 10.05 -54.08
CA MET E 46 50.73 10.58 -52.98
C MET E 46 50.97 12.09 -53.09
N ASP E 47 51.11 12.57 -54.32
CA ASP E 47 51.30 13.99 -54.58
C ASP E 47 50.02 14.76 -54.35
N GLU E 48 48.94 14.29 -54.97
CA GLU E 48 47.61 14.88 -54.85
C GLU E 48 47.28 15.20 -53.38
N LEU E 49 47.76 14.34 -52.49
CA LEU E 49 47.50 14.48 -51.06
C LEU E 49 48.69 15.09 -50.30
N GLN E 50 49.69 15.55 -51.05
CA GLN E 50 50.87 16.21 -50.50
C GLN E 50 51.56 15.33 -49.47
N LEU E 51 51.79 14.07 -49.85
CA LEU E 51 52.36 13.09 -48.95
C LEU E 51 53.71 12.57 -49.42
N PHE E 52 54.76 12.93 -48.70
CA PHE E 52 56.11 12.53 -49.02
C PHE E 52 56.37 11.13 -48.46
N ARG E 53 57.41 10.47 -48.98
CA ARG E 53 57.73 9.10 -48.61
C ARG E 53 58.22 9.04 -47.16
N GLY E 54 57.85 7.96 -46.46
CA GLY E 54 58.26 7.78 -45.07
C GLY E 54 57.53 8.67 -44.07
N ASP E 55 56.53 9.40 -44.55
CA ASP E 55 55.65 10.18 -43.67
C ASP E 55 54.74 9.23 -42.91
N THR E 56 54.49 9.54 -41.64
CA THR E 56 53.64 8.70 -40.80
C THR E 56 52.19 9.19 -40.85
N VAL E 57 51.30 8.30 -41.30
CA VAL E 57 49.91 8.67 -41.58
C VAL E 57 48.89 8.07 -40.62
N LEU E 58 47.70 8.66 -40.61
CA LEU E 58 46.59 8.16 -39.80
C LEU E 58 45.46 7.60 -40.68
N LEU E 59 45.00 6.40 -40.31
CA LEU E 59 44.02 5.66 -41.09
C LEU E 59 42.75 5.39 -40.30
N LYS E 60 41.61 5.71 -40.90
CA LYS E 60 40.32 5.50 -40.25
C LYS E 60 39.54 4.38 -40.93
N GLY E 61 39.09 3.42 -40.14
CA GLY E 61 38.42 2.23 -40.67
C GLY E 61 36.93 2.21 -40.40
N LYS E 62 36.45 1.09 -39.87
CA LYS E 62 35.05 0.92 -39.51
C LYS E 62 34.91 0.89 -37.99
N LYS E 63 33.70 1.14 -37.50
CA LYS E 63 33.45 1.13 -36.06
C LYS E 63 34.53 1.91 -35.33
N ARG E 64 34.83 3.11 -35.85
CA ARG E 64 35.72 4.06 -35.19
C ARG E 64 37.11 3.46 -34.89
N ARG E 65 37.53 2.48 -35.68
CA ARG E 65 38.86 1.94 -35.52
C ARG E 65 39.88 2.81 -36.26
N GLU E 66 41.09 2.85 -35.71
CA GLU E 66 42.18 3.70 -36.22
C GLU E 66 43.49 2.92 -36.31
N ALA E 67 44.26 3.18 -37.36
CA ALA E 67 45.59 2.59 -37.49
C ALA E 67 46.63 3.65 -37.85
N VAL E 68 47.87 3.43 -37.41
CA VAL E 68 48.98 4.33 -37.70
C VAL E 68 50.11 3.63 -38.44
N CYS E 69 50.49 4.18 -39.58
CA CYS E 69 51.44 3.54 -40.48
C CYS E 69 52.45 4.53 -41.06
N ILE E 70 53.39 3.98 -41.83
CA ILE E 70 54.32 4.79 -42.61
C ILE E 70 54.00 4.54 -44.09
N VAL E 71 54.11 5.58 -44.91
CA VAL E 71 53.64 5.51 -46.30
C VAL E 71 54.77 5.54 -47.35
N LEU E 72 54.64 4.64 -48.33
CA LEU E 72 55.57 4.53 -49.44
C LEU E 72 54.81 4.43 -50.77
N SER E 73 55.50 4.73 -51.87
CA SER E 73 54.92 4.65 -53.20
C SER E 73 55.08 3.28 -53.84
N ASP E 74 53.98 2.77 -54.40
CA ASP E 74 53.99 1.52 -55.14
C ASP E 74 53.66 1.80 -56.60
N ASP E 75 54.51 1.28 -57.49
CA ASP E 75 54.32 1.40 -58.92
C ASP E 75 53.11 0.61 -59.39
N THR E 76 52.93 -0.58 -58.80
CA THR E 76 51.85 -1.51 -59.19
C THR E 76 50.47 -1.16 -58.60
N CYS E 77 50.41 -0.13 -57.76
CA CYS E 77 49.19 0.27 -57.05
C CYS E 77 48.38 1.36 -57.76
N SER E 78 47.10 1.07 -58.00
CA SER E 78 46.16 2.00 -58.62
C SER E 78 46.08 3.31 -57.81
N ASP E 79 45.71 4.41 -58.48
CA ASP E 79 45.63 5.72 -57.85
C ASP E 79 44.70 5.73 -56.63
N GLU E 80 43.44 5.34 -56.86
CA GLU E 80 42.39 5.33 -55.84
C GLU E 80 42.31 4.01 -55.06
N LYS E 81 43.40 3.25 -55.05
CA LYS E 81 43.54 2.06 -54.21
C LYS E 81 44.71 2.19 -53.22
N ILE E 82 44.69 1.37 -52.17
CA ILE E 82 45.76 1.35 -51.16
C ILE E 82 46.05 -0.07 -50.68
N ARG E 83 47.34 -0.40 -50.54
CA ARG E 83 47.73 -1.72 -50.04
C ARG E 83 48.09 -1.72 -48.58
N MET E 84 47.63 -2.76 -47.89
CA MET E 84 47.92 -2.98 -46.47
C MET E 84 47.82 -4.48 -46.24
N ASN E 85 48.62 -4.99 -45.32
CA ASN E 85 48.59 -6.43 -45.01
C ASN E 85 47.36 -6.78 -44.16
N ARG E 86 47.20 -8.05 -43.85
CA ARG E 86 46.05 -8.50 -43.06
C ARG E 86 46.09 -7.96 -41.62
N VAL E 87 47.29 -7.81 -41.06
CA VAL E 87 47.43 -7.24 -39.71
C VAL E 87 46.84 -5.83 -39.65
N VAL E 88 47.07 -5.07 -40.71
CA VAL E 88 46.55 -3.70 -40.79
C VAL E 88 45.06 -3.73 -41.09
N ARG E 89 44.63 -4.69 -41.92
CA ARG E 89 43.24 -4.84 -42.27
C ARG E 89 42.42 -5.17 -41.04
N ASN E 90 43.05 -5.93 -40.13
CA ASN E 90 42.47 -6.28 -38.85
C ASN E 90 42.31 -5.12 -37.88
N ASN E 91 43.33 -4.27 -37.75
CA ASN E 91 43.20 -3.19 -36.80
C ASN E 91 42.21 -2.15 -37.30
N LEU E 92 42.09 -2.04 -38.62
CA LEU E 92 41.11 -1.16 -39.21
C LEU E 92 39.72 -1.78 -39.34
N ARG E 93 39.62 -3.08 -39.06
CA ARG E 93 38.36 -3.84 -39.14
C ARG E 93 37.73 -3.76 -40.53
N VAL E 94 38.54 -4.03 -41.55
CA VAL E 94 38.06 -4.00 -42.93
C VAL E 94 38.47 -5.24 -43.71
N ARG E 95 37.57 -5.69 -44.58
CA ARG E 95 37.89 -6.74 -45.54
C ARG E 95 38.45 -6.07 -46.80
N LEU E 96 39.22 -6.81 -47.58
CA LEU E 96 39.73 -6.30 -48.84
C LEU E 96 38.54 -5.88 -49.70
N GLY E 97 38.64 -4.70 -50.31
CA GLY E 97 37.54 -4.17 -51.10
C GLY E 97 36.74 -3.07 -50.42
N ASP E 98 36.92 -2.93 -49.11
CA ASP E 98 36.38 -1.80 -48.34
C ASP E 98 37.19 -0.51 -48.60
N VAL E 99 36.79 0.56 -47.95
CA VAL E 99 37.30 1.89 -48.23
C VAL E 99 37.72 2.56 -46.90
N ILE E 100 38.75 3.40 -46.95
CA ILE E 100 39.26 4.05 -45.74
C ILE E 100 39.62 5.53 -45.93
N SER E 101 39.79 6.21 -44.79
CA SER E 101 40.29 7.57 -44.77
C SER E 101 41.79 7.54 -44.52
N ILE E 102 42.54 8.26 -45.35
CA ILE E 102 43.95 8.51 -45.07
C ILE E 102 44.15 9.98 -44.78
N GLN E 103 44.98 10.25 -43.78
CA GLN E 103 45.09 11.57 -43.18
C GLN E 103 46.54 11.76 -42.77
N PRO E 104 47.09 12.98 -42.95
CA PRO E 104 48.45 13.24 -42.50
C PRO E 104 48.53 13.33 -40.97
N CYS E 105 49.43 12.55 -40.39
CA CYS E 105 49.61 12.54 -38.94
C CYS E 105 50.98 13.11 -38.58
N PRO E 106 51.10 14.44 -38.51
CA PRO E 106 52.42 15.08 -38.50
C PRO E 106 53.06 15.24 -37.11
N ASP E 107 52.25 15.44 -36.09
CA ASP E 107 52.72 15.84 -34.76
C ASP E 107 53.00 14.66 -33.83
N VAL E 108 53.20 13.48 -34.42
CA VAL E 108 53.48 12.27 -33.63
C VAL E 108 54.73 12.47 -32.77
N LYS E 109 54.62 12.09 -31.50
CA LYS E 109 55.71 12.24 -30.54
C LYS E 109 56.41 10.91 -30.38
N TYR E 110 57.66 10.96 -29.94
CA TYR E 110 58.44 9.76 -29.65
C TYR E 110 57.92 9.05 -28.41
N GLY E 111 58.01 7.72 -28.40
CA GLY E 111 57.45 6.91 -27.34
C GLY E 111 58.27 6.90 -26.06
N LYS E 112 57.61 7.22 -24.96
CA LYS E 112 58.23 7.19 -23.63
C LYS E 112 58.30 5.75 -23.13
N ARG E 113 57.13 5.13 -22.96
CA ARG E 113 57.01 3.74 -22.51
C ARG E 113 55.79 3.06 -23.11
N ILE E 114 55.95 1.79 -23.48
CA ILE E 114 54.84 0.99 -24.00
C ILE E 114 54.68 -0.34 -23.25
N HIS E 115 53.44 -0.73 -23.03
CA HIS E 115 53.13 -2.00 -22.39
C HIS E 115 52.35 -2.90 -23.35
N VAL E 116 52.91 -4.07 -23.64
CA VAL E 116 52.32 -4.99 -24.62
C VAL E 116 52.28 -6.43 -24.12
N LEU E 117 51.15 -7.11 -24.33
CA LEU E 117 51.02 -8.50 -23.93
C LEU E 117 50.77 -9.41 -25.13
N PRO E 118 51.22 -10.67 -25.05
CA PRO E 118 50.97 -11.65 -26.10
C PRO E 118 49.61 -12.31 -25.93
N ILE E 119 49.08 -12.92 -26.99
CA ILE E 119 47.81 -13.64 -26.91
C ILE E 119 48.07 -15.08 -26.46
N ASP E 120 47.25 -15.53 -25.51
CA ASP E 120 47.37 -16.83 -24.84
C ASP E 120 47.62 -18.04 -25.77
N ASP E 121 46.83 -18.15 -26.84
CA ASP E 121 46.92 -19.30 -27.73
C ASP E 121 48.01 -19.14 -28.80
N THR E 122 48.95 -18.23 -28.53
CA THR E 122 50.09 -18.01 -29.42
C THR E 122 51.39 -18.07 -28.63
N VAL E 123 51.32 -18.59 -27.40
CA VAL E 123 52.49 -18.69 -26.52
C VAL E 123 52.57 -20.02 -25.77
N GLU E 124 51.62 -20.91 -26.04
CA GLU E 124 51.67 -22.27 -25.50
C GLU E 124 52.99 -22.89 -25.95
N GLY E 125 53.86 -23.16 -25.00
CA GLY E 125 55.22 -23.61 -25.29
C GLY E 125 56.24 -22.71 -24.64
N ILE E 126 57.47 -22.73 -25.18
CA ILE E 126 58.61 -21.99 -24.60
C ILE E 126 58.32 -20.51 -24.32
N THR E 127 58.86 -20.03 -23.20
CA THR E 127 58.90 -18.60 -22.90
C THR E 127 60.26 -18.05 -23.32
N GLY E 128 61.33 -18.63 -22.79
CA GLY E 128 62.69 -18.14 -23.00
C GLY E 128 62.76 -16.66 -22.62
N ASN E 129 62.67 -15.80 -23.64
CA ASN E 129 62.46 -14.37 -23.45
C ASN E 129 61.72 -13.79 -24.64
N LEU E 130 60.51 -13.31 -24.40
CA LEU E 130 59.66 -12.76 -25.45
C LEU E 130 60.19 -11.44 -26.00
N PHE E 131 60.72 -10.60 -25.12
CA PHE E 131 61.31 -9.34 -25.54
C PHE E 131 62.48 -9.60 -26.48
N GLU E 132 63.38 -10.49 -26.07
CA GLU E 132 64.60 -10.77 -26.80
C GLU E 132 64.30 -11.38 -28.17
N VAL E 133 63.64 -12.54 -28.17
CA VAL E 133 63.35 -13.28 -29.38
C VAL E 133 62.46 -12.51 -30.36
N TYR E 134 61.47 -11.80 -29.84
CA TYR E 134 60.41 -11.24 -30.68
C TYR E 134 60.39 -9.73 -30.80
N LEU E 135 60.24 -9.04 -29.67
CA LEU E 135 60.02 -7.60 -29.70
C LEU E 135 61.28 -6.81 -30.07
N LYS E 136 62.36 -7.04 -29.32
CA LYS E 136 63.63 -6.34 -29.56
C LYS E 136 63.98 -6.24 -31.05
N PRO E 137 64.00 -7.37 -31.78
CA PRO E 137 64.35 -7.30 -33.21
C PRO E 137 63.31 -6.55 -34.06
N TYR E 138 62.03 -6.89 -33.88
CA TYR E 138 60.93 -6.27 -34.62
C TYR E 138 60.92 -4.74 -34.52
N PHE E 139 61.40 -4.22 -33.39
CA PHE E 139 61.41 -2.79 -33.14
C PHE E 139 62.77 -2.13 -33.37
N LEU E 140 63.85 -2.90 -33.23
CA LEU E 140 65.22 -2.38 -33.28
C LEU E 140 65.49 -1.50 -34.50
N GLU E 141 65.75 -0.21 -34.22
CA GLU E 141 66.10 0.78 -35.24
C GLU E 141 65.00 1.00 -36.31
N ALA E 142 63.77 0.61 -35.96
CA ALA E 142 62.66 0.64 -36.93
C ALA E 142 61.88 1.96 -36.89
N TYR E 143 61.72 2.54 -35.70
CA TYR E 143 60.98 3.79 -35.52
C TYR E 143 59.53 3.65 -35.97
N ARG E 144 58.86 2.61 -35.45
CA ARG E 144 57.51 2.25 -35.89
C ARG E 144 56.44 3.11 -35.23
N PRO E 145 55.39 3.48 -36.00
CA PRO E 145 54.21 4.06 -35.39
C PRO E 145 53.30 2.94 -34.90
N ILE E 146 52.75 3.10 -33.69
CA ILE E 146 51.79 2.15 -33.13
C ILE E 146 50.69 2.88 -32.36
N ARG E 147 49.51 2.27 -32.33
CA ARG E 147 48.37 2.82 -31.60
C ARG E 147 48.03 1.91 -30.44
N LYS E 148 47.41 2.46 -29.41
CA LYS E 148 46.86 1.66 -28.33
C LYS E 148 45.79 0.74 -28.93
N GLY E 149 45.79 -0.52 -28.52
CA GLY E 149 44.81 -1.49 -28.99
C GLY E 149 45.10 -2.09 -30.36
N ASP E 150 46.31 -1.86 -30.88
CA ASP E 150 46.77 -2.53 -32.08
C ASP E 150 47.07 -3.98 -31.74
N ILE E 151 46.70 -4.89 -32.62
CA ILE E 151 47.17 -6.27 -32.54
C ILE E 151 48.07 -6.47 -33.76
N PHE E 152 49.28 -6.91 -33.51
CA PHE E 152 50.28 -7.11 -34.56
C PHE E 152 51.02 -8.43 -34.36
N LEU E 153 51.53 -8.98 -35.45
CA LEU E 153 52.17 -10.29 -35.46
C LEU E 153 53.68 -10.18 -35.64
N VAL E 154 54.43 -10.94 -34.84
CA VAL E 154 55.88 -10.99 -34.96
C VAL E 154 56.36 -12.43 -35.11
N ARG E 155 57.12 -12.67 -36.17
CA ARG E 155 57.76 -13.96 -36.38
C ARG E 155 59.16 -13.93 -35.80
N GLY E 156 59.51 -14.97 -35.05
CA GLY E 156 60.83 -15.10 -34.44
C GLY E 156 61.31 -16.53 -34.57
N GLY E 157 62.13 -16.78 -35.58
CA GLY E 157 62.60 -18.13 -35.87
C GLY E 157 61.43 -19.07 -36.07
N MET E 158 61.30 -20.02 -35.15
CA MET E 158 60.35 -21.13 -35.25
C MET E 158 58.87 -20.75 -35.21
N ARG E 159 58.54 -19.68 -34.49
CA ARG E 159 57.14 -19.32 -34.26
C ARG E 159 56.81 -17.89 -34.66
N ALA E 160 55.52 -17.63 -34.86
CA ALA E 160 54.98 -16.29 -35.01
C ALA E 160 53.99 -16.03 -33.89
N VAL E 161 54.14 -14.89 -33.21
CA VAL E 161 53.33 -14.57 -32.04
C VAL E 161 52.59 -13.24 -32.20
N GLU E 162 51.35 -13.21 -31.73
CA GLU E 162 50.54 -11.99 -31.77
C GLU E 162 50.61 -11.22 -30.46
N PHE E 163 50.78 -9.90 -30.56
CA PHE E 163 50.85 -9.02 -29.40
C PHE E 163 49.77 -7.95 -29.48
N LYS E 164 49.25 -7.55 -28.32
CA LYS E 164 48.30 -6.45 -28.24
C LYS E 164 48.92 -5.29 -27.48
N VAL E 165 48.79 -4.09 -28.04
CA VAL E 165 49.28 -2.88 -27.40
C VAL E 165 48.32 -2.46 -26.30
N VAL E 166 48.69 -2.79 -25.06
CA VAL E 166 47.84 -2.54 -23.88
C VAL E 166 47.83 -1.06 -23.50
N GLU E 167 49.01 -0.45 -23.46
CA GLU E 167 49.13 0.95 -23.07
C GLU E 167 50.29 1.62 -23.80
N THR E 168 50.13 2.91 -24.10
CA THR E 168 51.22 3.70 -24.66
C THR E 168 51.33 5.01 -23.88
N ASP E 169 52.57 5.50 -23.79
CA ASP E 169 52.85 6.80 -23.21
C ASP E 169 53.71 7.52 -24.24
N PRO E 170 53.15 8.52 -24.93
CA PRO E 170 51.82 9.11 -24.81
C PRO E 170 50.71 8.35 -25.53
N SER E 171 49.55 8.27 -24.87
CA SER E 171 48.34 7.72 -25.47
C SER E 171 47.80 8.75 -26.46
N PRO E 172 47.13 8.30 -27.55
CA PRO E 172 46.93 6.91 -27.97
C PRO E 172 48.02 6.40 -28.91
N TYR E 173 48.74 7.32 -29.55
CA TYR E 173 49.83 6.95 -30.47
C TYR E 173 51.18 7.62 -30.20
N CYS E 174 52.23 6.87 -30.55
CA CYS E 174 53.63 7.26 -30.40
C CYS E 174 54.52 6.47 -31.38
N ILE E 175 55.70 7.01 -31.65
CA ILE E 175 56.71 6.33 -32.47
C ILE E 175 57.64 5.55 -31.54
N VAL E 176 57.94 4.31 -31.90
CA VAL E 176 58.83 3.47 -31.10
C VAL E 176 60.28 3.69 -31.53
N ALA E 177 60.99 4.51 -30.75
CA ALA E 177 62.38 4.84 -30.98
C ALA E 177 63.26 3.98 -30.07
N PRO E 178 64.61 4.10 -30.19
CA PRO E 178 65.51 3.31 -29.35
C PRO E 178 65.37 3.62 -27.84
N ASP E 179 64.98 4.85 -27.53
CA ASP E 179 64.83 5.30 -26.14
C ASP E 179 63.62 4.67 -25.44
N THR E 180 62.68 4.17 -26.23
CA THR E 180 61.40 3.67 -25.72
C THR E 180 61.57 2.44 -24.85
N VAL E 181 61.17 2.56 -23.58
CA VAL E 181 61.18 1.44 -22.65
C VAL E 181 59.98 0.54 -22.93
N ILE E 182 60.24 -0.75 -23.15
CA ILE E 182 59.21 -1.71 -23.54
C ILE E 182 58.91 -2.72 -22.44
N HIS E 183 57.69 -2.67 -21.91
CA HIS E 183 57.26 -3.59 -20.87
C HIS E 183 56.28 -4.63 -21.42
N CYS E 184 56.60 -5.90 -21.22
CA CYS E 184 55.77 -6.99 -21.72
C CYS E 184 55.37 -8.02 -20.66
N GLU E 185 55.66 -7.72 -19.40
CA GLU E 185 55.29 -8.58 -18.28
C GLU E 185 53.78 -8.51 -18.03
N GLY E 186 53.21 -9.63 -17.59
CA GLY E 186 51.78 -9.71 -17.28
C GLY E 186 51.13 -11.00 -17.72
N GLU E 187 49.82 -11.09 -17.51
CA GLU E 187 49.04 -12.26 -17.93
C GLU E 187 48.66 -12.17 -19.40
N PRO E 188 48.89 -13.25 -20.17
CA PRO E 188 48.55 -13.26 -21.59
C PRO E 188 47.09 -12.90 -21.85
N ILE E 189 46.87 -12.05 -22.85
CA ILE E 189 45.53 -11.70 -23.32
C ILE E 189 44.81 -12.97 -23.75
N LYS E 190 43.52 -13.07 -23.41
CA LYS E 190 42.73 -14.22 -23.80
C LYS E 190 42.15 -14.01 -25.19
N ARG E 191 42.44 -14.97 -26.08
CA ARG E 191 41.93 -14.96 -27.45
C ARG E 191 40.45 -14.59 -27.51
N GLU E 192 39.64 -15.35 -26.76
CA GLU E 192 38.18 -15.20 -26.76
C GLU E 192 37.68 -13.76 -26.62
N ASP E 193 38.30 -13.01 -25.71
CA ASP E 193 37.96 -11.60 -25.48
C ASP E 193 38.15 -10.80 -26.75
N GLU E 194 39.31 -11.00 -27.39
CA GLU E 194 39.67 -10.32 -28.63
C GLU E 194 38.91 -10.83 -29.86
N GLU E 195 38.30 -12.00 -29.73
CA GLU E 195 37.37 -12.51 -30.73
C GLU E 195 36.10 -11.67 -30.64
N GLU E 196 35.56 -11.59 -29.43
CA GLU E 196 34.40 -10.77 -29.11
C GLU E 196 34.58 -9.32 -29.56
N SER E 197 35.81 -8.82 -29.43
CA SER E 197 36.13 -7.45 -29.80
C SER E 197 35.99 -7.24 -31.30
N LEU E 198 36.55 -8.15 -32.08
CA LEU E 198 36.40 -8.06 -33.53
C LEU E 198 34.94 -8.14 -33.90
N ASN E 199 34.22 -8.99 -33.19
CA ASN E 199 32.83 -9.31 -33.53
C ASN E 199 31.82 -8.24 -33.13
N GLU E 200 32.28 -7.27 -32.34
CA GLU E 200 31.39 -6.21 -31.84
C GLU E 200 30.66 -5.52 -32.95
N VAL E 201 29.54 -4.92 -32.56
CA VAL E 201 28.55 -4.55 -33.54
C VAL E 201 28.82 -3.21 -34.18
N GLY E 202 28.91 -3.24 -35.50
CA GLY E 202 28.96 -2.03 -36.30
C GLY E 202 27.62 -1.84 -36.96
N TYR E 203 27.54 -0.83 -37.82
CA TYR E 203 26.36 -0.62 -38.62
C TYR E 203 26.17 -1.77 -39.60
N ASP E 204 27.29 -2.19 -40.20
CA ASP E 204 27.30 -3.29 -41.17
C ASP E 204 26.63 -4.55 -40.63
N ASP E 205 26.56 -4.67 -39.31
CA ASP E 205 26.06 -5.88 -38.67
C ASP E 205 24.54 -5.92 -38.54
N ILE E 206 23.86 -4.88 -39.01
CA ILE E 206 22.41 -4.85 -38.96
C ILE E 206 21.84 -4.89 -40.39
N GLY E 207 20.83 -5.73 -40.62
CA GLY E 207 20.35 -5.98 -41.98
C GLY E 207 18.87 -5.75 -42.23
N GLY E 208 18.57 -5.13 -43.37
CA GLY E 208 17.20 -4.89 -43.78
C GLY E 208 16.59 -3.66 -43.14
N CYS E 209 17.44 -2.73 -42.73
CA CYS E 209 16.97 -1.49 -42.10
C CYS E 209 17.54 -0.21 -42.73
N ARG E 210 18.10 -0.33 -43.93
CA ARG E 210 18.68 0.83 -44.61
C ARG E 210 17.83 2.09 -44.44
N LYS E 211 16.54 2.01 -44.80
CA LYS E 211 15.62 3.15 -44.66
C LYS E 211 15.66 3.81 -43.27
N GLN E 212 15.67 2.98 -42.22
CA GLN E 212 15.63 3.47 -40.84
C GLN E 212 17.00 3.91 -40.36
N LEU E 213 18.00 3.08 -40.63
CA LEU E 213 19.39 3.43 -40.40
C LEU E 213 19.61 4.85 -40.91
N ALA E 214 19.06 5.14 -42.08
CA ALA E 214 19.16 6.47 -42.65
C ALA E 214 18.60 7.51 -41.69
N GLN E 215 17.37 7.29 -41.24
CA GLN E 215 16.68 8.27 -40.38
C GLN E 215 17.47 8.53 -39.10
N ILE E 216 18.04 7.46 -38.55
CA ILE E 216 18.79 7.57 -37.30
C ILE E 216 19.96 8.52 -37.48
N LYS E 217 20.80 8.24 -38.49
CA LYS E 217 21.93 9.13 -38.82
C LYS E 217 21.42 10.55 -39.07
N GLU E 218 20.25 10.65 -39.71
CA GLU E 218 19.63 11.93 -40.05
C GLU E 218 19.14 12.73 -38.85
N MET E 219 18.89 12.04 -37.75
CA MET E 219 18.27 12.69 -36.60
C MET E 219 19.19 12.74 -35.39
N VAL E 220 20.20 11.88 -35.38
CA VAL E 220 21.12 11.81 -34.27
C VAL E 220 22.52 12.19 -34.72
N GLU E 221 23.09 11.37 -35.60
CA GLU E 221 24.47 11.57 -36.03
C GLU E 221 24.66 12.93 -36.69
N LEU E 222 23.72 13.31 -37.55
CA LEU E 222 23.85 14.54 -38.32
C LEU E 222 23.73 15.82 -37.49
N PRO E 223 22.65 15.96 -36.70
CA PRO E 223 22.49 17.16 -35.88
C PRO E 223 23.66 17.41 -34.94
N LEU E 224 24.40 16.37 -34.60
CA LEU E 224 25.52 16.53 -33.68
C LEU E 224 26.84 16.80 -34.40
N ARG E 225 27.09 16.07 -35.48
CA ARG E 225 28.30 16.28 -36.26
C ARG E 225 28.32 17.65 -36.95
N HIS E 226 27.17 18.10 -37.45
CA HIS E 226 27.11 19.37 -38.19
C HIS E 226 25.94 20.26 -37.77
N PRO E 227 25.97 20.78 -36.53
CA PRO E 227 24.84 21.54 -35.97
C PRO E 227 24.51 22.81 -36.75
N ALA E 228 25.44 23.25 -37.60
CA ALA E 228 25.33 24.50 -38.34
C ALA E 228 24.34 24.47 -39.49
N LEU E 229 24.17 23.29 -40.11
CA LEU E 229 23.21 23.13 -41.20
C LEU E 229 21.82 23.54 -40.77
N PHE E 230 21.51 23.27 -39.50
CA PHE E 230 20.22 23.58 -38.92
C PHE E 230 20.22 25.04 -38.49
N LYS E 231 21.33 25.49 -37.91
CA LYS E 231 21.52 26.90 -37.59
C LYS E 231 21.30 27.75 -38.84
N GLU E 232 22.11 27.51 -39.87
CA GLU E 232 21.99 28.22 -41.13
C GLU E 232 20.53 28.25 -41.61
N ILE E 233 19.94 27.08 -41.80
CA ILE E 233 18.57 26.99 -42.32
C ILE E 233 17.52 27.50 -41.31
N GLY E 234 17.93 27.63 -40.05
CA GLY E 234 17.10 28.25 -39.02
C GLY E 234 16.02 27.35 -38.43
N VAL E 235 16.37 26.09 -38.16
CA VAL E 235 15.44 25.15 -37.55
C VAL E 235 16.13 24.41 -36.40
N LYS E 236 15.34 23.97 -35.43
CA LYS E 236 15.86 23.24 -34.28
C LYS E 236 15.72 21.74 -34.49
N PRO E 237 16.84 21.00 -34.39
CA PRO E 237 16.77 19.54 -34.53
C PRO E 237 15.90 18.93 -33.43
N PRO E 238 15.21 17.83 -33.74
CA PRO E 238 14.46 17.17 -32.66
C PRO E 238 15.43 16.46 -31.72
N ARG E 239 15.01 16.30 -30.46
CA ARG E 239 15.91 15.78 -29.42
C ARG E 239 15.46 14.45 -28.78
N GLY E 240 14.32 13.95 -29.21
CA GLY E 240 13.83 12.65 -28.72
C GLY E 240 13.48 11.77 -29.89
N ILE E 241 14.11 10.60 -29.97
CA ILE E 241 13.79 9.64 -31.01
C ILE E 241 13.40 8.31 -30.38
N LEU E 242 12.20 7.84 -30.72
CA LEU E 242 11.69 6.60 -30.19
C LEU E 242 11.61 5.54 -31.29
N LEU E 243 12.42 4.50 -31.15
CA LEU E 243 12.35 3.34 -32.03
C LEU E 243 11.35 2.35 -31.47
N TYR E 244 10.54 1.78 -32.34
CA TYR E 244 9.59 0.77 -31.90
C TYR E 244 9.49 -0.33 -32.94
N GLY E 245 9.15 -1.53 -32.52
CA GLY E 245 9.00 -2.63 -33.47
C GLY E 245 8.48 -3.91 -32.85
N PRO E 246 7.91 -4.80 -33.67
CA PRO E 246 7.53 -6.08 -33.10
C PRO E 246 8.78 -6.70 -32.47
N PRO E 247 8.61 -7.43 -31.36
CA PRO E 247 9.74 -7.93 -30.59
C PRO E 247 10.85 -8.55 -31.44
N GLY E 248 12.10 -8.20 -31.12
CA GLY E 248 13.25 -8.89 -31.69
C GLY E 248 13.71 -8.42 -33.04
N THR E 249 13.52 -7.15 -33.35
CA THR E 249 13.89 -6.64 -34.67
C THR E 249 15.17 -5.78 -34.68
N GLY E 250 16.05 -6.00 -33.71
CA GLY E 250 17.35 -5.33 -33.69
C GLY E 250 17.31 -3.91 -33.17
N LYS E 251 16.31 -3.61 -32.35
CA LYS E 251 16.23 -2.33 -31.66
C LYS E 251 17.44 -2.19 -30.72
N THR E 252 17.62 -3.13 -29.80
CA THR E 252 18.78 -3.15 -28.89
C THR E 252 20.04 -3.30 -29.71
N LEU E 253 19.90 -3.99 -30.84
CA LEU E 253 21.05 -4.27 -31.68
C LEU E 253 21.60 -2.98 -32.28
N ILE E 254 20.70 -2.03 -32.51
CA ILE E 254 21.09 -0.77 -33.12
C ILE E 254 21.67 0.08 -32.02
N ALA E 255 21.02 0.04 -30.87
CA ALA E 255 21.54 0.60 -29.63
C ALA E 255 23.02 0.33 -29.55
N ARG E 256 23.40 -0.92 -29.82
CA ARG E 256 24.80 -1.31 -29.78
C ARG E 256 25.61 -0.60 -30.86
N ALA E 257 25.26 -0.84 -32.12
CA ALA E 257 25.94 -0.20 -33.24
C ALA E 257 26.25 1.27 -32.97
N VAL E 258 25.20 2.03 -32.69
CA VAL E 258 25.33 3.47 -32.47
C VAL E 258 26.41 3.79 -31.44
N ALA E 259 26.41 3.06 -30.33
CA ALA E 259 27.38 3.26 -29.26
C ALA E 259 28.81 3.16 -29.78
N ASN E 260 29.07 2.07 -30.48
CA ASN E 260 30.38 1.81 -31.08
C ASN E 260 30.70 2.77 -32.21
N GLU E 261 29.69 3.05 -33.02
CA GLU E 261 29.85 3.78 -34.28
C GLU E 261 29.84 5.30 -34.13
N THR E 262 29.17 5.80 -33.09
CA THR E 262 28.95 7.25 -32.95
C THR E 262 30.20 8.07 -32.67
N GLY E 263 30.12 9.33 -33.07
CA GLY E 263 31.13 10.29 -32.67
C GLY E 263 30.94 10.79 -31.25
N ALA E 264 29.72 10.66 -30.73
CA ALA E 264 29.34 11.31 -29.48
C ALA E 264 29.68 10.53 -28.21
N PHE E 265 29.61 11.21 -27.06
CA PHE E 265 29.63 10.53 -25.78
C PHE E 265 28.29 9.84 -25.63
N PHE E 266 28.34 8.55 -25.30
CA PHE E 266 27.16 7.70 -25.30
C PHE E 266 26.87 7.16 -23.92
N PHE E 267 25.63 7.32 -23.47
CA PHE E 267 25.20 6.78 -22.18
C PHE E 267 23.97 5.89 -22.31
N LEU E 268 24.09 4.65 -21.83
CA LEU E 268 23.02 3.68 -21.93
C LEU E 268 22.24 3.51 -20.64
N ILE E 269 20.91 3.45 -20.78
CA ILE E 269 19.98 3.24 -19.68
C ILE E 269 19.08 2.04 -20.00
N ASN E 270 19.10 1.04 -19.13
CA ASN E 270 18.27 -0.15 -19.31
C ASN E 270 17.06 -0.19 -18.38
N GLY E 271 15.89 0.19 -18.91
CA GLY E 271 14.64 0.16 -18.14
C GLY E 271 14.58 -0.87 -17.03
N PRO E 272 14.62 -2.17 -17.40
CA PRO E 272 14.59 -3.23 -16.38
C PRO E 272 15.70 -3.11 -15.33
N GLU E 273 16.82 -2.48 -15.68
CA GLU E 273 17.94 -2.37 -14.75
C GLU E 273 17.76 -1.17 -13.82
N ILE E 274 17.19 -0.10 -14.33
CA ILE E 274 16.79 1.04 -13.52
C ILE E 274 15.80 0.58 -12.44
N MET E 275 14.79 -0.17 -12.88
CA MET E 275 13.68 -0.57 -12.03
C MET E 275 14.05 -1.63 -10.99
N SER E 276 15.25 -2.19 -11.12
CA SER E 276 15.76 -3.13 -10.14
C SER E 276 16.33 -2.40 -8.92
N LYS E 277 16.55 -1.09 -9.04
CA LYS E 277 17.12 -0.31 -7.94
C LYS E 277 16.12 0.01 -6.83
N LEU E 278 16.62 0.23 -5.61
CA LEU E 278 15.80 0.69 -4.49
C LEU E 278 15.05 1.95 -4.88
N ALA E 279 13.97 2.25 -4.16
CA ALA E 279 13.24 3.50 -4.39
C ALA E 279 14.15 4.70 -4.16
N GLY E 280 14.16 5.63 -5.11
CA GLY E 280 15.00 6.83 -5.02
C GLY E 280 16.41 6.63 -5.56
N GLU E 281 16.88 5.38 -5.45
CA GLU E 281 18.17 4.97 -5.97
C GLU E 281 18.14 4.95 -7.49
N SER E 282 16.94 4.89 -8.06
CA SER E 282 16.75 4.96 -9.49
C SER E 282 16.75 6.41 -9.92
N GLU E 283 16.01 7.25 -9.20
CA GLU E 283 15.94 8.68 -9.47
C GLU E 283 17.32 9.32 -9.50
N SER E 284 18.19 8.92 -8.58
CA SER E 284 19.57 9.37 -8.59
C SER E 284 20.25 9.00 -9.90
N ASN E 285 20.13 7.74 -10.30
CA ASN E 285 20.74 7.24 -11.53
C ASN E 285 20.21 7.94 -12.77
N LEU E 286 18.90 8.22 -12.78
CA LEU E 286 18.27 8.92 -13.89
C LEU E 286 18.83 10.31 -14.08
N ARG E 287 18.94 11.04 -12.98
CA ARG E 287 19.56 12.37 -12.98
C ARG E 287 21.01 12.18 -13.38
N LYS E 288 21.68 11.28 -12.68
CA LYS E 288 23.11 11.04 -12.86
C LYS E 288 23.44 10.85 -14.34
N ALA E 289 22.59 10.10 -15.03
CA ALA E 289 22.76 9.89 -16.46
C ALA E 289 22.63 11.19 -17.26
N PHE E 290 21.54 11.91 -17.04
CA PHE E 290 21.30 13.17 -17.74
C PHE E 290 22.36 14.23 -17.45
N GLU E 291 22.90 14.20 -16.23
CA GLU E 291 23.98 15.12 -15.84
C GLU E 291 25.27 14.74 -16.54
N GLU E 292 25.60 13.44 -16.51
CA GLU E 292 26.76 12.92 -17.21
C GLU E 292 26.74 13.35 -18.67
N ALA E 293 25.60 13.17 -19.31
CA ALA E 293 25.42 13.49 -20.73
C ALA E 293 25.62 14.97 -21.03
N GLU E 294 25.11 15.83 -20.15
CA GLU E 294 25.28 17.27 -20.33
C GLU E 294 26.75 17.61 -20.16
N LYS E 295 27.32 17.15 -19.06
CA LYS E 295 28.73 17.36 -18.75
C LYS E 295 29.66 16.99 -19.93
N ASN E 296 29.36 15.90 -20.63
CA ASN E 296 30.21 15.45 -21.76
C ASN E 296 29.66 15.70 -23.16
N ALA E 297 28.66 16.57 -23.29
CA ALA E 297 28.05 16.83 -24.61
C ALA E 297 29.10 17.19 -25.65
N PRO E 298 28.79 16.97 -26.95
CA PRO E 298 27.54 16.39 -27.45
C PRO E 298 27.41 14.96 -26.99
N ALA E 299 26.17 14.54 -26.70
CA ALA E 299 25.93 13.19 -26.18
C ALA E 299 24.65 12.54 -26.71
N ILE E 300 24.64 11.21 -26.69
CA ILE E 300 23.42 10.44 -26.95
C ILE E 300 23.10 9.62 -25.72
N ILE E 301 21.94 9.89 -25.12
CA ILE E 301 21.42 9.03 -24.08
C ILE E 301 20.48 8.01 -24.70
N PHE E 302 20.73 6.72 -24.44
CA PHE E 302 19.88 5.68 -24.97
C PHE E 302 19.14 4.91 -23.89
N ILE E 303 17.82 4.87 -23.99
CA ILE E 303 16.99 4.13 -23.05
C ILE E 303 16.41 2.86 -23.67
N ASP E 304 16.93 1.71 -23.27
CA ASP E 304 16.41 0.46 -23.81
C ASP E 304 15.27 -0.05 -22.95
N GLU E 305 14.27 -0.61 -23.63
CA GLU E 305 13.04 -1.10 -23.00
C GLU E 305 12.41 0.02 -22.20
N LEU E 306 12.14 1.13 -22.87
CA LEU E 306 11.59 2.33 -22.23
C LEU E 306 10.31 2.02 -21.48
N ASP E 307 9.42 1.24 -22.11
CA ASP E 307 8.13 0.92 -21.53
C ASP E 307 8.28 0.43 -20.09
N ALA E 308 9.42 -0.17 -19.78
CA ALA E 308 9.69 -0.65 -18.42
C ALA E 308 9.74 0.46 -17.38
N ILE E 309 10.09 1.67 -17.78
CA ILE E 309 10.11 2.77 -16.83
C ILE E 309 9.04 3.83 -17.09
N ALA E 310 8.42 3.79 -18.25
CA ALA E 310 7.42 4.79 -18.58
C ALA E 310 6.06 4.19 -18.96
N PRO E 311 5.41 3.47 -18.02
CA PRO E 311 4.04 3.05 -18.30
C PRO E 311 3.14 4.27 -18.16
N LYS E 312 1.88 4.13 -18.57
CA LYS E 312 0.91 5.20 -18.41
C LYS E 312 0.68 5.49 -16.93
N ARG E 313 1.11 6.67 -16.48
CA ARG E 313 0.97 7.10 -15.08
C ARG E 313 -0.43 6.83 -14.52
N GLU E 314 -1.44 7.11 -15.34
CA GLU E 314 -2.83 6.87 -15.02
C GLU E 314 -3.09 5.39 -14.74
N LYS E 315 -2.52 4.53 -15.59
CA LYS E 315 -2.80 3.10 -15.57
C LYS E 315 -1.81 2.28 -14.73
N THR E 316 -0.86 2.96 -14.09
CA THR E 316 0.20 2.28 -13.32
C THR E 316 -0.04 2.32 -11.80
N HIS E 317 0.28 1.22 -11.14
CA HIS E 317 -0.20 1.00 -9.77
C HIS E 317 0.67 1.56 -8.67
N GLY E 318 1.97 1.30 -8.75
CA GLY E 318 2.86 1.74 -7.70
C GLY E 318 3.04 3.24 -7.65
N GLU E 319 3.40 3.75 -6.47
CA GLU E 319 3.62 5.20 -6.27
C GLU E 319 5.01 5.65 -6.72
N VAL E 320 6.05 4.96 -6.24
CA VAL E 320 7.41 5.20 -6.71
C VAL E 320 7.37 5.14 -8.23
N GLU E 321 6.51 4.26 -8.74
CA GLU E 321 6.41 3.99 -10.17
C GLU E 321 6.04 5.23 -10.97
N ARG E 322 5.01 5.97 -10.55
CA ARG E 322 4.67 7.23 -11.22
C ARG E 322 5.77 8.27 -11.05
N ARG E 323 6.40 8.27 -9.88
CA ARG E 323 7.43 9.25 -9.59
C ARG E 323 8.51 9.25 -10.68
N ILE E 324 8.90 8.04 -11.11
CA ILE E 324 9.86 7.90 -12.21
C ILE E 324 9.39 8.53 -13.53
N VAL E 325 8.17 8.22 -13.98
CA VAL E 325 7.67 8.84 -15.20
C VAL E 325 7.81 10.35 -15.07
N SER E 326 7.31 10.89 -13.95
CA SER E 326 7.45 12.30 -13.64
C SER E 326 8.92 12.71 -13.64
N GLN E 327 9.75 11.97 -12.90
CA GLN E 327 11.20 12.23 -12.83
C GLN E 327 11.83 12.39 -14.21
N LEU E 328 11.56 11.42 -15.09
CA LEU E 328 12.09 11.44 -16.46
C LEU E 328 11.61 12.66 -17.23
N LEU E 329 10.29 12.78 -17.40
CA LEU E 329 9.67 13.93 -18.07
C LEU E 329 10.40 15.23 -17.75
N THR E 330 10.50 15.53 -16.47
CA THR E 330 11.29 16.67 -15.97
C THR E 330 12.65 16.81 -16.64
N LEU E 331 13.42 15.72 -16.68
CA LEU E 331 14.77 15.74 -17.22
C LEU E 331 14.76 15.99 -18.72
N MET E 332 13.95 15.23 -19.45
CA MET E 332 13.70 15.46 -20.88
C MET E 332 13.49 16.95 -21.12
N ASP E 333 12.59 17.54 -20.36
CA ASP E 333 12.30 18.96 -20.47
C ASP E 333 13.45 19.85 -20.02
N GLY E 334 14.17 19.41 -18.99
CA GLY E 334 15.27 20.17 -18.41
C GLY E 334 16.51 20.31 -19.28
N LEU E 335 16.46 19.73 -20.48
CA LEU E 335 17.57 19.79 -21.40
C LEU E 335 17.65 21.13 -22.10
N LYS E 336 18.69 21.90 -21.79
CA LYS E 336 18.91 23.20 -22.42
C LYS E 336 19.26 23.03 -23.91
N GLN E 337 19.01 24.08 -24.69
CA GLN E 337 19.33 24.08 -26.11
C GLN E 337 20.81 23.81 -26.37
N ARG E 338 21.66 24.53 -25.66
CA ARG E 338 23.11 24.43 -25.77
C ARG E 338 23.69 23.07 -25.33
N ALA E 339 22.82 22.17 -24.87
CA ALA E 339 23.26 20.92 -24.24
C ALA E 339 23.89 19.90 -25.18
N HIS E 340 23.45 19.88 -26.44
CA HIS E 340 23.91 18.89 -27.44
C HIS E 340 23.75 17.44 -26.96
N VAL E 341 22.55 17.08 -26.55
CA VAL E 341 22.24 15.70 -26.16
C VAL E 341 20.98 15.22 -26.89
N ILE E 342 21.08 14.04 -27.50
CA ILE E 342 19.93 13.43 -28.15
C ILE E 342 19.53 12.19 -27.36
N VAL E 343 18.30 12.17 -26.87
CA VAL E 343 17.81 10.98 -26.20
C VAL E 343 17.08 10.04 -27.17
N MET E 344 17.67 8.87 -27.35
CA MET E 344 17.11 7.78 -28.12
C MET E 344 16.53 6.78 -27.13
N ALA E 345 15.51 6.05 -27.56
CA ALA E 345 14.92 4.98 -26.76
C ALA E 345 14.12 4.01 -27.63
N ALA E 346 13.74 2.88 -27.06
CA ALA E 346 13.16 1.79 -27.83
C ALA E 346 12.18 0.92 -27.03
N THR E 347 11.07 0.56 -27.67
CA THR E 347 10.10 -0.37 -27.08
C THR E 347 9.51 -1.27 -28.15
N ASN E 348 8.92 -2.37 -27.73
CA ASN E 348 8.15 -3.19 -28.65
C ASN E 348 6.65 -3.07 -28.36
N ARG E 349 6.33 -2.14 -27.47
CA ARG E 349 4.95 -1.84 -27.09
C ARG E 349 4.78 -0.33 -26.98
N PRO E 350 4.87 0.40 -28.12
CA PRO E 350 4.81 1.86 -28.04
C PRO E 350 3.54 2.39 -27.36
N ASN E 351 2.41 1.76 -27.64
CA ASN E 351 1.13 2.29 -27.20
C ASN E 351 0.93 2.35 -25.70
N SER E 352 1.73 1.61 -24.95
CA SER E 352 1.60 1.56 -23.49
C SER E 352 2.46 2.59 -22.76
N ILE E 353 3.24 3.34 -23.53
CA ILE E 353 4.09 4.38 -22.96
C ILE E 353 3.25 5.63 -22.75
N ASP E 354 3.43 6.28 -21.61
CA ASP E 354 2.71 7.51 -21.28
C ASP E 354 2.86 8.56 -22.39
N PRO E 355 1.73 8.98 -22.99
CA PRO E 355 1.67 9.94 -24.12
C PRO E 355 2.38 11.28 -23.89
N ALA E 356 2.49 11.69 -22.63
CA ALA E 356 3.16 12.95 -22.28
C ALA E 356 4.59 12.93 -22.79
N LEU E 357 5.17 11.75 -22.89
CA LEU E 357 6.52 11.56 -23.39
C LEU E 357 6.62 11.61 -24.90
N ARG E 358 5.47 11.62 -25.58
CA ARG E 358 5.49 11.69 -27.04
C ARG E 358 5.00 13.03 -27.57
N ARG E 359 4.76 13.94 -26.64
CA ARG E 359 4.48 15.32 -26.95
C ARG E 359 5.69 15.97 -27.61
N PHE E 360 5.42 17.02 -28.37
CA PHE E 360 6.47 17.78 -29.05
C PHE E 360 7.56 18.23 -28.09
N GLY E 361 8.81 18.06 -28.50
CA GLY E 361 9.96 18.47 -27.70
C GLY E 361 10.40 17.41 -26.71
N ARG E 362 9.77 16.24 -26.76
CA ARG E 362 10.21 15.08 -25.99
C ARG E 362 10.56 14.00 -26.99
N PHE E 363 9.98 12.81 -26.84
CA PHE E 363 10.13 11.81 -27.89
C PHE E 363 9.14 12.09 -29.02
N ASP E 364 9.49 13.06 -29.87
CA ASP E 364 8.59 13.55 -30.90
C ASP E 364 8.97 13.09 -32.30
N ARG E 365 9.83 12.07 -32.38
CA ARG E 365 10.18 11.42 -33.65
C ARG E 365 10.22 9.92 -33.43
N GLU E 366 9.61 9.19 -34.37
CA GLU E 366 9.57 7.73 -34.28
C GLU E 366 10.30 7.10 -35.44
N VAL E 367 10.99 6.01 -35.14
CA VAL E 367 11.55 5.17 -36.18
C VAL E 367 11.01 3.77 -35.98
N ASP E 368 10.10 3.39 -36.86
CA ASP E 368 9.49 2.08 -36.84
C ASP E 368 10.49 1.10 -37.40
N ILE E 369 10.64 -0.03 -36.72
CA ILE E 369 11.65 -1.00 -37.09
C ILE E 369 10.93 -2.30 -37.37
N GLY E 370 10.29 -2.37 -38.52
CA GLY E 370 9.31 -3.40 -38.80
C GLY E 370 9.89 -4.73 -39.22
N ILE E 371 9.00 -5.67 -39.52
CA ILE E 371 9.36 -6.96 -40.12
C ILE E 371 10.24 -6.70 -41.34
N PRO E 372 11.23 -7.58 -41.60
CA PRO E 372 11.98 -7.43 -42.84
C PRO E 372 11.32 -8.18 -44.00
N ASP E 373 11.50 -7.67 -45.21
CA ASP E 373 10.97 -8.30 -46.41
C ASP E 373 11.96 -9.35 -46.92
N ALA E 374 11.61 -9.99 -48.02
CA ALA E 374 12.41 -11.08 -48.58
C ALA E 374 13.92 -10.78 -48.57
N THR E 375 14.31 -9.66 -49.17
CA THR E 375 15.73 -9.32 -49.30
C THR E 375 16.38 -9.00 -47.96
N GLY E 376 15.63 -8.36 -47.07
CA GLY E 376 16.07 -8.12 -45.70
C GLY E 376 16.53 -9.42 -45.07
N ARG E 377 15.63 -10.40 -45.05
CA ARG E 377 15.95 -11.73 -44.52
C ARG E 377 17.26 -12.22 -45.11
N LEU E 378 17.40 -12.12 -46.43
CA LEU E 378 18.62 -12.54 -47.10
C LEU E 378 19.82 -11.79 -46.55
N GLU E 379 19.67 -10.49 -46.32
CA GLU E 379 20.73 -9.65 -45.76
C GLU E 379 21.18 -10.23 -44.43
N ILE E 380 20.22 -10.37 -43.52
CA ILE E 380 20.44 -10.87 -42.18
C ILE E 380 21.11 -12.25 -42.21
N LEU E 381 20.54 -13.17 -42.99
CA LEU E 381 21.06 -14.54 -43.10
C LEU E 381 22.53 -14.53 -43.45
N GLN E 382 22.91 -13.63 -44.35
CA GLN E 382 24.30 -13.42 -44.71
C GLN E 382 25.12 -12.96 -43.50
N ILE E 383 24.63 -11.92 -42.82
CA ILE E 383 25.36 -11.37 -41.67
C ILE E 383 25.58 -12.41 -40.57
N HIS E 384 24.61 -13.31 -40.39
CA HIS E 384 24.73 -14.33 -39.36
C HIS E 384 25.71 -15.43 -39.72
N THR E 385 25.59 -15.93 -40.93
CA THR E 385 26.39 -17.07 -41.35
C THR E 385 27.83 -16.69 -41.67
N LYS E 386 28.14 -15.39 -41.59
CA LYS E 386 29.47 -14.90 -41.99
C LYS E 386 30.64 -15.55 -41.25
N ASN E 387 30.37 -16.15 -40.09
CA ASN E 387 31.41 -16.85 -39.36
C ASN E 387 31.07 -18.30 -39.05
N MET E 388 30.12 -18.84 -39.81
CA MET E 388 29.70 -20.22 -39.64
C MET E 388 30.31 -21.11 -40.71
N LYS E 389 30.43 -22.40 -40.42
CA LYS E 389 30.93 -23.37 -41.39
C LYS E 389 29.75 -23.90 -42.20
N LEU E 390 29.63 -23.43 -43.44
CA LEU E 390 28.54 -23.84 -44.32
C LEU E 390 29.02 -24.68 -45.49
N ALA E 391 28.26 -25.72 -45.81
CA ALA E 391 28.50 -26.51 -47.02
C ALA E 391 28.23 -25.66 -48.25
N ASP E 392 28.76 -26.10 -49.39
CA ASP E 392 28.57 -25.39 -50.65
C ASP E 392 27.14 -25.48 -51.13
N ASP E 393 26.46 -26.58 -50.77
CA ASP E 393 25.10 -26.85 -51.23
C ASP E 393 24.05 -25.97 -50.55
N VAL E 394 24.50 -24.98 -49.79
CA VAL E 394 23.61 -24.11 -49.01
C VAL E 394 23.26 -22.82 -49.77
N ASP E 395 21.96 -22.67 -50.05
CA ASP E 395 21.42 -21.56 -50.82
C ASP E 395 20.61 -20.66 -49.88
N LEU E 396 21.16 -19.50 -49.53
CA LEU E 396 20.50 -18.61 -48.58
C LEU E 396 19.27 -17.92 -49.17
N GLU E 397 19.32 -17.64 -50.48
CA GLU E 397 18.18 -17.07 -51.21
C GLU E 397 16.93 -17.92 -51.03
N GLN E 398 17.14 -19.24 -51.02
CA GLN E 398 16.07 -20.19 -50.77
C GLN E 398 15.49 -19.92 -49.38
N VAL E 399 16.31 -20.11 -48.36
CA VAL E 399 15.97 -19.79 -46.98
C VAL E 399 15.19 -18.48 -46.94
N ALA E 400 15.83 -17.41 -47.39
CA ALA E 400 15.19 -16.10 -47.42
C ALA E 400 13.74 -16.20 -47.87
N ASN E 401 13.50 -16.83 -49.01
CA ASN E 401 12.16 -16.95 -49.57
C ASN E 401 11.20 -17.77 -48.72
N GLU E 402 11.72 -18.81 -48.09
CA GLU E 402 10.90 -19.74 -47.31
C GLU E 402 10.60 -19.25 -45.90
N THR E 403 11.25 -18.16 -45.49
CA THR E 403 11.18 -17.69 -44.11
C THR E 403 10.25 -16.49 -43.91
N HIS E 404 9.27 -16.31 -44.79
CA HIS E 404 8.39 -15.15 -44.67
C HIS E 404 7.76 -15.02 -43.27
N GLY E 405 7.76 -13.80 -42.76
CA GLY E 405 7.25 -13.52 -41.42
C GLY E 405 8.26 -13.67 -40.30
N HIS E 406 9.46 -14.12 -40.64
CA HIS E 406 10.53 -14.17 -39.66
C HIS E 406 11.08 -12.79 -39.44
N VAL E 407 11.63 -12.57 -38.26
CA VAL E 407 12.37 -11.35 -37.99
C VAL E 407 13.83 -11.71 -37.69
N GLY E 408 14.65 -10.69 -37.45
CA GLY E 408 16.04 -10.88 -37.10
C GLY E 408 16.26 -12.01 -36.12
N ALA E 409 15.57 -11.99 -34.99
CA ALA E 409 15.77 -12.99 -33.96
C ALA E 409 15.30 -14.37 -34.38
N ASP E 410 14.26 -14.42 -35.22
CA ASP E 410 13.74 -15.69 -35.72
C ASP E 410 14.78 -16.36 -36.58
N LEU E 411 15.44 -15.56 -37.42
CA LEU E 411 16.45 -16.08 -38.31
C LEU E 411 17.67 -16.58 -37.54
N ALA E 412 18.21 -15.74 -36.64
CA ALA E 412 19.28 -16.18 -35.74
C ALA E 412 18.98 -17.54 -35.14
N ALA E 413 17.80 -17.67 -34.52
CA ALA E 413 17.36 -18.94 -33.95
C ALA E 413 17.49 -20.05 -34.98
N LEU E 414 16.95 -19.82 -36.18
CA LEU E 414 16.98 -20.80 -37.27
C LEU E 414 18.40 -21.33 -37.48
N CYS E 415 19.33 -20.42 -37.72
CA CYS E 415 20.75 -20.75 -37.88
C CYS E 415 21.26 -21.59 -36.71
N SER E 416 21.06 -21.11 -35.49
CA SER E 416 21.44 -21.87 -34.30
C SER E 416 20.88 -23.29 -34.38
N GLU E 417 19.59 -23.42 -34.69
CA GLU E 417 18.96 -24.73 -34.79
C GLU E 417 19.58 -25.68 -35.82
N ALA E 418 19.83 -25.21 -37.03
CA ALA E 418 20.45 -26.06 -38.06
C ALA E 418 21.86 -26.47 -37.64
N ALA E 419 22.61 -25.51 -37.10
CA ALA E 419 23.94 -25.77 -36.54
C ALA E 419 23.92 -26.97 -35.60
N LEU E 420 22.96 -26.99 -34.68
CA LEU E 420 22.77 -28.11 -33.77
C LEU E 420 22.52 -29.39 -34.56
N GLN E 421 21.48 -29.37 -35.40
CA GLN E 421 21.15 -30.50 -36.26
C GLN E 421 22.40 -31.05 -36.95
N ALA E 422 23.27 -30.15 -37.40
CA ALA E 422 24.57 -30.53 -37.95
C ALA E 422 25.39 -31.25 -36.89
N ILE E 423 25.61 -30.61 -35.74
CA ILE E 423 26.30 -31.24 -34.61
C ILE E 423 25.65 -32.58 -34.27
N ARG E 424 24.32 -32.61 -34.37
CA ARG E 424 23.54 -33.81 -34.09
C ARG E 424 23.95 -35.00 -34.96
N LYS E 425 24.23 -34.74 -36.23
CA LYS E 425 24.62 -35.79 -37.18
C LYS E 425 25.99 -36.42 -36.87
N LYS E 426 26.72 -35.82 -35.93
CA LYS E 426 27.99 -36.37 -35.48
C LYS E 426 27.84 -37.07 -34.14
N MET E 427 26.60 -37.13 -33.64
CA MET E 427 26.35 -37.56 -32.27
C MET E 427 26.44 -39.06 -32.00
N ASP E 428 26.42 -39.89 -33.04
CA ASP E 428 26.71 -41.30 -32.85
C ASP E 428 28.21 -41.53 -32.89
N LEU E 429 28.91 -40.78 -33.73
CA LEU E 429 30.37 -40.78 -33.75
C LEU E 429 30.96 -40.34 -32.40
N ILE E 430 30.25 -39.47 -31.69
CA ILE E 430 30.75 -38.93 -30.41
C ILE E 430 29.92 -39.41 -29.22
N ASP E 431 30.58 -39.57 -28.08
CA ASP E 431 29.87 -39.77 -26.83
C ASP E 431 30.06 -38.53 -25.96
N LEU E 432 29.00 -38.14 -25.26
CA LEU E 432 29.01 -37.00 -24.35
C LEU E 432 30.13 -37.13 -23.30
N GLU E 433 30.47 -38.37 -22.98
CA GLU E 433 31.37 -38.70 -21.89
C GLU E 433 32.82 -38.33 -22.14
N ASP E 434 33.26 -38.44 -23.40
CA ASP E 434 34.66 -38.27 -23.79
C ASP E 434 35.27 -36.97 -23.27
N GLU E 435 36.53 -37.06 -22.82
CA GLU E 435 37.23 -35.91 -22.29
C GLU E 435 37.52 -34.88 -23.39
N THR E 436 37.92 -35.36 -24.56
CA THR E 436 38.17 -34.51 -25.73
C THR E 436 37.57 -35.14 -27.00
N ILE E 437 37.38 -34.31 -28.02
CA ILE E 437 36.74 -34.74 -29.27
C ILE E 437 37.76 -35.06 -30.36
N ASP E 438 37.53 -36.18 -31.06
CA ASP E 438 38.32 -36.56 -32.23
C ASP E 438 38.52 -35.37 -33.17
N ALA E 439 39.76 -34.94 -33.30
CA ALA E 439 40.12 -33.71 -34.02
C ALA E 439 39.79 -33.71 -35.52
N GLU E 440 39.69 -34.89 -36.13
CA GLU E 440 39.28 -35.02 -37.52
C GLU E 440 37.83 -34.58 -37.73
N VAL E 441 36.92 -35.23 -37.00
CA VAL E 441 35.49 -34.97 -37.14
C VAL E 441 35.19 -33.49 -36.97
N MET E 442 35.75 -32.89 -35.92
CA MET E 442 35.69 -31.45 -35.68
C MET E 442 35.84 -30.63 -36.96
N ASN E 443 36.84 -30.97 -37.78
CA ASN E 443 37.11 -30.25 -39.02
C ASN E 443 36.11 -30.58 -40.12
N SER E 444 35.56 -31.78 -40.09
CA SER E 444 34.54 -32.23 -41.03
C SER E 444 33.19 -31.53 -40.87
N LEU E 445 32.97 -30.95 -39.69
CA LEU E 445 31.69 -30.40 -39.30
C LEU E 445 31.30 -29.14 -40.10
N ALA E 446 30.13 -29.19 -40.72
CA ALA E 446 29.59 -28.06 -41.47
C ALA E 446 28.07 -28.16 -41.57
N VAL E 447 27.41 -27.01 -41.71
CA VAL E 447 25.97 -26.97 -41.84
C VAL E 447 25.56 -27.21 -43.29
N THR E 448 25.06 -28.40 -43.54
CA THR E 448 24.51 -28.76 -44.85
C THR E 448 23.20 -28.04 -45.05
N MET E 449 22.82 -27.84 -46.32
CA MET E 449 21.51 -27.30 -46.66
C MET E 449 20.39 -28.15 -46.06
N ASP E 450 20.60 -29.46 -45.98
CA ASP E 450 19.60 -30.32 -45.35
C ASP E 450 19.34 -29.90 -43.92
N ASP E 451 20.42 -29.66 -43.17
CA ASP E 451 20.33 -29.10 -41.81
C ASP E 451 19.39 -27.91 -41.74
N PHE E 452 19.53 -26.98 -42.68
CA PHE E 452 18.62 -25.84 -42.78
C PHE E 452 17.18 -26.28 -42.98
N ARG E 453 16.93 -27.16 -43.96
CA ARG E 453 15.57 -27.64 -44.19
C ARG E 453 14.94 -28.25 -42.94
N TRP E 454 15.74 -28.92 -42.11
CA TRP E 454 15.23 -29.38 -40.81
C TRP E 454 14.86 -28.20 -39.92
N ALA E 455 15.81 -27.31 -39.68
CA ALA E 455 15.55 -26.13 -38.86
C ALA E 455 14.27 -25.44 -39.37
N LEU E 456 14.20 -25.22 -40.68
CA LEU E 456 13.02 -24.66 -41.34
C LEU E 456 11.72 -25.37 -41.00
N SER E 457 11.75 -26.70 -40.98
CA SER E 457 10.55 -27.48 -40.69
C SER E 457 10.05 -27.29 -39.27
N GLN E 458 10.88 -26.65 -38.44
CA GLN E 458 10.61 -26.53 -37.00
C GLN E 458 10.25 -25.10 -36.60
N SER E 459 10.41 -24.17 -37.53
CA SER E 459 10.32 -22.74 -37.25
C SER E 459 8.96 -22.29 -36.71
N ASN E 460 8.93 -21.05 -36.21
CA ASN E 460 7.76 -20.55 -35.48
C ASN E 460 7.44 -19.06 -35.73
N PRO E 461 6.19 -18.64 -35.43
CA PRO E 461 5.86 -17.20 -35.44
C PRO E 461 6.76 -16.35 -34.56
N SER E 462 6.78 -15.05 -34.81
CA SER E 462 7.67 -14.11 -34.12
C SER E 462 7.45 -14.02 -32.61
N LEU F 12 17.06 -40.93 -33.84
CA LEU F 12 17.20 -40.06 -35.04
C LEU F 12 17.50 -38.61 -34.65
N SER F 13 16.85 -38.17 -33.57
CA SER F 13 17.10 -36.86 -32.96
C SER F 13 17.32 -37.10 -31.47
N THR F 14 17.17 -38.37 -31.11
CA THR F 14 17.45 -38.88 -29.79
C THR F 14 18.85 -39.51 -29.80
N ALA F 15 19.61 -39.17 -30.84
CA ALA F 15 20.90 -39.78 -31.10
C ALA F 15 21.90 -39.62 -29.95
N ILE F 16 21.90 -38.45 -29.33
CA ILE F 16 22.83 -38.13 -28.25
C ILE F 16 22.68 -39.06 -27.04
N LEU F 17 21.60 -39.83 -27.03
CA LEU F 17 21.28 -40.67 -25.87
C LEU F 17 21.78 -42.10 -26.00
N LYS F 18 21.62 -42.70 -27.18
CA LYS F 18 22.11 -44.05 -27.42
C LYS F 18 23.62 -44.06 -27.27
N GLN F 19 24.10 -44.70 -26.22
CA GLN F 19 25.53 -44.79 -25.95
C GLN F 19 26.18 -45.82 -26.86
N LYS F 20 27.50 -45.71 -26.99
CA LYS F 20 28.22 -46.37 -28.08
C LYS F 20 28.95 -47.63 -27.63
N ASN F 21 29.09 -48.56 -28.56
CA ASN F 21 29.99 -49.68 -28.38
C ASN F 21 31.41 -49.12 -28.35
N ARG F 22 32.11 -49.36 -27.24
CA ARG F 22 33.47 -48.86 -27.09
C ARG F 22 34.37 -49.90 -26.43
N PRO F 23 35.67 -49.90 -26.76
CA PRO F 23 36.70 -50.79 -26.22
C PRO F 23 36.49 -51.20 -24.76
N ASN F 24 36.14 -50.23 -23.90
CA ASN F 24 36.09 -50.45 -22.47
C ASN F 24 34.77 -50.10 -21.80
N ARG F 25 33.68 -50.26 -22.54
CA ARG F 25 32.35 -50.29 -21.95
C ARG F 25 31.95 -51.75 -21.77
N LEU F 26 31.99 -52.21 -20.52
CA LEU F 26 31.73 -53.61 -20.20
C LEU F 26 30.52 -53.78 -19.29
N ILE F 27 29.75 -54.84 -19.55
CA ILE F 27 28.54 -55.16 -18.79
C ILE F 27 28.91 -55.80 -17.45
N VAL F 28 28.19 -55.41 -16.39
CA VAL F 28 28.49 -55.89 -15.04
C VAL F 28 27.89 -57.27 -14.77
N ASP F 29 28.78 -58.26 -14.71
CA ASP F 29 28.43 -59.63 -14.35
C ASP F 29 28.80 -59.91 -12.91
N GLU F 30 28.02 -60.75 -12.24
CA GLU F 30 28.29 -61.19 -10.87
C GLU F 30 29.71 -61.73 -10.73
N ALA F 31 30.35 -61.41 -9.60
CA ALA F 31 31.74 -61.79 -9.34
C ALA F 31 31.89 -63.26 -8.95
N ILE F 32 32.97 -63.88 -9.43
CA ILE F 32 33.38 -65.19 -8.92
C ILE F 32 34.29 -65.01 -7.69
N ASN F 33 35.40 -64.30 -7.88
CA ASN F 33 36.24 -63.89 -6.77
C ASN F 33 35.48 -62.88 -5.92
N GLU F 34 35.41 -63.16 -4.62
CA GLU F 34 34.46 -62.47 -3.75
C GLU F 34 35.01 -61.20 -3.08
N ASP F 35 36.21 -60.77 -3.45
CA ASP F 35 36.87 -59.68 -2.74
C ASP F 35 36.48 -58.28 -3.21
N ASN F 36 36.33 -57.39 -2.23
CA ASN F 36 35.99 -55.98 -2.44
C ASN F 36 36.88 -55.23 -3.43
N SER F 37 38.17 -55.49 -3.40
CA SER F 37 39.11 -54.75 -4.25
C SER F 37 39.38 -55.43 -5.60
N VAL F 38 38.59 -56.44 -5.94
CA VAL F 38 38.89 -57.27 -7.11
C VAL F 38 37.87 -57.11 -8.25
N VAL F 39 38.37 -57.07 -9.48
CA VAL F 39 37.51 -57.07 -10.67
C VAL F 39 37.96 -58.07 -11.74
N SER F 40 37.02 -58.88 -12.21
CA SER F 40 37.30 -59.93 -13.17
C SER F 40 37.18 -59.44 -14.61
N LEU F 41 38.13 -59.88 -15.43
CA LEU F 41 38.11 -59.60 -16.86
C LEU F 41 38.59 -60.78 -17.68
N SER F 42 38.04 -60.94 -18.89
CA SER F 42 38.57 -61.93 -19.83
C SER F 42 39.99 -61.55 -20.18
N GLN F 43 40.84 -62.56 -20.34
CA GLN F 43 42.20 -62.34 -20.81
C GLN F 43 42.22 -61.68 -22.20
N PRO F 44 41.41 -62.19 -23.14
CA PRO F 44 41.37 -61.56 -24.47
C PRO F 44 41.09 -60.05 -24.42
N LYS F 45 40.32 -59.61 -23.41
CA LYS F 45 40.05 -58.19 -23.24
C LYS F 45 41.21 -57.45 -22.57
N MET F 46 41.72 -57.99 -21.47
CA MET F 46 42.82 -57.36 -20.70
C MET F 46 43.98 -56.88 -21.58
N ASP F 47 44.26 -57.65 -22.63
CA ASP F 47 45.32 -57.32 -23.57
C ASP F 47 44.89 -56.14 -24.43
N GLU F 48 43.72 -56.27 -25.04
CA GLU F 48 43.14 -55.22 -25.89
C GLU F 48 43.27 -53.84 -25.26
N LEU F 49 43.15 -53.81 -23.93
CA LEU F 49 43.21 -52.57 -23.18
C LEU F 49 44.57 -52.35 -22.51
N GLN F 50 45.53 -53.20 -22.86
CA GLN F 50 46.91 -53.10 -22.37
C GLN F 50 46.95 -53.09 -20.84
N LEU F 51 46.26 -54.04 -20.24
CA LEU F 51 46.13 -54.10 -18.79
C LEU F 51 46.73 -55.38 -18.22
N PHE F 52 47.83 -55.21 -17.50
CA PHE F 52 48.53 -56.32 -16.87
C PHE F 52 47.86 -56.67 -15.54
N ARG F 53 48.15 -57.87 -15.05
CA ARG F 53 47.53 -58.37 -13.82
C ARG F 53 48.00 -57.58 -12.61
N GLY F 54 47.08 -57.36 -11.66
CA GLY F 54 47.41 -56.63 -10.44
C GLY F 54 47.57 -55.13 -10.63
N ASP F 55 47.27 -54.63 -11.83
CA ASP F 55 47.23 -53.20 -12.08
C ASP F 55 46.01 -52.61 -11.38
N THR F 56 46.17 -51.40 -10.85
CA THR F 56 45.08 -50.73 -10.15
C THR F 56 44.31 -49.82 -11.11
N VAL F 57 43.01 -50.09 -11.25
CA VAL F 57 42.19 -49.43 -12.28
C VAL F 57 41.15 -48.47 -11.71
N LEU F 58 40.65 -47.58 -12.58
CA LEU F 58 39.59 -46.64 -12.24
C LEU F 58 38.28 -46.95 -12.97
N LEU F 59 37.20 -47.01 -12.21
CA LEU F 59 35.90 -47.42 -12.72
C LEU F 59 34.86 -46.31 -12.58
N LYS F 60 34.16 -46.03 -13.68
CA LYS F 60 33.14 -44.99 -13.68
C LYS F 60 31.74 -45.60 -13.80
N GLY F 61 30.85 -45.20 -12.90
CA GLY F 61 29.51 -45.79 -12.82
C GLY F 61 28.42 -44.84 -13.28
N LYS F 62 27.39 -44.71 -12.45
CA LYS F 62 26.28 -43.81 -12.73
C LYS F 62 26.31 -42.65 -11.76
N LYS F 63 25.64 -41.56 -12.11
CA LYS F 63 25.61 -40.37 -11.26
C LYS F 63 27.01 -40.02 -10.77
N ARG F 64 27.97 -40.03 -11.69
CA ARG F 64 29.32 -39.57 -11.44
C ARG F 64 30.01 -40.32 -10.27
N ARG F 65 29.57 -41.55 -10.03
CA ARG F 65 30.22 -42.36 -9.00
C ARG F 65 31.47 -43.02 -9.57
N GLU F 66 32.46 -43.24 -8.71
CA GLU F 66 33.76 -43.78 -9.09
C GLU F 66 34.21 -44.85 -8.11
N ALA F 67 34.84 -45.91 -8.63
CA ALA F 67 35.43 -46.93 -7.79
C ALA F 67 36.85 -47.26 -8.20
N VAL F 68 37.68 -47.66 -7.24
CA VAL F 68 39.07 -48.04 -7.49
C VAL F 68 39.36 -49.47 -7.06
N CYS F 69 39.89 -50.25 -7.99
CA CYS F 69 40.08 -51.68 -7.79
C CYS F 69 41.40 -52.18 -8.35
N ILE F 70 41.66 -53.46 -8.12
CA ILE F 70 42.79 -54.15 -8.71
C ILE F 70 42.22 -55.19 -9.70
N VAL F 71 42.90 -55.39 -10.82
CA VAL F 71 42.36 -56.21 -11.91
C VAL F 71 43.09 -57.53 -12.14
N LEU F 72 42.29 -58.59 -12.30
CA LEU F 72 42.80 -59.93 -12.58
C LEU F 72 42.00 -60.57 -13.73
N SER F 73 42.60 -61.59 -14.34
CA SER F 73 41.97 -62.30 -15.45
C SER F 73 41.11 -63.47 -14.98
N ASP F 74 39.90 -63.56 -15.52
CA ASP F 74 39.01 -64.67 -15.25
C ASP F 74 38.78 -65.46 -16.54
N ASP F 75 38.97 -66.76 -16.45
CA ASP F 75 38.76 -67.68 -17.57
C ASP F 75 37.28 -67.74 -17.92
N THR F 76 36.43 -67.76 -16.89
CA THR F 76 34.99 -67.92 -17.07
C THR F 76 34.24 -66.63 -17.49
N CYS F 77 34.98 -65.52 -17.58
CA CYS F 77 34.40 -64.20 -17.88
C CYS F 77 34.45 -63.83 -19.36
N SER F 78 33.27 -63.49 -19.91
CA SER F 78 33.14 -63.03 -21.30
C SER F 78 34.03 -61.82 -21.58
N ASP F 79 34.40 -61.63 -22.84
CA ASP F 79 35.27 -60.53 -23.25
C ASP F 79 34.73 -59.16 -22.84
N GLU F 80 33.51 -58.87 -23.31
CA GLU F 80 32.84 -57.59 -23.09
C GLU F 80 31.99 -57.55 -21.81
N LYS F 81 32.30 -58.45 -20.87
CA LYS F 81 31.70 -58.43 -19.53
C LYS F 81 32.77 -58.24 -18.44
N ILE F 82 32.33 -57.81 -17.25
CA ILE F 82 33.23 -57.63 -16.10
C ILE F 82 32.57 -58.06 -14.78
N ARG F 83 33.31 -58.75 -13.93
CA ARG F 83 32.79 -59.18 -12.65
C ARG F 83 33.22 -58.28 -11.49
N MET F 84 32.27 -58.02 -10.61
CA MET F 84 32.48 -57.23 -9.41
C MET F 84 31.44 -57.67 -8.40
N ASN F 85 31.80 -57.62 -7.12
CA ASN F 85 30.86 -58.03 -6.07
C ASN F 85 29.81 -56.94 -5.82
N ARG F 86 28.90 -57.20 -4.90
CA ARG F 86 27.83 -56.24 -4.61
C ARG F 86 28.36 -54.96 -3.95
N VAL F 87 29.41 -55.08 -3.15
CA VAL F 87 30.04 -53.90 -2.53
C VAL F 87 30.54 -52.94 -3.60
N VAL F 88 31.11 -53.48 -4.68
CA VAL F 88 31.61 -52.67 -5.78
C VAL F 88 30.45 -52.15 -6.62
N ARG F 89 29.42 -52.97 -6.79
CA ARG F 89 28.24 -52.58 -7.55
C ARG F 89 27.55 -51.42 -6.86
N ASN F 90 27.62 -51.41 -5.54
CA ASN F 90 27.10 -50.34 -4.71
C ASN F 90 27.85 -49.02 -4.86
N ASN F 91 29.18 -49.05 -4.80
CA ASN F 91 29.91 -47.79 -4.89
C ASN F 91 29.79 -47.20 -6.27
N LEU F 92 29.65 -48.05 -7.27
CA LEU F 92 29.44 -47.59 -8.64
C LEU F 92 27.97 -47.27 -8.95
N ARG F 93 27.07 -47.59 -8.01
CA ARG F 93 25.63 -47.35 -8.17
C ARG F 93 25.06 -48.02 -9.41
N VAL F 94 25.37 -49.30 -9.59
CA VAL F 94 24.88 -50.06 -10.74
C VAL F 94 24.28 -51.40 -10.34
N ARG F 95 23.21 -51.79 -11.04
CA ARG F 95 22.65 -53.13 -10.91
C ARG F 95 23.39 -54.02 -11.90
N LEU F 96 23.38 -55.34 -11.65
CA LEU F 96 23.95 -56.30 -12.57
C LEU F 96 23.26 -56.14 -13.93
N GLY F 97 24.04 -56.10 -15.01
CA GLY F 97 23.49 -55.87 -16.34
C GLY F 97 23.70 -54.47 -16.88
N ASP F 98 24.05 -53.53 -16.01
CA ASP F 98 24.47 -52.18 -16.41
C ASP F 98 25.88 -52.20 -17.02
N VAL F 99 26.38 -51.03 -17.40
CA VAL F 99 27.64 -50.96 -18.14
C VAL F 99 28.56 -49.87 -17.55
N ILE F 100 29.87 -50.12 -17.54
CA ILE F 100 30.80 -49.16 -16.92
C ILE F 100 32.02 -48.80 -17.78
N SER F 101 32.71 -47.74 -17.36
CA SER F 101 33.98 -47.37 -17.95
C SER F 101 35.11 -47.96 -17.12
N ILE F 102 36.04 -48.63 -17.78
CA ILE F 102 37.27 -49.03 -17.12
C ILE F 102 38.45 -48.26 -17.73
N GLN F 103 39.34 -47.82 -16.87
CA GLN F 103 40.36 -46.86 -17.22
C GLN F 103 41.61 -47.19 -16.41
N PRO F 104 42.80 -47.06 -17.02
CA PRO F 104 44.04 -47.31 -16.29
C PRO F 104 44.32 -46.19 -15.28
N CYS F 105 44.54 -46.57 -14.03
CA CYS F 105 44.82 -45.59 -12.98
C CYS F 105 46.26 -45.77 -12.49
N PRO F 106 47.24 -45.18 -13.18
CA PRO F 106 48.64 -45.55 -12.99
C PRO F 106 49.37 -44.80 -11.88
N ASP F 107 49.02 -43.53 -11.68
CA ASP F 107 49.77 -42.62 -10.83
C ASP F 107 49.30 -42.60 -9.36
N VAL F 108 48.61 -43.66 -8.95
CA VAL F 108 48.11 -43.76 -7.59
C VAL F 108 49.25 -43.68 -6.59
N LYS F 109 49.06 -42.86 -5.56
CA LYS F 109 50.08 -42.65 -4.52
C LYS F 109 49.74 -43.48 -3.30
N TYR F 110 50.74 -43.77 -2.49
CA TYR F 110 50.56 -44.50 -1.24
C TYR F 110 49.85 -43.64 -0.21
N GLY F 111 49.05 -44.28 0.63
CA GLY F 111 48.20 -43.58 1.60
C GLY F 111 48.94 -43.05 2.81
N LYS F 112 48.79 -41.76 3.06
CA LYS F 112 49.37 -41.11 4.24
C LYS F 112 48.53 -41.42 5.46
N ARG F 113 47.26 -40.97 5.45
CA ARG F 113 46.31 -41.21 6.54
C ARG F 113 44.89 -41.34 6.01
N ILE F 114 44.13 -42.26 6.60
CA ILE F 114 42.72 -42.43 6.25
C ILE F 114 41.80 -42.41 7.47
N HIS F 115 40.65 -41.78 7.32
CA HIS F 115 39.64 -41.72 8.38
C HIS F 115 38.38 -42.44 7.93
N VAL F 116 37.97 -43.45 8.69
CA VAL F 116 36.83 -44.29 8.33
C VAL F 116 35.89 -44.54 9.51
N LEU F 117 34.60 -44.43 9.27
CA LEU F 117 33.61 -44.69 10.33
C LEU F 117 32.69 -45.84 9.96
N PRO F 118 32.21 -46.58 10.98
CA PRO F 118 31.25 -47.66 10.75
C PRO F 118 29.82 -47.14 10.67
N ILE F 119 28.92 -47.93 10.10
CA ILE F 119 27.51 -47.56 10.04
C ILE F 119 26.79 -48.00 11.31
N ASP F 120 26.01 -47.08 11.87
CA ASP F 120 25.30 -47.24 13.15
C ASP F 120 24.58 -48.57 13.36
N ASP F 121 23.82 -49.02 12.35
CA ASP F 121 23.02 -50.23 12.49
C ASP F 121 23.82 -51.50 12.18
N THR F 122 25.15 -51.38 12.20
CA THR F 122 26.05 -52.50 11.97
C THR F 122 27.05 -52.62 13.11
N VAL F 123 26.79 -51.91 14.21
CA VAL F 123 27.68 -51.90 15.38
C VAL F 123 26.95 -51.99 16.72
N GLU F 124 25.62 -52.11 16.66
CA GLU F 124 24.81 -52.34 17.85
C GLU F 124 25.33 -53.62 18.50
N GLY F 125 25.91 -53.48 19.70
CA GLY F 125 26.59 -54.59 20.36
C GLY F 125 28.02 -54.23 20.69
N ILE F 126 28.86 -55.25 20.88
CA ILE F 126 30.25 -55.08 21.32
C ILE F 126 31.05 -54.07 20.49
N THR F 127 31.90 -53.30 21.18
CA THR F 127 32.90 -52.45 20.55
C THR F 127 34.24 -53.20 20.53
N GLY F 128 34.70 -53.62 21.71
CA GLY F 128 36.01 -54.24 21.86
C GLY F 128 37.08 -53.35 21.25
N ASN F 129 37.47 -53.66 20.02
CA ASN F 129 38.27 -52.78 19.19
C ASN F 129 37.98 -53.03 17.72
N LEU F 130 37.42 -52.01 17.06
CA LEU F 130 37.04 -52.10 15.65
C LEU F 130 38.24 -52.19 14.73
N PHE F 131 39.29 -51.44 15.03
CA PHE F 131 40.52 -51.49 14.25
C PHE F 131 41.11 -52.89 14.29
N GLU F 132 41.25 -53.43 15.50
CA GLU F 132 41.88 -54.73 15.71
C GLU F 132 41.10 -55.84 15.03
N VAL F 133 39.85 -56.03 15.46
CA VAL F 133 39.00 -57.11 14.96
C VAL F 133 38.75 -57.02 13.44
N TYR F 134 38.56 -55.81 12.95
CA TYR F 134 38.04 -55.65 11.59
C TYR F 134 39.01 -55.06 10.58
N LEU F 135 39.49 -53.85 10.86
CA LEU F 135 40.25 -53.10 9.87
C LEU F 135 41.67 -53.65 9.70
N LYS F 136 42.41 -53.77 10.81
CA LYS F 136 43.78 -54.27 10.79
C LYS F 136 43.95 -55.50 9.87
N PRO F 137 43.14 -56.56 10.08
CA PRO F 137 43.29 -57.75 9.23
C PRO F 137 42.91 -57.52 7.76
N TYR F 138 41.76 -56.89 7.53
CA TYR F 138 41.27 -56.59 6.18
C TYR F 138 42.29 -55.84 5.33
N PHE F 139 43.10 -55.00 5.98
CA PHE F 139 44.10 -54.18 5.29
C PHE F 139 45.51 -54.75 5.32
N LEU F 140 45.81 -55.55 6.35
CA LEU F 140 47.17 -56.04 6.60
C LEU F 140 47.83 -56.68 5.38
N GLU F 141 48.88 -56.03 4.90
CA GLU F 141 49.70 -56.51 3.76
C GLU F 141 48.90 -56.64 2.45
N ALA F 142 47.78 -55.94 2.38
CA ALA F 142 46.87 -56.07 1.23
C ALA F 142 47.17 -55.06 0.12
N TYR F 143 47.55 -53.85 0.49
CA TYR F 143 47.86 -52.77 -0.46
C TYR F 143 46.63 -52.43 -1.31
N ARG F 144 45.51 -52.18 -0.63
CA ARG F 144 44.22 -51.97 -1.29
C ARG F 144 44.08 -50.56 -1.84
N PRO F 145 43.46 -50.42 -3.03
CA PRO F 145 43.02 -49.11 -3.49
C PRO F 145 41.66 -48.78 -2.89
N ILE F 146 41.51 -47.54 -2.42
CA ILE F 146 40.23 -47.08 -1.90
C ILE F 146 39.97 -45.63 -2.30
N ARG F 147 38.69 -45.28 -2.42
CA ARG F 147 38.30 -43.91 -2.76
C ARG F 147 37.56 -43.30 -1.59
N LYS F 148 37.59 -41.98 -1.50
CA LYS F 148 36.76 -41.25 -0.54
C LYS F 148 35.29 -41.57 -0.85
N GLY F 149 34.51 -41.83 0.19
CA GLY F 149 33.09 -42.11 0.02
C GLY F 149 32.75 -43.54 -0.40
N ASP F 150 33.74 -44.43 -0.36
CA ASP F 150 33.51 -45.86 -0.56
C ASP F 150 32.81 -46.40 0.68
N ILE F 151 31.83 -47.27 0.47
CA ILE F 151 31.28 -48.07 1.56
C ILE F 151 31.68 -49.51 1.25
N PHE F 152 32.32 -50.13 2.23
CA PHE F 152 32.81 -51.50 2.07
C PHE F 152 32.50 -52.32 3.33
N LEU F 153 32.41 -53.64 3.15
CA LEU F 153 32.01 -54.56 4.21
C LEU F 153 33.20 -55.40 4.68
N VAL F 154 33.33 -55.54 6.00
CA VAL F 154 34.37 -56.38 6.58
C VAL F 154 33.75 -57.37 7.56
N ARG F 155 34.04 -58.66 7.33
CA ARG F 155 33.64 -59.71 8.24
C ARG F 155 34.77 -59.99 9.23
N GLY F 156 34.43 -60.06 10.51
CA GLY F 156 35.39 -60.35 11.57
C GLY F 156 34.79 -61.33 12.56
N GLY F 157 35.11 -62.61 12.38
CA GLY F 157 34.54 -63.67 13.20
C GLY F 157 33.02 -63.65 13.14
N MET F 158 32.40 -63.31 14.26
CA MET F 158 30.94 -63.41 14.45
C MET F 158 30.10 -62.45 13.60
N ARG F 159 30.65 -61.28 13.29
CA ARG F 159 29.87 -60.24 12.62
C ARG F 159 30.52 -59.72 11.35
N ALA F 160 29.72 -59.11 10.50
CA ALA F 160 30.19 -58.34 9.34
C ALA F 160 29.74 -56.89 9.51
N VAL F 161 30.69 -55.96 9.34
CA VAL F 161 30.42 -54.54 9.58
C VAL F 161 30.74 -53.70 8.35
N GLU F 162 29.90 -52.70 8.09
CA GLU F 162 30.10 -51.78 6.97
C GLU F 162 30.79 -50.50 7.42
N PHE F 163 31.79 -50.08 6.65
CA PHE F 163 32.55 -48.86 6.92
C PHE F 163 32.45 -47.90 5.74
N LYS F 164 32.44 -46.60 6.04
CA LYS F 164 32.48 -45.55 5.03
C LYS F 164 33.80 -44.79 5.11
N VAL F 165 34.42 -44.60 3.95
CA VAL F 165 35.66 -43.85 3.86
C VAL F 165 35.33 -42.35 3.94
N VAL F 166 35.53 -41.77 5.13
CA VAL F 166 35.19 -40.37 5.38
C VAL F 166 36.20 -39.41 4.76
N GLU F 167 37.50 -39.71 4.91
CA GLU F 167 38.55 -38.86 4.40
C GLU F 167 39.78 -39.68 4.01
N THR F 168 40.48 -39.25 2.97
CA THR F 168 41.75 -39.86 2.59
C THR F 168 42.79 -38.76 2.35
N ASP F 169 44.03 -39.09 2.66
CA ASP F 169 45.17 -38.23 2.40
C ASP F 169 46.17 -39.10 1.66
N PRO F 170 46.34 -38.89 0.34
CA PRO F 170 45.76 -37.85 -0.51
C PRO F 170 44.34 -38.16 -1.01
N SER F 171 43.50 -37.13 -1.03
CA SER F 171 42.18 -37.20 -1.64
C SER F 171 42.35 -37.19 -3.16
N PRO F 172 41.44 -37.85 -3.90
CA PRO F 172 40.33 -38.68 -3.43
C PRO F 172 40.69 -40.15 -3.27
N TYR F 173 41.77 -40.58 -3.95
CA TYR F 173 42.23 -41.98 -3.85
C TYR F 173 43.70 -42.17 -3.48
N CYS F 174 43.95 -43.29 -2.81
CA CYS F 174 45.26 -43.72 -2.34
C CYS F 174 45.28 -45.24 -2.13
N ILE F 175 46.50 -45.80 -2.12
CA ILE F 175 46.70 -47.22 -1.81
C ILE F 175 46.98 -47.36 -0.32
N VAL F 176 46.33 -48.34 0.32
CA VAL F 176 46.54 -48.58 1.75
C VAL F 176 47.72 -49.53 1.97
N ALA F 177 48.86 -48.93 2.31
CA ALA F 177 50.09 -49.66 2.56
C ALA F 177 50.28 -49.83 4.07
N PRO F 178 51.34 -50.57 4.50
CA PRO F 178 51.58 -50.75 5.94
C PRO F 178 51.85 -49.44 6.69
N ASP F 179 52.42 -48.45 5.99
CA ASP F 179 52.75 -47.15 6.58
C ASP F 179 51.51 -46.30 6.90
N THR F 180 50.39 -46.62 6.25
CA THR F 180 49.16 -45.83 6.34
C THR F 180 48.56 -45.82 7.74
N VAL F 181 48.50 -44.63 8.34
CA VAL F 181 47.87 -44.46 9.65
C VAL F 181 46.35 -44.45 9.48
N ILE F 182 45.67 -45.33 10.22
CA ILE F 182 44.23 -45.53 10.08
C ILE F 182 43.45 -45.02 11.29
N HIS F 183 42.65 -43.98 11.08
CA HIS F 183 41.84 -43.41 12.16
C HIS F 183 40.38 -43.80 11.98
N CYS F 184 39.78 -44.36 13.03
CA CYS F 184 38.39 -44.79 12.98
C CYS F 184 37.53 -44.29 14.14
N GLU F 185 38.07 -43.36 14.91
CA GLU F 185 37.35 -42.73 16.02
C GLU F 185 36.31 -41.74 15.49
N GLY F 186 35.18 -41.64 16.20
CA GLY F 186 34.11 -40.72 15.83
C GLY F 186 32.73 -41.30 16.03
N GLU F 187 31.72 -40.52 15.65
CA GLU F 187 30.33 -40.95 15.74
C GLU F 187 29.94 -41.80 14.53
N PRO F 188 29.31 -42.97 14.78
CA PRO F 188 28.90 -43.84 13.69
C PRO F 188 28.02 -43.13 12.65
N ILE F 189 28.31 -43.37 11.38
CA ILE F 189 27.49 -42.88 10.27
C ILE F 189 26.07 -43.39 10.43
N LYS F 190 25.09 -42.54 10.14
CA LYS F 190 23.70 -42.95 10.24
C LYS F 190 23.25 -43.58 8.93
N ARG F 191 22.73 -44.80 9.03
CA ARG F 191 22.21 -45.55 7.89
C ARG F 191 21.33 -44.69 6.99
N GLU F 192 20.33 -44.06 7.59
CA GLU F 192 19.35 -43.25 6.87
C GLU F 192 19.97 -42.26 5.89
N ASP F 193 21.00 -41.55 6.32
CA ASP F 193 21.72 -40.58 5.47
C ASP F 193 22.28 -41.27 4.23
N GLU F 194 22.88 -42.43 4.43
CA GLU F 194 23.48 -43.20 3.34
C GLU F 194 22.44 -43.94 2.50
N GLU F 195 21.23 -44.08 3.03
CA GLU F 195 20.10 -44.55 2.24
C GLU F 195 19.75 -43.45 1.24
N GLU F 196 19.46 -42.26 1.77
CA GLU F 196 19.19 -41.06 0.97
C GLU F 196 20.24 -40.83 -0.11
N SER F 197 21.48 -41.20 0.18
CA SER F 197 22.61 -40.99 -0.73
C SER F 197 22.51 -41.92 -1.94
N LEU F 198 22.25 -43.20 -1.67
CA LEU F 198 21.98 -44.16 -2.74
C LEU F 198 20.81 -43.70 -3.59
N ASN F 199 19.77 -43.22 -2.92
CA ASN F 199 18.51 -42.87 -3.56
C ASN F 199 18.52 -41.58 -4.37
N GLU F 200 19.55 -40.75 -4.20
CA GLU F 200 19.64 -39.52 -5.00
C GLU F 200 19.31 -39.85 -6.45
N VAL F 201 18.32 -39.16 -7.01
CA VAL F 201 17.76 -39.44 -8.35
C VAL F 201 18.81 -39.36 -9.45
N GLY F 202 18.85 -40.37 -10.32
CA GLY F 202 19.65 -40.33 -11.53
C GLY F 202 18.77 -40.03 -12.73
N TYR F 203 19.37 -40.09 -13.92
CA TYR F 203 18.61 -39.95 -15.15
C TYR F 203 17.69 -41.15 -15.32
N ASP F 204 18.24 -42.33 -15.04
CA ASP F 204 17.50 -43.58 -15.12
C ASP F 204 16.17 -43.53 -14.37
N ASP F 205 16.08 -42.64 -13.39
CA ASP F 205 14.90 -42.59 -12.53
C ASP F 205 13.74 -41.79 -13.13
N ILE F 206 13.93 -41.27 -14.33
CA ILE F 206 12.86 -40.50 -14.98
C ILE F 206 12.39 -41.25 -16.24
N GLY F 207 11.08 -41.34 -16.43
CA GLY F 207 10.54 -42.22 -17.47
C GLY F 207 9.57 -41.57 -18.45
N GLY F 208 9.74 -41.91 -19.73
CA GLY F 208 8.87 -41.42 -20.78
C GLY F 208 9.24 -40.03 -21.28
N CYS F 209 10.51 -39.66 -21.09
CA CYS F 209 11.01 -38.35 -21.52
C CYS F 209 12.26 -38.41 -22.37
N ARG F 210 12.58 -39.58 -22.90
CA ARG F 210 13.78 -39.74 -23.73
C ARG F 210 13.98 -38.54 -24.67
N LYS F 211 12.97 -38.21 -25.48
CA LYS F 211 13.05 -37.08 -26.41
C LYS F 211 13.54 -35.78 -25.76
N GLN F 212 13.03 -35.49 -24.57
CA GLN F 212 13.33 -34.23 -23.88
C GLN F 212 14.65 -34.32 -23.14
N LEU F 213 14.84 -35.42 -22.42
CA LEU F 213 16.13 -35.73 -21.81
C LEU F 213 17.24 -35.45 -22.82
N ALA F 214 17.00 -35.88 -24.06
CA ALA F 214 17.95 -35.65 -25.12
C ALA F 214 18.23 -34.15 -25.24
N GLN F 215 17.18 -33.36 -25.39
CA GLN F 215 17.33 -31.92 -25.62
C GLN F 215 18.10 -31.27 -24.49
N ILE F 216 17.84 -31.72 -23.27
CA ILE F 216 18.47 -31.13 -22.10
C ILE F 216 19.98 -31.33 -22.18
N LYS F 217 20.40 -32.57 -22.35
CA LYS F 217 21.81 -32.89 -22.54
C LYS F 217 22.39 -32.10 -23.71
N GLU F 218 21.59 -31.93 -24.75
CA GLU F 218 21.98 -31.20 -25.97
C GLU F 218 22.14 -29.70 -25.76
N MET F 219 21.53 -29.15 -24.73
CA MET F 219 21.51 -27.71 -24.55
C MET F 219 22.26 -27.28 -23.30
N VAL F 220 22.42 -28.21 -22.37
CA VAL F 220 23.07 -27.90 -21.11
C VAL F 220 24.36 -28.67 -20.97
N GLU F 221 24.24 -30.00 -20.92
CA GLU F 221 25.38 -30.86 -20.69
C GLU F 221 26.44 -30.74 -21.79
N LEU F 222 25.99 -30.69 -23.04
CA LEU F 222 26.88 -30.65 -24.19
C LEU F 222 27.67 -29.33 -24.32
N PRO F 223 26.96 -28.18 -24.36
CA PRO F 223 27.66 -26.89 -24.46
C PRO F 223 28.72 -26.68 -23.41
N LEU F 224 28.57 -27.31 -22.25
CA LEU F 224 29.53 -27.12 -21.16
C LEU F 224 30.68 -28.13 -21.22
N ARG F 225 30.35 -29.39 -21.47
CA ARG F 225 31.39 -30.42 -21.59
C ARG F 225 32.31 -30.22 -22.78
N HIS F 226 31.75 -29.76 -23.91
CA HIS F 226 32.53 -29.59 -25.14
C HIS F 226 32.28 -28.27 -25.86
N PRO F 227 32.65 -27.14 -25.23
CA PRO F 227 32.32 -25.82 -25.76
C PRO F 227 32.92 -25.55 -27.15
N ALA F 228 33.88 -26.38 -27.55
CA ALA F 228 34.63 -26.19 -28.79
C ALA F 228 33.85 -26.54 -30.05
N LEU F 229 32.95 -27.52 -29.96
CA LEU F 229 32.10 -27.90 -31.09
C LEU F 229 31.33 -26.70 -31.63
N PHE F 230 30.95 -25.81 -30.73
CA PHE F 230 30.21 -24.62 -31.08
C PHE F 230 31.19 -23.55 -31.56
N LYS F 231 32.32 -23.44 -30.87
CA LYS F 231 33.40 -22.57 -31.31
C LYS F 231 33.80 -22.90 -32.74
N GLU F 232 34.21 -24.14 -32.97
CA GLU F 232 34.58 -24.60 -34.31
C GLU F 232 33.52 -24.23 -35.34
N ILE F 233 32.29 -24.70 -35.12
CA ILE F 233 31.19 -24.43 -36.07
C ILE F 233 30.77 -22.96 -36.11
N GLY F 234 31.17 -22.19 -35.10
CA GLY F 234 30.98 -20.74 -35.09
C GLY F 234 29.60 -20.28 -34.70
N VAL F 235 29.03 -20.91 -33.68
CA VAL F 235 27.71 -20.54 -33.16
C VAL F 235 27.75 -20.46 -31.64
N LYS F 236 26.88 -19.60 -31.08
CA LYS F 236 26.81 -19.41 -29.64
C LYS F 236 25.69 -20.29 -29.06
N PRO F 237 26.03 -21.14 -28.07
CA PRO F 237 25.01 -21.96 -27.43
C PRO F 237 23.96 -21.09 -26.72
N PRO F 238 22.71 -21.54 -26.67
CA PRO F 238 21.71 -20.78 -25.91
C PRO F 238 21.97 -20.93 -24.42
N ARG F 239 21.60 -19.93 -23.63
CA ARG F 239 21.94 -19.89 -22.22
C ARG F 239 20.73 -19.92 -21.27
N GLY F 240 19.53 -19.96 -21.82
CA GLY F 240 18.32 -20.05 -21.02
C GLY F 240 17.42 -21.15 -21.54
N ILE F 241 17.12 -22.13 -20.67
CA ILE F 241 16.22 -23.20 -21.04
C ILE F 241 15.04 -23.24 -20.08
N LEU F 242 13.85 -23.18 -20.63
CA LEU F 242 12.64 -23.19 -19.81
C LEU F 242 11.85 -24.46 -20.04
N LEU F 243 11.85 -25.32 -19.03
CA LEU F 243 10.99 -26.49 -19.03
C LEU F 243 9.58 -26.12 -18.62
N TYR F 244 8.60 -26.66 -19.32
CA TYR F 244 7.20 -26.46 -18.93
C TYR F 244 6.40 -27.73 -19.14
N GLY F 245 5.31 -27.88 -18.37
CA GLY F 245 4.47 -29.06 -18.47
C GLY F 245 3.21 -28.99 -17.65
N PRO F 246 2.21 -29.82 -17.99
CA PRO F 246 1.06 -29.87 -17.09
C PRO F 246 1.57 -30.34 -15.72
N PRO F 247 0.97 -29.84 -14.62
CA PRO F 247 1.52 -30.09 -13.30
C PRO F 247 1.85 -31.56 -13.05
N GLY F 248 3.05 -31.80 -12.49
CA GLY F 248 3.39 -33.11 -11.95
C GLY F 248 4.07 -34.06 -12.92
N THR F 249 4.72 -33.51 -13.93
CA THR F 249 5.36 -34.30 -14.98
C THR F 249 6.89 -34.46 -14.80
N GLY F 250 7.38 -34.29 -13.57
CA GLY F 250 8.80 -34.55 -13.26
C GLY F 250 9.77 -33.48 -13.70
N LYS F 251 9.28 -32.24 -13.74
CA LYS F 251 10.08 -31.07 -14.01
C LYS F 251 11.08 -30.89 -12.83
N THR F 252 10.58 -30.76 -11.60
CA THR F 252 11.45 -30.73 -10.43
C THR F 252 12.27 -32.01 -10.38
N LEU F 253 11.69 -33.09 -10.88
CA LEU F 253 12.33 -34.40 -10.77
C LEU F 253 13.59 -34.41 -11.62
N ILE F 254 13.56 -33.66 -12.70
CA ILE F 254 14.67 -33.62 -13.63
C ILE F 254 15.70 -32.68 -13.02
N ALA F 255 15.20 -31.57 -12.49
CA ALA F 255 15.96 -30.67 -11.66
C ALA F 255 16.90 -31.46 -10.76
N ARG F 256 16.35 -32.48 -10.11
CA ARG F 256 17.13 -33.33 -9.23
C ARG F 256 18.20 -34.09 -10.01
N ALA F 257 17.76 -34.93 -10.95
CA ALA F 257 18.66 -35.73 -11.78
C ALA F 257 19.88 -34.92 -12.21
N VAL F 258 19.63 -33.82 -12.91
CA VAL F 258 20.69 -32.98 -13.45
C VAL F 258 21.71 -32.63 -12.38
N ALA F 259 21.24 -32.18 -11.22
CA ALA F 259 22.11 -31.80 -10.11
C ALA F 259 23.09 -32.92 -9.79
N ASN F 260 22.55 -34.11 -9.58
CA ASN F 260 23.32 -35.29 -9.25
C ASN F 260 24.18 -35.75 -10.42
N GLU F 261 23.62 -35.68 -11.62
CA GLU F 261 24.21 -36.27 -12.81
C GLU F 261 25.21 -35.38 -13.53
N THR F 262 25.08 -34.05 -13.37
CA THR F 262 25.89 -33.10 -14.13
C THR F 262 27.38 -33.07 -13.78
N GLY F 263 28.16 -32.65 -14.78
CA GLY F 263 29.55 -32.36 -14.55
C GLY F 263 29.76 -31.00 -13.89
N ALA F 264 28.78 -30.11 -14.01
CA ALA F 264 28.95 -28.71 -13.65
C ALA F 264 28.70 -28.40 -12.18
N PHE F 265 29.10 -27.19 -11.76
CA PHE F 265 28.69 -26.66 -10.47
C PHE F 265 27.23 -26.27 -10.59
N PHE F 266 26.43 -26.73 -9.66
CA PHE F 266 24.99 -26.60 -9.77
C PHE F 266 24.44 -25.76 -8.63
N PHE F 267 23.60 -24.77 -8.96
CA PHE F 267 22.94 -23.93 -7.97
C PHE F 267 21.42 -23.90 -8.15
N LEU F 268 20.70 -24.28 -7.10
CA LEU F 268 19.24 -24.35 -7.16
C LEU F 268 18.56 -23.13 -6.54
N ILE F 269 17.54 -22.64 -7.24
CA ILE F 269 16.71 -21.54 -6.78
C ILE F 269 15.23 -21.93 -6.79
N ASN F 270 14.60 -21.86 -5.62
CA ASN F 270 13.18 -22.20 -5.47
C ASN F 270 12.26 -20.98 -5.34
N GLY F 271 11.67 -20.56 -6.46
CA GLY F 271 10.73 -19.43 -6.48
C GLY F 271 9.99 -19.16 -5.16
N PRO F 272 9.14 -20.12 -4.73
CA PRO F 272 8.44 -19.96 -3.46
C PRO F 272 9.38 -19.66 -2.27
N GLU F 273 10.61 -20.17 -2.32
CA GLU F 273 11.53 -19.98 -1.21
C GLU F 273 12.18 -18.59 -1.27
N ILE F 274 12.48 -18.14 -2.48
CA ILE F 274 12.95 -16.79 -2.70
C ILE F 274 11.93 -15.79 -2.16
N MET F 275 10.67 -16.03 -2.51
CA MET F 275 9.58 -15.11 -2.21
C MET F 275 9.15 -15.11 -0.74
N SER F 276 9.67 -16.07 0.01
CA SER F 276 9.46 -16.08 1.45
C SER F 276 10.38 -15.12 2.20
N LYS F 277 11.42 -14.61 1.52
CA LYS F 277 12.38 -13.71 2.15
C LYS F 277 11.87 -12.27 2.30
N LEU F 278 12.41 -11.54 3.27
CA LEU F 278 12.12 -10.12 3.44
C LEU F 278 12.40 -9.37 2.15
N ALA F 279 11.81 -8.19 2.00
CA ALA F 279 12.09 -7.35 0.83
C ALA F 279 13.58 -7.00 0.78
N GLY F 280 14.19 -7.19 -0.39
CA GLY F 280 15.62 -6.91 -0.57
C GLY F 280 16.53 -8.07 -0.19
N GLU F 281 16.04 -8.87 0.77
CA GLU F 281 16.71 -10.07 1.22
C GLU F 281 16.67 -11.14 0.14
N SER F 282 15.73 -10.99 -0.79
CA SER F 282 15.61 -11.88 -1.95
C SER F 282 16.57 -11.43 -3.04
N GLU F 283 16.59 -10.12 -3.30
CA GLU F 283 17.49 -9.52 -4.28
C GLU F 283 18.97 -9.88 -4.00
N SER F 284 19.35 -9.84 -2.73
CA SER F 284 20.68 -10.29 -2.34
C SER F 284 20.91 -11.73 -2.79
N ASN F 285 19.99 -12.62 -2.41
CA ASN F 285 20.08 -14.05 -2.74
C ASN F 285 20.14 -14.29 -4.25
N LEU F 286 19.36 -13.53 -4.99
CA LEU F 286 19.32 -13.65 -6.45
C LEU F 286 20.67 -13.33 -7.05
N ARG F 287 21.25 -12.22 -6.60
CA ARG F 287 22.59 -11.82 -7.01
C ARG F 287 23.58 -12.86 -6.53
N LYS F 288 23.44 -13.22 -5.27
CA LYS F 288 24.35 -14.15 -4.61
C LYS F 288 24.45 -15.45 -5.42
N ALA F 289 23.29 -15.92 -5.89
CA ALA F 289 23.24 -17.12 -6.71
C ALA F 289 24.01 -16.95 -8.02
N PHE F 290 23.71 -15.89 -8.76
CA PHE F 290 24.36 -15.61 -10.04
C PHE F 290 25.86 -15.35 -9.91
N GLU F 291 26.26 -14.79 -8.77
CA GLU F 291 27.67 -14.53 -8.49
C GLU F 291 28.37 -15.85 -8.18
N GLU F 292 27.75 -16.66 -7.32
CA GLU F 292 28.27 -17.99 -6.99
C GLU F 292 28.53 -18.78 -8.27
N ALA F 293 27.53 -18.77 -9.17
CA ALA F 293 27.59 -19.53 -10.42
C ALA F 293 28.73 -19.07 -11.33
N GLU F 294 28.92 -17.77 -11.43
CA GLU F 294 30.03 -17.22 -12.22
C GLU F 294 31.36 -17.63 -11.59
N LYS F 295 31.49 -17.35 -10.30
CA LYS F 295 32.68 -17.71 -9.53
C LYS F 295 33.10 -19.18 -9.74
N ASN F 296 32.12 -20.09 -9.80
CA ASN F 296 32.43 -21.52 -9.97
C ASN F 296 32.18 -22.12 -11.35
N ALA F 297 32.00 -21.28 -12.38
CA ALA F 297 31.71 -21.78 -13.73
C ALA F 297 32.73 -22.83 -14.18
N PRO F 298 32.34 -23.73 -15.12
CA PRO F 298 31.02 -23.80 -15.74
C PRO F 298 29.94 -24.16 -14.75
N ALA F 299 28.78 -23.53 -14.85
CA ALA F 299 27.71 -23.75 -13.89
C ALA F 299 26.31 -23.90 -14.52
N ILE F 300 25.41 -24.52 -13.77
CA ILE F 300 23.98 -24.55 -14.12
C ILE F 300 23.18 -23.95 -12.98
N ILE F 301 22.59 -22.79 -13.20
CA ILE F 301 21.61 -22.27 -12.25
C ILE F 301 20.23 -22.82 -12.60
N PHE F 302 19.56 -23.43 -11.63
CA PHE F 302 18.20 -23.92 -11.81
C PHE F 302 17.18 -23.18 -10.96
N ILE F 303 16.14 -22.66 -11.62
CA ILE F 303 15.06 -21.98 -10.93
C ILE F 303 13.80 -22.83 -11.02
N ASP F 304 13.38 -23.38 -9.88
CA ASP F 304 12.14 -24.16 -9.85
C ASP F 304 10.99 -23.27 -9.48
N GLU F 305 9.85 -23.55 -10.13
CA GLU F 305 8.63 -22.77 -9.97
C GLU F 305 8.88 -21.32 -10.30
N LEU F 306 9.43 -21.09 -11.50
CA LEU F 306 9.85 -19.76 -11.94
C LEU F 306 8.73 -18.74 -11.86
N ASP F 307 7.53 -19.17 -12.28
CA ASP F 307 6.35 -18.33 -12.31
C ASP F 307 6.13 -17.65 -10.98
N ALA F 308 6.51 -18.33 -9.90
CA ALA F 308 6.47 -17.75 -8.55
C ALA F 308 7.24 -16.42 -8.41
N ILE F 309 8.35 -16.26 -9.13
CA ILE F 309 9.12 -15.02 -9.01
C ILE F 309 9.04 -14.15 -10.24
N ALA F 310 8.49 -14.70 -11.33
CA ALA F 310 8.38 -13.93 -12.56
C ALA F 310 6.95 -13.82 -13.11
N PRO F 311 6.02 -13.17 -12.38
CA PRO F 311 4.73 -12.92 -13.01
C PRO F 311 4.88 -11.77 -13.97
N LYS F 312 3.89 -11.58 -14.83
CA LYS F 312 3.91 -10.45 -15.75
C LYS F 312 3.97 -9.18 -14.91
N ARG F 313 5.01 -8.36 -15.12
CA ARG F 313 5.21 -7.12 -14.37
C ARG F 313 4.00 -6.21 -14.46
N GLU F 314 3.42 -6.14 -15.66
CA GLU F 314 2.22 -5.37 -15.95
C GLU F 314 1.04 -5.81 -15.08
N LYS F 315 0.86 -7.12 -14.97
CA LYS F 315 -0.32 -7.72 -14.32
C LYS F 315 -0.09 -8.04 -12.82
N THR F 316 1.09 -7.70 -12.30
CA THR F 316 1.45 -8.04 -10.91
C THR F 316 1.33 -6.84 -9.95
N HIS F 317 0.85 -7.09 -8.75
CA HIS F 317 0.36 -6.02 -7.87
C HIS F 317 1.39 -5.37 -6.95
N GLY F 318 2.09 -6.18 -6.17
CA GLY F 318 3.07 -5.67 -5.23
C GLY F 318 4.21 -4.94 -5.90
N GLU F 319 4.84 -4.01 -5.18
CA GLU F 319 5.95 -3.21 -5.71
C GLU F 319 7.30 -3.93 -5.66
N VAL F 320 7.63 -4.46 -4.49
CA VAL F 320 8.82 -5.31 -4.33
C VAL F 320 8.73 -6.39 -5.40
N GLU F 321 7.49 -6.81 -5.67
CA GLU F 321 7.23 -7.91 -6.59
C GLU F 321 7.73 -7.64 -8.01
N ARG F 322 7.44 -6.47 -8.57
CA ARG F 322 8.00 -6.10 -9.88
C ARG F 322 9.52 -5.95 -9.82
N ARG F 323 10.01 -5.41 -8.71
CA ARG F 323 11.45 -5.18 -8.57
C ARG F 323 12.24 -6.45 -8.83
N ILE F 324 11.76 -7.58 -8.33
CA ILE F 324 12.36 -8.90 -8.61
C ILE F 324 12.38 -9.26 -10.10
N VAL F 325 11.24 -9.17 -10.80
CA VAL F 325 11.26 -9.47 -12.23
C VAL F 325 12.36 -8.63 -12.85
N SER F 326 12.34 -7.32 -12.60
CA SER F 326 13.37 -6.43 -13.08
C SER F 326 14.76 -6.91 -12.65
N GLN F 327 14.91 -7.18 -11.35
CA GLN F 327 16.17 -7.66 -10.78
C GLN F 327 16.72 -8.84 -11.57
N LEU F 328 15.89 -9.86 -11.79
CA LEU F 328 16.28 -11.05 -12.54
C LEU F 328 16.71 -10.70 -13.97
N LEU F 329 15.78 -10.16 -14.75
CA LEU F 329 16.05 -9.73 -16.12
C LEU F 329 17.45 -9.16 -16.27
N THR F 330 17.76 -8.14 -15.47
CA THR F 330 19.09 -7.54 -15.38
C THR F 330 20.21 -8.59 -15.34
N LEU F 331 20.08 -9.56 -14.43
CA LEU F 331 21.11 -10.57 -14.22
C LEU F 331 21.24 -11.49 -15.42
N MET F 332 20.11 -12.04 -15.87
CA MET F 332 20.05 -12.79 -17.12
C MET F 332 20.87 -12.07 -18.19
N ASP F 333 20.58 -10.79 -18.36
CA ASP F 333 21.28 -9.97 -19.35
C ASP F 333 22.74 -9.71 -18.99
N GLY F 334 23.01 -9.56 -17.70
CA GLY F 334 24.35 -9.28 -17.21
C GLY F 334 25.36 -10.40 -17.35
N LEU F 335 24.92 -11.53 -17.90
CA LEU F 335 25.81 -12.68 -18.09
C LEU F 335 26.73 -12.48 -19.28
N LYS F 336 28.02 -12.36 -19.01
CA LYS F 336 29.02 -12.21 -20.07
C LYS F 336 29.14 -13.50 -20.88
N GLN F 337 29.66 -13.38 -22.10
CA GLN F 337 29.85 -14.53 -22.98
C GLN F 337 30.79 -15.56 -22.34
N ARG F 338 31.92 -15.07 -21.85
CA ARG F 338 32.95 -15.90 -21.22
C ARG F 338 32.52 -16.58 -19.92
N ALA F 339 31.28 -16.33 -19.49
CA ALA F 339 30.81 -16.75 -18.17
C ALA F 339 30.61 -18.26 -18.00
N HIS F 340 30.23 -18.95 -19.08
CA HIS F 340 29.93 -20.40 -19.05
C HIS F 340 28.86 -20.77 -18.01
N VAL F 341 27.74 -20.07 -18.05
CA VAL F 341 26.60 -20.38 -17.18
C VAL F 341 25.32 -20.56 -17.98
N ILE F 342 24.63 -21.67 -17.75
CA ILE F 342 23.35 -21.92 -18.40
C ILE F 342 22.25 -21.83 -17.35
N VAL F 343 21.30 -20.91 -17.54
CA VAL F 343 20.16 -20.85 -16.64
C VAL F 343 18.99 -21.68 -17.15
N MET F 344 18.68 -22.73 -16.38
CA MET F 344 17.52 -23.57 -16.58
C MET F 344 16.45 -23.15 -15.61
N ALA F 345 15.19 -23.34 -16.00
CA ALA F 345 14.03 -23.08 -15.14
C ALA F 345 12.74 -23.82 -15.59
N ALA F 346 11.74 -23.79 -14.72
CA ALA F 346 10.61 -24.68 -14.92
C ALA F 346 9.32 -24.14 -14.32
N THR F 347 8.24 -24.22 -15.09
CA THR F 347 6.90 -23.86 -14.61
C THR F 347 5.85 -24.80 -15.16
N ASN F 348 4.70 -24.85 -14.50
CA ASN F 348 3.54 -25.56 -15.06
C ASN F 348 2.52 -24.57 -15.61
N ARG F 349 2.91 -23.30 -15.63
CA ARG F 349 2.08 -22.21 -16.12
C ARG F 349 2.91 -21.25 -16.96
N PRO F 350 3.42 -21.71 -18.11
CA PRO F 350 4.32 -20.86 -18.88
C PRO F 350 3.71 -19.51 -19.25
N ASN F 351 2.44 -19.49 -19.60
CA ASN F 351 1.83 -18.29 -20.16
C ASN F 351 1.71 -17.08 -19.21
N SER F 352 1.85 -17.33 -17.92
CA SER F 352 1.75 -16.27 -16.92
C SER F 352 3.08 -15.61 -16.60
N ILE F 353 4.16 -16.14 -17.17
CA ILE F 353 5.50 -15.60 -16.98
C ILE F 353 5.67 -14.38 -17.89
N ASP F 354 6.26 -13.32 -17.34
CA ASP F 354 6.52 -12.08 -18.08
C ASP F 354 7.28 -12.40 -19.34
N PRO F 355 6.70 -12.05 -20.50
CA PRO F 355 7.25 -12.33 -21.83
C PRO F 355 8.67 -11.78 -22.05
N ALA F 356 9.05 -10.73 -21.33
CA ALA F 356 10.38 -10.13 -21.48
C ALA F 356 11.46 -11.16 -21.20
N LEU F 357 11.12 -12.15 -20.38
CA LEU F 357 12.02 -13.22 -20.03
C LEU F 357 12.12 -14.32 -21.08
N ARG F 358 11.26 -14.26 -22.09
CA ARG F 358 11.29 -15.26 -23.16
C ARG F 358 11.79 -14.69 -24.47
N ARG F 359 12.24 -13.45 -24.39
CA ARG F 359 12.89 -12.78 -25.49
C ARG F 359 14.21 -13.47 -25.78
N PHE F 360 14.69 -13.30 -27.00
CA PHE F 360 15.96 -13.88 -27.42
C PHE F 360 17.11 -13.48 -26.51
N GLY F 361 17.92 -14.46 -26.12
CA GLY F 361 19.08 -14.21 -25.28
C GLY F 361 18.75 -14.31 -23.81
N ARG F 362 17.48 -14.60 -23.50
CA ARG F 362 17.07 -14.89 -22.14
C ARG F 362 16.63 -16.34 -22.10
N PHE F 363 15.41 -16.61 -21.65
CA PHE F 363 14.84 -17.96 -21.77
C PHE F 363 14.26 -18.14 -23.16
N ASP F 364 15.15 -18.39 -24.12
CA ASP F 364 14.77 -18.43 -25.52
C ASP F 364 14.74 -19.84 -26.10
N ARG F 365 14.75 -20.84 -25.22
CA ARG F 365 14.56 -22.24 -25.61
C ARG F 365 13.62 -22.91 -24.63
N GLU F 366 12.65 -23.65 -25.17
CA GLU F 366 11.67 -24.35 -24.35
C GLU F 366 11.80 -25.85 -24.50
N VAL F 367 11.60 -26.56 -23.40
CA VAL F 367 11.47 -28.00 -23.46
C VAL F 367 10.15 -28.32 -22.80
N ASP F 368 9.18 -28.70 -23.62
CA ASP F 368 7.88 -29.09 -23.12
C ASP F 368 8.05 -30.47 -22.52
N ILE F 369 7.43 -30.67 -21.36
CA ILE F 369 7.50 -31.95 -20.65
C ILE F 369 6.06 -32.46 -20.53
N GLY F 370 5.52 -32.94 -21.64
CA GLY F 370 4.09 -33.27 -21.67
C GLY F 370 3.69 -34.55 -20.97
N ILE F 371 2.41 -34.87 -21.07
CA ILE F 371 1.83 -36.16 -20.66
C ILE F 371 2.65 -37.31 -21.26
N PRO F 372 2.84 -38.42 -20.50
CA PRO F 372 3.46 -39.58 -21.14
C PRO F 372 2.44 -40.46 -21.87
N ASP F 373 2.90 -41.12 -22.92
CA ASP F 373 2.07 -42.07 -23.67
C ASP F 373 2.12 -43.44 -23.02
N ALA F 374 1.45 -44.41 -23.63
CA ALA F 374 1.33 -45.75 -23.08
C ALA F 374 2.65 -46.32 -22.56
N THR F 375 3.68 -46.32 -23.40
CA THR F 375 4.97 -46.89 -23.03
C THR F 375 5.70 -46.08 -21.95
N GLY F 376 5.56 -44.76 -22.02
CA GLY F 376 6.09 -43.88 -20.97
C GLY F 376 5.58 -44.32 -19.61
N ARG F 377 4.26 -44.44 -19.49
CA ARG F 377 3.65 -44.92 -18.25
C ARG F 377 4.32 -46.21 -17.80
N LEU F 378 4.47 -47.15 -18.73
CA LEU F 378 5.10 -48.43 -18.43
C LEU F 378 6.52 -48.22 -17.91
N GLU F 379 7.26 -47.29 -18.53
CA GLU F 379 8.61 -46.95 -18.09
C GLU F 379 8.60 -46.53 -16.63
N ILE F 380 7.78 -45.51 -16.35
CA ILE F 380 7.63 -44.94 -15.02
C ILE F 380 7.25 -46.01 -14.00
N LEU F 381 6.20 -46.77 -14.30
CA LEU F 381 5.71 -47.83 -13.41
C LEU F 381 6.82 -48.77 -13.00
N GLN F 382 7.70 -49.09 -13.95
CA GLN F 382 8.89 -49.88 -13.69
C GLN F 382 9.84 -49.18 -12.73
N ILE F 383 10.15 -47.92 -13.02
CA ILE F 383 11.06 -47.16 -12.17
C ILE F 383 10.56 -47.07 -10.73
N HIS F 384 9.25 -46.93 -10.55
CA HIS F 384 8.70 -46.82 -9.21
C HIS F 384 8.71 -48.11 -8.43
N THR F 385 8.32 -49.19 -9.08
CA THR F 385 8.15 -50.45 -8.41
C THR F 385 9.49 -51.17 -8.19
N LYS F 386 10.56 -50.59 -8.72
CA LYS F 386 11.89 -51.20 -8.66
C LYS F 386 12.35 -51.57 -7.24
N ASN F 387 11.78 -50.94 -6.23
CA ASN F 387 12.12 -51.30 -4.86
C ASN F 387 10.92 -51.70 -3.99
N MET F 388 9.84 -52.09 -4.67
CA MET F 388 8.62 -52.50 -4.00
C MET F 388 8.48 -54.01 -4.01
N LYS F 389 7.76 -54.56 -3.03
CA LYS F 389 7.47 -55.98 -2.99
C LYS F 389 6.21 -56.28 -3.80
N LEU F 390 6.41 -56.84 -4.99
CA LEU F 390 5.29 -57.16 -5.88
C LEU F 390 5.10 -58.66 -6.06
N ALA F 391 3.83 -59.08 -6.05
CA ALA F 391 3.49 -60.46 -6.38
C ALA F 391 3.81 -60.75 -7.84
N ASP F 392 3.93 -62.04 -8.17
CA ASP F 392 4.21 -62.45 -9.54
C ASP F 392 3.04 -62.16 -10.47
N ASP F 393 1.84 -62.17 -9.91
CA ASP F 393 0.62 -62.00 -10.71
C ASP F 393 0.41 -60.56 -11.19
N VAL F 394 1.42 -59.71 -10.97
CA VAL F 394 1.32 -58.27 -11.29
C VAL F 394 1.89 -57.96 -12.67
N ASP F 395 1.00 -57.47 -13.55
CA ASP F 395 1.31 -57.16 -14.94
C ASP F 395 1.28 -55.63 -15.10
N LEU F 396 2.45 -55.03 -15.26
CA LEU F 396 2.54 -53.57 -15.35
C LEU F 396 2.05 -53.04 -16.68
N GLU F 397 2.24 -53.83 -17.75
CA GLU F 397 1.73 -53.52 -19.08
C GLU F 397 0.24 -53.25 -19.02
N GLN F 398 -0.51 -54.06 -18.28
CA GLN F 398 -1.92 -53.87 -18.10
C GLN F 398 -2.11 -52.47 -17.55
N VAL F 399 -1.40 -52.22 -16.45
CA VAL F 399 -1.57 -50.98 -15.73
C VAL F 399 -1.32 -49.84 -16.69
N ALA F 400 -0.22 -49.93 -17.41
CA ALA F 400 0.19 -48.84 -18.27
C ALA F 400 -0.94 -48.53 -19.22
N ASN F 401 -1.59 -49.60 -19.67
CA ASN F 401 -2.68 -49.49 -20.61
C ASN F 401 -3.92 -48.86 -20.04
N GLU F 402 -4.26 -49.21 -18.81
CA GLU F 402 -5.48 -48.76 -18.18
C GLU F 402 -5.37 -47.39 -17.56
N THR F 403 -4.19 -46.79 -17.65
CA THR F 403 -3.90 -45.59 -16.85
C THR F 403 -3.96 -44.29 -17.65
N HIS F 404 -4.51 -44.36 -18.85
CA HIS F 404 -4.41 -43.25 -19.78
C HIS F 404 -4.72 -41.93 -19.14
N GLY F 405 -3.86 -40.95 -19.41
CA GLY F 405 -4.02 -39.59 -18.92
C GLY F 405 -3.34 -39.38 -17.57
N HIS F 406 -2.74 -40.42 -17.03
CA HIS F 406 -1.93 -40.23 -15.85
C HIS F 406 -0.62 -39.65 -16.23
N VAL F 407 -0.08 -38.88 -15.30
CA VAL F 407 1.28 -38.42 -15.43
C VAL F 407 2.11 -39.11 -14.37
N GLY F 408 3.41 -38.80 -14.36
CA GLY F 408 4.36 -39.32 -13.39
C GLY F 408 3.82 -39.33 -11.98
N ALA F 409 3.42 -38.17 -11.47
CA ALA F 409 2.91 -38.08 -10.12
C ALA F 409 1.63 -38.90 -9.89
N ASP F 410 0.76 -39.00 -10.92
CA ASP F 410 -0.46 -39.79 -10.84
C ASP F 410 -0.11 -41.25 -10.61
N LEU F 411 0.86 -41.73 -11.38
CA LEU F 411 1.28 -43.11 -11.26
C LEU F 411 1.90 -43.38 -9.88
N ALA F 412 2.83 -42.55 -9.43
CA ALA F 412 3.40 -42.68 -8.09
C ALA F 412 2.28 -42.83 -7.06
N ALA F 413 1.33 -41.89 -7.07
CA ALA F 413 0.17 -41.99 -6.19
C ALA F 413 -0.47 -43.36 -6.26
N LEU F 414 -0.74 -43.82 -7.48
CA LEU F 414 -1.36 -45.13 -7.71
C LEU F 414 -0.64 -46.23 -6.94
N CYS F 415 0.65 -46.39 -7.21
CA CYS F 415 1.51 -47.32 -6.48
C CYS F 415 1.38 -47.17 -4.96
N SER F 416 1.54 -45.95 -4.45
CA SER F 416 1.36 -45.72 -3.03
C SER F 416 0.02 -46.26 -2.55
N GLU F 417 -1.07 -45.91 -3.25
CA GLU F 417 -2.40 -46.40 -2.92
C GLU F 417 -2.58 -47.93 -2.87
N ALA F 418 -2.10 -48.65 -3.89
CA ALA F 418 -2.18 -50.12 -3.88
C ALA F 418 -1.37 -50.69 -2.71
N ALA F 419 -0.16 -50.18 -2.52
CA ALA F 419 0.68 -50.55 -1.38
C ALA F 419 -0.11 -50.52 -0.08
N LEU F 420 -0.82 -49.41 0.16
CA LEU F 420 -1.69 -49.29 1.33
C LEU F 420 -2.73 -50.41 1.34
N GLN F 421 -3.50 -50.50 0.26
CA GLN F 421 -4.51 -51.56 0.11
C GLN F 421 -3.93 -52.92 0.47
N ALA F 422 -2.69 -53.16 0.08
CA ALA F 422 -1.97 -54.36 0.48
C ALA F 422 -1.78 -54.40 2.00
N ILE F 423 -1.19 -53.35 2.56
CA ILE F 423 -1.06 -53.21 4.02
C ILE F 423 -2.41 -53.37 4.69
N ARG F 424 -3.45 -52.83 4.04
CA ARG F 424 -4.83 -52.91 4.54
C ARG F 424 -5.30 -54.35 4.74
N LYS F 425 -4.91 -55.24 3.84
CA LYS F 425 -5.33 -56.65 3.89
C LYS F 425 -4.70 -57.42 5.06
N LYS F 426 -3.75 -56.79 5.75
CA LYS F 426 -3.13 -57.35 6.94
C LYS F 426 -3.69 -56.71 8.20
N MET F 427 -4.65 -55.81 8.03
CA MET F 427 -5.11 -54.96 9.12
C MET F 427 -6.01 -55.62 10.17
N ASP F 428 -6.57 -56.78 9.86
CA ASP F 428 -7.29 -57.53 10.89
C ASP F 428 -6.30 -58.38 11.66
N LEU F 429 -5.30 -58.91 10.96
CA LEU F 429 -4.18 -59.60 11.61
C LEU F 429 -3.42 -58.71 12.60
N ILE F 430 -3.38 -57.40 12.32
CA ILE F 430 -2.63 -56.46 13.15
C ILE F 430 -3.55 -55.48 13.88
N ASP F 431 -3.14 -55.08 15.08
CA ASP F 431 -3.79 -53.96 15.76
C ASP F 431 -2.82 -52.77 15.78
N LEU F 432 -3.37 -51.58 15.61
CA LEU F 432 -2.59 -50.35 15.64
C LEU F 432 -1.81 -50.21 16.96
N GLU F 433 -2.36 -50.81 18.01
CA GLU F 433 -1.87 -50.63 19.37
C GLU F 433 -0.52 -51.30 19.65
N ASP F 434 -0.29 -52.44 19.00
CA ASP F 434 0.88 -53.30 19.27
C ASP F 434 2.19 -52.53 19.21
N GLU F 435 3.09 -52.86 20.13
CA GLU F 435 4.39 -52.20 20.21
C GLU F 435 5.26 -52.56 19.01
N THR F 436 5.22 -53.83 18.61
CA THR F 436 5.94 -54.32 17.43
C THR F 436 5.06 -55.26 16.61
N ILE F 437 5.44 -55.46 15.34
CA ILE F 437 4.66 -56.26 14.40
C ILE F 437 5.21 -57.68 14.25
N ASP F 438 4.30 -58.65 14.26
CA ASP F 438 4.62 -60.06 13.98
C ASP F 438 5.52 -60.18 12.76
N ALA F 439 6.75 -60.63 12.99
CA ALA F 439 7.81 -60.65 11.97
C ALA F 439 7.53 -61.53 10.76
N GLU F 440 6.69 -62.55 10.92
CA GLU F 440 6.28 -63.40 9.82
C GLU F 440 5.46 -62.61 8.79
N VAL F 441 4.36 -62.01 9.25
CA VAL F 441 3.44 -61.32 8.38
C VAL F 441 4.19 -60.28 7.54
N MET F 442 5.01 -59.48 8.23
CA MET F 442 5.91 -58.52 7.59
C MET F 442 6.53 -59.06 6.30
N ASN F 443 7.04 -60.29 6.35
CA ASN F 443 7.70 -60.90 5.20
C ASN F 443 6.72 -61.36 4.14
N SER F 444 5.51 -61.71 4.58
CA SER F 444 4.44 -62.15 3.69
C SER F 444 3.88 -61.02 2.82
N LEU F 445 4.12 -59.78 3.25
CA LEU F 445 3.50 -58.60 2.64
C LEU F 445 4.02 -58.31 1.23
N ALA F 446 3.08 -58.24 0.28
CA ALA F 446 3.40 -57.89 -1.10
C ALA F 446 2.18 -57.30 -1.81
N VAL F 447 2.43 -56.48 -2.82
CA VAL F 447 1.35 -55.87 -3.58
C VAL F 447 0.87 -56.81 -4.66
N THR F 448 -0.30 -57.40 -4.43
CA THR F 448 -0.97 -58.25 -5.41
C THR F 448 -1.51 -57.37 -6.55
N MET F 449 -1.63 -57.97 -7.72
CA MET F 449 -2.32 -57.32 -8.84
C MET F 449 -3.71 -56.82 -8.44
N ASP F 450 -4.40 -57.57 -7.58
CA ASP F 450 -5.71 -57.12 -7.14
C ASP F 450 -5.60 -55.76 -6.47
N ASP F 451 -4.62 -55.62 -5.58
CA ASP F 451 -4.32 -54.33 -4.95
C ASP F 451 -4.27 -53.19 -5.99
N PHE F 452 -3.54 -53.43 -7.08
CA PHE F 452 -3.50 -52.46 -8.17
C PHE F 452 -4.88 -52.16 -8.72
N ARG F 453 -5.65 -53.20 -9.05
CA ARG F 453 -7.00 -52.97 -9.57
C ARG F 453 -7.85 -52.12 -8.63
N TRP F 454 -7.67 -52.27 -7.32
CA TRP F 454 -8.33 -51.36 -6.37
C TRP F 454 -7.85 -49.94 -6.57
N ALA F 455 -6.53 -49.74 -6.44
CA ALA F 455 -5.94 -48.41 -6.62
C ALA F 455 -6.45 -47.79 -7.92
N LEU F 456 -6.39 -48.56 -9.01
CA LEU F 456 -6.93 -48.17 -10.30
C LEU F 456 -8.39 -47.69 -10.25
N SER F 457 -9.23 -48.40 -9.50
CA SER F 457 -10.66 -48.05 -9.42
C SER F 457 -10.87 -46.71 -8.73
N GLN F 458 -9.82 -46.18 -8.11
CA GLN F 458 -9.92 -44.99 -7.28
C GLN F 458 -9.25 -43.77 -7.93
N SER F 459 -8.57 -44.00 -9.04
CA SER F 459 -7.68 -43.00 -9.65
C SER F 459 -8.40 -41.73 -10.11
N ASN F 460 -7.62 -40.71 -10.45
CA ASN F 460 -8.15 -39.37 -10.72
C ASN F 460 -7.43 -38.61 -11.85
N PRO F 461 -8.11 -37.60 -12.44
CA PRO F 461 -7.43 -36.69 -13.36
C PRO F 461 -6.16 -36.06 -12.77
N SER F 462 -5.32 -35.52 -13.65
CA SER F 462 -4.02 -34.96 -13.27
C SER F 462 -4.10 -33.74 -12.35
PG AGS G . -15.71 -25.07 10.29
S1G AGS G . -17.03 -23.50 10.13
O2G AGS G . -14.39 -24.52 11.03
O3G AGS G . -15.39 -25.55 8.94
PB AGS G . -15.86 -27.50 11.72
O1B AGS G . -14.48 -27.25 12.26
O2B AGS G . -16.10 -28.62 10.75
O3B AGS G . -16.49 -26.15 11.16
PA AGS G . -16.42 -28.06 14.42
O1A AGS G . -15.50 -29.24 14.37
O2A AGS G . -15.96 -26.77 15.05
O3A AGS G . -16.90 -27.74 12.92
O5' AGS G . -17.81 -28.53 15.08
C5' AGS G . -18.59 -27.62 15.85
C4' AGS G . -19.32 -28.39 16.94
O4' AGS G . -20.41 -29.13 16.39
C3' AGS G . -18.40 -29.39 17.63
O3' AGS G . -17.82 -28.80 18.81
C2' AGS G . -19.33 -30.53 17.97
O2' AGS G . -19.89 -30.28 19.26
C1' AGS G . -20.42 -30.46 16.91
N9 AGS G . -20.10 -31.44 15.82
C8 AGS G . -19.77 -31.13 14.54
N7 AGS G . -19.53 -32.25 13.81
C5 AGS G . -19.70 -33.31 14.63
C6 AGS G . -19.59 -34.78 14.49
N6 AGS G . -19.25 -35.35 13.32
N1 AGS G . -19.83 -35.54 15.58
C2 AGS G . -20.18 -34.98 16.76
N3 AGS G . -20.29 -33.65 16.95
C4 AGS G . -20.07 -32.77 15.94
MG MG H . -13.25 -25.38 12.44
PG AGS I . -28.05 1.60 14.57
S1G AGS I . -28.05 2.98 13.05
O2G AGS I . -26.68 1.76 15.39
O3G AGS I . -28.16 0.25 13.99
PB AGS I . -29.69 1.35 16.86
O1B AGS I . -28.44 1.17 17.69
O2B AGS I . -30.63 0.21 16.66
O3B AGS I . -29.33 1.98 15.44
PA AGS I . -30.36 3.20 18.88
O1A AGS I . -30.39 2.08 19.89
O2A AGS I . -29.14 4.09 18.83
O3A AGS I . -30.58 2.56 17.43
O5' AGS I . -31.70 4.07 19.02
C5' AGS I . -31.67 5.47 18.77
C4' AGS I . -32.66 6.17 19.69
O4' AGS I . -33.99 5.93 19.24
C3' AGS I . -32.57 5.66 21.12
O3' AGS I . -31.70 6.48 21.90
C2' AGS I . -34.00 5.73 21.60
O2' AGS I . -34.22 7.03 22.16
C1' AGS I . -34.84 5.57 20.34
N9 AGS I . -35.27 4.14 20.21
C8 AGS I . -34.87 3.27 19.26
N7 AGS I . -35.43 2.06 19.44
C5 AGS I . -36.21 2.13 20.52
C6 AGS I . -37.09 1.19 21.27
N6 AGS I . -37.25 -0.09 20.87
N1 AGS I . -37.72 1.67 22.37
C2 AGS I . -37.58 2.94 22.78
N3 AGS I . -36.79 3.84 22.16
C4 AGS I . -36.10 3.50 21.03
MG MG J . -26.34 1.73 17.30
PG AGS K . -20.12 24.13 -2.90
S1G AGS K . -19.32 23.78 -4.77
O2G AGS K . -18.90 24.15 -1.84
O3G AGS K . -21.08 23.08 -2.58
PB AGS K . -21.45 26.41 -1.91
O1B AGS K . -20.58 26.33 -0.68
O2B AGS K . -22.92 26.09 -1.84
O3B AGS K . -20.80 25.56 -3.10
PA AGS K . -20.74 29.13 -1.84
O1A AGS K . -21.44 29.30 -0.52
O2A AGS K . -19.23 29.01 -1.84
O3A AGS K . -21.34 27.86 -2.58
O5' AGS K . -21.18 30.31 -2.83
C5' AGS K . -20.28 30.85 -3.78
C4' AGS K . -20.58 32.33 -3.97
O4' AGS K . -21.77 32.50 -4.73
C3' AGS K . -20.79 33.04 -2.65
O3' AGS K . -19.57 33.64 -2.18
C2' AGS K . -21.82 34.09 -2.97
O2' AGS K . -21.16 35.26 -3.42
C1' AGS K . -22.63 33.48 -4.11
N9 AGS K . -23.86 32.83 -3.57
C8 AGS K . -24.14 31.50 -3.57
N7 AGS K . -25.35 31.24 -3.00
C5 AGS K . -25.86 32.42 -2.63
C6 AGS K . -27.10 32.88 -1.97
N6 AGS K . -28.04 31.98 -1.59
N1 AGS K . -27.26 34.21 -1.76
C2 AGS K . -26.33 35.10 -2.12
N3 AGS K . -25.17 34.77 -2.73
C4 AGS K . -24.88 33.46 -3.01
MG MG L . -18.57 25.41 -0.32
PG AGS M . 0.25 20.07 -24.30
S1G AGS M . 0.63 18.17 -24.99
O2G AGS M . 1.19 20.31 -23.01
O3G AGS M . -1.17 20.16 -23.92
PB AGS M . 0.69 22.62 -25.44
O1B AGS M . 1.31 23.07 -24.14
O2B AGS M . -0.63 23.19 -25.88
O3B AGS M . 0.62 21.02 -25.52
PA AGS M . 2.99 23.80 -26.58
O1A AGS M . 2.56 25.16 -26.08
O2A AGS M . 4.06 23.05 -25.83
O3A AGS M . 1.69 22.87 -26.68
O5' AGS M . 3.39 23.92 -28.13
C5' AGS M . 4.43 23.13 -28.68
C4' AGS M . 5.14 23.92 -29.77
O4' AGS M . 4.32 24.00 -30.93
C3' AGS M . 5.44 25.34 -29.34
O3' AGS M . 6.75 25.44 -28.80
C2' AGS M . 5.31 26.13 -30.62
O2' AGS M . 6.56 26.12 -31.29
C1' AGS M . 4.30 25.34 -31.44
N9 AGS M . 2.94 25.95 -31.27
C8 AGS M . 1.88 25.37 -30.67
N7 AGS M . 0.80 26.19 -30.68
C5 AGS M . 1.16 27.32 -31.29
C6 AGS M . 0.51 28.61 -31.63
N6 AGS M . -0.78 28.82 -31.31
N1 AGS M . 1.24 29.54 -32.28
C2 AGS M . 2.53 29.33 -32.62
N3 AGS M . 3.19 28.20 -32.33
C4 AGS M . 2.57 27.17 -31.68
MG MG N . 2.25 21.90 -22.48
PG AGS O . 13.05 -6.52 -28.01
S1G AGS O . 12.10 -8.19 -27.31
O2G AGS O . 13.94 -5.92 -26.81
O3G AGS O . 12.04 -5.56 -28.45
PB AGS O . 15.05 -6.19 -29.99
O1B AGS O . 15.82 -5.32 -29.01
O2B AGS O . 14.43 -5.58 -31.21
O3B AGS O . 13.94 -7.05 -29.23
PA AGS O . 17.55 -7.40 -30.37
O1A AGS O . 18.10 -6.13 -30.95
O2A AGS O . 17.89 -7.74 -28.94
O3A AGS O . 15.96 -7.39 -30.53
O5' AGS O . 17.93 -8.61 -31.35
C5' AGS O . 18.20 -9.92 -30.83
C4' AGS O . 19.25 -10.60 -31.71
O4' AGS O . 18.67 -11.00 -32.96
C3' AGS O . 20.41 -9.68 -32.02
O3' AGS O . 21.47 -9.85 -31.09
C2' AGS O . 20.82 -10.10 -33.41
O2' AGS O . 21.78 -11.14 -33.30
C1' AGS O . 19.54 -10.63 -34.04
N9 AGS O . 18.91 -9.56 -34.87
C8 AGS O . 17.73 -8.96 -34.63
N7 AGS O . 17.44 -8.02 -35.57
C5 AGS O . 18.45 -8.02 -36.45
C6 AGS O . 18.79 -7.27 -37.68
N6 AGS O . 17.96 -6.32 -38.17
N1 AGS O . 19.95 -7.57 -38.31
C2 AGS O . 20.79 -8.51 -37.84
N3 AGS O . 20.55 -9.23 -36.72
C4 AGS O . 19.42 -9.03 -35.99
MG MG P . 15.74 -5.19 -26.82
PG AGS Q . 4.95 -29.15 -10.63
S1G AGS Q . 3.03 -29.14 -9.82
O2G AGS Q . 5.94 -28.40 -9.65
O3G AGS Q . 4.90 -28.46 -11.93
PB AGS Q . 6.61 -31.34 -11.34
O1B AGS Q . 7.80 -30.61 -10.71
O2B AGS Q . 6.54 -31.58 -12.83
O3B AGS Q . 5.26 -30.71 -10.80
PA AGS Q . 7.69 -33.44 -9.80
O1A AGS Q . 8.92 -33.47 -10.65
O2A AGS Q . 7.70 -32.78 -8.44
O3A AGS Q . 6.48 -32.81 -10.68
O5' AGS Q . 7.14 -34.95 -9.68
C5' AGS Q . 6.47 -35.39 -8.51
C4' AGS Q . 6.78 -36.86 -8.26
O4' AGS Q . 6.07 -37.66 -9.20
C3' AGS Q . 8.27 -37.16 -8.43
O3' AGS Q . 8.93 -37.10 -7.17
C2' AGS Q . 8.26 -38.56 -9.00
O2' AGS Q . 8.27 -39.48 -7.93
C1' AGS Q . 6.93 -38.66 -9.75
N9 AGS Q . 7.16 -38.38 -11.20
C8 AGS Q . 6.70 -37.32 -11.89
N7 AGS Q . 7.10 -37.37 -13.19
C5 AGS Q . 7.83 -38.48 -13.35
C6 AGS Q . 8.56 -39.12 -14.47
N6 AGS Q . 8.57 -38.57 -15.70
N1 AGS Q . 9.22 -40.28 -14.21
C2 AGS Q . 9.21 -40.85 -12.99
N3 AGS Q . 8.57 -40.31 -11.93
C4 AGS Q . 7.86 -39.15 -12.04
MG MG R . 7.89 -28.88 -9.32
#